data_7S6C
#
_entry.id   7S6C
#
_cell.length_a   1.00
_cell.length_b   1.00
_cell.length_c   1.00
_cell.angle_alpha   90.00
_cell.angle_beta   90.00
_cell.angle_gamma   90.00
#
_symmetry.space_group_name_H-M   'P 1'
#
loop_
_entity.id
_entity.type
_entity.pdbx_description
1 polymer '6-deoxyerythronolide-B synthase EryA2, modules 3 and 4, Lsd14 Polyketide synthase fusion'
2 polymer 'Fab 1B2 heavy chain'
3 polymer 'Fab 1B2 light chain'
4 non-polymer "2'-MONOPHOSPHOADENOSINE-5'-DIPHOSPHATE"
5 non-polymer "4'-PHOSPHOPANTETHEINE"
#
loop_
_entity_poly.entity_id
_entity_poly.type
_entity_poly.pdbx_seq_one_letter_code
_entity_poly.pdbx_strand_id
1 'polypeptide(L)'
;MVTDSEKVAEYLRRATLDLRAARQRIRELESEPIAIIGMACRLPGGVDSPEGLWELVDSGTDAIAGFPLDRGWDVEGMYD
PDAEAPGKTYVKEAGFLYDAGEFDAGFFGISPREAVSMDPQQRLMLEASWEAFERAGLDPARQRGTATGVFVGATATGYV
SPAAEVPEGAEGFAITGNMTAVTSGRISYTLGLQGPAVTIDTACSSSLVALHLACQSLRQGECTTALAGGVTVMPTPTAF
TEFSRQRGLAPDGRCKSFAAAADGTNWAEGVAVLVVERLSDARRNGHRVLAVVRGTAINQDGASNGLSAPNDLAQERVIR
SALDNAGLTASDVDAVEAHGTGTTLGDPIEAQALLAAYGHERPAHRPLRVGSLKSNIGHAGPAAGVAGVIKMVMAMRHGV
LPRSLHIDEPTPQVDWSSGAVTLLTEPVDWPDSDRPRRAGVSAFGISGTNAHVILEQAPTQDPQQPAPPVPAAPWLLSAK
TPAALRAQARRLHTHLARHPHPDPTDIAHALATTRTPHEHRAALVTDDHGTRGPALAALAEGAPDACLISGTALSKGRTV
FVFPGQGSQWTGMGRELLHTSPEFAAYIAECETALNDFVDWSLTDVLRGTEGAPGYDRVDVVQPALFAVMVSLARLWQHH
GIHPDAVIGHSQGEIAAAHIAGALSLQDAARIVALRSQALLPLAGLGGMTSLALPHDQALQLIQPWGQDLSIASVNGPHS
TVVSGTTHALDELHTTCDTQGVRARRIPVDYASHSAQVESIRDTVLQAATGINPQPTTIPLYSTVTGQPIDGTQLDADYW
YTNLRHTVRFEETTRALLGSGHRHFIETTAHPVLALALEETIEATGSDARVTGTLRRDHGDLTQLHTALATAWTHGIDVD
WTAVLGDRRTPFELPTYAFQRQRYWLEPGAGVGVPVGGTSAEARFWDAVEDEDLEALVAAIGADGDDASWAGVLPALAGW
RRRQREQSALDDLRYKVTWKPTAVADGASATGTWLVVVPESLAGGGWPVVVARAVDQAGGRPVVLSVDAADGADRSRLGL
RIHEALGEGPVPDAVVSLLALDPSALPGLPDVPQALASTAALVQALLDLGLEARLWCVTSGAVSVSGADGPSAPEQAAVW
GFGRVAGLEHPHLWAGLVDLPPEADERTAARLVGVLAGAGGEDQVALRSSGVFVRRLVRAPASEVPAVRSWKPGGTVLVT
GGTGGLGRQVARWLARGGADHLLLVSRRGVDAPGADELVDELTDLGARVTVAACDVADRDAVQRLLSEQVPSDAPLTAVI
HTAAVLDDGVIDSLSPERMEQVLRVKVGGAVHLYELTRESDLSAFVLFSSFGSTFGLPGLGNYAPGNAALEALAEQWRAE
GRPATAVGWGTWAGGGMADGGVGERGRTHGIHELEPALATAALEQALERDESSPVIIDIDWERFAVAFHAKRPTRGFELV
PEAQAALEAADGGPGPDGGAGDPSELLDRLAALPDAERDRALLEVVRGNAASVMSHGAMRTATLEAVEPTRAFRDLGFDS
LMAVELRNRIGAATGLRLAPTLVFDHPTPEAVVRHLRAELGLEGDGAPDPVFDELDGLERALSSYTPDTDTRVKITKRLE
SLLWEWTRSEADAPDPVDAADLAAVSDDEMFELIDRELGSALEHHHHHH
;
A,B,C,D
2 'polypeptide(L)'
;MAEVQLVQSGGGLVQPGRSLRLSCTASGFTFGDYAMSWVRQAPGKGLEWVGFIRSKAYGGTTEYAASVKGRFTISRDDSK
SIAYLQMNSLKTEDTAVYYCTRGGTLFDYWGQGTLVTVSSASTKGPSVFPLAPSSKSTSGGTAALGCLVKDYFPEPVTVS
WNSGALTSGVHTFPAVLQSSGLYSLSSVVTVPSSSLGTQTYICNVNHKPSNTKVDKKVEPKSCAALVPRGSAHHHHHHAA
DYKDDDDKA
;
E,H
3 'polypeptide(L)'
;LFAIPLVVPFYSHSALDVVMTQSPLSLPVTPGEPASISCRSSQSLLHSNGYNYLDWYLQKPGQSPQLLIYLGSNRASGVP
DRFSGSGSGTDFTLKISRVEAEDVGVYYCMQSLQTPRLTFGPGTKVDIKRTVAAPSVFIFPPSDEQLKSGTASVVCLLNN
FYPRGAKVQWKVDNALQSGNSQESVTEQDSKDSTYSLSSTLTLSKADYEKHKVYACEVTHQGLSSPVTKSFNRGEC
;
F,G
#
# COMPACT_ATOMS: atom_id res chain seq x y z
N VAL A 2 -35.33 -38.80 -13.94
CA VAL A 2 -33.89 -38.86 -14.14
C VAL A 2 -33.24 -39.76 -13.10
N THR A 3 -32.12 -40.37 -13.47
CA THR A 3 -31.39 -41.23 -12.53
C THR A 3 -30.80 -40.39 -11.41
N ASP A 4 -30.48 -41.06 -10.31
CA ASP A 4 -29.86 -40.37 -9.18
C ASP A 4 -28.46 -39.89 -9.52
N SER A 5 -27.72 -40.68 -10.32
CA SER A 5 -26.34 -40.33 -10.65
C SER A 5 -26.27 -39.03 -11.42
N GLU A 6 -27.04 -38.92 -12.51
CA GLU A 6 -27.04 -37.69 -13.29
C GLU A 6 -27.58 -36.52 -12.49
N LYS A 7 -28.48 -36.78 -11.55
CA LYS A 7 -29.03 -35.71 -10.72
C LYS A 7 -27.95 -35.14 -9.79
N VAL A 8 -27.23 -36.02 -9.09
CA VAL A 8 -26.18 -35.55 -8.19
C VAL A 8 -24.98 -35.02 -8.97
N ALA A 9 -24.83 -35.41 -10.24
CA ALA A 9 -23.73 -34.89 -11.04
C ALA A 9 -23.81 -33.38 -11.21
N GLU A 10 -25.01 -32.86 -11.47
CA GLU A 10 -25.15 -31.42 -11.65
C GLU A 10 -24.86 -30.67 -10.35
N TYR A 11 -25.27 -31.25 -9.22
CA TYR A 11 -24.95 -30.64 -7.93
C TYR A 11 -23.44 -30.63 -7.70
N LEU A 12 -22.76 -31.73 -8.07
CA LEU A 12 -21.31 -31.75 -7.94
C LEU A 12 -20.67 -30.70 -8.83
N ARG A 13 -21.19 -30.52 -10.05
CA ARG A 13 -20.64 -29.51 -10.96
C ARG A 13 -20.81 -28.11 -10.38
N ARG A 14 -22.00 -27.82 -9.83
CA ARG A 14 -22.22 -26.53 -9.19
C ARG A 14 -21.28 -26.34 -8.02
N ALA A 15 -21.11 -27.38 -7.20
CA ALA A 15 -20.26 -27.27 -6.02
C ALA A 15 -18.81 -27.01 -6.40
N THR A 16 -18.29 -27.75 -7.39
CA THR A 16 -16.89 -27.56 -7.74
C THR A 16 -16.66 -26.23 -8.47
N LEU A 17 -17.64 -25.77 -9.25
CA LEU A 17 -17.52 -24.44 -9.85
C LEU A 17 -17.49 -23.37 -8.78
N ASP A 18 -18.34 -23.47 -7.77
CA ASP A 18 -18.33 -22.50 -6.68
C ASP A 18 -17.02 -22.60 -5.90
N LEU A 19 -16.50 -23.81 -5.73
CA LEU A 19 -15.21 -23.98 -5.06
C LEU A 19 -14.11 -23.27 -5.82
N ARG A 20 -14.07 -23.43 -7.14
CA ARG A 20 -13.07 -22.75 -7.94
C ARG A 20 -13.22 -21.23 -7.85
N ALA A 21 -14.47 -20.76 -7.86
CA ALA A 21 -14.70 -19.31 -7.73
C ALA A 21 -14.19 -18.80 -6.40
N ALA A 22 -14.46 -19.51 -5.31
CA ALA A 22 -14.01 -19.07 -3.99
C ALA A 22 -12.49 -19.11 -3.89
N ARG A 23 -11.87 -20.15 -4.44
CA ARG A 23 -10.41 -20.24 -4.41
C ARG A 23 -9.78 -19.11 -5.20
N GLN A 24 -10.34 -18.78 -6.36
CA GLN A 24 -9.85 -17.65 -7.13
C GLN A 24 -10.06 -16.35 -6.39
N ARG A 25 -11.17 -16.23 -5.65
CA ARG A 25 -11.40 -15.06 -4.81
C ARG A 25 -10.30 -14.93 -3.76
N ILE A 26 -9.93 -16.04 -3.14
CA ILE A 26 -8.84 -16.02 -2.15
C ILE A 26 -7.55 -15.55 -2.81
N ARG A 27 -7.26 -16.12 -3.99
CA ARG A 27 -6.00 -15.81 -4.67
C ARG A 27 -5.92 -14.33 -5.02
N GLU A 28 -7.01 -13.76 -5.54
CA GLU A 28 -7.00 -12.34 -5.87
C GLU A 28 -7.16 -11.45 -4.64
N LEU A 29 -7.53 -12.01 -3.49
CA LEU A 29 -7.68 -11.22 -2.27
C LEU A 29 -6.43 -11.20 -1.41
N GLU A 30 -5.47 -12.12 -1.63
CA GLU A 30 -4.18 -12.05 -0.96
C GLU A 30 -3.04 -11.79 -1.93
N SER A 31 -2.84 -12.63 -2.95
CA SER A 31 -1.71 -12.50 -3.88
C SER A 31 -2.16 -11.89 -5.20
N GLU A 32 -2.63 -10.63 -5.15
CA GLU A 32 -3.08 -9.95 -6.36
C GLU A 32 -1.95 -9.13 -6.97
N PRO A 33 -1.60 -9.30 -8.25
CA PRO A 33 -0.60 -8.41 -8.84
C PRO A 33 -1.16 -7.01 -9.03
N ILE A 34 -0.44 -6.01 -8.53
CA ILE A 34 -0.83 -4.61 -8.66
C ILE A 34 -0.12 -4.04 -9.89
N ALA A 35 -0.78 -3.14 -10.59
CA ALA A 35 -0.27 -2.58 -11.85
C ALA A 35 0.16 -1.14 -11.65
N ILE A 36 1.39 -0.83 -12.06
CA ILE A 36 1.89 0.53 -12.07
C ILE A 36 1.42 1.21 -13.35
N ILE A 37 0.29 1.92 -13.28
CA ILE A 37 -0.26 2.54 -14.47
C ILE A 37 0.32 3.92 -14.74
N GLY A 38 1.02 4.53 -13.78
CA GLY A 38 1.67 5.80 -14.04
C GLY A 38 2.71 6.12 -13.00
N MET A 39 3.55 7.09 -13.33
CA MET A 39 4.63 7.49 -12.41
C MET A 39 5.09 8.89 -12.77
N ALA A 40 5.74 9.54 -11.79
CA ALA A 40 6.23 10.90 -11.97
C ALA A 40 7.27 11.18 -10.90
N CYS A 41 8.43 11.68 -11.31
CA CYS A 41 9.54 11.93 -10.40
C CYS A 41 10.23 13.24 -10.73
N ARG A 42 10.74 13.89 -9.69
CA ARG A 42 11.62 15.05 -9.81
C ARG A 42 12.80 14.80 -8.88
N LEU A 43 13.95 14.50 -9.47
CA LEU A 43 15.16 14.08 -8.77
C LEU A 43 16.30 14.97 -9.22
N PRO A 44 17.37 15.08 -8.43
CA PRO A 44 18.42 16.05 -8.77
C PRO A 44 19.17 15.66 -10.02
N GLY A 45 19.67 16.67 -10.72
CA GLY A 45 20.30 16.52 -12.00
C GLY A 45 19.46 16.96 -13.18
N GLY A 46 18.49 17.86 -12.99
CA GLY A 46 17.62 18.29 -14.04
C GLY A 46 16.48 17.34 -14.36
N VAL A 47 16.37 16.22 -13.64
CA VAL A 47 15.31 15.26 -13.93
C VAL A 47 13.97 15.86 -13.52
N ASP A 48 13.01 15.80 -14.45
CA ASP A 48 11.66 16.29 -14.23
C ASP A 48 10.61 15.24 -14.54
N SER A 49 10.91 14.30 -15.44
CA SER A 49 10.02 13.22 -15.82
C SER A 49 10.73 11.88 -15.59
N PRO A 50 10.01 10.76 -15.58
CA PRO A 50 10.70 9.46 -15.54
C PRO A 50 11.65 9.26 -16.72
N GLU A 51 11.31 9.80 -17.89
CA GLU A 51 12.23 9.72 -19.01
C GLU A 51 13.51 10.51 -18.73
N GLY A 52 13.38 11.64 -18.04
CA GLY A 52 14.57 12.34 -17.57
C GLY A 52 15.42 11.47 -16.68
N LEU A 53 14.79 10.75 -15.75
CA LEU A 53 15.52 9.82 -14.90
C LEU A 53 16.23 8.76 -15.72
N TRP A 54 15.54 8.21 -16.73
CA TRP A 54 16.14 7.14 -17.51
C TRP A 54 17.33 7.63 -18.32
N GLU A 55 17.20 8.78 -18.98
CA GLU A 55 18.33 9.29 -19.76
C GLU A 55 19.47 9.72 -18.84
N LEU A 56 19.16 10.19 -17.63
CA LEU A 56 20.21 10.51 -16.67
C LEU A 56 20.98 9.25 -16.28
N VAL A 57 20.27 8.21 -15.83
CA VAL A 57 20.94 7.06 -15.26
C VAL A 57 21.61 6.23 -16.35
N ASP A 58 21.00 6.15 -17.54
CA ASP A 58 21.58 5.38 -18.62
C ASP A 58 22.88 6.02 -19.12
N SER A 59 22.91 7.34 -19.22
CA SER A 59 24.11 8.04 -19.63
C SER A 59 25.22 7.99 -18.59
N GLY A 60 24.93 7.54 -17.36
CA GLY A 60 25.93 7.51 -16.32
C GLY A 60 26.24 8.86 -15.71
N THR A 61 25.35 9.83 -15.86
CA THR A 61 25.60 11.17 -15.34
C THR A 61 25.61 11.15 -13.82
N ASP A 62 26.53 11.93 -13.24
CA ASP A 62 26.66 12.09 -11.80
C ASP A 62 25.98 13.40 -11.41
N ALA A 63 24.81 13.30 -10.79
CA ALA A 63 23.97 14.47 -10.50
C ALA A 63 24.22 15.02 -9.10
N ILE A 64 25.48 15.28 -8.78
CA ILE A 64 25.88 15.89 -7.50
C ILE A 64 26.61 17.18 -7.81
N ALA A 65 26.17 18.27 -7.20
CA ALA A 65 26.71 19.60 -7.46
C ALA A 65 26.71 20.38 -6.15
N GLY A 66 27.19 21.62 -6.23
CA GLY A 66 27.38 22.42 -5.03
C GLY A 66 26.07 22.75 -4.34
N PHE A 67 26.21 23.24 -3.10
CA PHE A 67 25.05 23.54 -2.29
C PHE A 67 24.28 24.72 -2.89
N PRO A 68 22.96 24.80 -2.67
CA PRO A 68 22.22 25.94 -3.18
C PRO A 68 22.61 27.22 -2.45
N LEU A 69 22.55 28.33 -3.19
CA LEU A 69 22.91 29.64 -2.66
C LEU A 69 21.71 30.55 -2.37
N ASP A 70 20.53 30.22 -2.90
CA ASP A 70 19.34 31.04 -2.70
C ASP A 70 18.53 30.63 -1.47
N ARG A 71 18.93 29.59 -0.76
CA ARG A 71 18.18 29.08 0.39
C ARG A 71 18.55 29.78 1.70
N GLY A 72 19.43 30.78 1.66
CA GLY A 72 19.83 31.48 2.86
C GLY A 72 20.93 30.81 3.66
N TRP A 73 21.45 29.69 3.19
CA TRP A 73 22.53 29.02 3.91
C TRP A 73 23.81 29.84 3.85
N ASP A 74 24.57 29.83 4.94
CA ASP A 74 25.89 30.48 4.98
C ASP A 74 26.95 29.52 4.44
N VAL A 75 26.81 29.20 3.15
CA VAL A 75 27.54 28.08 2.55
C VAL A 75 29.04 28.29 2.64
N GLU A 76 29.50 29.53 2.50
CA GLU A 76 30.93 29.79 2.62
C GLU A 76 31.41 29.59 4.05
N GLY A 77 30.54 29.77 5.04
CA GLY A 77 30.93 29.69 6.43
C GLY A 77 30.73 28.34 7.07
N MET A 78 29.75 27.56 6.60
CA MET A 78 29.39 26.30 7.23
C MET A 78 30.19 25.12 6.68
N TYR A 79 31.36 25.37 6.08
CA TYR A 79 32.23 24.33 5.55
C TYR A 79 33.54 24.33 6.31
N ASP A 80 33.93 23.16 6.82
CA ASP A 80 35.16 23.02 7.58
C ASP A 80 35.64 21.56 7.51
N PRO A 81 36.60 21.22 6.65
CA PRO A 81 36.99 19.80 6.61
C PRO A 81 37.75 19.36 7.86
N ALA A 85 34.00 20.77 12.48
CA ALA A 85 34.13 19.86 13.61
C ALA A 85 33.07 20.11 14.71
N PRO A 86 33.01 21.33 15.28
CA PRO A 86 32.00 21.55 16.34
C PRO A 86 30.57 21.51 15.81
N GLY A 87 30.28 22.32 14.80
CA GLY A 87 28.94 22.37 14.22
C GLY A 87 28.94 22.58 12.72
N LYS A 88 30.02 22.16 12.06
CA LYS A 88 30.22 22.34 10.62
C LYS A 88 30.10 20.99 9.92
N THR A 89 30.28 21.01 8.61
CA THR A 89 30.27 19.80 7.79
C THR A 89 31.46 19.83 6.85
N TYR A 90 31.86 18.64 6.39
CA TYR A 90 33.02 18.46 5.52
C TYR A 90 32.62 18.04 4.11
N VAL A 91 31.39 18.36 3.69
CA VAL A 91 30.92 18.09 2.34
C VAL A 91 30.32 19.37 1.79
N LYS A 92 30.66 19.70 0.54
CA LYS A 92 30.22 20.93 -0.11
C LYS A 92 29.38 20.68 -1.34
N GLU A 93 28.87 19.46 -1.53
CA GLU A 93 28.07 19.16 -2.71
C GLU A 93 27.24 17.92 -2.45
N ALA A 94 26.00 17.93 -2.94
CA ALA A 94 25.10 16.79 -2.83
C ALA A 94 23.99 16.96 -3.86
N GLY A 95 23.12 15.96 -3.96
CA GLY A 95 21.99 16.03 -4.86
C GLY A 95 20.95 17.00 -4.33
N PHE A 96 20.63 18.04 -5.11
CA PHE A 96 19.70 19.08 -4.70
C PHE A 96 18.71 19.37 -5.82
N LEU A 97 17.49 19.70 -5.43
CA LEU A 97 16.48 20.24 -6.33
C LEU A 97 16.55 21.76 -6.18
N TYR A 98 17.34 22.40 -7.04
CA TYR A 98 17.50 23.85 -6.96
C TYR A 98 16.22 24.59 -7.27
N ASP A 99 15.28 23.95 -7.97
CA ASP A 99 13.96 24.49 -8.20
C ASP A 99 12.93 24.02 -7.17
N ALA A 100 13.39 23.57 -5.99
CA ALA A 100 12.45 23.09 -4.98
C ALA A 100 11.53 24.19 -4.49
N GLY A 101 11.99 25.44 -4.51
CA GLY A 101 11.14 26.56 -4.18
C GLY A 101 10.18 26.97 -5.27
N GLU A 102 10.26 26.35 -6.44
CA GLU A 102 9.40 26.69 -7.56
C GLU A 102 8.11 25.86 -7.48
N PHE A 103 6.97 26.53 -7.55
CA PHE A 103 5.68 25.86 -7.44
C PHE A 103 4.62 26.71 -8.12
N ASP A 104 3.68 26.06 -8.80
CA ASP A 104 2.57 26.73 -9.46
C ASP A 104 1.42 26.85 -8.47
N ALA A 105 1.44 27.93 -7.68
CA ALA A 105 0.41 28.12 -6.67
C ALA A 105 -0.97 28.30 -7.30
N GLY A 106 -1.04 29.07 -8.38
CA GLY A 106 -2.33 29.36 -8.99
C GLY A 106 -3.01 28.15 -9.58
N PHE A 107 -2.23 27.22 -10.14
CA PHE A 107 -2.82 26.08 -10.83
C PHE A 107 -3.63 25.20 -9.88
N PHE A 108 -3.11 24.93 -8.69
CA PHE A 108 -3.79 24.12 -7.70
C PHE A 108 -4.72 24.93 -6.81
N GLY A 109 -4.88 26.22 -7.08
CA GLY A 109 -5.67 27.08 -6.24
C GLY A 109 -4.96 27.60 -5.00
N ILE A 110 -3.74 27.12 -4.73
CA ILE A 110 -3.03 27.54 -3.52
C ILE A 110 -2.66 29.01 -3.64
N SER A 111 -2.69 29.69 -2.51
CA SER A 111 -2.28 31.08 -2.44
C SER A 111 -0.76 31.20 -2.34
N PRO A 112 -0.17 32.32 -2.76
CA PRO A 112 1.24 32.56 -2.43
C PRO A 112 1.51 32.58 -0.95
N ARG A 113 0.58 33.10 -0.15
CA ARG A 113 0.75 33.10 1.30
C ARG A 113 0.82 31.68 1.84
N GLU A 114 -0.17 30.85 1.49
CA GLU A 114 -0.13 29.46 1.91
C GLU A 114 1.05 28.73 1.28
N ALA A 115 1.38 29.06 0.04
CA ALA A 115 2.46 28.36 -0.66
C ALA A 115 3.80 28.59 0.03
N VAL A 116 4.12 29.85 0.34
CA VAL A 116 5.37 30.13 1.03
C VAL A 116 5.33 29.58 2.45
N SER A 117 4.15 29.65 3.09
CA SER A 117 4.03 29.04 4.42
C SER A 117 4.03 27.52 4.36
N MET A 118 3.77 26.92 3.20
CA MET A 118 3.64 25.48 3.07
C MET A 118 5.01 24.85 2.87
N ASP A 119 5.15 23.62 3.37
CA ASP A 119 6.39 22.88 3.22
C ASP A 119 6.65 22.62 1.73
N PRO A 120 7.88 22.78 1.24
CA PRO A 120 8.15 22.38 -0.15
C PRO A 120 7.93 20.90 -0.41
N GLN A 121 7.90 20.05 0.62
CA GLN A 121 7.52 18.66 0.42
C GLN A 121 6.12 18.56 -0.19
N GLN A 122 5.17 19.27 0.41
CA GLN A 122 3.80 19.27 -0.13
C GLN A 122 3.76 19.88 -1.52
N ARG A 123 4.50 20.98 -1.72
CA ARG A 123 4.50 21.66 -3.01
C ARG A 123 5.00 20.74 -4.11
N LEU A 124 6.09 20.03 -3.88
CA LEU A 124 6.59 19.08 -4.86
C LEU A 124 5.62 17.91 -5.03
N MET A 125 5.01 17.46 -3.93
CA MET A 125 4.22 16.24 -3.97
C MET A 125 2.92 16.46 -4.76
N LEU A 126 2.32 17.64 -4.66
CA LEU A 126 1.12 17.93 -5.43
C LEU A 126 1.39 17.85 -6.93
N GLU A 127 2.44 18.54 -7.39
CA GLU A 127 2.77 18.52 -8.81
C GLU A 127 3.15 17.13 -9.26
N ALA A 128 3.90 16.40 -8.43
CA ALA A 128 4.29 15.04 -8.80
C ALA A 128 3.07 14.14 -8.94
N SER A 129 2.10 14.28 -8.03
CA SER A 129 0.88 13.46 -8.12
C SER A 129 0.08 13.82 -9.36
N TRP A 130 -0.04 15.12 -9.67
CA TRP A 130 -0.79 15.52 -10.86
C TRP A 130 -0.14 14.97 -12.12
N GLU A 131 1.19 15.08 -12.20
CA GLU A 131 1.89 14.53 -13.37
C GLU A 131 1.78 13.01 -13.43
N ALA A 132 1.80 12.33 -12.28
CA ALA A 132 1.66 10.88 -12.28
C ALA A 132 0.29 10.46 -12.78
N PHE A 133 -0.75 11.19 -12.38
CA PHE A 133 -2.09 10.91 -12.92
C PHE A 133 -2.14 11.17 -14.41
N GLU A 134 -1.54 12.27 -14.87
CA GLU A 134 -1.58 12.60 -16.29
C GLU A 134 -0.85 11.55 -17.13
N ARG A 135 0.28 11.05 -16.63
CA ARG A 135 1.05 10.07 -17.39
C ARG A 135 0.39 8.70 -17.42
N ALA A 136 -0.66 8.47 -16.63
CA ALA A 136 -1.37 7.21 -16.62
C ALA A 136 -2.51 7.16 -17.63
N GLY A 137 -2.65 8.19 -18.47
CA GLY A 137 -3.80 8.29 -19.35
C GLY A 137 -5.07 8.69 -18.66
N LEU A 138 -4.99 9.16 -17.42
CA LEU A 138 -6.15 9.57 -16.63
C LEU A 138 -6.22 11.08 -16.56
N ASP A 139 -7.43 11.62 -16.60
CA ASP A 139 -7.65 13.03 -16.35
C ASP A 139 -7.79 13.22 -14.85
N PRO A 140 -6.87 13.94 -14.18
CA PRO A 140 -7.06 14.15 -12.73
C PRO A 140 -8.38 14.80 -12.36
N ALA A 141 -8.88 15.72 -13.18
CA ALA A 141 -10.16 16.37 -12.87
C ALA A 141 -11.30 15.36 -12.85
N ARG A 142 -11.18 14.28 -13.62
CA ARG A 142 -12.19 13.22 -13.59
C ARG A 142 -12.01 12.24 -12.43
N GLN A 143 -10.89 12.31 -11.71
CA GLN A 143 -10.69 11.47 -10.55
C GLN A 143 -11.44 11.97 -9.31
N ARG A 144 -12.05 13.15 -9.38
CA ARG A 144 -12.80 13.67 -8.25
C ARG A 144 -13.97 12.74 -7.92
N GLY A 145 -14.10 12.39 -6.64
CA GLY A 145 -15.16 11.53 -6.17
C GLY A 145 -14.85 10.05 -6.21
N THR A 146 -13.74 9.64 -6.82
CA THR A 146 -13.39 8.24 -6.88
C THR A 146 -12.74 7.79 -5.58
N ALA A 147 -12.84 6.48 -5.31
CA ALA A 147 -12.24 5.88 -4.12
C ALA A 147 -10.76 5.61 -4.40
N THR A 148 -10.00 6.70 -4.45
CA THR A 148 -8.58 6.67 -4.77
C THR A 148 -7.76 6.93 -3.52
N GLY A 149 -6.82 6.03 -3.23
CA GLY A 149 -5.99 6.19 -2.06
C GLY A 149 -4.79 7.08 -2.30
N VAL A 150 -4.19 7.53 -1.20
CA VAL A 150 -3.00 8.37 -1.22
C VAL A 150 -2.11 7.91 -0.07
N PHE A 151 -0.95 7.35 -0.41
CA PHE A 151 -0.01 6.80 0.57
C PHE A 151 1.36 7.42 0.28
N VAL A 152 1.77 8.38 1.11
CA VAL A 152 2.99 9.15 0.90
C VAL A 152 3.97 8.82 2.02
N GLY A 153 5.21 8.52 1.64
CA GLY A 153 6.29 8.38 2.59
C GLY A 153 7.07 9.67 2.73
N ALA A 154 6.78 10.45 3.76
CA ALA A 154 7.39 11.75 3.99
C ALA A 154 7.85 11.83 5.44
N THR A 155 8.47 12.97 5.78
CA THR A 155 8.93 13.21 7.13
C THR A 155 9.03 14.71 7.35
N ALA A 156 9.01 15.12 8.62
CA ALA A 156 9.08 16.53 8.99
C ALA A 156 10.55 16.95 9.00
N THR A 157 11.06 17.28 7.81
CA THR A 157 12.44 17.72 7.69
C THR A 157 12.65 19.06 8.38
N GLY A 158 11.62 19.90 8.43
CA GLY A 158 11.68 21.16 9.13
C GLY A 158 11.90 22.34 8.20
N TYR A 159 10.80 23.00 7.86
CA TYR A 159 10.80 24.18 7.00
C TYR A 159 10.32 25.42 7.71
N VAL A 160 9.35 25.27 8.62
CA VAL A 160 8.87 26.37 9.46
C VAL A 160 9.47 26.31 10.87
N SER A 161 10.07 25.19 11.27
CA SER A 161 10.77 25.08 12.55
C SER A 161 9.81 25.32 13.71
N PRO A 162 8.92 24.37 14.03
CA PRO A 162 7.95 24.60 15.11
C PRO A 162 8.59 24.82 16.48
N ALA A 163 9.84 24.37 16.68
CA ALA A 163 10.52 24.52 17.95
C ALA A 163 11.19 25.88 18.12
N ALA A 164 10.94 26.84 17.21
CA ALA A 164 11.71 28.07 17.17
C ALA A 164 10.83 29.29 16.93
N GLU A 165 9.60 29.30 17.47
CA GLU A 165 8.73 30.48 17.42
C GLU A 165 8.47 30.90 15.98
N VAL A 166 7.69 30.07 15.30
CA VAL A 166 7.45 30.07 13.85
C VAL A 166 7.30 31.48 13.30
N PRO A 167 7.78 31.78 12.08
CA PRO A 167 7.89 33.17 11.65
C PRO A 167 6.55 33.85 11.49
N GLU A 168 6.61 35.18 11.46
CA GLU A 168 5.39 35.98 11.34
C GLU A 168 4.70 35.75 10.02
N GLY A 169 5.46 35.57 8.94
CA GLY A 169 4.86 35.40 7.63
C GLY A 169 4.03 34.13 7.54
N ALA A 170 4.57 33.03 8.03
CA ALA A 170 3.89 31.73 8.00
C ALA A 170 3.12 31.49 9.30
N GLU A 171 2.30 32.46 9.70
CA GLU A 171 1.51 32.37 10.93
C GLU A 171 0.09 31.96 10.58
N GLY A 172 -0.36 30.85 11.18
CA GLY A 172 -1.65 30.27 10.93
C GLY A 172 -1.61 29.05 10.04
N PHE A 173 -0.64 28.98 9.13
CA PHE A 173 -0.50 27.88 8.18
C PHE A 173 0.65 26.95 8.51
N ALA A 174 1.31 27.13 9.66
CA ALA A 174 2.43 26.26 10.03
C ALA A 174 1.98 24.92 10.58
N ILE A 175 0.68 24.69 10.71
CA ILE A 175 0.14 23.37 11.03
C ILE A 175 -0.31 22.75 9.72
N THR A 176 -1.27 23.40 9.05
CA THR A 176 -1.75 22.88 7.77
C THR A 176 -0.62 22.79 6.75
N GLY A 177 0.29 23.76 6.75
CA GLY A 177 1.35 23.76 5.78
C GLY A 177 2.53 22.87 6.09
N ASN A 178 2.59 22.26 7.29
CA ASN A 178 3.78 21.52 7.70
C ASN A 178 3.53 20.19 8.40
N MET A 179 2.32 19.85 8.83
CA MET A 179 2.09 18.50 9.32
C MET A 179 2.35 17.50 8.21
N THR A 180 3.07 16.44 8.55
CA THR A 180 3.40 15.43 7.55
C THR A 180 2.14 14.70 7.07
N ALA A 181 1.10 14.63 7.91
CA ALA A 181 -0.16 14.05 7.46
C ALA A 181 -0.79 14.89 6.34
N VAL A 182 -0.69 16.21 6.44
CA VAL A 182 -1.28 17.06 5.42
C VAL A 182 -0.58 16.90 4.08
N THR A 183 0.65 16.36 4.05
CA THR A 183 1.30 16.09 2.78
C THR A 183 0.48 15.10 1.94
N SER A 184 -0.02 14.04 2.56
CA SER A 184 -0.93 13.13 1.88
C SER A 184 -2.34 13.69 1.79
N GLY A 185 -2.77 14.44 2.81
CA GLY A 185 -4.14 14.93 2.81
C GLY A 185 -4.43 15.94 1.71
N ARG A 186 -3.44 16.80 1.41
CA ARG A 186 -3.67 17.88 0.45
C ARG A 186 -3.86 17.35 -0.96
N ILE A 187 -3.21 16.24 -1.30
CA ILE A 187 -3.41 15.63 -2.62
C ILE A 187 -4.88 15.28 -2.80
N SER A 188 -5.45 14.58 -1.83
CA SER A 188 -6.84 14.18 -1.92
C SER A 188 -7.78 15.37 -1.84
N TYR A 189 -7.42 16.38 -1.04
CA TYR A 189 -8.28 17.56 -0.95
C TYR A 189 -8.33 18.30 -2.28
N THR A 190 -7.18 18.52 -2.92
CA THR A 190 -7.15 19.23 -4.18
C THR A 190 -7.78 18.41 -5.29
N LEU A 191 -7.39 17.15 -5.41
CA LEU A 191 -7.93 16.28 -6.45
C LEU A 191 -9.31 15.73 -6.12
N GLY A 192 -9.80 15.94 -4.91
CA GLY A 192 -11.11 15.43 -4.53
C GLY A 192 -11.17 13.94 -4.33
N LEU A 193 -10.05 13.29 -4.08
CA LEU A 193 -10.04 11.84 -3.90
C LEU A 193 -10.76 11.46 -2.61
N GLN A 194 -11.29 10.24 -2.59
CA GLN A 194 -12.09 9.76 -1.48
C GLN A 194 -11.42 8.65 -0.67
N GLY A 195 -10.46 7.93 -1.24
CA GLY A 195 -9.76 6.89 -0.52
C GLY A 195 -8.88 7.49 0.56
N PRO A 196 -8.43 6.66 1.49
CA PRO A 196 -7.69 7.18 2.66
C PRO A 196 -6.41 7.89 2.27
N ALA A 197 -6.11 8.97 2.98
CA ALA A 197 -4.90 9.77 2.79
C ALA A 197 -4.04 9.59 4.04
N VAL A 198 -3.07 8.68 3.96
CA VAL A 198 -2.22 8.31 5.08
C VAL A 198 -0.78 8.62 4.71
N THR A 199 -0.10 9.37 5.57
CA THR A 199 1.34 9.61 5.43
C THR A 199 2.08 8.72 6.43
N ILE A 200 3.25 8.24 6.01
CA ILE A 200 4.02 7.26 6.76
C ILE A 200 5.38 7.87 7.10
N ASP A 201 5.74 7.80 8.37
CA ASP A 201 7.03 8.29 8.86
C ASP A 201 7.87 7.06 9.20
N THR A 202 8.83 6.74 8.32
CA THR A 202 9.72 5.61 8.53
C THR A 202 11.15 5.92 8.10
N ALA A 203 11.53 7.19 8.04
CA ALA A 203 12.89 7.62 7.73
C ALA A 203 13.21 7.17 6.30
N CYS A 204 14.22 6.32 6.08
CA CYS A 204 14.69 5.98 4.74
C CYS A 204 13.97 4.79 4.15
N SER A 205 12.74 4.51 4.60
CA SER A 205 11.96 3.38 4.09
C SER A 205 10.49 3.72 3.89
N SER A 206 10.11 4.99 4.05
CA SER A 206 8.69 5.33 4.15
C SER A 206 7.96 5.12 2.83
N SER A 207 8.61 5.42 1.70
CA SER A 207 7.91 5.37 0.41
C SER A 207 7.60 3.93 0.01
N LEU A 208 8.53 3.01 0.22
CA LEU A 208 8.26 1.62 -0.14
C LEU A 208 7.24 1.01 0.81
N VAL A 209 7.24 1.42 2.07
CA VAL A 209 6.20 1.00 3.00
C VAL A 209 4.85 1.56 2.56
N ALA A 210 4.84 2.77 2.02
CA ALA A 210 3.60 3.35 1.50
C ALA A 210 3.11 2.57 0.30
N LEU A 211 4.02 2.13 -0.57
CA LEU A 211 3.63 1.27 -1.67
C LEU A 211 3.03 -0.04 -1.15
N HIS A 212 3.64 -0.61 -0.10
CA HIS A 212 3.10 -1.82 0.50
C HIS A 212 1.68 -1.60 1.02
N LEU A 213 1.47 -0.51 1.75
CA LEU A 213 0.15 -0.23 2.29
C LEU A 213 -0.86 0.02 1.19
N ALA A 214 -0.46 0.70 0.12
CA ALA A 214 -1.36 0.92 -1.01
C ALA A 214 -1.73 -0.41 -1.66
N CYS A 215 -0.77 -1.32 -1.80
CA CYS A 215 -1.07 -2.63 -2.35
C CYS A 215 -2.06 -3.38 -1.48
N GLN A 216 -1.86 -3.37 -0.17
CA GLN A 216 -2.78 -4.06 0.73
C GLN A 216 -4.17 -3.42 0.68
N SER A 217 -4.23 -2.09 0.61
CA SER A 217 -5.53 -1.42 0.55
C SER A 217 -6.26 -1.75 -0.73
N LEU A 218 -5.55 -1.80 -1.86
CA LEU A 218 -6.18 -2.14 -3.12
C LEU A 218 -6.63 -3.60 -3.15
N ARG A 219 -5.84 -4.49 -2.56
CA ARG A 219 -6.22 -5.90 -2.54
C ARG A 219 -7.49 -6.14 -1.75
N GLN A 220 -7.76 -5.32 -0.73
CA GLN A 220 -8.93 -5.47 0.10
C GLN A 220 -10.15 -4.71 -0.43
N GLY A 221 -10.04 -4.08 -1.60
CA GLY A 221 -11.15 -3.34 -2.15
C GLY A 221 -11.41 -1.99 -1.53
N GLU A 222 -10.57 -1.55 -0.60
CA GLU A 222 -10.74 -0.24 0.01
C GLU A 222 -10.51 0.89 -0.99
N CYS A 223 -9.77 0.64 -2.06
CA CYS A 223 -9.44 1.65 -3.06
C CYS A 223 -9.62 1.06 -4.44
N THR A 224 -9.92 1.94 -5.40
CA THR A 224 -9.90 1.59 -6.82
C THR A 224 -8.52 1.82 -7.41
N THR A 225 -7.94 2.99 -7.16
CA THR A 225 -6.58 3.32 -7.51
C THR A 225 -5.90 3.89 -6.27
N ALA A 226 -4.58 4.07 -6.36
CA ALA A 226 -3.80 4.53 -5.22
C ALA A 226 -2.60 5.32 -5.70
N LEU A 227 -2.16 6.26 -4.86
CA LEU A 227 -0.96 7.05 -5.07
C LEU A 227 0.08 6.61 -4.03
N ALA A 228 1.13 5.94 -4.49
CA ALA A 228 2.22 5.48 -3.62
C ALA A 228 3.46 6.30 -3.95
N GLY A 229 3.89 7.14 -3.01
CA GLY A 229 4.95 8.08 -3.30
C GLY A 229 5.77 8.45 -2.09
N GLY A 230 6.77 9.29 -2.34
CA GLY A 230 7.65 9.80 -1.29
C GLY A 230 8.24 11.12 -1.72
N VAL A 231 8.71 11.87 -0.73
CA VAL A 231 9.23 13.21 -0.96
C VAL A 231 10.33 13.49 0.06
N THR A 232 11.33 14.26 -0.37
CA THR A 232 12.42 14.65 0.50
C THR A 232 12.96 16.00 0.03
N VAL A 233 12.94 16.98 0.93
CA VAL A 233 13.51 18.30 0.68
C VAL A 233 14.28 18.71 1.94
N MET A 234 15.21 19.65 1.76
CA MET A 234 16.16 20.04 2.80
C MET A 234 16.09 21.55 2.98
N PRO A 235 15.12 22.05 3.74
CA PRO A 235 15.08 23.50 4.00
C PRO A 235 16.30 24.03 4.71
N THR A 236 16.94 23.22 5.55
CA THR A 236 18.11 23.59 6.32
C THR A 236 19.18 22.53 6.14
N PRO A 237 20.46 22.88 6.34
CA PRO A 237 21.53 21.91 6.07
C PRO A 237 21.86 21.02 7.27
N THR A 238 20.95 20.98 8.26
CA THR A 238 21.23 20.26 9.49
C THR A 238 21.50 18.77 9.23
N ALA A 239 20.84 18.19 8.24
CA ALA A 239 21.06 16.78 7.93
C ALA A 239 22.51 16.50 7.56
N PHE A 240 23.20 17.50 7.01
CA PHE A 240 24.63 17.36 6.75
C PHE A 240 25.46 17.56 8.01
N THR A 241 25.04 18.50 8.88
CA THR A 241 25.84 18.80 10.05
C THR A 241 25.75 17.69 11.10
N GLU A 242 24.53 17.20 11.36
CA GLU A 242 24.36 16.16 12.36
C GLU A 242 25.06 14.87 11.96
N PHE A 243 24.97 14.50 10.68
CA PHE A 243 25.62 13.30 10.19
C PHE A 243 27.09 13.50 9.87
N SER A 244 27.62 14.71 10.04
CA SER A 244 29.05 14.95 9.89
C SER A 244 29.83 14.73 11.19
N ARG A 245 29.15 14.77 12.35
CA ARG A 245 29.84 14.52 13.61
C ARG A 245 30.40 13.10 13.63
N GLN A 246 29.63 12.12 13.19
CA GLN A 246 30.12 10.79 12.89
C GLN A 246 30.47 10.71 11.42
N ARG A 247 31.55 10.02 11.10
CA ARG A 247 32.03 9.95 9.72
C ARG A 247 31.10 9.02 8.93
N GLY A 248 29.92 9.56 8.60
CA GLY A 248 28.91 8.83 7.85
C GLY A 248 28.75 9.36 6.45
N LEU A 249 28.91 10.67 6.28
CA LEU A 249 28.91 11.26 4.94
C LEU A 249 30.24 11.02 4.26
N ALA A 250 30.19 10.80 2.95
CA ALA A 250 31.42 10.61 2.21
C ALA A 250 32.20 11.92 2.17
N PRO A 251 33.55 11.88 2.16
CA PRO A 251 34.30 13.14 2.15
C PRO A 251 34.04 14.00 0.92
N ASP A 252 33.88 13.36 -0.24
CA ASP A 252 33.61 14.07 -1.48
C ASP A 252 32.14 14.18 -1.82
N GLY A 253 31.29 13.37 -1.20
CA GLY A 253 29.86 13.41 -1.43
C GLY A 253 29.32 12.37 -2.39
N ARG A 254 30.15 11.40 -2.80
CA ARG A 254 29.74 10.36 -3.74
C ARG A 254 29.39 9.10 -2.97
N CYS A 255 28.21 8.55 -3.24
CA CYS A 255 27.76 7.31 -2.61
C CYS A 255 28.36 6.14 -3.37
N LYS A 256 29.57 5.74 -2.98
CA LYS A 256 30.27 4.63 -3.62
C LYS A 256 29.61 3.32 -3.20
N SER A 257 28.48 3.02 -3.85
CA SER A 257 27.66 1.89 -3.45
C SER A 257 28.37 0.58 -3.75
N PHE A 258 28.60 -0.22 -2.70
CA PHE A 258 29.16 -1.57 -2.81
C PHE A 258 30.57 -1.57 -3.40
N ALA A 259 31.27 -0.45 -3.35
CA ALA A 259 32.62 -0.34 -3.90
C ALA A 259 33.65 -0.40 -2.79
N ALA A 260 34.87 -0.78 -3.17
CA ALA A 260 35.97 -0.83 -2.22
C ALA A 260 36.27 0.54 -1.65
N ALA A 261 36.02 1.60 -2.42
CA ALA A 261 36.22 2.97 -1.97
C ALA A 261 35.01 3.52 -1.22
N ALA A 262 34.11 2.66 -0.76
CA ALA A 262 32.97 3.12 0.03
C ALA A 262 33.46 3.73 1.33
N ASP A 263 33.11 5.01 1.54
CA ASP A 263 33.57 5.74 2.71
C ASP A 263 32.50 6.66 3.30
N GLY A 264 31.25 6.53 2.89
CA GLY A 264 30.19 7.35 3.45
C GLY A 264 28.98 7.38 2.54
N THR A 265 28.07 8.28 2.88
CA THR A 265 26.78 8.37 2.19
C THR A 265 26.31 9.81 2.20
N ASN A 266 26.20 10.40 1.02
CA ASN A 266 25.70 11.76 0.88
C ASN A 266 24.18 11.73 0.70
N TRP A 267 23.50 12.64 1.39
CA TRP A 267 22.05 12.72 1.30
C TRP A 267 21.65 13.43 0.01
N ALA A 268 20.35 13.38 -0.30
CA ALA A 268 19.84 14.01 -1.51
C ALA A 268 18.35 14.26 -1.34
N GLU A 269 17.85 15.19 -2.16
CA GLU A 269 16.43 15.50 -2.23
C GLU A 269 15.79 14.70 -3.36
N GLY A 270 14.48 14.83 -3.50
CA GLY A 270 13.77 14.21 -4.59
C GLY A 270 12.35 13.84 -4.20
N VAL A 271 11.45 13.89 -5.18
CA VAL A 271 10.07 13.46 -5.04
C VAL A 271 9.80 12.40 -6.10
N ALA A 272 9.04 11.38 -5.75
CA ALA A 272 8.75 10.31 -6.71
C ALA A 272 7.46 9.62 -6.31
N VAL A 273 6.53 9.52 -7.26
CA VAL A 273 5.17 9.05 -7.02
C VAL A 273 4.79 8.07 -8.11
N LEU A 274 3.94 7.11 -7.74
CA LEU A 274 3.35 6.14 -8.66
C LEU A 274 1.84 6.16 -8.49
N VAL A 275 1.13 6.05 -9.61
CA VAL A 275 -0.31 5.83 -9.63
C VAL A 275 -0.51 4.37 -10.02
N VAL A 276 -1.14 3.61 -9.12
CA VAL A 276 -1.23 2.16 -9.23
C VAL A 276 -2.69 1.74 -9.04
N GLU A 277 -2.98 0.53 -9.50
CA GLU A 277 -4.30 -0.06 -9.28
C GLU A 277 -4.19 -1.56 -9.54
N ARG A 278 -5.30 -2.26 -9.33
CA ARG A 278 -5.30 -3.71 -9.50
C ARG A 278 -5.11 -4.06 -10.97
N LEU A 279 -4.37 -5.15 -11.22
CA LEU A 279 -4.05 -5.52 -12.59
C LEU A 279 -5.31 -5.86 -13.38
N SER A 280 -6.26 -6.57 -12.74
CA SER A 280 -7.52 -6.86 -13.42
C SER A 280 -8.29 -5.59 -13.71
N ASP A 281 -8.28 -4.63 -12.77
CA ASP A 281 -8.94 -3.35 -13.01
C ASP A 281 -8.26 -2.60 -14.16
N ALA A 282 -6.93 -2.65 -14.22
CA ALA A 282 -6.22 -1.99 -15.30
C ALA A 282 -6.58 -2.62 -16.65
N ARG A 283 -6.64 -3.95 -16.72
CA ARG A 283 -7.01 -4.60 -17.96
C ARG A 283 -8.44 -4.27 -18.36
N ARG A 284 -9.36 -4.25 -17.39
CA ARG A 284 -10.75 -3.93 -17.71
C ARG A 284 -10.89 -2.49 -18.19
N ASN A 285 -10.22 -1.56 -17.54
CA ASN A 285 -10.33 -0.14 -17.89
C ASN A 285 -9.46 0.25 -19.07
N GLY A 286 -8.64 -0.66 -19.60
CA GLY A 286 -7.81 -0.34 -20.74
C GLY A 286 -6.72 0.68 -20.45
N HIS A 287 -6.14 0.64 -19.25
CA HIS A 287 -4.99 1.46 -18.92
C HIS A 287 -3.71 0.74 -19.31
N ARG A 288 -2.71 1.53 -19.71
CA ARG A 288 -1.41 0.96 -20.06
C ARG A 288 -0.67 0.57 -18.79
N VAL A 289 -0.18 -0.66 -18.76
CA VAL A 289 0.53 -1.21 -17.60
C VAL A 289 2.02 -1.05 -17.86
N LEU A 290 2.70 -0.30 -16.99
CA LEU A 290 4.14 -0.13 -17.12
C LEU A 290 4.89 -1.30 -16.48
N ALA A 291 4.48 -1.71 -15.28
CA ALA A 291 5.06 -2.85 -14.61
C ALA A 291 4.03 -3.42 -13.65
N VAL A 292 4.37 -4.55 -13.04
CA VAL A 292 3.46 -5.29 -12.17
C VAL A 292 4.17 -5.58 -10.86
N VAL A 293 3.77 -4.88 -9.80
CA VAL A 293 4.24 -5.21 -8.46
C VAL A 293 3.56 -6.52 -8.04
N ARG A 294 4.34 -7.59 -7.96
CA ARG A 294 3.78 -8.91 -7.68
C ARG A 294 3.58 -9.12 -6.18
N GLY A 295 4.59 -8.80 -5.38
CA GLY A 295 4.51 -9.02 -3.95
C GLY A 295 5.33 -7.99 -3.20
N THR A 296 5.10 -7.94 -1.89
CA THR A 296 5.76 -6.98 -1.02
C THR A 296 5.90 -7.58 0.37
N ALA A 297 6.85 -7.04 1.14
CA ALA A 297 7.06 -7.48 2.50
C ALA A 297 7.71 -6.36 3.30
N ILE A 298 7.39 -6.32 4.59
CA ILE A 298 8.01 -5.37 5.51
C ILE A 298 8.16 -6.05 6.86
N ASN A 299 9.22 -5.72 7.58
CA ASN A 299 9.46 -6.30 8.90
C ASN A 299 10.41 -5.37 9.66
N GLN A 300 10.96 -5.88 10.77
CA GLN A 300 11.94 -5.17 11.57
C GLN A 300 13.12 -6.09 11.86
N ASP A 301 14.17 -5.51 12.42
CA ASP A 301 15.32 -6.25 12.92
C ASP A 301 15.33 -6.36 14.44
N GLY A 302 15.08 -5.25 15.14
CA GLY A 302 14.89 -5.29 16.57
C GLY A 302 16.16 -5.50 17.35
N ALA A 303 16.75 -6.69 17.24
CA ALA A 303 17.98 -7.03 17.96
C ALA A 303 19.22 -6.67 17.16
N SER A 304 19.29 -5.42 16.73
CA SER A 304 20.43 -4.91 15.98
C SER A 304 21.46 -4.33 16.93
N ASN A 305 22.74 -4.36 16.51
CA ASN A 305 23.83 -3.82 17.31
C ASN A 305 23.73 -2.30 17.26
N GLY A 306 22.91 -1.75 18.13
CA GLY A 306 22.57 -0.35 18.13
C GLY A 306 21.27 -0.11 17.37
N LEU A 307 20.57 0.96 17.77
CA LEU A 307 19.28 1.26 17.16
C LEU A 307 19.43 1.58 15.68
N SER A 308 20.40 2.43 15.33
CA SER A 308 20.64 2.83 13.95
C SER A 308 21.76 1.98 13.36
N ALA A 309 21.47 0.69 13.24
CA ALA A 309 22.38 -0.28 12.65
C ALA A 309 21.58 -1.27 11.81
N PRO A 310 22.20 -1.91 10.80
CA PRO A 310 21.47 -2.86 9.98
C PRO A 310 21.48 -4.27 10.56
N ASN A 311 20.85 -5.21 9.86
CA ASN A 311 20.84 -6.61 10.28
C ASN A 311 20.64 -7.47 9.04
N ASP A 312 21.62 -8.31 8.73
CA ASP A 312 21.52 -9.15 7.55
C ASP A 312 20.36 -10.13 7.65
N LEU A 313 20.09 -10.63 8.87
CA LEU A 313 19.01 -11.59 9.04
C LEU A 313 17.66 -10.97 8.69
N ALA A 314 17.41 -9.76 9.15
CA ALA A 314 16.13 -9.11 8.87
C ALA A 314 15.98 -8.83 7.38
N GLN A 315 17.05 -8.40 6.72
CA GLN A 315 16.99 -8.13 5.28
C GLN A 315 16.73 -9.42 4.49
N GLU A 316 17.40 -10.52 4.88
CA GLU A 316 17.11 -11.80 4.24
C GLU A 316 15.68 -12.21 4.48
N ARG A 317 15.15 -12.00 5.69
CA ARG A 317 13.79 -12.41 5.99
C ARG A 317 12.77 -11.61 5.19
N VAL A 318 12.96 -10.30 5.05
CA VAL A 318 12.01 -9.52 4.28
C VAL A 318 12.11 -9.87 2.80
N ILE A 319 13.32 -10.14 2.30
CA ILE A 319 13.46 -10.55 0.91
C ILE A 319 12.72 -11.86 0.66
N ARG A 320 12.89 -12.83 1.55
CA ARG A 320 12.20 -14.10 1.39
C ARG A 320 10.70 -13.95 1.54
N SER A 321 10.25 -13.08 2.44
CA SER A 321 8.82 -12.84 2.59
C SER A 321 8.23 -12.20 1.34
N ALA A 322 8.94 -11.25 0.75
CA ALA A 322 8.47 -10.64 -0.49
C ALA A 322 8.43 -11.65 -1.63
N LEU A 323 9.44 -12.52 -1.70
CA LEU A 323 9.43 -13.56 -2.72
C LEU A 323 8.26 -14.51 -2.54
N ASP A 324 7.99 -14.91 -1.30
CA ASP A 324 6.90 -15.84 -1.04
C ASP A 324 5.54 -15.20 -1.28
N ASN A 325 5.41 -13.92 -0.96
CA ASN A 325 4.15 -13.22 -1.18
C ASN A 325 3.81 -13.18 -2.67
N ALA A 326 4.79 -12.93 -3.52
CA ALA A 326 4.59 -12.96 -4.96
C ALA A 326 4.51 -14.37 -5.53
N GLY A 327 4.83 -15.39 -4.75
CA GLY A 327 4.86 -16.74 -5.27
C GLY A 327 5.92 -16.95 -6.32
N LEU A 328 7.12 -16.41 -6.09
CA LEU A 328 8.22 -16.48 -7.04
C LEU A 328 9.44 -17.10 -6.38
N THR A 329 10.13 -17.95 -7.11
CA THR A 329 11.41 -18.49 -6.65
C THR A 329 12.47 -17.40 -6.72
N ALA A 330 13.51 -17.55 -5.90
CA ALA A 330 14.55 -16.52 -5.84
C ALA A 330 15.24 -16.35 -7.19
N SER A 331 15.41 -17.42 -7.94
CA SER A 331 16.05 -17.36 -9.25
C SER A 331 15.18 -16.68 -10.30
N ASP A 332 13.91 -16.40 -10.01
CA ASP A 332 13.04 -15.78 -11.00
C ASP A 332 13.53 -14.38 -11.37
N VAL A 333 13.95 -13.60 -10.39
CA VAL A 333 14.38 -12.21 -10.64
C VAL A 333 15.84 -12.21 -11.05
N ASP A 334 16.18 -11.31 -11.99
CA ASP A 334 17.52 -11.19 -12.54
C ASP A 334 18.08 -9.79 -12.35
N ALA A 335 17.60 -9.08 -11.34
CA ALA A 335 18.10 -7.74 -11.05
C ALA A 335 17.56 -7.30 -9.70
N VAL A 336 18.35 -6.50 -8.99
CA VAL A 336 17.94 -5.93 -7.71
C VAL A 336 18.40 -4.48 -7.66
N GLU A 337 17.49 -3.60 -7.24
CA GLU A 337 17.82 -2.20 -6.98
C GLU A 337 18.11 -2.10 -5.49
N ALA A 338 19.35 -2.47 -5.12
CA ALA A 338 19.74 -2.49 -3.73
C ALA A 338 19.70 -1.08 -3.14
N HIS A 339 19.60 -1.03 -1.80
CA HIS A 339 19.61 0.26 -1.12
C HIS A 339 20.89 1.02 -1.42
N GLY A 340 22.04 0.38 -1.19
CA GLY A 340 23.32 0.92 -1.59
C GLY A 340 23.62 2.30 -1.04
N THR A 341 23.49 2.48 0.28
CA THR A 341 23.72 3.78 0.88
C THR A 341 25.13 4.29 0.64
N GLY A 342 26.11 3.39 0.58
CA GLY A 342 27.50 3.74 0.45
C GLY A 342 28.29 3.71 1.75
N THR A 343 27.61 3.53 2.88
CA THR A 343 28.31 3.47 4.16
C THR A 343 29.20 2.24 4.24
N THR A 344 30.31 2.38 4.97
CA THR A 344 31.18 1.24 5.22
C THR A 344 30.47 0.18 6.06
N LEU A 345 29.63 0.62 7.00
CA LEU A 345 28.91 -0.32 7.85
C LEU A 345 27.77 -1.01 7.08
N GLY A 346 27.02 -0.23 6.30
CA GLY A 346 25.81 -0.74 5.67
C GLY A 346 26.02 -1.59 4.44
N ASP A 347 26.98 -1.23 3.60
CA ASP A 347 27.16 -1.94 2.33
C ASP A 347 27.49 -3.41 2.50
N PRO A 348 28.46 -3.82 3.32
CA PRO A 348 28.74 -5.27 3.43
C PRO A 348 27.56 -6.07 3.97
N ILE A 349 26.82 -5.50 4.91
CA ILE A 349 25.66 -6.20 5.45
C ILE A 349 24.60 -6.39 4.38
N GLU A 350 24.32 -5.33 3.61
CA GLU A 350 23.32 -5.43 2.55
C GLU A 350 23.76 -6.43 1.48
N ALA A 351 25.03 -6.39 1.09
CA ALA A 351 25.52 -7.33 0.09
C ALA A 351 25.44 -8.76 0.58
N GLN A 352 25.78 -8.99 1.86
CA GLN A 352 25.67 -10.33 2.43
C GLN A 352 24.22 -10.79 2.45
N ALA A 353 23.30 -9.91 2.82
CA ALA A 353 21.89 -10.26 2.84
C ALA A 353 21.40 -10.63 1.44
N LEU A 354 21.76 -9.83 0.43
CA LEU A 354 21.35 -10.13 -0.93
C LEU A 354 21.95 -11.44 -1.41
N LEU A 355 23.22 -11.69 -1.11
CA LEU A 355 23.85 -12.93 -1.53
C LEU A 355 23.22 -14.14 -0.87
N ALA A 356 22.92 -14.05 0.43
CA ALA A 356 22.31 -15.18 1.13
C ALA A 356 20.89 -15.41 0.64
N ALA A 357 20.13 -14.34 0.40
CA ALA A 357 18.73 -14.49 0.04
C ALA A 357 18.56 -14.87 -1.43
N TYR A 358 19.04 -14.02 -2.34
CA TYR A 358 18.77 -14.23 -3.76
C TYR A 358 19.69 -15.27 -4.36
N GLY A 359 21.00 -15.03 -4.34
CA GLY A 359 21.91 -15.93 -5.02
C GLY A 359 22.36 -17.08 -4.15
N HIS A 360 21.66 -18.21 -4.25
CA HIS A 360 22.05 -19.45 -3.59
C HIS A 360 21.91 -20.68 -4.49
N GLU A 361 21.03 -20.65 -5.50
CA GLU A 361 20.83 -21.79 -6.39
C GLU A 361 20.64 -21.35 -7.83
N ARG A 362 21.10 -20.14 -8.19
CA ARG A 362 20.89 -19.62 -9.52
C ARG A 362 21.74 -20.39 -10.54
N PRO A 363 21.42 -20.29 -11.83
CA PRO A 363 22.29 -20.93 -12.83
C PRO A 363 23.67 -20.30 -12.82
N ALA A 364 24.62 -21.04 -13.38
CA ALA A 364 26.03 -20.61 -13.41
C ALA A 364 26.33 -19.65 -14.55
N HIS A 365 25.31 -19.05 -15.19
CA HIS A 365 25.52 -18.07 -16.24
C HIS A 365 24.55 -16.91 -16.17
N ARG A 366 23.77 -16.77 -15.10
CA ARG A 366 22.84 -15.66 -14.93
C ARG A 366 22.94 -15.11 -13.52
N PRO A 367 24.03 -14.43 -13.18
CA PRO A 367 24.14 -13.85 -11.85
C PRO A 367 23.13 -12.73 -11.64
N LEU A 368 22.79 -12.52 -10.36
CA LEU A 368 21.92 -11.41 -10.01
C LEU A 368 22.68 -10.10 -10.16
N ARG A 369 22.12 -9.17 -10.95
CA ARG A 369 22.77 -7.91 -11.24
C ARG A 369 22.27 -6.86 -10.26
N VAL A 370 23.18 -6.37 -9.41
CA VAL A 370 22.84 -5.44 -8.34
C VAL A 370 23.33 -4.06 -8.73
N GLY A 371 22.47 -3.06 -8.52
CA GLY A 371 22.81 -1.67 -8.76
C GLY A 371 22.10 -0.80 -7.75
N SER A 372 22.34 0.51 -7.83
CA SER A 372 21.72 1.46 -6.93
C SER A 372 21.56 2.80 -7.61
N LEU A 373 20.40 3.42 -7.42
CA LEU A 373 20.18 4.77 -7.91
C LEU A 373 20.92 5.80 -7.07
N LYS A 374 21.35 5.44 -5.86
CA LYS A 374 22.00 6.41 -4.99
C LYS A 374 23.36 6.82 -5.54
N SER A 375 24.03 5.95 -6.31
CA SER A 375 25.31 6.32 -6.90
C SER A 375 25.17 7.47 -7.88
N ASN A 376 23.99 7.63 -8.49
CA ASN A 376 23.76 8.67 -9.48
C ASN A 376 23.31 9.98 -8.84
N ILE A 377 22.36 9.92 -7.92
CA ILE A 377 21.73 11.11 -7.34
C ILE A 377 21.96 11.22 -5.83
N GLY A 378 22.62 10.25 -5.21
CA GLY A 378 22.77 10.26 -3.78
C GLY A 378 21.56 9.65 -3.08
N HIS A 379 21.63 9.64 -1.75
CA HIS A 379 20.59 9.04 -0.94
C HIS A 379 19.36 9.96 -0.92
N ALA A 380 18.29 9.52 -1.57
CA ALA A 380 17.09 10.36 -1.68
C ALA A 380 16.35 10.47 -0.35
N GLY A 381 16.46 9.45 0.50
CA GLY A 381 15.85 9.49 1.81
C GLY A 381 14.50 8.79 1.83
N PRO A 382 13.44 9.48 2.27
CA PRO A 382 12.09 8.88 2.14
C PRO A 382 11.74 8.44 0.73
N ALA A 383 12.14 9.21 -0.29
CA ALA A 383 11.76 8.93 -1.69
C ALA A 383 12.74 8.00 -2.38
N ALA A 384 13.46 7.16 -1.63
CA ALA A 384 14.48 6.30 -2.23
C ALA A 384 13.87 5.09 -2.93
N GLY A 385 13.02 4.35 -2.21
CA GLY A 385 12.47 3.12 -2.79
C GLY A 385 11.56 3.38 -3.97
N VAL A 386 10.70 4.40 -3.86
CA VAL A 386 9.78 4.71 -4.95
C VAL A 386 10.47 5.34 -6.15
N ALA A 387 11.73 5.78 -5.99
CA ALA A 387 12.56 6.15 -7.14
C ALA A 387 13.29 4.95 -7.70
N GLY A 388 13.71 4.03 -6.84
CA GLY A 388 14.36 2.82 -7.33
C GLY A 388 13.42 1.95 -8.15
N VAL A 389 12.15 1.88 -7.75
CA VAL A 389 11.19 1.12 -8.53
C VAL A 389 10.97 1.78 -9.89
N ILE A 390 11.00 3.12 -9.95
CA ILE A 390 10.91 3.80 -11.23
C ILE A 390 12.11 3.44 -12.11
N LYS A 391 13.29 3.42 -11.50
CA LYS A 391 14.50 3.06 -12.25
C LYS A 391 14.39 1.65 -12.81
N MET A 392 13.96 0.69 -11.99
CA MET A 392 13.79 -0.68 -12.48
C MET A 392 12.68 -0.77 -13.52
N VAL A 393 11.62 0.01 -13.37
CA VAL A 393 10.54 0.00 -14.35
C VAL A 393 11.05 0.42 -15.72
N MET A 394 11.82 1.51 -15.76
CA MET A 394 12.35 1.94 -17.05
C MET A 394 13.46 1.01 -17.54
N ALA A 395 14.18 0.36 -16.64
CA ALA A 395 15.15 -0.64 -17.07
C ALA A 395 14.45 -1.81 -17.77
N MET A 396 13.32 -2.25 -17.23
CA MET A 396 12.55 -3.30 -17.89
C MET A 396 11.95 -2.80 -19.20
N ARG A 397 11.47 -1.56 -19.23
CA ARG A 397 10.86 -1.02 -20.44
C ARG A 397 11.87 -0.94 -21.57
N HIS A 398 13.08 -0.45 -21.28
CA HIS A 398 14.12 -0.32 -22.29
C HIS A 398 14.98 -1.57 -22.44
N GLY A 399 14.80 -2.56 -21.56
CA GLY A 399 15.53 -3.81 -21.72
C GLY A 399 17.03 -3.68 -21.55
N VAL A 400 17.47 -2.85 -20.60
CA VAL A 400 18.89 -2.68 -20.33
C VAL A 400 19.07 -2.17 -18.92
N LEU A 401 19.98 -2.79 -18.17
CA LEU A 401 20.25 -2.38 -16.80
C LEU A 401 21.33 -1.31 -16.79
N PRO A 402 21.07 -0.09 -16.33
CA PRO A 402 22.11 0.94 -16.36
C PRO A 402 23.21 0.63 -15.35
N ARG A 403 24.38 1.21 -15.63
CA ARG A 403 25.53 1.01 -14.75
C ARG A 403 25.38 1.81 -13.46
N SER A 404 25.95 1.26 -12.39
CA SER A 404 26.03 1.94 -11.10
C SER A 404 27.40 2.60 -10.99
N LEU A 405 27.42 3.88 -10.64
CA LEU A 405 28.62 4.69 -10.75
C LEU A 405 29.58 4.45 -9.60
N HIS A 406 30.83 4.88 -9.81
CA HIS A 406 31.85 4.99 -8.77
C HIS A 406 32.24 3.64 -8.18
N ILE A 407 32.06 2.54 -8.92
CA ILE A 407 32.50 1.22 -8.48
C ILE A 407 33.85 0.99 -9.15
N ASP A 408 34.92 1.44 -8.49
CA ASP A 408 36.26 1.13 -8.97
C ASP A 408 36.56 -0.35 -8.83
N GLU A 409 36.07 -0.99 -7.77
CA GLU A 409 36.27 -2.41 -7.53
C GLU A 409 35.17 -2.87 -6.58
N PRO A 410 34.70 -4.12 -6.69
CA PRO A 410 33.77 -4.62 -5.67
C PRO A 410 34.41 -4.60 -4.29
N THR A 411 33.61 -4.27 -3.28
CA THR A 411 34.15 -4.13 -1.94
C THR A 411 34.66 -5.48 -1.43
N PRO A 412 35.81 -5.52 -0.75
CA PRO A 412 36.34 -6.80 -0.29
C PRO A 412 35.75 -7.30 1.01
N GLN A 413 34.82 -6.57 1.62
CA GLN A 413 34.23 -6.98 2.89
C GLN A 413 33.28 -8.16 2.76
N VAL A 414 32.90 -8.55 1.53
CA VAL A 414 31.96 -9.64 1.30
C VAL A 414 32.55 -10.57 0.26
N ASP A 415 32.31 -11.87 0.43
CA ASP A 415 32.83 -12.89 -0.48
C ASP A 415 31.88 -13.01 -1.66
N TRP A 416 32.22 -12.35 -2.77
CA TRP A 416 31.38 -12.43 -3.96
C TRP A 416 31.39 -13.83 -4.56
N SER A 417 32.48 -14.56 -4.40
CA SER A 417 32.58 -15.91 -4.93
C SER A 417 31.73 -16.88 -4.10
N ALA A 420 27.42 -15.69 -8.52
CA ALA A 420 26.14 -15.66 -7.81
C ALA A 420 25.49 -14.29 -7.94
N VAL A 421 26.20 -13.26 -7.49
CA VAL A 421 25.73 -11.89 -7.55
C VAL A 421 26.88 -11.02 -8.05
N THR A 422 26.58 -10.11 -8.98
CA THR A 422 27.56 -9.20 -9.54
C THR A 422 26.98 -7.80 -9.61
N LEU A 423 27.86 -6.81 -9.49
CA LEU A 423 27.44 -5.41 -9.56
C LEU A 423 27.34 -4.96 -11.01
N LEU A 424 26.61 -3.87 -11.20
CA LEU A 424 26.42 -3.27 -12.53
C LEU A 424 27.50 -2.21 -12.78
N THR A 425 28.72 -2.69 -13.00
CA THR A 425 29.82 -1.79 -13.29
C THR A 425 29.61 -1.06 -14.60
N GLU A 426 29.11 -1.76 -15.62
CA GLU A 426 28.80 -1.21 -16.92
C GLU A 426 27.40 -1.67 -17.32
N PRO A 427 26.76 -1.00 -18.28
CA PRO A 427 25.40 -1.41 -18.67
C PRO A 427 25.39 -2.82 -19.25
N VAL A 428 24.29 -3.52 -19.01
CA VAL A 428 24.10 -4.89 -19.49
C VAL A 428 22.70 -5.01 -20.08
N ASP A 429 22.60 -5.73 -21.18
CA ASP A 429 21.34 -5.92 -21.90
C ASP A 429 20.65 -7.20 -21.43
N TRP A 430 19.37 -7.30 -21.78
CA TRP A 430 18.56 -8.50 -21.55
C TRP A 430 18.11 -9.08 -22.87
N ASP A 434 12.73 -15.23 -22.86
CA ASP A 434 12.35 -16.59 -22.49
C ASP A 434 11.24 -16.55 -21.45
N ARG A 435 11.44 -15.75 -20.40
CA ARG A 435 10.50 -15.57 -19.31
C ARG A 435 10.38 -14.09 -19.01
N PRO A 436 9.31 -13.66 -18.32
CA PRO A 436 9.15 -12.23 -18.06
C PRO A 436 10.28 -11.68 -17.21
N ARG A 437 10.63 -10.42 -17.47
CA ARG A 437 11.68 -9.76 -16.71
C ARG A 437 11.15 -9.35 -15.33
N ARG A 438 11.89 -9.70 -14.29
CA ARG A 438 11.54 -9.37 -12.92
C ARG A 438 12.74 -8.76 -12.21
N ALA A 439 12.46 -7.86 -11.27
CA ALA A 439 13.51 -7.16 -10.54
C ALA A 439 13.02 -6.77 -9.16
N GLY A 440 13.90 -6.88 -8.17
CA GLY A 440 13.59 -6.50 -6.82
C GLY A 440 14.09 -5.10 -6.49
N VAL A 441 13.46 -4.49 -5.48
CA VAL A 441 13.87 -3.20 -4.97
C VAL A 441 13.82 -3.25 -3.45
N SER A 442 14.84 -2.66 -2.80
CA SER A 442 14.98 -2.65 -1.36
C SER A 442 15.03 -1.22 -0.86
N ALA A 443 14.40 -0.97 0.28
CA ALA A 443 14.34 0.35 0.90
C ALA A 443 14.61 0.24 2.39
N PHE A 444 15.71 -0.43 2.74
CA PHE A 444 16.05 -0.63 4.15
C PHE A 444 16.25 0.70 4.84
N GLY A 445 15.62 0.86 6.01
CA GLY A 445 15.61 2.11 6.73
C GLY A 445 16.57 2.13 7.91
N ILE A 446 16.74 3.32 8.48
CA ILE A 446 17.63 3.49 9.63
C ILE A 446 16.91 3.18 10.93
N SER A 447 15.59 3.26 10.95
CA SER A 447 14.80 2.88 12.13
C SER A 447 14.57 1.38 12.23
N GLY A 448 15.19 0.58 11.36
CA GLY A 448 15.07 -0.86 11.39
C GLY A 448 13.96 -1.44 10.53
N THR A 449 13.10 -0.59 9.96
CA THR A 449 11.98 -1.07 9.16
C THR A 449 12.49 -1.39 7.76
N ASN A 450 12.79 -2.66 7.52
CA ASN A 450 13.23 -3.11 6.21
C ASN A 450 12.01 -3.33 5.31
N ALA A 451 12.16 -2.99 4.03
CA ALA A 451 11.10 -3.15 3.05
C ALA A 451 11.69 -3.73 1.77
N HIS A 452 10.84 -4.40 1.00
CA HIS A 452 11.27 -4.98 -0.26
C HIS A 452 10.07 -5.24 -1.15
N VAL A 453 10.21 -4.92 -2.43
CA VAL A 453 9.17 -5.16 -3.43
C VAL A 453 9.77 -5.92 -4.60
N ILE A 454 8.92 -6.63 -5.33
CA ILE A 454 9.29 -7.34 -6.54
C ILE A 454 8.38 -6.87 -7.67
N LEU A 455 8.99 -6.41 -8.75
CA LEU A 455 8.30 -5.93 -9.94
C LEU A 455 8.54 -6.89 -11.10
N GLU A 456 7.59 -6.93 -12.01
CA GLU A 456 7.64 -7.79 -13.18
C GLU A 456 7.27 -6.98 -14.42
N GLN A 457 7.79 -7.42 -15.56
CA GLN A 457 7.45 -6.78 -16.82
C GLN A 457 5.95 -6.88 -17.08
N ALA A 458 5.37 -5.79 -17.57
CA ALA A 458 3.95 -5.78 -17.83
C ALA A 458 3.60 -6.78 -18.94
N PRO A 459 2.47 -7.46 -18.86
CA PRO A 459 2.15 -8.45 -19.90
C PRO A 459 1.81 -7.78 -21.21
N THR A 460 2.06 -8.50 -22.31
CA THR A 460 1.77 -7.98 -23.63
C THR A 460 0.28 -7.72 -23.79
N GLN A 461 -0.06 -6.53 -24.30
CA GLN A 461 -1.45 -6.14 -24.48
C GLN A 461 -1.96 -6.57 -25.86
N PRO A 466 -7.43 -2.46 -34.26
CA PRO A 466 -7.44 -1.01 -34.47
C PRO A 466 -8.74 -0.52 -35.08
N ALA A 467 -8.85 0.80 -35.25
CA ALA A 467 -10.02 1.46 -35.83
C ALA A 467 -9.57 2.37 -36.96
N PRO A 468 -10.44 2.66 -37.94
CA PRO A 468 -10.01 3.51 -39.05
C PRO A 468 -9.78 4.93 -38.56
N PRO A 469 -8.88 5.68 -39.21
CA PRO A 469 -8.57 7.03 -38.73
C PRO A 469 -9.63 8.03 -39.21
N VAL A 470 -10.27 8.69 -38.25
CA VAL A 470 -11.25 9.72 -38.61
C VAL A 470 -10.52 10.88 -39.29
N PRO A 471 -11.04 11.45 -40.38
CA PRO A 471 -10.31 12.54 -41.02
C PRO A 471 -10.52 13.87 -40.31
N ALA A 472 -9.49 14.71 -40.40
CA ALA A 472 -9.52 16.05 -39.81
C ALA A 472 -9.80 15.97 -38.30
N ALA A 473 -9.15 15.05 -37.63
CA ALA A 473 -9.32 14.90 -36.19
C ALA A 473 -8.78 16.13 -35.48
N PRO A 474 -9.57 16.87 -34.71
CA PRO A 474 -9.02 18.04 -34.02
C PRO A 474 -7.97 17.65 -32.98
N TRP A 475 -6.93 18.47 -32.89
CA TRP A 475 -5.95 18.39 -31.81
C TRP A 475 -6.26 19.51 -30.83
N LEU A 476 -6.60 19.15 -29.60
CA LEU A 476 -7.07 20.09 -28.60
C LEU A 476 -5.98 20.35 -27.57
N LEU A 477 -5.83 21.61 -27.20
CA LEU A 477 -4.90 22.03 -26.15
C LEU A 477 -5.61 23.01 -25.25
N SER A 478 -5.23 23.01 -23.97
CA SER A 478 -5.86 23.90 -23.01
C SER A 478 -4.92 24.13 -21.85
N ALA A 479 -5.09 25.27 -21.19
CA ALA A 479 -4.27 25.61 -20.04
C ALA A 479 -4.98 26.67 -19.22
N LYS A 480 -4.50 26.85 -17.99
CA LYS A 480 -5.10 27.83 -17.08
C LYS A 480 -4.89 29.25 -17.57
N THR A 481 -3.72 29.54 -18.12
CA THR A 481 -3.32 30.87 -18.57
C THR A 481 -2.77 30.79 -19.98
N PRO A 482 -2.78 31.91 -20.72
CA PRO A 482 -2.26 31.86 -22.10
C PRO A 482 -0.79 31.46 -22.19
N ALA A 483 0.03 31.90 -21.24
CA ALA A 483 1.43 31.51 -21.24
C ALA A 483 1.57 30.00 -21.04
N ALA A 484 0.76 29.44 -20.14
CA ALA A 484 0.76 27.99 -19.96
C ALA A 484 0.29 27.28 -21.21
N LEU A 485 -0.65 27.88 -21.95
CA LEU A 485 -1.09 27.28 -23.20
C LEU A 485 0.03 27.29 -24.24
N ARG A 486 0.78 28.38 -24.33
CA ARG A 486 1.92 28.43 -25.24
C ARG A 486 2.97 27.41 -24.85
N ALA A 487 3.22 27.26 -23.55
CA ALA A 487 4.17 26.24 -23.09
C ALA A 487 3.68 24.84 -23.44
N GLN A 488 2.38 24.60 -23.30
CA GLN A 488 1.81 23.31 -23.67
C GLN A 488 2.01 23.04 -25.16
N ALA A 489 1.76 24.04 -25.99
CA ALA A 489 1.94 23.87 -27.43
C ALA A 489 3.40 23.57 -27.77
N ARG A 490 4.33 24.31 -27.16
CA ARG A 490 5.74 24.07 -27.43
C ARG A 490 6.17 22.69 -26.96
N ARG A 491 5.71 22.27 -25.78
CA ARG A 491 6.04 20.95 -25.28
C ARG A 491 5.51 19.85 -26.19
N LEU A 492 4.27 20.01 -26.65
CA LEU A 492 3.69 19.01 -27.56
C LEU A 492 4.45 18.98 -28.88
N HIS A 493 4.85 20.14 -29.39
CA HIS A 493 5.61 20.18 -30.63
C HIS A 493 6.94 19.46 -30.48
N THR A 494 7.65 19.73 -29.38
CA THR A 494 8.92 19.06 -29.13
C THR A 494 8.73 17.55 -28.98
N HIS A 495 7.67 17.14 -28.29
CA HIS A 495 7.40 15.71 -28.13
C HIS A 495 7.12 15.06 -29.47
N LEU A 496 6.33 15.70 -30.32
CA LEU A 496 5.99 15.13 -31.62
C LEU A 496 7.18 15.12 -32.56
N ALA A 497 8.13 16.05 -32.39
CA ALA A 497 9.33 16.05 -33.23
C ALA A 497 10.11 14.76 -33.08
N ARG A 498 10.24 14.27 -31.84
CA ARG A 498 10.95 13.03 -31.55
C ARG A 498 9.95 11.88 -31.42
N HIS A 499 9.45 11.45 -32.59
CA HIS A 499 8.50 10.35 -32.66
C HIS A 499 8.41 9.91 -34.11
N PRO A 500 8.55 8.59 -34.44
CA PRO A 500 8.50 8.22 -35.87
C PRO A 500 7.09 8.05 -36.44
N HIS A 501 6.53 9.18 -36.91
CA HIS A 501 5.26 9.18 -37.61
C HIS A 501 4.11 8.71 -36.73
N PRO A 502 3.75 9.48 -35.71
CA PRO A 502 2.61 9.09 -34.86
C PRO A 502 1.29 9.20 -35.61
N ASP A 503 0.31 8.46 -35.11
CA ASP A 503 -1.02 8.46 -35.71
C ASP A 503 -1.79 9.70 -35.25
N PRO A 504 -2.19 10.62 -36.14
CA PRO A 504 -2.83 11.85 -35.66
C PRO A 504 -4.15 11.63 -34.92
N THR A 505 -4.93 10.63 -35.32
CA THR A 505 -6.20 10.39 -34.63
C THR A 505 -5.98 9.92 -33.20
N ASP A 506 -4.93 9.12 -32.97
CA ASP A 506 -4.61 8.71 -31.61
C ASP A 506 -4.21 9.90 -30.75
N ILE A 507 -3.42 10.83 -31.32
CA ILE A 507 -3.06 12.04 -30.60
C ILE A 507 -4.30 12.87 -30.28
N ALA A 508 -5.22 12.97 -31.25
CA ALA A 508 -6.45 13.71 -31.00
C ALA A 508 -7.26 13.09 -29.88
N HIS A 509 -7.38 11.76 -29.88
CA HIS A 509 -8.13 11.08 -28.82
C HIS A 509 -7.49 11.29 -27.47
N ALA A 510 -6.15 11.14 -27.40
CA ALA A 510 -5.46 11.33 -26.13
C ALA A 510 -5.61 12.75 -25.61
N LEU A 511 -5.50 13.74 -26.50
CA LEU A 511 -5.62 15.12 -26.07
C LEU A 511 -7.04 15.43 -25.63
N ALA A 512 -8.04 14.89 -26.32
CA ALA A 512 -9.42 15.23 -26.00
C ALA A 512 -9.88 14.56 -24.72
N THR A 513 -9.54 13.28 -24.53
CA THR A 513 -10.08 12.50 -23.42
C THR A 513 -9.19 12.54 -22.18
N THR A 514 -7.90 12.26 -22.34
CA THR A 514 -7.01 12.04 -21.20
C THR A 514 -6.31 13.32 -20.74
N ARG A 515 -6.91 14.49 -20.95
CA ARG A 515 -6.36 15.74 -20.45
C ARG A 515 -7.51 16.66 -20.06
N THR A 516 -7.32 17.39 -18.96
CA THR A 516 -8.38 18.22 -18.43
C THR A 516 -8.68 19.36 -19.39
N PRO A 517 -9.97 19.74 -19.59
CA PRO A 517 -10.27 20.98 -20.31
C PRO A 517 -10.15 22.18 -19.39
N HIS A 518 -9.09 22.96 -19.58
CA HIS A 518 -8.85 24.15 -18.78
C HIS A 518 -9.53 25.35 -19.42
N GLU A 519 -9.27 26.56 -18.91
CA GLU A 519 -10.00 27.73 -19.35
C GLU A 519 -9.57 28.18 -20.74
N HIS A 520 -8.30 28.54 -20.90
CA HIS A 520 -7.81 29.06 -22.17
C HIS A 520 -7.53 27.89 -23.10
N ARG A 521 -8.30 27.79 -24.19
CA ARG A 521 -8.27 26.63 -25.06
C ARG A 521 -7.89 27.02 -26.49
N ALA A 522 -7.35 26.03 -27.20
CA ALA A 522 -7.01 26.18 -28.60
C ALA A 522 -7.17 24.83 -29.29
N ALA A 523 -7.34 24.88 -30.60
CA ALA A 523 -7.61 23.69 -31.39
C ALA A 523 -6.96 23.80 -32.76
N LEU A 524 -6.55 22.65 -33.29
CA LEU A 524 -5.96 22.55 -34.62
C LEU A 524 -6.76 21.55 -35.42
N VAL A 525 -7.41 22.01 -36.49
CA VAL A 525 -8.28 21.19 -37.32
C VAL A 525 -7.76 21.26 -38.75
N THR A 526 -7.15 20.17 -39.22
CA THR A 526 -6.70 20.08 -40.59
C THR A 526 -6.63 18.61 -40.98
N ASP A 527 -6.82 18.35 -42.28
CA ASP A 527 -6.89 17.00 -42.81
C ASP A 527 -5.60 16.54 -43.48
N ASP A 528 -4.50 17.30 -43.33
CA ASP A 528 -3.23 16.97 -43.93
C ASP A 528 -2.13 17.05 -42.88
N HIS A 529 -1.19 16.12 -42.93
CA HIS A 529 -0.07 16.08 -42.00
C HIS A 529 1.13 16.87 -42.54
N GLY A 530 0.86 18.13 -42.89
CA GLY A 530 1.91 19.06 -43.27
C GLY A 530 1.75 20.44 -42.66
N THR A 531 0.58 20.72 -42.08
CA THR A 531 0.28 22.02 -41.50
C THR A 531 0.20 21.99 -39.98
N ARG A 532 0.07 20.80 -39.37
CA ARG A 532 -0.08 20.73 -37.93
C ARG A 532 1.17 21.22 -37.21
N GLY A 533 2.35 20.94 -37.75
CA GLY A 533 3.59 21.37 -37.15
C GLY A 533 3.72 22.88 -37.11
N PRO A 534 3.58 23.52 -38.26
CA PRO A 534 3.58 25.00 -38.28
C PRO A 534 2.46 25.60 -37.44
N ALA A 535 1.29 24.96 -37.37
CA ALA A 535 0.23 25.47 -36.52
C ALA A 535 0.61 25.40 -35.06
N LEU A 536 1.23 24.28 -34.64
CA LEU A 536 1.71 24.16 -33.27
C LEU A 536 2.76 25.22 -32.97
N ALA A 537 3.66 25.47 -33.92
CA ALA A 537 4.65 26.53 -33.73
C ALA A 537 3.98 27.88 -33.54
N ALA A 538 3.10 28.25 -34.47
CA ALA A 538 2.42 29.54 -34.40
C ALA A 538 1.63 29.68 -33.10
N LEU A 539 1.10 28.58 -32.58
CA LEU A 539 0.53 28.60 -31.23
C LEU A 539 1.61 28.85 -30.20
N ALA A 540 2.80 28.28 -30.40
CA ALA A 540 3.87 28.42 -29.41
C ALA A 540 4.30 29.87 -29.26
N GLU A 541 4.61 30.56 -30.37
CA GLU A 541 4.90 31.98 -30.30
C GLU A 541 3.65 32.85 -30.42
N GLY A 542 2.47 32.25 -30.50
CA GLY A 542 1.24 33.00 -30.48
C GLY A 542 0.83 33.63 -31.80
N ALA A 543 1.56 33.37 -32.88
CA ALA A 543 1.17 33.91 -34.16
C ALA A 543 -0.11 33.23 -34.65
N PRO A 544 -0.89 33.88 -35.50
CA PRO A 544 -2.11 33.25 -36.01
C PRO A 544 -1.80 32.26 -37.12
N ASP A 545 -2.79 31.41 -37.39
CA ASP A 545 -2.67 30.42 -38.45
C ASP A 545 -4.06 30.13 -39.00
N ALA A 546 -4.09 29.59 -40.22
CA ALA A 546 -5.37 29.32 -40.88
C ALA A 546 -6.13 28.21 -40.17
N CYS A 547 -5.46 27.09 -39.87
CA CYS A 547 -6.08 25.94 -39.27
C CYS A 547 -6.03 25.95 -37.74
N LEU A 548 -5.84 27.14 -37.14
CA LEU A 548 -5.71 27.29 -35.70
C LEU A 548 -6.88 28.10 -35.16
N ILE A 549 -7.44 27.65 -34.04
CA ILE A 549 -8.52 28.34 -33.35
C ILE A 549 -8.10 28.52 -31.91
N SER A 550 -8.48 29.65 -31.30
CA SER A 550 -8.16 29.93 -29.92
C SER A 550 -9.32 30.66 -29.27
N GLY A 551 -9.45 30.51 -27.96
CA GLY A 551 -10.53 31.19 -27.25
C GLY A 551 -10.46 30.94 -25.76
N THR A 552 -11.37 31.61 -25.06
CA THR A 552 -11.52 31.53 -23.62
C THR A 552 -12.88 30.91 -23.33
N ALA A 553 -12.89 29.69 -22.82
CA ALA A 553 -14.14 29.00 -22.55
C ALA A 553 -14.92 29.68 -21.45
N LEU A 554 -16.23 29.76 -21.61
CA LEU A 554 -17.11 30.34 -20.60
C LEU A 554 -17.39 29.32 -19.50
N SER A 555 -17.38 29.79 -18.25
CA SER A 555 -17.62 28.90 -17.13
C SER A 555 -19.04 28.33 -17.16
N LYS A 556 -20.02 29.18 -17.46
CA LYS A 556 -21.42 28.78 -17.49
C LYS A 556 -22.11 29.45 -18.66
N GLY A 557 -23.24 28.86 -19.06
CA GLY A 557 -24.03 29.40 -20.15
C GLY A 557 -24.87 28.35 -20.83
N ARG A 558 -26.11 28.69 -21.14
CA ARG A 558 -27.04 27.76 -21.80
C ARG A 558 -26.91 27.86 -23.31
N THR A 559 -27.12 26.73 -23.97
CA THR A 559 -26.87 26.59 -25.39
C THR A 559 -28.14 26.85 -26.20
N VAL A 560 -27.96 27.41 -27.39
CA VAL A 560 -29.04 27.77 -28.29
C VAL A 560 -28.75 27.19 -29.66
N PHE A 561 -29.77 26.63 -30.29
CA PHE A 561 -29.75 26.33 -31.72
C PHE A 561 -30.55 27.40 -32.45
N VAL A 562 -29.99 27.87 -33.56
CA VAL A 562 -30.57 28.97 -34.33
C VAL A 562 -30.85 28.46 -35.74
N PHE A 563 -32.06 28.75 -36.22
CA PHE A 563 -32.54 28.27 -37.52
C PHE A 563 -32.98 29.47 -38.35
N PRO A 564 -32.05 30.11 -39.07
CA PRO A 564 -32.44 31.17 -40.00
C PRO A 564 -33.38 30.66 -41.09
N GLY A 565 -33.87 31.61 -41.88
CA GLY A 565 -34.75 31.28 -42.98
C GLY A 565 -33.99 30.98 -44.26
N GLN A 566 -34.29 31.73 -45.31
CA GLN A 566 -33.61 31.55 -46.59
C GLN A 566 -32.18 32.10 -46.50
N GLY A 567 -31.49 32.06 -47.64
CA GLY A 567 -30.18 32.65 -47.78
C GLY A 567 -29.03 31.69 -47.51
N SER A 568 -29.22 30.72 -46.63
CA SER A 568 -28.16 29.78 -46.27
C SER A 568 -28.20 28.55 -47.16
N GLN A 569 -28.13 28.79 -48.48
CA GLN A 569 -28.17 27.74 -49.49
C GLN A 569 -27.00 27.92 -50.45
N TRP A 570 -26.53 26.78 -50.97
CA TRP A 570 -25.51 26.78 -52.01
C TRP A 570 -25.43 25.38 -52.58
N THR A 571 -25.25 25.29 -53.89
CA THR A 571 -25.28 24.00 -54.57
C THR A 571 -24.17 23.08 -54.05
N GLY A 572 -24.51 21.81 -53.87
CA GLY A 572 -23.60 20.83 -53.33
C GLY A 572 -23.55 20.75 -51.83
N MET A 573 -24.32 21.57 -51.12
CA MET A 573 -24.33 21.51 -49.66
C MET A 573 -24.84 20.15 -49.20
N GLY A 574 -24.15 19.55 -48.24
CA GLY A 574 -24.50 18.25 -47.74
C GLY A 574 -24.11 17.10 -48.64
N ARG A 575 -23.53 17.36 -49.81
CA ARG A 575 -23.15 16.27 -50.70
C ARG A 575 -21.99 15.46 -50.11
N GLU A 576 -20.95 16.15 -49.65
CA GLU A 576 -19.82 15.46 -49.03
C GLU A 576 -20.24 14.77 -47.74
N LEU A 577 -21.08 15.44 -46.95
CA LEU A 577 -21.53 14.86 -45.68
C LEU A 577 -22.34 13.59 -45.91
N LEU A 578 -23.05 13.49 -47.04
CA LEU A 578 -23.85 12.31 -47.31
C LEU A 578 -22.98 11.07 -47.43
N HIS A 579 -21.82 11.19 -48.07
CA HIS A 579 -20.90 10.07 -48.16
C HIS A 579 -20.13 9.88 -46.86
N THR A 580 -19.52 10.95 -46.35
CA THR A 580 -18.62 10.82 -45.22
C THR A 580 -19.36 10.51 -43.93
N SER A 581 -20.42 11.25 -43.63
CA SER A 581 -21.10 11.15 -42.34
C SER A 581 -22.29 10.20 -42.45
N PRO A 582 -22.26 9.01 -41.82
CA PRO A 582 -23.45 8.15 -41.92
C PRO A 582 -24.64 8.66 -41.13
N GLU A 583 -24.42 9.33 -40.00
CA GLU A 583 -25.54 9.85 -39.22
C GLU A 583 -26.31 10.92 -40.00
N PHE A 584 -25.57 11.81 -40.67
CA PHE A 584 -26.23 12.81 -41.51
C PHE A 584 -26.98 12.15 -42.64
N ALA A 585 -26.42 11.09 -43.22
CA ALA A 585 -27.12 10.36 -44.28
C ALA A 585 -28.41 9.75 -43.76
N ALA A 586 -28.38 9.17 -42.56
CA ALA A 586 -29.59 8.58 -41.99
C ALA A 586 -30.65 9.64 -41.72
N TYR A 587 -30.24 10.79 -41.18
CA TYR A 587 -31.21 11.85 -40.91
C TYR A 587 -31.79 12.40 -42.21
N ILE A 588 -30.96 12.55 -43.24
CA ILE A 588 -31.47 13.00 -44.54
C ILE A 588 -32.43 11.97 -45.12
N ALA A 589 -32.13 10.68 -44.93
CA ALA A 589 -33.03 9.64 -45.41
C ALA A 589 -34.37 9.70 -44.71
N GLU A 590 -34.35 9.91 -43.39
CA GLU A 590 -35.60 10.05 -42.65
C GLU A 590 -36.40 11.26 -43.12
N CYS A 591 -35.72 12.39 -43.33
CA CYS A 591 -36.40 13.56 -43.84
C CYS A 591 -36.98 13.32 -45.23
N GLU A 592 -36.24 12.61 -46.08
CA GLU A 592 -36.72 12.28 -47.42
C GLU A 592 -37.96 11.40 -47.36
N THR A 593 -37.95 10.39 -46.49
CA THR A 593 -39.12 9.53 -46.35
C THR A 593 -40.32 10.33 -45.85
N ALA A 594 -40.09 11.25 -44.91
CA ALA A 594 -41.18 12.08 -44.44
C ALA A 594 -41.70 12.99 -45.55
N LEU A 595 -40.81 13.53 -46.38
CA LEU A 595 -41.21 14.50 -47.39
C LEU A 595 -41.81 13.87 -48.64
N ASN A 596 -41.58 12.58 -48.88
CA ASN A 596 -41.93 11.98 -50.17
C ASN A 596 -43.42 12.10 -50.46
N ASP A 597 -44.26 11.86 -49.46
CA ASP A 597 -45.71 11.85 -49.69
C ASP A 597 -46.24 13.23 -50.06
N PHE A 598 -45.61 14.31 -49.59
CA PHE A 598 -46.11 15.66 -49.83
C PHE A 598 -45.27 16.42 -50.89
N VAL A 599 -44.59 15.70 -51.77
CA VAL A 599 -43.86 16.36 -52.86
C VAL A 599 -43.56 15.32 -53.94
N ASP A 600 -43.27 15.80 -55.15
CA ASP A 600 -43.10 14.96 -56.33
C ASP A 600 -41.63 14.76 -56.70
N TRP A 601 -40.75 14.69 -55.73
CA TRP A 601 -39.33 14.38 -55.98
C TRP A 601 -38.68 14.00 -54.67
N SER A 602 -37.43 13.56 -54.74
CA SER A 602 -36.69 13.06 -53.59
C SER A 602 -35.63 14.08 -53.18
N LEU A 603 -35.45 14.20 -51.86
CA LEU A 603 -34.49 15.15 -51.32
C LEU A 603 -33.07 14.82 -51.74
N THR A 604 -32.72 13.52 -51.75
CA THR A 604 -31.36 13.12 -52.05
C THR A 604 -30.95 13.51 -53.46
N ASP A 605 -31.89 13.44 -54.40
CA ASP A 605 -31.58 13.85 -55.77
C ASP A 605 -31.30 15.34 -55.84
N VAL A 606 -32.08 16.15 -55.12
CA VAL A 606 -31.88 17.59 -55.14
C VAL A 606 -30.53 17.95 -54.52
N LEU A 607 -30.21 17.33 -53.38
CA LEU A 607 -28.95 17.66 -52.72
C LEU A 607 -27.75 17.18 -53.52
N ARG A 608 -27.82 15.95 -54.05
CA ARG A 608 -26.70 15.40 -54.81
C ARG A 608 -26.58 16.00 -56.21
N GLY A 609 -27.54 16.81 -56.64
CA GLY A 609 -27.49 17.37 -57.97
C GLY A 609 -27.69 16.34 -59.06
N THR A 610 -28.59 15.37 -58.85
CA THR A 610 -28.88 14.37 -59.86
C THR A 610 -29.51 15.03 -61.08
N GLU A 611 -29.29 14.41 -62.25
CA GLU A 611 -29.77 14.98 -63.50
C GLU A 611 -31.30 15.04 -63.50
N GLY A 612 -31.82 16.19 -63.91
CA GLY A 612 -33.25 16.39 -63.99
C GLY A 612 -33.90 16.87 -62.72
N ALA A 613 -33.23 16.78 -61.57
CA ALA A 613 -33.81 17.25 -60.33
C ALA A 613 -33.88 18.78 -60.33
N PRO A 614 -34.87 19.37 -59.67
CA PRO A 614 -35.00 20.83 -59.70
C PRO A 614 -33.88 21.51 -58.94
N GLY A 615 -33.53 22.72 -59.41
CA GLY A 615 -32.53 23.52 -58.76
C GLY A 615 -33.10 24.31 -57.60
N TYR A 616 -32.21 25.00 -56.90
CA TYR A 616 -32.60 25.79 -55.74
C TYR A 616 -33.26 27.12 -56.11
N ASP A 617 -33.36 27.44 -57.41
CA ASP A 617 -34.03 28.66 -57.81
C ASP A 617 -35.52 28.64 -57.45
N ARG A 618 -36.16 27.47 -57.59
CA ARG A 618 -37.57 27.37 -57.26
C ARG A 618 -37.79 27.50 -55.76
N VAL A 619 -38.81 28.28 -55.39
CA VAL A 619 -39.06 28.51 -53.97
C VAL A 619 -39.59 27.25 -53.29
N ASP A 620 -40.37 26.45 -54.00
CA ASP A 620 -41.04 25.32 -53.35
C ASP A 620 -40.08 24.18 -53.03
N VAL A 621 -38.89 24.14 -53.64
CA VAL A 621 -37.95 23.04 -53.43
C VAL A 621 -36.82 23.48 -52.50
N VAL A 622 -36.45 24.76 -52.54
CA VAL A 622 -35.35 25.22 -51.70
C VAL A 622 -35.74 25.16 -50.23
N GLN A 623 -36.97 25.57 -49.89
CA GLN A 623 -37.36 25.62 -48.49
C GLN A 623 -37.43 24.24 -47.85
N PRO A 624 -38.06 23.23 -48.47
CA PRO A 624 -37.96 21.88 -47.90
C PRO A 624 -36.53 21.38 -47.80
N ALA A 625 -35.69 21.68 -48.80
CA ALA A 625 -34.29 21.27 -48.73
C ALA A 625 -33.59 21.94 -47.56
N LEU A 626 -33.82 23.25 -47.38
CA LEU A 626 -33.24 23.95 -46.24
C LEU A 626 -33.71 23.35 -44.93
N PHE A 627 -35.00 23.04 -44.82
CA PHE A 627 -35.55 22.45 -43.61
C PHE A 627 -34.87 21.12 -43.31
N ALA A 628 -34.77 20.26 -44.33
CA ALA A 628 -34.18 18.94 -44.12
C ALA A 628 -32.72 19.04 -43.73
N VAL A 629 -31.96 19.90 -44.41
CA VAL A 629 -30.54 20.06 -44.10
C VAL A 629 -30.36 20.59 -42.68
N MET A 630 -31.16 21.59 -42.30
CA MET A 630 -31.04 22.17 -40.98
C MET A 630 -31.39 21.15 -39.89
N VAL A 631 -32.47 20.39 -40.10
CA VAL A 631 -32.87 19.40 -39.11
C VAL A 631 -31.80 18.32 -38.99
N SER A 632 -31.27 17.86 -40.11
CA SER A 632 -30.23 16.84 -40.06
C SER A 632 -28.98 17.34 -39.37
N LEU A 633 -28.59 18.59 -39.64
CA LEU A 633 -27.40 19.16 -39.00
C LEU A 633 -27.62 19.31 -37.50
N ALA A 634 -28.80 19.78 -37.08
CA ALA A 634 -29.08 19.91 -35.66
C ALA A 634 -29.07 18.55 -34.97
N ARG A 635 -29.64 17.53 -35.62
CA ARG A 635 -29.60 16.20 -35.04
C ARG A 635 -28.18 15.65 -35.00
N LEU A 636 -27.34 16.01 -35.97
CA LEU A 636 -25.94 15.63 -35.91
C LEU A 636 -25.23 16.29 -34.73
N TRP A 637 -25.52 17.58 -34.50
CA TRP A 637 -24.98 18.27 -33.34
C TRP A 637 -25.39 17.57 -32.06
N GLN A 638 -26.67 17.21 -31.95
CA GLN A 638 -27.15 16.49 -30.77
C GLN A 638 -26.47 15.13 -30.64
N HIS A 639 -26.24 14.45 -31.76
CA HIS A 639 -25.55 13.17 -31.74
C HIS A 639 -24.12 13.32 -31.24
N HIS A 640 -23.49 14.45 -31.53
CA HIS A 640 -22.14 14.73 -31.04
C HIS A 640 -22.13 15.21 -29.58
N GLY A 641 -23.27 15.26 -28.90
CA GLY A 641 -23.34 15.55 -27.49
C GLY A 641 -23.72 16.97 -27.13
N ILE A 642 -23.99 17.83 -28.10
CA ILE A 642 -24.34 19.22 -27.85
C ILE A 642 -25.86 19.28 -27.86
N HIS A 643 -26.47 19.03 -26.70
CA HIS A 643 -27.92 19.08 -26.57
C HIS A 643 -28.36 20.52 -26.32
N PRO A 644 -29.18 21.14 -27.17
CA PRO A 644 -29.53 22.54 -26.94
C PRO A 644 -30.37 22.73 -25.70
N ASP A 645 -30.16 23.88 -25.06
CA ASP A 645 -31.04 24.35 -24.00
C ASP A 645 -32.17 25.23 -24.51
N ALA A 646 -32.07 25.71 -25.75
CA ALA A 646 -33.17 26.45 -26.36
C ALA A 646 -33.01 26.40 -27.88
N VAL A 647 -34.10 26.70 -28.57
CA VAL A 647 -34.12 26.74 -30.03
C VAL A 647 -34.88 27.98 -30.47
N ILE A 648 -34.36 28.63 -31.52
CA ILE A 648 -34.97 29.82 -32.09
C ILE A 648 -34.93 29.68 -33.60
N GLY A 649 -35.92 30.27 -34.27
CA GLY A 649 -36.06 30.15 -35.71
C GLY A 649 -36.14 31.49 -36.43
N HIS A 650 -36.41 31.45 -37.73
CA HIS A 650 -36.58 32.67 -38.51
C HIS A 650 -37.43 32.32 -39.73
N SER A 651 -38.71 32.68 -39.68
CA SER A 651 -39.66 32.39 -40.75
C SER A 651 -39.75 30.88 -40.91
N GLN A 652 -39.49 30.31 -42.10
CA GLN A 652 -39.65 28.87 -42.29
C GLN A 652 -38.74 28.07 -41.37
N GLY A 653 -37.60 28.65 -40.97
CA GLY A 653 -36.70 27.96 -40.06
C GLY A 653 -37.38 27.58 -38.75
N GLU A 654 -38.36 28.38 -38.31
CA GLU A 654 -39.07 28.04 -37.08
C GLU A 654 -39.71 26.67 -37.17
N ILE A 655 -40.19 26.29 -38.35
CA ILE A 655 -40.76 24.96 -38.53
C ILE A 655 -39.72 23.91 -38.17
N ALA A 656 -38.50 24.07 -38.68
CA ALA A 656 -37.41 23.17 -38.30
C ALA A 656 -37.19 23.21 -36.80
N ALA A 657 -37.19 24.42 -36.22
CA ALA A 657 -37.06 24.53 -34.77
C ALA A 657 -38.21 23.79 -34.09
N ALA A 658 -39.42 23.93 -34.62
CA ALA A 658 -40.57 23.26 -34.04
C ALA A 658 -40.38 21.75 -34.07
N HIS A 659 -39.62 21.24 -35.04
CA HIS A 659 -39.35 19.81 -35.04
C HIS A 659 -38.34 19.44 -33.96
N ILE A 660 -37.30 20.26 -33.79
CA ILE A 660 -36.25 19.89 -32.84
C ILE A 660 -36.75 20.04 -31.42
N ALA A 661 -37.63 21.01 -31.17
CA ALA A 661 -38.23 21.18 -29.85
C ALA A 661 -39.15 20.03 -29.47
N GLY A 662 -39.54 19.18 -30.42
CA GLY A 662 -40.45 18.08 -30.15
C GLY A 662 -41.91 18.44 -30.25
N ALA A 663 -42.24 19.71 -30.48
CA ALA A 663 -43.64 20.10 -30.60
C ALA A 663 -44.29 19.46 -31.82
N LEU A 664 -43.55 19.39 -32.94
CA LEU A 664 -44.05 18.88 -34.21
C LEU A 664 -43.28 17.63 -34.58
N SER A 665 -44.00 16.60 -34.99
CA SER A 665 -43.34 15.41 -35.50
C SER A 665 -42.68 15.71 -36.85
N LEU A 666 -41.87 14.75 -37.32
CA LEU A 666 -41.21 14.93 -38.61
C LEU A 666 -42.23 15.05 -39.74
N GLN A 667 -43.26 14.20 -39.71
CA GLN A 667 -44.27 14.24 -40.76
C GLN A 667 -45.01 15.57 -40.76
N ASP A 668 -45.39 16.06 -39.58
CA ASP A 668 -46.12 17.32 -39.51
C ASP A 668 -45.27 18.48 -40.00
N ALA A 669 -44.01 18.53 -39.58
CA ALA A 669 -43.14 19.62 -40.03
C ALA A 669 -42.92 19.57 -41.54
N ALA A 670 -42.73 18.37 -42.08
CA ALA A 670 -42.58 18.22 -43.52
C ALA A 670 -43.83 18.69 -44.26
N ARG A 671 -45.00 18.31 -43.75
CA ARG A 671 -46.25 18.74 -44.36
C ARG A 671 -46.36 20.26 -44.35
N ILE A 672 -46.09 20.88 -43.20
CA ILE A 672 -46.22 22.32 -43.09
C ILE A 672 -45.28 23.03 -44.06
N VAL A 673 -44.00 22.66 -44.06
CA VAL A 673 -43.05 23.38 -44.90
C VAL A 673 -43.38 23.16 -46.38
N ALA A 674 -43.69 21.92 -46.78
CA ALA A 674 -43.95 21.65 -48.19
C ALA A 674 -45.20 22.37 -48.67
N LEU A 675 -46.32 22.24 -47.95
CA LEU A 675 -47.55 22.87 -48.39
C LEU A 675 -47.46 24.39 -48.30
N ARG A 676 -46.75 24.92 -47.30
CA ARG A 676 -46.59 26.36 -47.19
C ARG A 676 -45.82 26.91 -48.38
N SER A 677 -44.74 26.23 -48.76
CA SER A 677 -43.98 26.67 -49.93
C SER A 677 -44.81 26.53 -51.21
N GLN A 678 -45.57 25.43 -51.33
CA GLN A 678 -46.39 25.25 -52.51
C GLN A 678 -47.47 26.32 -52.62
N ALA A 679 -48.06 26.70 -51.48
CA ALA A 679 -49.03 27.79 -51.47
C ALA A 679 -48.35 29.15 -51.66
N LEU A 680 -47.06 29.25 -51.39
CA LEU A 680 -46.31 30.48 -51.65
C LEU A 680 -45.84 30.59 -53.09
N LEU A 681 -45.88 29.50 -53.86
CA LEU A 681 -45.46 29.56 -55.27
C LEU A 681 -46.12 30.67 -56.08
N PRO A 682 -47.44 30.88 -56.02
CA PRO A 682 -48.05 31.93 -56.86
C PRO A 682 -47.55 33.33 -56.57
N LEU A 683 -46.95 33.57 -55.40
CA LEU A 683 -46.42 34.90 -55.09
C LEU A 683 -45.16 35.24 -55.88
N ALA A 684 -44.58 34.28 -56.60
CA ALA A 684 -43.33 34.51 -57.31
C ALA A 684 -43.48 35.60 -58.36
N GLY A 685 -42.51 36.51 -58.39
CA GLY A 685 -42.48 37.58 -59.36
C GLY A 685 -43.23 38.83 -58.96
N LEU A 686 -44.10 38.76 -57.95
CA LEU A 686 -44.87 39.93 -57.55
C LEU A 686 -44.04 40.91 -56.74
N GLY A 687 -43.12 40.41 -55.92
CA GLY A 687 -42.31 41.27 -55.10
C GLY A 687 -41.07 40.56 -54.59
N GLY A 688 -40.39 41.22 -53.66
CA GLY A 688 -39.17 40.68 -53.11
C GLY A 688 -38.76 41.40 -51.85
N MET A 689 -37.59 41.01 -51.33
CA MET A 689 -37.02 41.52 -50.11
C MET A 689 -35.75 42.31 -50.39
N THR A 690 -35.44 43.22 -49.48
CA THR A 690 -34.21 44.00 -49.54
C THR A 690 -33.71 44.20 -48.11
N SER A 691 -32.45 43.86 -47.87
CA SER A 691 -31.84 43.99 -46.56
C SER A 691 -31.04 45.29 -46.51
N LEU A 692 -31.41 46.17 -45.59
CA LEU A 692 -30.73 47.45 -45.38
C LEU A 692 -30.32 47.54 -43.91
N ALA A 693 -29.17 48.16 -43.67
CA ALA A 693 -28.58 48.23 -42.34
C ALA A 693 -28.99 49.56 -41.70
N LEU A 694 -30.03 49.51 -40.89
CA LEU A 694 -30.50 50.69 -40.17
C LEU A 694 -31.24 50.23 -38.93
N PRO A 695 -31.52 51.14 -38.00
CA PRO A 695 -32.42 50.78 -36.88
C PRO A 695 -33.83 50.55 -37.38
N HIS A 696 -34.61 49.87 -36.52
CA HIS A 696 -35.99 49.56 -36.88
C HIS A 696 -36.82 50.82 -37.08
N ASP A 697 -36.66 51.81 -36.20
CA ASP A 697 -37.42 53.05 -36.31
C ASP A 697 -37.07 53.79 -37.60
N GLN A 698 -35.78 53.84 -37.96
CA GLN A 698 -35.37 54.54 -39.16
C GLN A 698 -35.95 53.89 -40.41
N ALA A 699 -35.91 52.55 -40.48
CA ALA A 699 -36.52 51.87 -41.61
C ALA A 699 -38.02 52.09 -41.63
N LEU A 700 -38.65 52.07 -40.46
CA LEU A 700 -40.10 52.24 -40.39
C LEU A 700 -40.53 53.60 -40.91
N GLN A 701 -39.84 54.66 -40.47
CA GLN A 701 -40.17 56.00 -40.96
C GLN A 701 -39.67 56.24 -42.38
N LEU A 702 -38.72 55.44 -42.85
CA LEU A 702 -38.28 55.55 -44.24
C LEU A 702 -39.32 54.95 -45.20
N ILE A 703 -39.97 53.86 -44.79
CA ILE A 703 -40.99 53.25 -45.65
C ILE A 703 -42.32 53.99 -45.61
N GLN A 704 -42.41 55.09 -44.88
CA GLN A 704 -43.70 55.78 -44.73
C GLN A 704 -44.30 56.27 -46.05
N PRO A 705 -43.55 56.89 -46.98
CA PRO A 705 -44.19 57.35 -48.22
C PRO A 705 -44.81 56.23 -49.04
N TRP A 706 -44.23 55.04 -49.02
CA TRP A 706 -44.77 53.93 -49.80
C TRP A 706 -45.98 53.27 -49.14
N GLY A 707 -46.21 53.53 -47.85
CA GLY A 707 -47.40 53.02 -47.20
C GLY A 707 -47.45 51.51 -47.16
N GLN A 708 -48.62 50.97 -47.50
CA GLN A 708 -48.87 49.53 -47.41
C GLN A 708 -48.08 48.72 -48.44
N ASP A 709 -47.47 49.38 -49.44
CA ASP A 709 -46.75 48.64 -50.47
C ASP A 709 -45.58 47.86 -49.87
N LEU A 710 -44.85 48.47 -48.95
CA LEU A 710 -43.70 47.86 -48.28
C LEU A 710 -44.01 47.64 -46.82
N SER A 711 -43.19 46.79 -46.18
CA SER A 711 -43.34 46.51 -44.76
C SER A 711 -42.02 45.97 -44.24
N ILE A 712 -41.86 46.04 -42.92
CA ILE A 712 -40.67 45.53 -42.25
C ILE A 712 -40.78 44.02 -42.23
N ALA A 713 -39.99 43.34 -43.06
CA ALA A 713 -40.07 41.89 -43.15
C ALA A 713 -39.48 41.23 -41.92
N SER A 714 -38.30 41.70 -41.48
CA SER A 714 -37.62 41.07 -40.36
C SER A 714 -36.66 42.06 -39.72
N VAL A 715 -36.70 42.16 -38.40
CA VAL A 715 -35.74 42.96 -37.64
C VAL A 715 -34.67 42.00 -37.15
N ASN A 716 -33.65 41.79 -37.99
CA ASN A 716 -32.60 40.83 -37.66
C ASN A 716 -31.74 41.32 -36.50
N GLY A 717 -31.41 42.60 -36.49
CA GLY A 717 -30.55 43.16 -35.47
C GLY A 717 -30.73 44.66 -35.31
N PRO A 718 -29.99 45.26 -34.39
CA PRO A 718 -30.15 46.70 -34.15
C PRO A 718 -29.78 47.57 -35.34
N HIS A 719 -28.99 47.06 -36.29
CA HIS A 719 -28.65 47.78 -37.50
C HIS A 719 -28.71 46.85 -38.71
N SER A 720 -29.75 46.02 -38.77
CA SER A 720 -29.94 45.11 -39.90
C SER A 720 -31.42 44.76 -39.97
N THR A 721 -32.11 45.28 -40.98
CA THR A 721 -33.53 45.05 -41.16
C THR A 721 -33.81 44.73 -42.62
N VAL A 722 -34.69 43.76 -42.84
CA VAL A 722 -35.12 43.35 -44.18
C VAL A 722 -36.54 43.83 -44.38
N VAL A 723 -36.78 44.51 -45.51
CA VAL A 723 -38.07 45.05 -45.88
C VAL A 723 -38.55 44.33 -47.13
N SER A 724 -39.80 43.89 -47.12
CA SER A 724 -40.40 43.13 -48.21
C SER A 724 -41.52 43.93 -48.84
N GLY A 725 -41.72 43.74 -50.14
CA GLY A 725 -42.80 44.42 -50.82
C GLY A 725 -42.69 44.29 -52.32
N THR A 726 -43.57 45.03 -53.01
CA THR A 726 -43.69 44.91 -54.46
C THR A 726 -42.40 45.33 -55.14
N THR A 727 -42.16 44.73 -56.32
CA THR A 727 -40.90 44.94 -57.02
C THR A 727 -40.70 46.41 -57.39
N HIS A 728 -41.76 47.07 -57.85
CA HIS A 728 -41.64 48.47 -58.23
C HIS A 728 -41.30 49.34 -57.01
N ALA A 729 -42.05 49.15 -55.92
CA ALA A 729 -41.76 49.90 -54.70
C ALA A 729 -40.40 49.53 -54.13
N LEU A 730 -40.01 48.25 -54.27
CA LEU A 730 -38.70 47.83 -53.79
C LEU A 730 -37.59 48.53 -54.56
N ASP A 731 -37.73 48.65 -55.87
CA ASP A 731 -36.73 49.35 -56.67
C ASP A 731 -36.73 50.85 -56.34
N GLU A 732 -37.90 51.42 -56.09
CA GLU A 732 -37.98 52.82 -55.70
C GLU A 732 -37.23 53.06 -54.39
N LEU A 733 -37.45 52.18 -53.41
CA LEU A 733 -36.74 52.31 -52.14
C LEU A 733 -35.24 52.07 -52.31
N HIS A 734 -34.86 51.15 -53.21
CA HIS A 734 -33.44 50.95 -53.46
C HIS A 734 -32.80 52.20 -54.03
N THR A 735 -33.48 52.86 -54.98
CA THR A 735 -32.97 54.12 -55.52
C THR A 735 -32.89 55.19 -54.44
N THR A 736 -33.91 55.26 -53.58
CA THR A 736 -33.89 56.24 -52.50
C THR A 736 -32.71 56.00 -51.55
N CYS A 737 -32.45 54.73 -51.22
CA CYS A 737 -31.31 54.41 -50.36
C CYS A 737 -29.99 54.76 -51.04
N ASP A 738 -29.89 54.49 -52.34
CA ASP A 738 -28.68 54.87 -53.07
C ASP A 738 -28.48 56.37 -53.04
N THR A 739 -29.57 57.14 -53.15
CA THR A 739 -29.47 58.58 -52.99
C THR A 739 -29.03 58.95 -51.60
N GLN A 740 -29.55 58.25 -50.58
CA GLN A 740 -29.21 58.52 -49.18
C GLN A 740 -27.94 57.80 -48.74
N GLY A 741 -27.34 56.97 -49.58
CA GLY A 741 -26.12 56.27 -49.21
C GLY A 741 -26.29 55.26 -48.10
N VAL A 742 -27.36 54.46 -48.15
CA VAL A 742 -27.61 53.39 -47.20
C VAL A 742 -27.35 52.07 -47.90
N ARG A 743 -26.59 51.19 -47.24
CA ARG A 743 -26.16 49.93 -47.83
C ARG A 743 -27.36 48.98 -47.87
N ALA A 744 -28.18 49.13 -48.91
CA ALA A 744 -29.34 48.29 -49.12
C ALA A 744 -28.98 47.19 -50.13
N ARG A 745 -29.24 45.94 -49.75
CA ARG A 745 -28.92 44.77 -50.58
C ARG A 745 -30.20 44.01 -50.89
N ARG A 746 -30.39 43.69 -52.17
CA ARG A 746 -31.57 42.93 -52.60
C ARG A 746 -31.26 41.44 -52.47
N ILE A 747 -32.11 40.73 -51.74
CA ILE A 747 -31.93 39.30 -51.51
C ILE A 747 -32.33 38.57 -52.80
N PRO A 748 -31.68 37.43 -53.15
CA PRO A 748 -32.17 36.71 -54.35
C PRO A 748 -33.44 35.89 -54.06
N VAL A 749 -34.58 36.57 -54.11
CA VAL A 749 -35.88 35.96 -53.92
C VAL A 749 -36.89 36.66 -54.81
N ASP A 750 -37.78 35.88 -55.42
CA ASP A 750 -38.82 36.40 -56.30
C ASP A 750 -40.16 36.54 -55.60
N TYR A 751 -40.20 36.36 -54.27
CA TYR A 751 -41.44 36.30 -53.51
C TYR A 751 -41.33 37.20 -52.30
N ALA A 752 -42.39 37.96 -52.03
CA ALA A 752 -42.40 38.95 -50.96
C ALA A 752 -43.10 38.37 -49.73
N SER A 753 -42.36 37.55 -48.99
CA SER A 753 -42.90 37.00 -47.76
C SER A 753 -42.94 38.07 -46.67
N HIS A 754 -43.72 37.80 -45.62
CA HIS A 754 -43.87 38.71 -44.49
C HIS A 754 -44.39 40.07 -44.96
N SER A 755 -45.33 40.06 -45.89
CA SER A 755 -45.92 41.26 -46.45
C SER A 755 -47.41 41.05 -46.63
N ALA A 756 -48.10 42.10 -47.09
CA ALA A 756 -49.54 42.01 -47.27
C ALA A 756 -49.93 41.02 -48.36
N GLN A 757 -49.03 40.78 -49.33
CA GLN A 757 -49.37 39.96 -50.48
C GLN A 757 -49.79 38.56 -50.06
N VAL A 758 -49.22 38.04 -48.97
CA VAL A 758 -49.54 36.69 -48.52
C VAL A 758 -51.01 36.54 -48.16
N GLU A 759 -51.70 37.64 -47.83
CA GLU A 759 -53.13 37.55 -47.56
C GLU A 759 -53.88 36.97 -48.75
N SER A 760 -53.40 37.25 -49.97
CA SER A 760 -54.05 36.71 -51.16
C SER A 760 -54.08 35.19 -51.15
N ILE A 761 -53.12 34.54 -50.49
CA ILE A 761 -53.04 33.09 -50.39
C ILE A 761 -53.43 32.59 -49.00
N ARG A 762 -54.04 33.46 -48.17
CA ARG A 762 -54.21 33.18 -46.74
C ARG A 762 -54.91 31.85 -46.50
N ASP A 763 -56.04 31.64 -47.15
CA ASP A 763 -56.81 30.40 -46.94
C ASP A 763 -55.97 29.18 -47.29
N THR A 764 -55.20 29.25 -48.39
CA THR A 764 -54.36 28.11 -48.75
C THR A 764 -53.35 27.82 -47.66
N VAL A 765 -52.82 28.86 -47.02
CA VAL A 765 -51.89 28.65 -45.92
C VAL A 765 -52.58 27.91 -44.79
N LEU A 766 -53.85 28.25 -44.53
CA LEU A 766 -54.60 27.52 -43.51
C LEU A 766 -54.78 26.06 -43.90
N GLN A 767 -54.80 25.76 -45.20
CA GLN A 767 -54.88 24.37 -45.62
C GLN A 767 -53.54 23.65 -45.41
N ALA A 768 -52.43 24.39 -45.43
CA ALA A 768 -51.13 23.75 -45.30
C ALA A 768 -50.96 23.11 -43.94
N ALA A 769 -51.38 23.79 -42.88
CA ALA A 769 -51.18 23.35 -41.51
C ALA A 769 -52.34 22.50 -40.99
N THR A 770 -53.33 22.18 -41.80
CA THR A 770 -54.46 21.39 -41.35
C THR A 770 -54.02 19.96 -41.06
N GLY A 771 -54.63 19.36 -40.03
CA GLY A 771 -54.39 17.96 -39.71
C GLY A 771 -53.18 17.69 -38.85
N ILE A 772 -52.43 18.72 -38.46
CA ILE A 772 -51.25 18.51 -37.63
C ILE A 772 -51.67 18.27 -36.18
N ASN A 773 -50.72 17.75 -35.39
CA ASN A 773 -50.95 17.37 -34.00
C ASN A 773 -49.87 18.01 -33.14
N PRO A 774 -50.02 19.28 -32.77
CA PRO A 774 -49.00 19.93 -31.93
C PRO A 774 -48.93 19.29 -30.55
N GLN A 775 -47.75 19.34 -29.96
CA GLN A 775 -47.45 18.80 -28.65
C GLN A 775 -46.64 19.81 -27.86
N PRO A 776 -46.62 19.72 -26.52
CA PRO A 776 -45.79 20.64 -25.75
C PRO A 776 -44.31 20.46 -26.04
N THR A 777 -43.56 21.55 -25.92
CA THR A 777 -42.14 21.55 -26.27
C THR A 777 -41.34 20.84 -25.20
N THR A 778 -40.48 19.91 -25.63
CA THR A 778 -39.51 19.32 -24.71
C THR A 778 -38.38 20.30 -24.41
N ILE A 779 -37.90 20.99 -25.43
CA ILE A 779 -36.87 22.03 -25.31
C ILE A 779 -37.57 23.38 -25.43
N PRO A 780 -37.27 24.38 -24.55
CA PRO A 780 -37.98 25.66 -24.66
C PRO A 780 -37.79 26.34 -26.01
N LEU A 781 -38.88 26.46 -26.77
CA LEU A 781 -38.86 27.09 -28.08
C LEU A 781 -39.25 28.55 -27.94
N TYR A 782 -38.51 29.42 -28.63
CA TYR A 782 -38.73 30.86 -28.59
C TYR A 782 -39.32 31.29 -29.93
N SER A 783 -40.56 31.77 -29.90
CA SER A 783 -41.22 32.23 -31.11
C SER A 783 -40.76 33.62 -31.46
N THR A 784 -40.30 33.80 -32.70
CA THR A 784 -39.90 35.12 -33.17
C THR A 784 -41.09 36.02 -33.45
N VAL A 785 -42.29 35.46 -33.57
CA VAL A 785 -43.48 36.28 -33.77
C VAL A 785 -43.90 36.92 -32.45
N THR A 786 -44.06 36.13 -31.40
CA THR A 786 -44.50 36.65 -30.12
C THR A 786 -43.39 37.37 -29.37
N GLY A 787 -42.14 36.91 -29.51
CA GLY A 787 -41.02 37.52 -28.83
C GLY A 787 -40.69 36.96 -27.47
N GLN A 788 -41.19 35.76 -27.15
CA GLN A 788 -40.89 35.12 -25.87
C GLN A 788 -41.18 33.63 -26.05
N PRO A 789 -40.92 32.79 -25.03
CA PRO A 789 -41.25 31.36 -25.17
C PRO A 789 -42.73 31.14 -25.43
N ILE A 790 -43.01 30.13 -26.24
CA ILE A 790 -44.37 29.79 -26.66
C ILE A 790 -44.63 28.33 -26.30
N ASP A 791 -45.83 28.05 -25.81
CA ASP A 791 -46.21 26.69 -25.52
C ASP A 791 -46.27 25.87 -26.80
N GLY A 792 -45.84 24.62 -26.73
CA GLY A 792 -45.76 23.79 -27.92
C GLY A 792 -47.11 23.50 -28.55
N THR A 793 -48.14 23.34 -27.72
CA THR A 793 -49.47 23.04 -28.24
C THR A 793 -50.11 24.19 -28.98
N GLN A 794 -49.59 25.41 -28.85
CA GLN A 794 -50.18 26.58 -29.50
C GLN A 794 -49.78 26.71 -30.97
N LEU A 795 -48.89 25.86 -31.47
CA LEU A 795 -48.44 25.94 -32.86
C LEU A 795 -49.55 25.40 -33.76
N ASP A 796 -50.51 26.27 -34.06
CA ASP A 796 -51.66 25.95 -34.89
C ASP A 796 -51.53 26.64 -36.25
N ALA A 797 -52.54 26.44 -37.10
CA ALA A 797 -52.48 26.98 -38.45
C ALA A 797 -52.43 28.50 -38.44
N ASP A 798 -53.20 29.13 -37.54
CA ASP A 798 -53.16 30.59 -37.45
C ASP A 798 -51.77 31.07 -37.06
N TYR A 799 -51.07 30.33 -36.20
CA TYR A 799 -49.71 30.70 -35.84
C TYR A 799 -48.79 30.67 -37.05
N TRP A 800 -48.91 29.64 -37.89
CA TRP A 800 -48.04 29.55 -39.06
C TRP A 800 -48.39 30.64 -40.09
N TYR A 801 -49.68 30.96 -40.23
CA TYR A 801 -50.04 32.07 -41.10
C TYR A 801 -49.46 33.38 -40.60
N THR A 802 -49.53 33.62 -39.29
CA THR A 802 -48.93 34.83 -38.72
C THR A 802 -47.43 34.83 -38.94
N ASN A 803 -46.80 33.66 -38.81
CA ASN A 803 -45.36 33.55 -39.06
C ASN A 803 -45.02 33.95 -40.49
N LEU A 804 -45.83 33.51 -41.45
CA LEU A 804 -45.59 33.89 -42.83
C LEU A 804 -45.92 35.35 -43.09
N ARG A 805 -46.85 35.93 -42.32
CA ARG A 805 -47.36 37.26 -42.57
C ARG A 805 -46.69 38.31 -41.67
N HIS A 806 -46.80 38.15 -40.36
CA HIS A 806 -46.33 39.19 -39.46
C HIS A 806 -44.81 39.29 -39.46
N THR A 807 -44.32 40.48 -39.16
CA THR A 807 -42.89 40.75 -39.22
C THR A 807 -42.13 39.92 -38.20
N VAL A 808 -40.97 39.41 -38.61
CA VAL A 808 -40.11 38.67 -37.69
C VAL A 808 -39.45 39.66 -36.73
N ARG A 809 -39.37 39.27 -35.47
CA ARG A 809 -38.81 40.12 -34.41
C ARG A 809 -37.58 39.45 -33.81
N PHE A 810 -36.69 38.98 -34.70
CA PHE A 810 -35.53 38.20 -34.28
C PHE A 810 -34.69 38.94 -33.24
N GLU A 811 -34.53 40.26 -33.39
CA GLU A 811 -33.72 41.03 -32.46
C GLU A 811 -34.30 40.99 -31.06
N GLU A 812 -35.61 41.19 -30.93
CA GLU A 812 -36.24 41.23 -29.61
C GLU A 812 -36.13 39.88 -28.92
N THR A 813 -36.41 38.79 -29.65
CA THR A 813 -36.34 37.48 -29.02
C THR A 813 -34.90 37.09 -28.69
N THR A 814 -33.93 37.51 -29.51
CA THR A 814 -32.54 37.26 -29.15
C THR A 814 -32.14 38.01 -27.89
N ARG A 815 -32.59 39.27 -27.75
CA ARG A 815 -32.32 40.01 -26.54
C ARG A 815 -32.93 39.33 -25.33
N ALA A 816 -34.18 38.88 -25.47
CA ALA A 816 -34.84 38.17 -24.36
C ALA A 816 -34.11 36.88 -24.02
N LEU A 817 -33.67 36.15 -25.04
CA LEU A 817 -32.98 34.88 -24.81
C LEU A 817 -31.63 35.11 -24.12
N LEU A 818 -30.92 36.16 -24.50
CA LEU A 818 -29.71 36.52 -23.79
C LEU A 818 -30.00 36.94 -22.36
N GLY A 819 -31.15 37.59 -22.13
CA GLY A 819 -31.54 37.92 -20.78
C GLY A 819 -31.77 36.71 -19.91
N SER A 820 -32.11 35.56 -20.52
CA SER A 820 -32.36 34.33 -19.80
C SER A 820 -31.10 33.49 -19.59
N GLY A 821 -29.93 34.10 -19.68
CA GLY A 821 -28.69 33.40 -19.37
C GLY A 821 -28.14 32.53 -20.48
N HIS A 822 -28.73 32.56 -21.67
CA HIS A 822 -28.19 31.81 -22.79
C HIS A 822 -26.98 32.54 -23.36
N ARG A 823 -25.92 31.78 -23.65
CA ARG A 823 -24.63 32.35 -24.01
C ARG A 823 -23.98 31.74 -25.24
N HIS A 824 -24.46 30.61 -25.75
CA HIS A 824 -23.92 29.97 -26.94
C HIS A 824 -25.00 29.90 -28.00
N PHE A 825 -24.66 30.33 -29.21
CA PHE A 825 -25.57 30.35 -30.35
C PHE A 825 -24.93 29.55 -31.47
N ILE A 826 -25.45 28.34 -31.69
CA ILE A 826 -24.95 27.45 -32.73
C ILE A 826 -25.93 27.52 -33.89
N GLU A 827 -25.46 28.05 -35.03
CA GLU A 827 -26.26 28.04 -36.25
C GLU A 827 -26.08 26.70 -36.93
N THR A 828 -27.19 25.99 -37.14
CA THR A 828 -27.18 24.67 -37.77
C THR A 828 -27.36 24.75 -39.28
N THR A 829 -26.95 25.85 -39.89
CA THR A 829 -27.19 26.08 -41.31
C THR A 829 -26.12 25.40 -42.15
N ALA A 830 -26.29 25.51 -43.47
CA ALA A 830 -25.24 25.18 -44.42
C ALA A 830 -24.25 26.32 -44.61
N HIS A 831 -24.57 27.53 -44.14
CA HIS A 831 -23.66 28.66 -44.23
C HIS A 831 -24.21 29.74 -43.29
N PRO A 832 -23.38 30.39 -42.48
CA PRO A 832 -23.94 31.37 -41.52
C PRO A 832 -24.52 32.57 -42.25
N VAL A 833 -25.75 32.93 -41.87
CA VAL A 833 -26.46 34.04 -42.48
C VAL A 833 -26.91 35.05 -41.42
N LEU A 834 -27.13 34.58 -40.19
CA LEU A 834 -27.57 35.43 -39.08
C LEU A 834 -26.47 35.67 -38.05
N ALA A 835 -25.26 35.15 -38.27
CA ALA A 835 -24.18 35.35 -37.30
C ALA A 835 -23.85 36.82 -37.14
N LEU A 836 -23.90 37.58 -38.23
CA LEU A 836 -23.61 39.01 -38.15
C LEU A 836 -24.62 39.73 -37.26
N ALA A 837 -25.91 39.46 -37.47
CA ALA A 837 -26.94 40.11 -36.66
C ALA A 837 -26.86 39.67 -35.20
N LEU A 838 -26.61 38.38 -34.96
CA LEU A 838 -26.49 37.90 -33.59
C LEU A 838 -25.31 38.56 -32.88
N GLU A 839 -24.16 38.65 -33.54
CA GLU A 839 -23.00 39.30 -32.94
C GLU A 839 -23.27 40.78 -32.71
N GLU A 840 -23.98 41.42 -33.64
CA GLU A 840 -24.33 42.82 -33.47
C GLU A 840 -25.21 43.01 -32.23
N THR A 841 -26.19 42.14 -32.05
CA THR A 841 -27.02 42.22 -30.85
C THR A 841 -26.21 41.96 -29.60
N ILE A 842 -25.30 40.99 -29.65
CA ILE A 842 -24.50 40.64 -28.48
C ILE A 842 -23.62 41.80 -28.06
N GLU A 843 -22.96 42.44 -29.01
CA GLU A 843 -22.12 43.59 -28.65
C GLU A 843 -22.97 44.80 -28.27
N ALA A 844 -24.18 44.91 -28.83
CA ALA A 844 -25.06 46.01 -28.44
C ALA A 844 -25.48 45.88 -26.98
N THR A 845 -25.86 44.69 -26.54
CA THR A 845 -26.27 44.47 -25.16
C THR A 845 -25.09 44.23 -24.23
N GLY A 846 -23.86 44.19 -24.73
CA GLY A 846 -22.70 44.05 -23.86
C GLY A 846 -22.62 42.71 -23.16
N SER A 847 -22.94 41.62 -23.85
CA SER A 847 -22.82 40.28 -23.32
C SER A 847 -21.61 39.58 -23.92
N ASP A 848 -21.24 38.45 -23.32
CA ASP A 848 -20.06 37.69 -23.71
C ASP A 848 -20.41 36.44 -24.51
N ALA A 849 -21.59 36.41 -25.14
CA ALA A 849 -21.99 35.23 -25.89
C ALA A 849 -21.16 35.10 -27.16
N ARG A 850 -20.91 33.86 -27.57
CA ARG A 850 -20.11 33.53 -28.73
C ARG A 850 -20.98 32.79 -29.75
N VAL A 851 -20.96 33.26 -30.99
CA VAL A 851 -21.76 32.70 -32.08
C VAL A 851 -20.88 31.78 -32.91
N THR A 852 -21.49 30.71 -33.43
CA THR A 852 -20.79 29.74 -34.26
C THR A 852 -21.72 29.25 -35.36
N GLY A 853 -21.12 28.67 -36.39
CA GLY A 853 -21.87 28.05 -37.46
C GLY A 853 -21.35 26.64 -37.71
N THR A 854 -22.16 25.86 -38.44
CA THR A 854 -21.83 24.47 -38.70
C THR A 854 -21.01 24.31 -39.97
N LEU A 855 -21.56 24.73 -41.10
CA LEU A 855 -20.90 24.66 -42.40
C LEU A 855 -20.73 26.07 -42.96
N ARG A 856 -20.09 26.15 -44.12
CA ARG A 856 -19.84 27.42 -44.78
C ARG A 856 -19.91 27.19 -46.28
N ARG A 857 -20.05 28.29 -47.02
CA ARG A 857 -20.19 28.20 -48.47
C ARG A 857 -18.97 27.52 -49.09
N ASP A 858 -19.22 26.54 -49.96
CA ASP A 858 -18.16 25.72 -50.56
C ASP A 858 -17.34 25.00 -49.50
N HIS A 859 -17.95 24.68 -48.36
CA HIS A 859 -17.27 23.97 -47.28
C HIS A 859 -18.33 23.17 -46.53
N GLY A 860 -18.47 21.90 -46.88
CA GLY A 860 -19.47 21.04 -46.25
C GLY A 860 -18.99 19.62 -46.03
N ASP A 861 -17.68 19.43 -45.89
CA ASP A 861 -17.11 18.12 -45.65
C ASP A 861 -16.91 17.91 -44.16
N LEU A 862 -16.34 16.75 -43.79
CA LEU A 862 -16.11 16.47 -42.38
C LEU A 862 -15.13 17.46 -41.76
N THR A 863 -14.21 18.00 -42.56
CA THR A 863 -13.25 18.96 -42.04
C THR A 863 -13.94 20.19 -41.48
N GLN A 864 -14.91 20.73 -42.21
CA GLN A 864 -15.61 21.91 -41.72
C GLN A 864 -16.48 21.59 -40.52
N LEU A 865 -17.07 20.39 -40.49
CA LEU A 865 -17.86 19.97 -39.34
C LEU A 865 -17.00 19.90 -38.09
N HIS A 866 -15.82 19.28 -38.20
CA HIS A 866 -14.91 19.21 -37.06
C HIS A 866 -14.37 20.58 -36.69
N THR A 867 -14.19 21.46 -37.68
CA THR A 867 -13.81 22.84 -37.36
C THR A 867 -14.88 23.53 -36.53
N ALA A 868 -16.14 23.36 -36.90
CA ALA A 868 -17.23 23.94 -36.12
C ALA A 868 -17.28 23.35 -34.72
N LEU A 869 -17.12 22.02 -34.61
CA LEU A 869 -17.14 21.39 -33.31
C LEU A 869 -16.00 21.88 -32.43
N ALA A 870 -14.79 22.01 -33.00
CA ALA A 870 -13.65 22.49 -32.26
C ALA A 870 -13.84 23.94 -31.83
N THR A 871 -14.44 24.77 -32.70
CA THR A 871 -14.73 26.14 -32.33
C THR A 871 -15.71 26.19 -31.17
N ALA A 872 -16.75 25.36 -31.21
CA ALA A 872 -17.72 25.31 -30.13
C ALA A 872 -17.06 24.87 -28.83
N TRP A 873 -16.19 23.85 -28.89
CA TRP A 873 -15.50 23.39 -27.70
C TRP A 873 -14.59 24.48 -27.14
N THR A 874 -13.87 25.17 -28.03
CA THR A 874 -13.01 26.27 -27.60
C THR A 874 -13.81 27.37 -26.94
N HIS A 875 -15.05 27.59 -27.39
CA HIS A 875 -15.91 28.55 -26.72
C HIS A 875 -16.45 28.05 -25.39
N GLY A 876 -16.24 26.77 -25.06
CA GLY A 876 -16.63 26.22 -23.78
C GLY A 876 -17.81 25.28 -23.79
N ILE A 877 -18.31 24.90 -24.96
CA ILE A 877 -19.45 23.98 -25.05
C ILE A 877 -18.92 22.56 -24.93
N ASP A 878 -19.48 21.81 -23.98
CA ASP A 878 -19.08 20.42 -23.82
C ASP A 878 -19.44 19.62 -25.06
N VAL A 879 -18.50 18.80 -25.52
CA VAL A 879 -18.65 17.99 -26.73
C VAL A 879 -18.25 16.57 -26.39
N ASP A 880 -19.10 15.61 -26.77
CA ASP A 880 -18.80 14.20 -26.56
C ASP A 880 -17.80 13.77 -27.63
N TRP A 881 -16.51 13.95 -27.31
CA TRP A 881 -15.46 13.62 -28.27
C TRP A 881 -15.35 12.13 -28.52
N THR A 882 -15.94 11.29 -27.66
CA THR A 882 -15.95 9.85 -27.92
C THR A 882 -16.66 9.54 -29.22
N ALA A 883 -17.82 10.16 -29.46
CA ALA A 883 -18.54 9.95 -30.70
C ALA A 883 -17.76 10.45 -31.90
N VAL A 884 -17.13 11.63 -31.77
CA VAL A 884 -16.42 12.22 -32.90
C VAL A 884 -15.20 11.38 -33.27
N LEU A 885 -14.45 10.93 -32.27
CA LEU A 885 -13.16 10.27 -32.48
C LEU A 885 -13.25 8.76 -32.32
N GLY A 886 -13.81 8.28 -31.21
CA GLY A 886 -13.96 6.86 -31.01
C GLY A 886 -14.11 6.53 -29.54
N ASP A 887 -14.47 5.26 -29.30
CA ASP A 887 -14.61 4.79 -27.93
C ASP A 887 -13.26 4.57 -27.27
N ARG A 888 -12.31 4.00 -28.01
CA ARG A 888 -10.99 3.70 -27.44
C ARG A 888 -10.00 3.49 -28.58
N ARG A 889 -8.95 4.31 -28.60
CA ARG A 889 -7.85 4.19 -29.54
C ARG A 889 -6.63 3.67 -28.79
N THR A 890 -5.53 3.53 -29.51
CA THR A 890 -4.29 3.11 -28.87
C THR A 890 -3.82 4.22 -27.93
N PRO A 891 -3.29 3.88 -26.74
CA PRO A 891 -2.82 4.95 -25.84
C PRO A 891 -1.63 5.69 -26.44
N PHE A 892 -1.53 6.97 -26.09
CA PHE A 892 -0.44 7.83 -26.52
C PHE A 892 0.09 8.60 -25.33
N GLU A 893 1.41 8.64 -25.18
CA GLU A 893 2.06 9.30 -24.06
C GLU A 893 2.27 10.77 -24.40
N LEU A 894 1.35 11.62 -23.99
CA LEU A 894 1.47 13.05 -24.21
C LEU A 894 2.32 13.68 -23.11
N PRO A 895 2.91 14.86 -23.36
CA PRO A 895 3.62 15.55 -22.29
C PRO A 895 2.66 16.01 -21.21
N THR A 896 3.16 16.05 -19.98
CA THR A 896 2.35 16.48 -18.84
C THR A 896 2.13 17.99 -18.91
N TYR A 897 1.41 18.52 -17.92
CA TYR A 897 1.09 19.93 -17.90
C TYR A 897 2.34 20.77 -17.74
N ALA A 898 2.39 21.89 -18.45
CA ALA A 898 3.52 22.82 -18.41
C ALA A 898 3.24 23.84 -17.31
N PHE A 899 3.67 23.52 -16.09
CA PHE A 899 3.41 24.41 -14.97
C PHE A 899 4.21 25.70 -15.11
N GLN A 900 3.58 26.82 -14.74
CA GLN A 900 4.22 28.13 -14.72
C GLN A 900 4.55 28.43 -13.26
N ARG A 901 5.76 28.04 -12.85
CA ARG A 901 6.15 28.06 -11.45
C ARG A 901 6.69 29.43 -11.04
N GLN A 902 6.63 29.68 -9.74
CA GLN A 902 7.22 30.87 -9.14
C GLN A 902 7.91 30.47 -7.85
N ARG A 903 8.93 31.25 -7.48
CA ARG A 903 9.71 30.94 -6.28
C ARG A 903 8.91 31.21 -5.03
N TYR A 904 8.89 30.25 -4.11
CA TYR A 904 8.21 30.37 -2.83
C TYR A 904 9.11 29.80 -1.76
N TRP A 905 9.69 30.67 -0.94
CA TRP A 905 10.61 30.26 0.11
C TRP A 905 10.49 31.24 1.27
N LEU A 906 10.75 30.73 2.48
CA LEU A 906 10.64 31.53 3.69
C LEU A 906 12.00 32.16 4.03
N GLU A 907 12.00 33.48 4.24
CA GLU A 907 13.18 34.23 4.60
C GLU A 907 13.25 34.40 6.13
N PRO A 908 14.43 34.56 6.72
CA PRO A 908 14.48 34.70 8.18
C PRO A 908 14.00 36.06 8.66
N VAL B 2 -20.35 -51.27 -6.53
CA VAL B 2 -20.58 -49.86 -6.24
C VAL B 2 -20.73 -49.09 -7.55
N THR B 3 -21.87 -48.44 -7.74
CA THR B 3 -22.16 -47.68 -8.95
C THR B 3 -22.02 -46.18 -8.70
N ASP B 4 -22.36 -45.40 -9.73
CA ASP B 4 -22.03 -43.98 -9.73
C ASP B 4 -22.78 -43.21 -8.65
N SER B 5 -23.98 -43.69 -8.28
CA SER B 5 -24.76 -42.99 -7.25
C SER B 5 -24.01 -42.97 -5.93
N GLU B 6 -23.42 -44.10 -5.54
CA GLU B 6 -22.57 -44.13 -4.36
C GLU B 6 -21.33 -43.26 -4.55
N LYS B 7 -20.73 -43.34 -5.73
CA LYS B 7 -19.41 -42.75 -5.94
C LYS B 7 -19.47 -41.22 -5.89
N VAL B 8 -20.41 -40.62 -6.61
CA VAL B 8 -20.44 -39.18 -6.76
C VAL B 8 -20.84 -38.49 -5.46
N ALA B 9 -21.57 -39.18 -4.57
CA ALA B 9 -21.99 -38.57 -3.32
C ALA B 9 -20.79 -38.19 -2.45
N GLU B 10 -19.81 -39.07 -2.35
CA GLU B 10 -18.61 -38.77 -1.57
C GLU B 10 -17.84 -37.60 -2.15
N TYR B 11 -17.73 -37.57 -3.48
CA TYR B 11 -17.05 -36.44 -4.13
C TYR B 11 -17.79 -35.14 -3.85
N LEU B 12 -19.11 -35.18 -3.89
CA LEU B 12 -19.89 -33.98 -3.58
C LEU B 12 -19.67 -33.55 -2.13
N ARG B 13 -19.63 -34.50 -1.20
CA ARG B 13 -19.40 -34.15 0.20
C ARG B 13 -18.02 -33.51 0.37
N ARG B 14 -16.99 -34.08 -0.25
CA ARG B 14 -15.66 -33.50 -0.15
C ARG B 14 -15.63 -32.11 -0.79
N ALA B 15 -16.27 -31.95 -1.95
CA ALA B 15 -16.28 -30.68 -2.64
C ALA B 15 -16.98 -29.59 -1.84
N THR B 16 -18.13 -29.88 -1.24
CA THR B 16 -18.82 -28.87 -0.46
C THR B 16 -18.16 -28.61 0.88
N LEU B 17 -17.51 -29.61 1.48
CA LEU B 17 -16.69 -29.32 2.66
C LEU B 17 -15.56 -28.37 2.32
N ASP B 18 -14.88 -28.61 1.19
CA ASP B 18 -13.83 -27.69 0.76
C ASP B 18 -14.40 -26.32 0.46
N LEU B 19 -15.59 -26.25 -0.13
CA LEU B 19 -16.24 -24.97 -0.39
C LEU B 19 -16.50 -24.22 0.91
N ARG B 20 -17.02 -24.92 1.93
CA ARG B 20 -17.27 -24.29 3.21
C ARG B 20 -15.97 -23.80 3.83
N ALA B 21 -14.91 -24.60 3.74
CA ALA B 21 -13.62 -24.19 4.27
C ALA B 21 -13.09 -22.95 3.56
N ALA B 22 -13.22 -22.92 2.24
CA ALA B 22 -12.73 -21.77 1.47
C ALA B 22 -13.54 -20.51 1.81
N ARG B 23 -14.86 -20.64 1.93
CA ARG B 23 -15.67 -19.49 2.29
C ARG B 23 -15.33 -19.00 3.70
N GLN B 24 -15.09 -19.94 4.62
CA GLN B 24 -14.66 -19.57 5.96
C GLN B 24 -13.33 -18.83 5.91
N ARG B 25 -12.40 -19.29 5.06
CA ARG B 25 -11.12 -18.62 4.91
C ARG B 25 -11.31 -17.20 4.37
N ILE B 26 -12.20 -17.04 3.39
CA ILE B 26 -12.46 -15.72 2.83
C ILE B 26 -12.99 -14.79 3.90
N ARG B 27 -13.93 -15.28 4.71
CA ARG B 27 -14.41 -14.48 5.83
C ARG B 27 -13.32 -14.24 6.86
N GLU B 28 -12.37 -15.17 6.97
CA GLU B 28 -11.33 -15.11 7.99
C GLU B 28 -10.20 -14.15 7.65
N LEU B 29 -10.00 -13.83 6.37
CA LEU B 29 -9.03 -12.81 5.97
C LEU B 29 -9.68 -11.57 5.38
N GLU B 30 -10.97 -11.36 5.66
CA GLU B 30 -11.70 -10.18 5.21
C GLU B 30 -12.39 -9.42 6.33
N SER B 31 -12.99 -10.13 7.29
CA SER B 31 -13.72 -9.51 8.39
C SER B 31 -13.48 -10.27 9.69
N GLU B 32 -12.24 -10.64 9.95
CA GLU B 32 -11.92 -11.34 11.18
C GLU B 32 -12.16 -10.42 12.38
N PRO B 33 -12.74 -10.92 13.48
CA PRO B 33 -12.77 -10.11 14.70
C PRO B 33 -11.40 -10.10 15.37
N ILE B 34 -10.93 -8.92 15.74
CA ILE B 34 -9.60 -8.73 16.32
C ILE B 34 -9.77 -8.40 17.79
N ALA B 35 -9.17 -9.22 18.66
CA ALA B 35 -9.35 -9.10 20.09
C ALA B 35 -8.34 -8.15 20.70
N ILE B 36 -8.81 -7.27 21.58
CA ILE B 36 -7.95 -6.35 22.32
C ILE B 36 -7.55 -7.07 23.60
N ILE B 37 -6.35 -7.68 23.59
CA ILE B 37 -5.90 -8.46 24.73
C ILE B 37 -5.18 -7.63 25.78
N GLY B 38 -4.66 -6.46 25.42
CA GLY B 38 -3.95 -5.62 26.36
C GLY B 38 -4.24 -4.15 26.11
N MET B 39 -4.11 -3.36 27.17
CA MET B 39 -4.48 -1.96 27.13
C MET B 39 -3.51 -1.17 28.00
N ALA B 40 -3.24 0.08 27.61
CA ALA B 40 -2.47 0.96 28.47
C ALA B 40 -2.71 2.40 28.05
N CYS B 41 -2.68 3.31 29.03
CA CYS B 41 -2.95 4.71 28.75
C CYS B 41 -2.36 5.56 29.87
N ARG B 42 -2.07 6.81 29.54
CA ARG B 42 -1.52 7.78 30.50
C ARG B 42 -2.14 9.15 30.29
N LEU B 43 -3.46 9.20 30.10
CA LEU B 43 -4.15 10.45 29.79
C LEU B 43 -4.00 11.48 30.91
N PRO B 44 -4.40 12.75 30.69
CA PRO B 44 -4.30 13.75 31.76
C PRO B 44 -5.19 13.42 32.96
N GLY B 45 -5.15 14.28 33.98
CA GLY B 45 -5.93 14.05 35.17
C GLY B 45 -5.39 12.99 36.09
N GLY B 46 -4.09 12.70 36.02
CA GLY B 46 -3.52 11.66 36.84
C GLY B 46 -3.87 10.25 36.42
N VAL B 47 -4.28 10.06 35.17
CA VAL B 47 -4.62 8.73 34.67
C VAL B 47 -3.32 8.00 34.33
N ASP B 48 -3.19 6.78 34.85
CA ASP B 48 -2.02 5.94 34.60
C ASP B 48 -2.37 4.57 34.05
N SER B 49 -3.64 4.22 33.93
CA SER B 49 -4.04 2.90 33.47
C SER B 49 -5.49 3.00 32.99
N PRO B 50 -6.00 1.96 32.32
CA PRO B 50 -7.41 1.99 31.92
C PRO B 50 -8.36 2.15 33.09
N GLU B 51 -8.04 1.57 34.25
CA GLU B 51 -8.89 1.75 35.42
C GLU B 51 -8.90 3.21 35.86
N GLY B 52 -7.77 3.90 35.73
CA GLY B 52 -7.75 5.33 36.04
C GLY B 52 -8.67 6.13 35.13
N LEU B 53 -8.66 5.83 33.84
CA LEU B 53 -9.56 6.51 32.92
C LEU B 53 -11.01 6.18 33.24
N TRP B 54 -11.29 4.93 33.61
CA TRP B 54 -12.65 4.56 33.97
C TRP B 54 -13.11 5.34 35.21
N GLU B 55 -12.22 5.47 36.20
CA GLU B 55 -12.57 6.25 37.39
C GLU B 55 -12.77 7.72 37.03
N LEU B 56 -11.97 8.25 36.11
CA LEU B 56 -12.12 9.64 35.72
C LEU B 56 -13.45 9.90 35.03
N VAL B 57 -13.80 9.07 34.04
CA VAL B 57 -15.03 9.30 33.29
C VAL B 57 -16.25 8.98 34.15
N ASP B 58 -16.17 7.90 34.94
CA ASP B 58 -17.32 7.52 35.76
C ASP B 58 -17.62 8.57 36.82
N SER B 59 -16.58 9.15 37.41
CA SER B 59 -16.77 10.18 38.43
C SER B 59 -17.11 11.54 37.86
N GLY B 60 -17.10 11.70 36.54
CA GLY B 60 -17.38 12.99 35.94
C GLY B 60 -16.34 14.04 36.25
N THR B 61 -15.06 13.67 36.20
CA THR B 61 -13.97 14.59 36.51
C THR B 61 -13.52 15.32 35.25
N ASP B 62 -13.30 16.62 35.39
CA ASP B 62 -12.84 17.49 34.31
C ASP B 62 -11.35 17.72 34.52
N ALA B 63 -10.52 17.02 33.75
CA ALA B 63 -9.05 17.09 33.91
C ALA B 63 -8.49 18.18 33.00
N ILE B 64 -8.76 19.42 33.39
CA ILE B 64 -8.27 20.60 32.70
C ILE B 64 -7.62 21.51 33.74
N ALA B 65 -6.33 21.82 33.55
CA ALA B 65 -5.57 22.62 34.50
C ALA B 65 -4.67 23.57 33.72
N GLY B 66 -3.99 24.44 34.46
CA GLY B 66 -3.15 25.46 33.86
C GLY B 66 -1.96 24.88 33.15
N PHE B 67 -1.19 25.76 32.52
CA PHE B 67 -0.04 25.35 31.74
C PHE B 67 1.04 24.75 32.65
N PRO B 68 1.93 23.92 32.10
CA PRO B 68 3.07 23.47 32.90
C PRO B 68 4.05 24.60 33.11
N LEU B 69 4.59 24.69 34.33
CA LEU B 69 5.54 25.73 34.70
C LEU B 69 6.98 25.23 34.71
N ASP B 70 7.24 24.06 34.14
CA ASP B 70 8.56 23.44 34.13
C ASP B 70 8.94 23.02 32.71
N ARG B 71 8.70 23.92 31.75
CA ARG B 71 9.04 23.68 30.36
C ARG B 71 9.64 24.90 29.67
N GLY B 72 9.93 25.97 30.41
CA GLY B 72 10.49 27.16 29.80
C GLY B 72 9.49 27.98 29.01
N TRP B 73 8.20 27.79 29.26
CA TRP B 73 7.17 28.54 28.54
C TRP B 73 6.95 29.89 29.23
N ASP B 74 6.87 30.95 28.43
CA ASP B 74 6.58 32.29 28.94
C ASP B 74 5.08 32.41 29.18
N VAL B 75 4.60 31.66 30.19
CA VAL B 75 3.17 31.51 30.40
C VAL B 75 2.51 32.84 30.73
N GLU B 76 3.20 33.69 31.51
CA GLU B 76 2.61 34.95 31.92
C GLU B 76 2.41 35.88 30.73
N GLY B 77 3.39 35.97 29.85
CA GLY B 77 3.32 36.85 28.70
C GLY B 77 2.82 36.16 27.46
N MET B 78 1.81 35.29 27.62
CA MET B 78 1.24 34.52 26.52
C MET B 78 -0.28 34.47 26.54
N TYR B 79 -0.96 34.97 27.57
CA TYR B 79 -2.41 34.80 27.66
C TYR B 79 -3.11 35.65 26.61
N ASP B 80 -3.03 36.99 26.73
CA ASP B 80 -3.49 37.95 25.73
C ASP B 80 -4.89 37.64 25.19
N PRO B 81 -5.96 37.95 25.93
CA PRO B 81 -7.29 37.57 25.44
C PRO B 81 -7.74 38.42 24.26
N ASP B 82 -7.17 38.14 23.09
CA ASP B 82 -7.54 38.81 21.85
C ASP B 82 -7.74 37.85 20.68
N ALA B 83 -7.12 36.67 20.68
CA ALA B 83 -7.28 35.64 19.66
C ALA B 83 -6.77 36.07 18.29
N GLU B 84 -6.04 37.18 18.20
CA GLU B 84 -5.50 37.66 16.93
C GLU B 84 -4.07 38.18 17.03
N ALA B 85 -3.54 38.44 18.22
CA ALA B 85 -2.20 39.00 18.32
C ALA B 85 -1.17 37.97 17.87
N PRO B 86 -0.02 38.40 17.35
CA PRO B 86 0.95 37.43 16.82
C PRO B 86 1.57 36.59 17.93
N GLY B 87 1.56 35.28 17.72
CA GLY B 87 2.27 34.37 18.62
C GLY B 87 1.79 34.39 20.05
N LYS B 88 0.48 34.49 20.27
CA LYS B 88 -0.10 34.52 21.60
C LYS B 88 -1.42 33.77 21.59
N THR B 89 -1.66 33.00 22.64
CA THR B 89 -2.86 32.17 22.73
C THR B 89 -4.03 33.03 23.20
N TYR B 90 -5.15 32.38 23.54
CA TYR B 90 -6.14 32.94 24.45
C TYR B 90 -6.68 31.87 25.39
N VAL B 91 -5.98 30.74 25.52
CA VAL B 91 -6.41 29.61 26.33
C VAL B 91 -5.43 29.49 27.49
N LYS B 92 -5.96 29.53 28.72
CA LYS B 92 -5.12 29.46 29.90
C LYS B 92 -4.86 28.03 30.36
N GLU B 93 -5.78 27.11 30.11
CA GLU B 93 -5.75 25.77 30.67
C GLU B 93 -5.98 24.74 29.57
N ALA B 94 -5.48 23.53 29.81
CA ALA B 94 -5.69 22.41 28.91
C ALA B 94 -5.27 21.15 29.63
N GLY B 95 -5.53 20.01 29.02
CA GLY B 95 -5.22 18.74 29.64
C GLY B 95 -3.78 18.33 29.39
N PHE B 96 -2.91 18.61 30.34
CA PHE B 96 -1.47 18.41 30.17
C PHE B 96 -1.03 17.18 30.94
N LEU B 97 -0.22 16.35 30.29
CA LEU B 97 0.38 15.17 30.91
C LEU B 97 1.63 15.66 31.63
N TYR B 98 1.44 16.04 32.91
CA TYR B 98 2.48 16.79 33.62
C TYR B 98 3.74 15.96 33.82
N ASP B 99 3.62 14.64 33.96
CA ASP B 99 4.77 13.75 34.02
C ASP B 99 5.22 13.32 32.63
N ALA B 100 5.36 14.28 31.72
CA ALA B 100 5.80 13.98 30.36
C ALA B 100 7.29 13.69 30.31
N GLY B 101 8.10 14.48 31.00
CA GLY B 101 9.52 14.23 31.05
C GLY B 101 9.91 13.05 31.90
N GLU B 102 8.98 12.50 32.69
CA GLU B 102 9.33 11.41 33.59
C GLU B 102 9.54 10.13 32.80
N PHE B 103 10.62 9.42 33.12
CA PHE B 103 11.00 8.24 32.36
C PHE B 103 12.03 7.44 33.16
N ASP B 104 11.75 6.14 33.35
CA ASP B 104 12.68 5.25 34.03
C ASP B 104 13.73 4.80 33.01
N ALA B 105 14.74 5.66 32.82
CA ALA B 105 15.75 5.40 31.82
C ALA B 105 16.56 4.15 32.14
N GLY B 106 16.83 3.92 33.42
CA GLY B 106 17.64 2.77 33.81
C GLY B 106 16.97 1.45 33.49
N PHE B 107 15.64 1.41 33.49
CA PHE B 107 14.93 0.15 33.22
C PHE B 107 15.21 -0.35 31.82
N PHE B 108 15.19 0.53 30.83
CA PHE B 108 15.34 0.16 29.43
C PHE B 108 16.79 0.17 28.95
N GLY B 109 17.75 0.45 29.83
CA GLY B 109 19.14 0.51 29.42
C GLY B 109 19.55 1.81 28.76
N ILE B 110 18.72 2.84 28.82
CA ILE B 110 19.02 4.13 28.21
C ILE B 110 19.75 4.98 29.24
N SER B 111 20.85 5.60 28.83
CA SER B 111 21.61 6.46 29.73
C SER B 111 20.91 7.81 29.89
N PRO B 112 21.23 8.56 30.95
CA PRO B 112 20.63 9.90 31.08
C PRO B 112 20.98 10.84 29.94
N ARG B 113 22.19 10.72 29.40
CA ARG B 113 22.58 11.58 28.27
C ARG B 113 21.70 11.31 27.07
N GLU B 114 21.41 10.04 26.78
CA GLU B 114 20.49 9.72 25.70
C GLU B 114 19.05 10.04 26.09
N ALA B 115 18.70 9.86 27.36
CA ALA B 115 17.32 10.09 27.79
C ALA B 115 16.93 11.55 27.62
N VAL B 116 17.81 12.47 28.01
CA VAL B 116 17.49 13.89 27.86
C VAL B 116 17.40 14.29 26.40
N SER B 117 18.28 13.72 25.56
CA SER B 117 18.27 13.96 24.12
C SER B 117 17.42 12.89 23.43
N MET B 118 16.13 12.92 23.74
CA MET B 118 15.19 11.94 23.21
C MET B 118 13.78 12.48 23.43
N ASP B 119 12.94 12.36 22.41
CA ASP B 119 11.64 13.00 22.46
C ASP B 119 10.80 12.38 23.57
N PRO B 120 10.00 13.17 24.31
CA PRO B 120 9.11 12.55 25.31
C PRO B 120 8.11 11.59 24.72
N GLN B 121 7.75 11.74 23.44
CA GLN B 121 6.84 10.80 22.81
C GLN B 121 7.43 9.39 22.81
N GLN B 122 8.72 9.27 22.51
CA GLN B 122 9.35 7.96 22.52
C GLN B 122 9.35 7.35 23.92
N ARG B 123 9.64 8.17 24.93
CA ARG B 123 9.65 7.67 26.31
C ARG B 123 8.27 7.19 26.74
N LEU B 124 7.25 8.02 26.46
CA LEU B 124 5.89 7.64 26.82
C LEU B 124 5.45 6.40 26.07
N MET B 125 5.80 6.29 24.79
CA MET B 125 5.45 5.11 24.03
C MET B 125 6.12 3.87 24.57
N LEU B 126 7.39 3.99 24.98
CA LEU B 126 8.08 2.84 25.57
C LEU B 126 7.39 2.38 26.85
N GLU B 127 7.09 3.34 27.73
CA GLU B 127 6.43 2.99 29.00
C GLU B 127 5.06 2.39 28.75
N ALA B 128 4.27 2.99 27.86
CA ALA B 128 2.94 2.48 27.58
C ALA B 128 2.99 1.11 26.93
N SER B 129 3.97 0.89 26.04
CA SER B 129 4.11 -0.42 25.42
C SER B 129 4.42 -1.50 26.45
N TRP B 130 5.35 -1.20 27.36
CA TRP B 130 5.67 -2.18 28.39
C TRP B 130 4.47 -2.45 29.28
N GLU B 131 3.76 -1.39 29.68
CA GLU B 131 2.59 -1.57 30.53
C GLU B 131 1.50 -2.37 29.83
N ALA B 132 1.28 -2.10 28.54
CA ALA B 132 0.25 -2.81 27.81
C ALA B 132 0.60 -4.27 27.64
N PHE B 133 1.87 -4.57 27.35
CA PHE B 133 2.27 -5.98 27.24
C PHE B 133 2.14 -6.69 28.58
N GLU B 134 2.45 -6.00 29.68
CA GLU B 134 2.27 -6.60 30.99
C GLU B 134 0.79 -6.86 31.28
N ARG B 135 -0.07 -5.90 30.95
CA ARG B 135 -1.49 -6.04 31.20
C ARG B 135 -2.15 -7.09 30.31
N ALA B 136 -1.48 -7.50 29.24
CA ALA B 136 -2.00 -8.54 28.36
C ALA B 136 -1.72 -9.95 28.87
N GLY B 137 -1.07 -10.09 30.02
CA GLY B 137 -0.63 -11.39 30.46
C GLY B 137 0.59 -11.92 29.73
N LEU B 138 1.27 -11.06 28.98
CA LEU B 138 2.45 -11.44 28.20
C LEU B 138 3.70 -10.92 28.89
N ASP B 139 4.66 -11.80 29.09
CA ASP B 139 5.97 -11.39 29.58
C ASP B 139 6.63 -10.51 28.53
N PRO B 140 6.79 -9.20 28.73
CA PRO B 140 7.33 -8.37 27.64
C PRO B 140 8.75 -8.75 27.23
N ALA B 141 9.52 -9.38 28.10
CA ALA B 141 10.86 -9.82 27.74
C ALA B 141 10.86 -11.06 26.87
N ARG B 142 9.77 -11.82 26.85
CA ARG B 142 9.67 -13.03 26.04
C ARG B 142 9.14 -12.75 24.63
N GLN B 143 8.83 -11.50 24.30
CA GLN B 143 8.41 -11.14 22.95
C GLN B 143 9.57 -11.05 21.97
N ARG B 144 10.81 -11.21 22.44
CA ARG B 144 11.95 -11.17 21.55
C ARG B 144 11.86 -12.27 20.50
N GLY B 145 12.09 -11.90 19.24
CA GLY B 145 12.05 -12.85 18.15
C GLY B 145 10.68 -13.15 17.60
N THR B 146 9.63 -12.50 18.10
CA THR B 146 8.27 -12.74 17.66
C THR B 146 7.83 -11.64 16.70
N ALA B 147 7.11 -12.02 15.65
CA ALA B 147 6.63 -11.08 14.64
C ALA B 147 5.45 -10.32 15.21
N THR B 148 5.76 -9.23 15.93
CA THR B 148 4.76 -8.36 16.53
C THR B 148 4.88 -6.98 15.89
N GLY B 149 3.77 -6.47 15.35
CA GLY B 149 3.79 -5.18 14.73
C GLY B 149 3.68 -4.05 15.74
N VAL B 150 4.11 -2.87 15.31
CA VAL B 150 4.03 -1.66 16.14
C VAL B 150 3.55 -0.50 15.26
N PHE B 151 2.26 -0.21 15.31
CA PHE B 151 1.64 0.84 14.50
C PHE B 151 1.28 1.99 15.42
N VAL B 152 1.98 3.11 15.27
CA VAL B 152 1.87 4.24 16.19
C VAL B 152 1.44 5.48 15.42
N GLY B 153 0.44 6.18 15.95
CA GLY B 153 0.03 7.45 15.40
C GLY B 153 0.69 8.61 16.13
N ALA B 154 1.78 9.13 15.58
CA ALA B 154 2.56 10.18 16.20
C ALA B 154 2.90 11.26 15.19
N THR B 155 2.94 12.50 15.67
CA THR B 155 3.30 13.66 14.87
C THR B 155 4.67 14.17 15.28
N ALA B 156 5.22 15.08 14.48
CA ALA B 156 6.53 15.65 14.73
C ALA B 156 6.39 16.77 15.76
N THR B 157 7.00 16.57 16.93
CA THR B 157 6.97 17.54 18.01
C THR B 157 8.28 18.31 18.04
N GLY B 158 8.19 19.63 18.19
CA GLY B 158 9.37 20.47 18.23
C GLY B 158 10.07 20.42 19.57
N TYR B 159 10.58 19.24 19.94
CA TYR B 159 11.18 19.06 21.25
C TYR B 159 12.45 19.89 21.40
N VAL B 160 13.36 19.78 20.44
CA VAL B 160 14.63 20.49 20.50
C VAL B 160 14.47 21.87 19.85
N GLY B 172 25.17 11.59 18.33
CA GLY B 172 24.74 10.26 17.97
C GLY B 172 23.31 9.97 18.37
N PHE B 173 22.96 10.37 19.60
CA PHE B 173 21.60 10.18 20.09
C PHE B 173 20.64 11.27 19.63
N ALA B 174 21.15 12.45 19.27
CA ALA B 174 20.27 13.53 18.84
C ALA B 174 19.58 13.21 17.52
N ILE B 175 20.24 12.48 16.63
CA ILE B 175 19.65 12.20 15.32
C ILE B 175 18.48 11.24 15.46
N THR B 176 18.63 10.17 16.23
CA THR B 176 17.54 9.25 16.55
C THR B 176 16.89 9.61 17.88
N GLY B 177 16.51 10.87 18.02
CA GLY B 177 15.80 11.34 19.19
C GLY B 177 14.71 12.36 18.90
N ASN B 178 14.52 12.70 17.61
CA ASN B 178 13.47 13.60 17.19
C ASN B 178 12.71 13.13 15.96
N MET B 179 13.06 11.97 15.39
CA MET B 179 12.36 11.45 14.23
C MET B 179 11.14 10.66 14.70
N THR B 180 9.98 10.96 14.13
CA THR B 180 8.79 10.19 14.43
C THR B 180 8.94 8.73 13.99
N ALA B 181 9.79 8.49 12.97
CA ALA B 181 10.01 7.13 12.51
C ALA B 181 10.59 6.25 13.62
N VAL B 182 11.34 6.83 14.55
CA VAL B 182 11.88 6.07 15.66
C VAL B 182 10.84 5.85 16.76
N THR B 183 9.79 6.68 16.81
CA THR B 183 8.81 6.57 17.89
C THR B 183 8.18 5.19 17.94
N SER B 184 8.01 4.54 16.79
CA SER B 184 7.61 3.14 16.73
C SER B 184 8.79 2.20 16.58
N GLY B 185 9.90 2.68 16.01
CA GLY B 185 11.05 1.82 15.83
C GLY B 185 11.69 1.40 17.14
N ARG B 186 11.82 2.35 18.07
CA ARG B 186 12.50 2.07 19.33
C ARG B 186 11.79 0.97 20.11
N ILE B 187 10.45 0.95 20.05
CA ILE B 187 9.70 -0.12 20.70
C ILE B 187 10.10 -1.47 20.13
N SER B 188 10.26 -1.56 18.81
CA SER B 188 10.73 -2.79 18.22
C SER B 188 12.18 -3.08 18.57
N TYR B 189 12.96 -2.06 18.92
CA TYR B 189 14.36 -2.27 19.26
C TYR B 189 14.52 -2.76 20.69
N THR B 190 13.90 -2.06 21.65
CA THR B 190 14.05 -2.43 23.05
C THR B 190 13.43 -3.80 23.32
N LEU B 191 12.22 -4.04 22.81
CA LEU B 191 11.52 -5.30 23.04
C LEU B 191 11.95 -6.40 22.07
N GLY B 192 12.70 -6.07 21.02
CA GLY B 192 13.10 -7.09 20.07
C GLY B 192 12.00 -7.56 19.16
N LEU B 193 10.96 -6.75 18.97
CA LEU B 193 9.85 -7.15 18.10
C LEU B 193 10.30 -7.11 16.64
N GLN B 194 10.02 -8.20 15.91
CA GLN B 194 10.44 -8.35 14.53
C GLN B 194 9.36 -8.02 13.52
N GLY B 195 8.16 -7.63 13.96
CA GLY B 195 7.11 -7.26 13.04
C GLY B 195 7.28 -5.87 12.50
N PRO B 196 6.47 -5.53 11.51
CA PRO B 196 6.63 -4.22 10.84
C PRO B 196 6.24 -3.08 11.77
N ALA B 197 7.19 -2.18 12.04
CA ALA B 197 6.96 -1.02 12.87
C ALA B 197 6.78 0.21 11.97
N VAL B 198 5.65 0.88 12.11
CA VAL B 198 5.31 2.04 11.27
C VAL B 198 4.76 3.13 12.17
N THR B 199 5.26 4.35 11.98
CA THR B 199 4.71 5.54 12.61
C THR B 199 3.80 6.21 11.59
N ILE B 200 2.51 6.20 11.85
CA ILE B 200 1.48 6.51 10.86
C ILE B 200 0.93 7.88 11.24
N ASP B 201 1.52 8.93 10.68
CA ASP B 201 1.11 10.29 10.98
C ASP B 201 -0.05 10.59 10.04
N THR B 202 -1.27 10.61 10.58
CA THR B 202 -2.49 10.89 9.82
C THR B 202 -3.33 11.87 10.61
N ALA B 203 -2.68 12.89 11.17
CA ALA B 203 -3.36 13.97 11.88
C ALA B 203 -4.05 13.44 13.13
N CYS B 204 -5.11 14.13 13.59
CA CYS B 204 -5.72 13.81 14.87
C CYS B 204 -6.40 12.44 14.91
N SER B 205 -6.59 11.78 13.77
CA SER B 205 -7.11 10.42 13.71
C SER B 205 -6.00 9.41 13.48
N SER B 206 -4.76 9.75 13.85
CA SER B 206 -3.62 8.91 13.52
C SER B 206 -3.70 7.54 14.21
N SER B 207 -4.07 7.52 15.50
CA SER B 207 -4.05 6.27 16.24
C SER B 207 -5.11 5.30 15.71
N LEU B 208 -6.35 5.78 15.56
CA LEU B 208 -7.43 4.92 15.08
C LEU B 208 -7.13 4.39 13.69
N VAL B 209 -6.63 5.25 12.81
CA VAL B 209 -6.18 4.82 11.50
C VAL B 209 -5.14 3.71 11.65
N ALA B 210 -4.17 3.92 12.54
CA ALA B 210 -3.14 2.91 12.77
C ALA B 210 -3.78 1.62 13.23
N LEU B 211 -4.81 1.71 14.08
CA LEU B 211 -5.48 0.50 14.55
C LEU B 211 -6.05 -0.28 13.37
N HIS B 212 -6.68 0.43 12.42
CA HIS B 212 -7.18 -0.25 11.23
C HIS B 212 -6.04 -0.97 10.52
N LEU B 213 -4.93 -0.28 10.32
CA LEU B 213 -3.80 -0.92 9.65
C LEU B 213 -3.30 -2.10 10.45
N ALA B 214 -3.27 -1.97 11.78
CA ALA B 214 -2.88 -3.09 12.62
C ALA B 214 -3.80 -4.27 12.38
N CYS B 215 -5.11 -4.01 12.36
CA CYS B 215 -6.07 -5.08 12.08
C CYS B 215 -5.78 -5.71 10.72
N GLN B 216 -5.49 -4.88 9.71
CA GLN B 216 -5.16 -5.43 8.40
C GLN B 216 -3.93 -6.30 8.48
N SER B 217 -2.90 -5.85 9.21
CA SER B 217 -1.71 -6.66 9.34
C SER B 217 -1.99 -7.96 10.07
N LEU B 218 -2.99 -7.95 10.96
CA LEU B 218 -3.41 -9.18 11.61
C LEU B 218 -4.25 -10.04 10.68
N ARG B 219 -5.07 -9.42 9.83
CA ARG B 219 -5.97 -10.20 8.99
C ARG B 219 -5.19 -10.97 7.93
N GLN B 220 -4.15 -10.36 7.38
CA GLN B 220 -3.37 -10.95 6.30
C GLN B 220 -2.22 -11.81 6.79
N GLY B 221 -2.09 -12.02 8.09
CA GLY B 221 -1.03 -12.85 8.62
C GLY B 221 0.34 -12.21 8.65
N GLU B 222 0.42 -10.88 8.50
CA GLU B 222 1.71 -10.21 8.54
C GLU B 222 2.35 -10.33 9.92
N CYS B 223 1.56 -10.13 10.97
CA CYS B 223 2.05 -10.19 12.35
C CYS B 223 1.03 -10.89 13.22
N THR B 224 1.51 -11.76 14.11
CA THR B 224 0.62 -12.47 15.02
C THR B 224 0.06 -11.56 16.10
N THR B 225 0.72 -10.43 16.38
CA THR B 225 0.25 -9.48 17.37
C THR B 225 0.64 -8.09 16.89
N ALA B 226 -0.04 -7.08 17.42
CA ALA B 226 0.23 -5.70 17.05
C ALA B 226 0.06 -4.81 18.27
N LEU B 227 0.55 -3.58 18.17
CA LEU B 227 0.55 -2.60 19.25
C LEU B 227 0.00 -1.28 18.73
N ALA B 228 -1.20 -1.34 18.17
CA ALA B 228 -1.89 -0.14 17.73
C ALA B 228 -2.01 0.86 18.88
N GLY B 229 -1.67 2.11 18.61
CA GLY B 229 -1.69 3.12 19.64
C GLY B 229 -1.29 4.46 19.09
N GLY B 230 -1.21 5.43 20.00
CA GLY B 230 -0.84 6.79 19.64
C GLY B 230 -0.27 7.53 20.82
N VAL B 231 0.42 8.63 20.52
CA VAL B 231 1.08 9.46 21.52
C VAL B 231 0.98 10.91 21.08
N THR B 232 0.86 11.80 22.06
CA THR B 232 0.72 13.23 21.81
C THR B 232 1.40 13.97 22.95
N VAL B 233 2.48 14.68 22.63
CA VAL B 233 3.17 15.56 23.57
C VAL B 233 3.38 16.89 22.89
N MET B 234 3.33 17.96 23.67
CA MET B 234 3.45 19.33 23.18
C MET B 234 4.59 20.01 23.96
N PRO B 235 5.84 19.79 23.56
CA PRO B 235 6.94 20.49 24.25
C PRO B 235 6.85 22.00 24.16
N THR B 236 6.25 22.53 23.10
CA THR B 236 6.13 23.96 22.85
C THR B 236 4.67 24.30 22.60
N PRO B 237 4.26 25.57 22.81
CA PRO B 237 2.86 25.96 22.60
C PRO B 237 2.58 26.35 21.15
N THR B 238 3.05 25.54 20.20
CA THR B 238 2.78 25.80 18.80
C THR B 238 1.30 25.60 18.48
N ALA B 239 0.70 24.56 19.05
CA ALA B 239 -0.69 24.22 18.77
C ALA B 239 -1.69 25.08 19.51
N PHE B 240 -1.25 25.97 20.40
CA PHE B 240 -2.12 26.89 21.13
C PHE B 240 -2.08 28.29 20.54
N THR B 241 -0.88 28.82 20.28
CA THR B 241 -0.77 30.19 19.78
C THR B 241 -1.31 30.31 18.36
N GLU B 242 -1.17 29.26 17.56
CA GLU B 242 -1.50 29.34 16.15
C GLU B 242 -2.92 28.90 15.84
N PHE B 243 -3.44 27.90 16.55
CA PHE B 243 -4.86 27.58 16.42
C PHE B 243 -5.74 28.67 17.01
N SER B 244 -5.17 29.57 17.83
CA SER B 244 -5.91 30.76 18.24
C SER B 244 -6.09 31.73 17.08
N ARG B 245 -5.16 31.73 16.12
CA ARG B 245 -5.33 32.55 14.93
C ARG B 245 -6.54 32.08 14.13
N GLN B 246 -6.71 30.76 14.03
CA GLN B 246 -7.88 30.20 13.38
C GLN B 246 -9.15 30.31 14.21
N ARG B 247 -9.05 30.76 15.47
CA ARG B 247 -10.19 30.85 16.37
C ARG B 247 -10.87 29.50 16.54
N GLY B 248 -10.07 28.45 16.60
CA GLY B 248 -10.55 27.09 16.74
C GLY B 248 -10.22 26.49 18.08
N LEU B 249 -10.37 27.28 19.15
CA LEU B 249 -10.15 26.80 20.51
C LEU B 249 -11.21 27.41 21.42
N ALA B 250 -11.51 26.70 22.50
CA ALA B 250 -12.50 27.18 23.45
C ALA B 250 -11.88 28.27 24.33
N PRO B 251 -12.49 29.46 24.44
CA PRO B 251 -11.91 30.47 25.34
C PRO B 251 -11.80 30.01 26.79
N ASP B 252 -12.78 29.25 27.27
CA ASP B 252 -12.74 28.75 28.64
C ASP B 252 -11.87 27.50 28.77
N GLY B 253 -11.53 26.84 27.67
CA GLY B 253 -10.63 25.70 27.67
C GLY B 253 -11.32 24.35 27.70
N ARG B 254 -12.60 24.29 28.05
CA ARG B 254 -13.30 23.02 28.15
C ARG B 254 -13.79 22.57 26.78
N CYS B 255 -13.74 21.26 26.56
CA CYS B 255 -14.08 20.66 25.27
C CYS B 255 -15.55 20.23 25.27
N LYS B 256 -16.42 21.23 25.26
CA LYS B 256 -17.86 21.00 25.36
C LYS B 256 -18.35 20.34 24.08
N SER B 257 -18.54 19.02 24.11
CA SER B 257 -18.91 18.26 22.93
C SER B 257 -20.42 18.25 22.77
N PHE B 258 -20.89 18.60 21.57
CA PHE B 258 -22.30 18.52 21.19
C PHE B 258 -23.19 19.36 22.11
N ALA B 259 -22.66 20.46 22.64
CA ALA B 259 -23.39 21.34 23.54
C ALA B 259 -23.80 22.61 22.81
N ALA B 260 -24.93 23.18 23.25
CA ALA B 260 -25.38 24.44 22.68
C ALA B 260 -24.39 25.57 22.94
N ALA B 261 -23.68 25.50 24.06
CA ALA B 261 -22.69 26.51 24.43
C ALA B 261 -21.29 26.18 23.93
N ALA B 262 -21.12 25.10 23.15
CA ALA B 262 -19.81 24.77 22.62
C ALA B 262 -19.30 25.88 21.71
N ASP B 263 -18.03 26.24 21.88
CA ASP B 263 -17.43 27.33 21.12
C ASP B 263 -16.00 27.02 20.70
N GLY B 264 -15.62 25.75 20.64
CA GLY B 264 -14.29 25.37 20.19
C GLY B 264 -13.87 24.07 20.83
N THR B 265 -12.59 23.74 20.61
CA THR B 265 -11.96 22.55 21.16
C THR B 265 -10.81 22.98 22.07
N ASN B 266 -10.04 22.01 22.52
CA ASN B 266 -8.83 22.26 23.30
C ASN B 266 -7.92 21.05 23.20
N TRP B 267 -6.62 21.31 23.08
CA TRP B 267 -5.66 20.24 22.90
C TRP B 267 -5.33 19.59 24.24
N ALA B 268 -4.67 18.44 24.17
CA ALA B 268 -4.28 17.73 25.38
C ALA B 268 -3.25 16.67 25.01
N GLU B 269 -2.31 16.45 25.92
CA GLU B 269 -1.32 15.40 25.75
C GLU B 269 -1.93 14.05 26.14
N GLY B 270 -1.21 12.98 25.82
CA GLY B 270 -1.67 11.65 26.17
C GLY B 270 -1.08 10.56 25.31
N VAL B 271 -0.83 9.41 25.91
CA VAL B 271 -0.42 8.20 25.21
C VAL B 271 -1.46 7.13 25.49
N ALA B 272 -1.81 6.35 24.47
CA ALA B 272 -2.81 5.30 24.62
C ALA B 272 -2.52 4.23 23.60
N VAL B 273 -2.29 2.99 24.06
CA VAL B 273 -1.93 1.89 23.19
C VAL B 273 -2.76 0.67 23.53
N LEU B 274 -2.98 -0.16 22.52
CA LEU B 274 -3.69 -1.43 22.64
C LEU B 274 -2.82 -2.53 22.07
N VAL B 275 -2.76 -3.65 22.77
CA VAL B 275 -2.15 -4.87 22.27
C VAL B 275 -3.28 -5.74 21.75
N VAL B 276 -3.36 -5.88 20.43
CA VAL B 276 -4.47 -6.53 19.75
C VAL B 276 -3.98 -7.82 19.12
N GLU B 277 -4.92 -8.76 18.94
CA GLU B 277 -4.60 -10.06 18.37
C GLU B 277 -5.84 -10.62 17.72
N ARG B 278 -5.63 -11.55 16.79
CA ARG B 278 -6.75 -12.26 16.17
C ARG B 278 -7.53 -13.02 17.23
N LEU B 279 -8.86 -12.99 17.11
CA LEU B 279 -9.71 -13.59 18.14
C LEU B 279 -9.47 -15.09 18.24
N SER B 280 -9.29 -15.76 17.12
CA SER B 280 -9.00 -17.18 17.15
C SER B 280 -7.67 -17.45 17.85
N ASP B 281 -6.65 -16.64 17.55
CA ASP B 281 -5.36 -16.80 18.20
C ASP B 281 -5.47 -16.51 19.70
N ALA B 282 -6.22 -15.47 20.06
CA ALA B 282 -6.39 -15.13 21.48
C ALA B 282 -7.07 -16.27 22.23
N ARG B 283 -8.11 -16.87 21.64
CA ARG B 283 -8.79 -17.97 22.29
C ARG B 283 -7.89 -19.21 22.37
N ARG B 284 -7.11 -19.46 21.32
CA ARG B 284 -6.20 -20.61 21.35
C ARG B 284 -5.15 -20.44 22.43
N ASN B 285 -4.61 -19.23 22.58
CA ASN B 285 -3.61 -18.96 23.61
C ASN B 285 -4.23 -18.69 24.97
N GLY B 286 -5.53 -18.46 25.06
CA GLY B 286 -6.19 -18.28 26.33
C GLY B 286 -6.06 -16.89 26.93
N HIS B 287 -5.61 -15.90 26.17
CA HIS B 287 -5.50 -14.55 26.70
C HIS B 287 -6.89 -13.98 26.98
N ARG B 288 -7.03 -13.30 28.11
CA ARG B 288 -8.30 -12.70 28.49
C ARG B 288 -8.65 -11.59 27.51
N VAL B 289 -9.66 -11.82 26.67
CA VAL B 289 -10.07 -10.85 25.68
C VAL B 289 -10.89 -9.77 26.38
N LEU B 290 -10.39 -8.54 26.36
CA LEU B 290 -11.10 -7.43 26.98
C LEU B 290 -12.25 -6.93 26.11
N ALA B 291 -12.07 -6.96 24.80
CA ALA B 291 -13.10 -6.57 23.84
C ALA B 291 -12.64 -7.06 22.47
N VAL B 292 -13.46 -6.82 21.46
CA VAL B 292 -13.17 -7.29 20.11
C VAL B 292 -13.62 -6.22 19.13
N VAL B 293 -12.69 -5.65 18.37
CA VAL B 293 -13.07 -4.81 17.24
C VAL B 293 -13.51 -5.73 16.10
N ARG B 294 -14.74 -5.56 15.65
CA ARG B 294 -15.34 -6.43 14.65
C ARG B 294 -15.11 -5.93 13.24
N GLY B 295 -15.22 -4.62 13.04
CA GLY B 295 -15.02 -4.04 11.72
C GLY B 295 -14.50 -2.64 11.83
N THR B 296 -13.76 -2.23 10.81
CA THR B 296 -13.10 -0.93 10.78
C THR B 296 -13.01 -0.45 9.34
N ALA B 297 -12.97 0.87 9.19
CA ALA B 297 -12.90 1.46 7.85
C ALA B 297 -12.34 2.87 7.97
N ILE B 298 -11.63 3.28 6.92
CA ILE B 298 -11.06 4.62 6.82
C ILE B 298 -11.34 5.16 5.42
N ASN B 299 -11.58 6.45 5.33
CA ASN B 299 -11.76 7.11 4.05
C ASN B 299 -11.25 8.54 4.19
N GLN B 300 -11.59 9.40 3.22
CA GLN B 300 -11.06 10.75 3.14
C GLN B 300 -12.20 11.70 2.79
N ASP B 301 -12.13 12.91 3.35
CA ASP B 301 -13.19 13.89 3.12
C ASP B 301 -13.28 14.27 1.65
N GLY B 302 -12.13 14.47 0.99
CA GLY B 302 -12.11 14.89 -0.39
C GLY B 302 -12.28 16.39 -0.54
N ALA B 303 -12.97 16.82 -1.60
CA ALA B 303 -13.15 18.24 -1.88
C ALA B 303 -14.21 18.82 -0.96
N SER B 304 -13.84 18.97 0.31
CA SER B 304 -14.69 19.58 1.31
C SER B 304 -14.61 21.10 1.22
N ASN B 305 -15.29 21.79 2.13
CA ASN B 305 -15.24 23.25 2.16
C ASN B 305 -13.86 23.78 2.50
N GLY B 306 -12.99 22.95 3.06
CA GLY B 306 -11.62 23.33 3.32
C GLY B 306 -10.82 22.11 3.69
N LEU B 307 -9.50 22.28 3.71
CA LEU B 307 -8.64 21.18 4.13
C LEU B 307 -8.90 20.80 5.57
N SER B 308 -9.09 21.79 6.44
CA SER B 308 -9.35 21.52 7.85
C SER B 308 -10.80 21.08 8.08
N ALA B 309 -11.74 21.62 7.32
CA ALA B 309 -13.15 21.36 7.59
C ALA B 309 -13.50 19.91 7.26
N PRO B 310 -14.54 19.35 7.92
CA PRO B 310 -14.90 17.94 7.66
C PRO B 310 -15.90 17.79 6.53
N ASN B 311 -16.25 16.54 6.21
CA ASN B 311 -17.22 16.21 5.17
C ASN B 311 -18.24 15.24 5.72
N ASP B 312 -19.51 15.65 5.70
CA ASP B 312 -20.58 14.83 6.25
C ASP B 312 -20.71 13.51 5.48
N LEU B 313 -20.71 13.59 4.16
CA LEU B 313 -20.91 12.41 3.33
C LEU B 313 -19.81 11.39 3.58
N ALA B 314 -18.56 11.86 3.68
CA ALA B 314 -17.45 10.95 3.96
C ALA B 314 -17.60 10.31 5.34
N GLN B 315 -18.09 11.07 6.32
CA GLN B 315 -18.25 10.54 7.67
C GLN B 315 -19.28 9.42 7.70
N GLU B 316 -20.46 9.66 7.13
CA GLU B 316 -21.46 8.59 7.10
C GLU B 316 -21.01 7.44 6.22
N ARG B 317 -20.23 7.72 5.18
CA ARG B 317 -19.71 6.65 4.32
C ARG B 317 -18.76 5.76 5.09
N VAL B 318 -17.86 6.33 5.89
CA VAL B 318 -16.93 5.48 6.65
C VAL B 318 -17.68 4.73 7.74
N ILE B 319 -18.72 5.34 8.33
CA ILE B 319 -19.52 4.62 9.32
C ILE B 319 -20.17 3.39 8.66
N ARG B 320 -20.77 3.60 7.48
CA ARG B 320 -21.41 2.50 6.77
C ARG B 320 -20.39 1.44 6.36
N SER B 321 -19.20 1.86 5.93
CA SER B 321 -18.17 0.91 5.54
C SER B 321 -17.71 0.09 6.73
N ALA B 322 -17.56 0.73 7.89
CA ALA B 322 -17.19 -0.01 9.09
C ALA B 322 -18.27 -1.01 9.47
N LEU B 323 -19.53 -0.61 9.37
CA LEU B 323 -20.62 -1.54 9.67
C LEU B 323 -20.62 -2.72 8.70
N ASP B 324 -20.41 -2.44 7.40
CA ASP B 324 -20.41 -3.51 6.42
C ASP B 324 -19.25 -4.47 6.64
N ASN B 325 -18.07 -3.94 6.96
CA ASN B 325 -16.93 -4.80 7.28
C ASN B 325 -17.22 -5.64 8.52
N ALA B 326 -17.86 -5.03 9.53
CA ALA B 326 -18.20 -5.77 10.73
C ALA B 326 -19.28 -6.82 10.49
N GLY B 327 -20.05 -6.70 9.41
CA GLY B 327 -21.17 -7.59 9.19
C GLY B 327 -22.39 -7.26 10.01
N LEU B 328 -22.51 -6.03 10.50
CA LEU B 328 -23.59 -5.58 11.36
C LEU B 328 -24.38 -4.49 10.67
N THR B 329 -25.52 -4.14 11.26
CA THR B 329 -26.38 -3.06 10.81
C THR B 329 -26.39 -1.95 11.85
N ALA B 330 -27.01 -0.82 11.48
CA ALA B 330 -27.01 0.35 12.35
C ALA B 330 -27.74 0.08 13.66
N SER B 331 -28.73 -0.82 13.66
CA SER B 331 -29.49 -1.11 14.87
C SER B 331 -28.72 -1.97 15.86
N ASP B 332 -27.60 -2.57 15.46
CA ASP B 332 -26.83 -3.45 16.32
C ASP B 332 -25.83 -2.73 17.21
N VAL B 333 -25.70 -1.41 17.08
CA VAL B 333 -24.76 -0.61 17.87
C VAL B 333 -25.56 0.16 18.90
N ASP B 334 -25.15 0.06 20.16
CA ASP B 334 -25.89 0.66 21.27
C ASP B 334 -25.50 2.11 21.51
N ALA B 335 -24.21 2.40 21.61
CA ALA B 335 -23.68 3.73 21.85
C ALA B 335 -22.58 4.02 20.84
N VAL B 336 -22.07 5.24 20.87
CA VAL B 336 -20.95 5.62 20.00
C VAL B 336 -20.06 6.61 20.74
N GLU B 337 -18.77 6.33 20.73
CA GLU B 337 -17.75 7.25 21.25
C GLU B 337 -17.45 8.27 20.16
N ALA B 338 -18.28 9.31 20.12
CA ALA B 338 -18.16 10.32 19.09
C ALA B 338 -16.83 11.07 19.21
N HIS B 339 -16.31 11.51 18.07
CA HIS B 339 -15.07 12.30 18.07
C HIS B 339 -15.25 13.56 18.90
N GLY B 340 -16.30 14.34 18.61
CA GLY B 340 -16.79 15.40 19.47
C GLY B 340 -15.77 16.40 19.97
N THR B 341 -15.17 17.17 19.06
CA THR B 341 -14.17 18.14 19.47
C THR B 341 -14.77 19.39 20.09
N GLY B 342 -16.07 19.59 20.02
CA GLY B 342 -16.67 20.80 20.53
C GLY B 342 -16.57 22.00 19.60
N THR B 343 -15.99 21.84 18.42
CA THR B 343 -15.91 22.94 17.48
C THR B 343 -17.31 23.33 17.00
N THR B 344 -17.51 24.62 16.75
CA THR B 344 -18.81 25.10 16.32
C THR B 344 -19.19 24.49 14.97
N LEU B 345 -18.22 24.33 14.08
CA LEU B 345 -18.47 23.80 12.74
C LEU B 345 -18.36 22.29 12.68
N GLY B 346 -17.53 21.68 13.52
CA GLY B 346 -17.31 20.25 13.46
C GLY B 346 -18.30 19.40 14.24
N ASP B 347 -19.04 20.02 15.16
CA ASP B 347 -20.01 19.28 15.98
C ASP B 347 -21.30 19.00 15.21
N PRO B 348 -21.94 20.00 14.58
CA PRO B 348 -23.18 19.68 13.85
C PRO B 348 -22.97 18.68 12.73
N ILE B 349 -21.83 18.74 12.04
CA ILE B 349 -21.57 17.80 10.95
C ILE B 349 -21.50 16.38 11.48
N GLU B 350 -20.73 16.17 12.55
CA GLU B 350 -20.61 14.84 13.12
C GLU B 350 -21.93 14.35 13.68
N ALA B 351 -22.67 15.23 14.36
CA ALA B 351 -23.93 14.82 14.98
C ALA B 351 -24.95 14.40 13.91
N GLN B 352 -25.10 15.20 12.86
CA GLN B 352 -26.07 14.86 11.84
C GLN B 352 -25.60 13.70 10.97
N ALA B 353 -24.28 13.52 10.83
CA ALA B 353 -23.78 12.32 10.15
C ALA B 353 -24.10 11.07 10.96
N LEU B 354 -23.95 11.14 12.29
CA LEU B 354 -24.33 10.01 13.14
C LEU B 354 -25.82 9.74 13.04
N LEU B 355 -26.64 10.79 13.03
CA LEU B 355 -28.08 10.63 12.88
C LEU B 355 -28.42 9.95 11.56
N ALA B 356 -27.77 10.38 10.47
CA ALA B 356 -28.05 9.79 9.16
C ALA B 356 -27.59 8.33 9.09
N ALA B 357 -26.43 8.02 9.67
CA ALA B 357 -25.87 6.68 9.54
C ALA B 357 -26.46 5.72 10.56
N TYR B 358 -26.45 6.11 11.84
CA TYR B 358 -26.90 5.23 12.92
C TYR B 358 -28.36 5.45 13.27
N GLY B 359 -28.85 6.68 13.22
CA GLY B 359 -30.15 7.00 13.75
C GLY B 359 -31.33 6.73 12.84
N HIS B 360 -31.34 5.55 12.20
CA HIS B 360 -32.45 5.15 11.36
C HIS B 360 -32.62 3.65 11.44
N GLU B 361 -33.84 3.19 11.12
CA GLU B 361 -34.23 1.77 11.11
C GLU B 361 -33.78 1.05 12.38
N ARG B 362 -34.06 1.67 13.52
CA ARG B 362 -33.81 1.07 14.82
C ARG B 362 -34.98 1.42 15.74
N PRO B 363 -35.17 0.65 16.83
CA PRO B 363 -36.31 0.92 17.71
C PRO B 363 -36.24 2.31 18.32
N ALA B 364 -37.42 2.93 18.46
CA ALA B 364 -37.48 4.26 19.06
C ALA B 364 -37.16 4.22 20.55
N HIS B 365 -37.43 3.10 21.22
CA HIS B 365 -37.17 2.96 22.64
C HIS B 365 -35.71 2.63 22.95
N ARG B 366 -34.87 2.40 21.93
CA ARG B 366 -33.46 2.04 22.11
C ARG B 366 -32.61 2.96 21.24
N PRO B 367 -32.59 4.25 21.56
CA PRO B 367 -31.81 5.19 20.73
C PRO B 367 -30.32 4.99 20.91
N LEU B 368 -29.57 5.42 19.90
CA LEU B 368 -28.12 5.47 20.03
C LEU B 368 -27.73 6.47 21.10
N ARG B 369 -26.67 6.14 21.84
CA ARG B 369 -26.15 7.00 22.90
C ARG B 369 -24.81 7.55 22.44
N VAL B 370 -24.70 8.88 22.38
CA VAL B 370 -23.51 9.56 21.88
C VAL B 370 -22.84 10.29 23.04
N GLY B 371 -21.54 10.07 23.20
CA GLY B 371 -20.76 10.73 24.22
C GLY B 371 -19.28 10.66 23.92
N SER B 372 -18.57 11.77 24.14
CA SER B 372 -17.16 11.90 23.76
C SER B 372 -16.29 12.01 25.01
N LEU B 373 -15.14 11.33 24.95
CA LEU B 373 -14.17 11.41 26.04
C LEU B 373 -13.51 12.78 26.13
N LYS B 374 -13.51 13.55 25.03
CA LYS B 374 -12.74 14.79 24.99
C LYS B 374 -13.23 15.79 26.03
N SER B 375 -14.53 15.81 26.30
CA SER B 375 -15.06 16.73 27.31
C SER B 375 -14.42 16.50 28.67
N ASN B 376 -13.98 15.27 28.95
CA ASN B 376 -13.26 15.01 30.20
C ASN B 376 -11.84 15.56 30.16
N ILE B 377 -11.13 15.40 29.04
CA ILE B 377 -9.68 15.56 28.99
C ILE B 377 -9.21 16.45 27.85
N GLY B 378 -10.12 17.05 27.09
CA GLY B 378 -9.74 17.80 25.92
C GLY B 378 -9.33 16.89 24.77
N HIS B 379 -9.07 17.52 23.63
CA HIS B 379 -8.66 16.80 22.43
C HIS B 379 -7.26 16.23 22.65
N ALA B 380 -7.19 14.92 22.88
CA ALA B 380 -5.91 14.29 23.19
C ALA B 380 -4.95 14.27 22.00
N GLY B 381 -5.45 14.51 20.78
CA GLY B 381 -4.60 14.63 19.63
C GLY B 381 -4.53 13.32 18.85
N PRO B 382 -3.36 12.99 18.30
CA PRO B 382 -3.21 11.68 17.64
C PRO B 382 -3.61 10.49 18.49
N ALA B 383 -3.43 10.58 19.81
CA ALA B 383 -3.79 9.49 20.71
C ALA B 383 -5.27 9.48 21.08
N ALA B 384 -6.07 10.42 20.55
CA ALA B 384 -7.46 10.51 20.97
C ALA B 384 -8.26 9.27 20.57
N GLY B 385 -8.06 8.78 19.34
CA GLY B 385 -8.88 7.69 18.85
C GLY B 385 -8.74 6.44 19.68
N VAL B 386 -7.50 6.02 19.95
CA VAL B 386 -7.28 4.88 20.83
C VAL B 386 -7.57 5.25 22.27
N ALA B 387 -7.53 6.54 22.62
CA ALA B 387 -8.06 6.95 23.92
C ALA B 387 -9.57 6.83 23.97
N GLY B 388 -10.24 6.82 22.82
CA GLY B 388 -11.68 6.64 22.82
C GLY B 388 -12.08 5.20 23.09
N VAL B 389 -11.50 4.26 22.33
CA VAL B 389 -11.91 2.86 22.43
C VAL B 389 -11.71 2.35 23.84
N ILE B 390 -10.62 2.78 24.50
CA ILE B 390 -10.34 2.37 25.86
C ILE B 390 -11.51 2.69 26.77
N LYS B 391 -12.02 3.93 26.66
CA LYS B 391 -13.20 4.32 27.44
C LYS B 391 -14.34 3.34 27.21
N MET B 392 -14.64 3.06 25.94
CA MET B 392 -15.70 2.11 25.64
C MET B 392 -15.37 0.74 26.20
N VAL B 393 -14.11 0.31 26.06
CA VAL B 393 -13.75 -1.02 26.55
C VAL B 393 -13.90 -1.08 28.06
N MET B 394 -13.76 0.06 28.74
CA MET B 394 -14.11 0.09 30.15
C MET B 394 -15.61 0.13 30.35
N ALA B 395 -16.30 0.99 29.59
CA ALA B 395 -17.74 1.14 29.77
C ALA B 395 -18.48 -0.15 29.44
N MET B 396 -17.94 -0.95 28.52
CA MET B 396 -18.53 -2.24 28.21
C MET B 396 -18.22 -3.28 29.28
N ARG B 397 -17.06 -3.19 29.93
CA ARG B 397 -16.74 -4.17 30.96
C ARG B 397 -17.53 -3.91 32.23
N HIS B 398 -17.64 -2.64 32.63
CA HIS B 398 -18.42 -2.28 33.80
C HIS B 398 -19.92 -2.14 33.51
N GLY B 399 -20.31 -2.19 32.24
CA GLY B 399 -21.73 -2.13 31.90
C GLY B 399 -22.39 -0.83 32.29
N VAL B 400 -21.67 0.28 32.19
CA VAL B 400 -22.21 1.61 32.48
C VAL B 400 -21.71 2.56 31.41
N LEU B 401 -22.60 3.41 30.89
CA LEU B 401 -22.23 4.42 29.91
C LEU B 401 -21.90 5.70 30.66
N PRO B 402 -20.62 6.12 30.73
CA PRO B 402 -20.33 7.36 31.46
C PRO B 402 -20.87 8.58 30.74
N ARG B 403 -21.16 9.62 31.52
CA ARG B 403 -21.75 10.83 30.98
C ARG B 403 -20.72 11.65 30.21
N SER B 404 -21.23 12.57 29.40
CA SER B 404 -20.42 13.57 28.72
C SER B 404 -20.65 14.92 29.40
N LEU B 405 -19.56 15.60 29.72
CA LEU B 405 -19.63 16.79 30.56
C LEU B 405 -19.95 18.04 29.74
N HIS B 406 -20.38 19.08 30.46
CA HIS B 406 -20.58 20.42 29.92
C HIS B 406 -21.72 20.49 28.90
N ILE B 407 -22.61 19.49 28.87
CA ILE B 407 -23.75 19.49 27.95
C ILE B 407 -24.90 20.14 28.70
N ASP B 408 -25.00 21.46 28.58
CA ASP B 408 -26.14 22.16 29.15
C ASP B 408 -27.43 21.74 28.44
N GLU B 409 -27.37 21.55 27.14
CA GLU B 409 -28.47 21.01 26.36
C GLU B 409 -27.92 20.58 25.00
N PRO B 410 -28.66 19.74 24.26
CA PRO B 410 -28.21 19.39 22.91
C PRO B 410 -28.13 20.63 22.02
N THR B 411 -27.17 20.60 21.09
CA THR B 411 -26.93 21.77 20.26
C THR B 411 -28.13 22.05 19.37
N PRO B 412 -28.51 23.32 19.18
CA PRO B 412 -29.67 23.61 18.32
C PRO B 412 -29.38 23.53 16.84
N GLN B 413 -28.12 23.35 16.44
CA GLN B 413 -27.75 23.23 15.03
C GLN B 413 -27.89 21.82 14.49
N VAL B 414 -28.57 20.92 15.22
CA VAL B 414 -28.76 19.54 14.80
C VAL B 414 -30.24 19.21 14.97
N ASP B 415 -30.78 18.46 14.01
CA ASP B 415 -32.18 18.04 14.05
C ASP B 415 -32.29 16.84 14.99
N TRP B 416 -32.41 17.12 16.28
CA TRP B 416 -32.59 16.07 17.28
C TRP B 416 -34.00 15.49 17.28
N SER B 417 -34.93 16.05 16.50
CA SER B 417 -36.31 15.58 16.50
C SER B 417 -36.45 14.16 15.99
N SER B 418 -35.43 13.62 15.31
CA SER B 418 -35.49 12.22 14.90
C SER B 418 -35.62 11.29 16.10
N GLY B 419 -34.91 11.59 17.18
CA GLY B 419 -35.02 10.84 18.41
C GLY B 419 -34.23 9.55 18.46
N ALA B 420 -33.53 9.19 17.39
CA ALA B 420 -32.75 7.97 17.34
C ALA B 420 -31.35 8.13 17.92
N VAL B 421 -30.91 9.35 18.21
CA VAL B 421 -29.62 9.63 18.81
C VAL B 421 -29.83 10.58 19.97
N THR B 422 -29.25 10.23 21.13
CA THR B 422 -29.40 11.03 22.34
C THR B 422 -28.04 11.16 23.02
N LEU B 423 -27.80 12.33 23.60
CA LEU B 423 -26.55 12.60 24.29
C LEU B 423 -26.54 11.90 25.64
N LEU B 424 -25.34 11.49 26.06
CA LEU B 424 -25.14 10.88 27.38
C LEU B 424 -25.04 11.99 28.43
N THR B 425 -26.18 12.67 28.63
CA THR B 425 -26.23 13.74 29.61
C THR B 425 -26.09 13.22 31.02
N GLU B 426 -26.54 12.00 31.28
CA GLU B 426 -26.46 11.35 32.57
C GLU B 426 -25.92 9.94 32.38
N PRO B 427 -25.30 9.35 33.41
CA PRO B 427 -24.69 8.02 33.22
C PRO B 427 -25.70 6.88 33.27
N VAL B 428 -26.34 6.64 32.12
CA VAL B 428 -27.35 5.59 32.04
C VAL B 428 -26.68 4.22 32.12
N ASP B 429 -27.43 3.25 32.62
CA ASP B 429 -26.93 1.88 32.71
C ASP B 429 -26.89 1.25 31.31
N TRP B 430 -26.08 0.21 31.19
CA TRP B 430 -25.88 -0.51 29.92
C TRP B 430 -25.97 -2.01 30.19
N PRO B 431 -27.14 -2.51 30.55
CA PRO B 431 -27.29 -3.94 30.81
C PRO B 431 -27.36 -4.76 29.53
N ASP B 432 -27.10 -6.05 29.68
CA ASP B 432 -27.24 -6.98 28.57
C ASP B 432 -28.71 -7.19 28.23
N SER B 433 -28.98 -7.42 26.95
CA SER B 433 -30.34 -7.63 26.43
C SER B 433 -30.36 -8.82 25.48
N ASP B 434 -29.74 -9.92 25.91
CA ASP B 434 -29.62 -11.14 25.10
C ASP B 434 -28.96 -10.83 23.76
N ARG B 435 -27.98 -9.93 23.79
CA ARG B 435 -27.27 -9.50 22.60
C ARG B 435 -25.92 -8.94 23.04
N PRO B 436 -24.80 -9.26 22.39
CA PRO B 436 -23.53 -8.66 22.81
C PRO B 436 -23.56 -7.15 22.68
N ARG B 437 -23.09 -6.46 23.72
CA ARG B 437 -23.03 -5.01 23.69
C ARG B 437 -22.05 -4.56 22.62
N ARG B 438 -22.40 -3.48 21.93
CA ARG B 438 -21.59 -2.97 20.83
C ARG B 438 -21.52 -1.45 20.91
N ALA B 439 -20.45 -0.90 20.34
CA ALA B 439 -20.24 0.54 20.34
C ALA B 439 -19.43 0.92 19.12
N GLY B 440 -19.33 2.22 18.87
CA GLY B 440 -18.55 2.74 17.76
C GLY B 440 -17.70 3.92 18.20
N VAL B 441 -16.52 4.00 17.61
CA VAL B 441 -15.55 5.05 17.91
C VAL B 441 -15.10 5.68 16.60
N SER B 442 -15.21 7.01 16.51
CA SER B 442 -14.92 7.76 15.31
C SER B 442 -13.81 8.77 15.57
N ALA B 443 -12.88 8.87 14.62
CA ALA B 443 -11.77 9.81 14.71
C ALA B 443 -11.56 10.47 13.35
N PHE B 444 -11.58 11.80 13.34
CA PHE B 444 -11.42 12.58 12.12
C PHE B 444 -10.21 13.49 12.26
N GLY B 445 -9.24 13.33 11.36
CA GLY B 445 -8.08 14.19 11.37
C GLY B 445 -8.35 15.53 10.72
N ILE B 446 -7.48 16.50 11.02
CA ILE B 446 -7.61 17.82 10.39
C ILE B 446 -7.28 17.72 8.91
N SER B 447 -6.40 16.79 8.53
CA SER B 447 -6.11 16.59 7.10
C SER B 447 -7.36 16.15 6.35
N GLY B 448 -8.27 15.46 7.02
CA GLY B 448 -9.54 15.07 6.44
C GLY B 448 -9.79 13.57 6.47
N THR B 449 -8.74 12.79 6.69
CA THR B 449 -8.90 11.34 6.83
C THR B 449 -9.78 11.02 8.03
N ASN B 450 -10.74 10.12 7.81
CA ASN B 450 -11.68 9.69 8.84
C ASN B 450 -11.46 8.20 9.12
N ALA B 451 -11.85 7.79 10.32
CA ALA B 451 -11.75 6.39 10.72
C ALA B 451 -12.88 6.07 11.67
N HIS B 452 -13.44 4.88 11.54
CA HIS B 452 -14.50 4.41 12.42
C HIS B 452 -14.25 2.94 12.74
N VAL B 453 -14.40 2.60 14.02
CA VAL B 453 -14.16 1.25 14.52
C VAL B 453 -15.37 0.81 15.32
N ILE B 454 -15.80 -0.44 15.10
CA ILE B 454 -16.94 -1.04 15.80
C ILE B 454 -16.38 -2.01 16.84
N LEU B 455 -16.72 -1.76 18.11
CA LEU B 455 -16.32 -2.59 19.23
C LEU B 455 -17.47 -3.47 19.68
N GLU B 456 -17.12 -4.66 20.16
CA GLU B 456 -18.08 -5.63 20.67
C GLU B 456 -17.49 -6.26 21.93
N GLN B 457 -18.35 -6.68 22.84
CA GLN B 457 -17.87 -7.22 24.11
C GLN B 457 -17.33 -8.63 23.90
N ALA B 458 -16.40 -9.01 24.77
CA ALA B 458 -15.76 -10.30 24.64
C ALA B 458 -16.77 -11.41 24.95
N PRO B 459 -16.98 -12.38 24.04
CA PRO B 459 -17.87 -13.49 24.39
C PRO B 459 -17.26 -14.34 25.51
N THR B 460 -18.15 -14.87 26.35
CA THR B 460 -17.72 -15.68 27.48
C THR B 460 -17.09 -16.98 27.01
N GLN B 461 -16.10 -17.45 27.76
CA GLN B 461 -15.38 -18.67 27.41
C GLN B 461 -15.97 -19.88 28.15
N ALA B 467 -8.11 -28.52 37.77
CA ALA B 467 -7.11 -27.56 38.21
C ALA B 467 -7.21 -27.34 39.71
N PRO B 468 -6.94 -28.38 40.51
CA PRO B 468 -7.03 -28.23 41.96
C PRO B 468 -5.92 -27.33 42.48
N PRO B 469 -6.14 -26.62 43.58
CA PRO B 469 -5.08 -25.74 44.09
C PRO B 469 -3.92 -26.55 44.66
N VAL B 470 -2.72 -25.95 44.59
CA VAL B 470 -1.52 -26.55 45.16
C VAL B 470 -1.28 -25.94 46.53
N PRO B 471 -0.66 -26.64 47.48
CA PRO B 471 -0.45 -26.05 48.80
C PRO B 471 0.82 -25.21 48.85
N ALA B 472 0.72 -24.06 49.51
CA ALA B 472 1.84 -23.14 49.67
C ALA B 472 2.39 -22.70 48.30
N ALA B 473 1.53 -22.03 47.55
CA ALA B 473 1.91 -21.55 46.24
C ALA B 473 2.91 -20.40 46.39
N PRO B 474 4.13 -20.48 45.81
CA PRO B 474 5.05 -19.34 45.95
C PRO B 474 4.54 -18.13 45.19
N TRP B 475 4.55 -16.98 45.87
CA TRP B 475 4.28 -15.69 45.25
C TRP B 475 5.61 -15.00 45.01
N LEU B 476 5.94 -14.79 43.73
CA LEU B 476 7.23 -14.26 43.32
C LEU B 476 7.12 -12.80 42.93
N LEU B 477 8.08 -12.00 43.35
CA LEU B 477 8.19 -10.61 42.95
C LEU B 477 9.64 -10.34 42.54
N SER B 478 9.81 -9.40 41.61
CA SER B 478 11.14 -9.08 41.13
C SER B 478 11.16 -7.64 40.64
N ALA B 479 12.36 -7.07 40.60
CA ALA B 479 12.55 -5.70 40.13
C ALA B 479 14.03 -5.47 39.86
N LYS B 480 14.31 -4.34 39.22
CA LYS B 480 15.69 -4.00 38.87
C LYS B 480 16.46 -3.48 40.07
N THR B 481 15.81 -2.79 40.99
CA THR B 481 16.44 -2.18 42.16
C THR B 481 15.65 -2.55 43.40
N PRO B 482 16.28 -2.50 44.59
CA PRO B 482 15.52 -2.85 45.81
C PRO B 482 14.33 -1.93 46.05
N ALA B 483 14.47 -0.64 45.77
CA ALA B 483 13.34 0.27 45.93
C ALA B 483 12.21 -0.09 44.99
N ALA B 484 12.56 -0.47 43.75
CA ALA B 484 11.54 -0.92 42.80
C ALA B 484 10.87 -2.19 43.29
N LEU B 485 11.63 -3.10 43.89
CA LEU B 485 11.02 -4.32 44.42
C LEU B 485 10.07 -4.02 45.57
N ARG B 486 10.45 -3.09 46.46
CA ARG B 486 9.54 -2.70 47.53
C ARG B 486 8.28 -2.05 46.99
N ALA B 487 8.42 -1.21 45.96
CA ALA B 487 7.26 -0.61 45.33
C ALA B 487 6.37 -1.68 44.69
N GLN B 488 6.99 -2.70 44.08
CA GLN B 488 6.23 -3.80 43.50
C GLN B 488 5.41 -4.51 44.56
N ALA B 489 6.04 -4.81 45.70
CA ALA B 489 5.33 -5.49 46.78
C ALA B 489 4.19 -4.63 47.31
N ARG B 490 4.44 -3.33 47.48
CA ARG B 490 3.40 -2.44 47.98
C ARG B 490 2.22 -2.36 47.02
N ARG B 491 2.51 -2.25 45.72
CA ARG B 491 1.43 -2.16 44.75
C ARG B 491 0.64 -3.46 44.66
N LEU B 492 1.34 -4.60 44.74
CA LEU B 492 0.62 -5.88 44.75
C LEU B 492 -0.27 -5.99 45.99
N HIS B 493 0.23 -5.55 47.14
CA HIS B 493 -0.57 -5.62 48.36
C HIS B 493 -1.81 -4.73 48.26
N THR B 494 -1.63 -3.47 47.86
CA THR B 494 -2.78 -2.57 47.79
C THR B 494 -3.73 -2.93 46.66
N HIS B 495 -3.25 -3.65 45.64
CA HIS B 495 -4.15 -4.13 44.60
C HIS B 495 -4.97 -5.32 45.10
N LEU B 496 -4.34 -6.25 45.82
CA LEU B 496 -5.08 -7.38 46.35
C LEU B 496 -6.04 -6.95 47.46
N ALA B 497 -5.74 -5.86 48.16
CA ALA B 497 -6.61 -5.41 49.23
C ALA B 497 -7.98 -5.01 48.70
N ARG B 498 -8.00 -4.13 47.69
CA ARG B 498 -9.26 -3.70 47.09
C ARG B 498 -9.68 -4.66 45.97
N HIS B 499 -9.93 -5.91 46.40
CA HIS B 499 -10.25 -6.99 45.47
C HIS B 499 -11.00 -8.05 46.25
N PRO B 500 -12.01 -8.72 45.68
CA PRO B 500 -12.64 -9.83 46.40
C PRO B 500 -11.66 -10.96 46.62
N HIS B 501 -12.06 -11.90 47.48
CA HIS B 501 -11.21 -12.99 47.95
C HIS B 501 -10.66 -13.80 46.77
N PRO B 502 -9.37 -13.68 46.42
CA PRO B 502 -8.83 -14.48 45.30
C PRO B 502 -8.16 -15.76 45.78
N ASP B 503 -8.22 -16.82 45.00
CA ASP B 503 -7.48 -18.01 45.33
C ASP B 503 -5.98 -17.73 45.16
N PRO B 504 -5.12 -18.44 45.92
CA PRO B 504 -3.69 -18.09 45.89
C PRO B 504 -2.97 -18.64 44.67
N THR B 505 -3.41 -19.79 44.18
CA THR B 505 -2.69 -20.46 43.10
C THR B 505 -2.73 -19.64 41.81
N ASP B 506 -3.87 -19.01 41.52
CA ASP B 506 -3.96 -18.20 40.31
C ASP B 506 -3.03 -16.99 40.37
N ILE B 507 -2.99 -16.31 41.52
CA ILE B 507 -2.08 -15.19 41.68
C ILE B 507 -0.63 -15.65 41.57
N ALA B 508 -0.32 -16.81 42.15
CA ALA B 508 1.04 -17.34 42.06
C ALA B 508 1.41 -17.61 40.60
N HIS B 509 0.51 -18.22 39.84
CA HIS B 509 0.80 -18.51 38.44
C HIS B 509 0.97 -17.22 37.64
N ALA B 510 0.11 -16.23 37.88
CA ALA B 510 0.22 -14.97 37.17
C ALA B 510 1.54 -14.27 37.48
N LEU B 511 1.96 -14.30 38.74
CA LEU B 511 3.22 -13.64 39.10
C LEU B 511 4.42 -14.40 38.54
N ALA B 512 4.36 -15.74 38.55
CA ALA B 512 5.52 -16.53 38.16
C ALA B 512 5.64 -16.72 36.65
N THR B 513 4.58 -16.45 35.88
CA THR B 513 4.56 -16.69 34.45
C THR B 513 4.41 -15.43 33.61
N THR B 514 3.51 -14.52 34.00
CA THR B 514 3.19 -13.33 33.20
C THR B 514 3.97 -12.10 33.67
N ARG B 515 5.13 -12.29 34.29
CA ARG B 515 5.96 -11.19 34.74
C ARG B 515 7.43 -11.53 34.51
N THR B 516 8.25 -10.50 34.37
CA THR B 516 9.65 -10.67 34.00
C THR B 516 10.51 -10.94 35.24
N PRO B 517 11.42 -11.94 35.24
CA PRO B 517 12.32 -12.11 36.38
C PRO B 517 13.51 -11.17 36.29
N HIS B 518 13.54 -10.16 37.15
CA HIS B 518 14.60 -9.16 37.15
C HIS B 518 15.69 -9.58 38.15
N GLU B 519 16.62 -8.67 38.43
CA GLU B 519 17.77 -9.01 39.26
C GLU B 519 17.39 -9.17 40.72
N HIS B 520 16.88 -8.11 41.34
CA HIS B 520 16.44 -8.20 42.72
C HIS B 520 15.16 -9.03 42.79
N ARG B 521 15.12 -10.00 43.70
CA ARG B 521 14.04 -10.97 43.75
C ARG B 521 13.58 -11.18 45.18
N ALA B 522 12.29 -11.46 45.33
CA ALA B 522 11.69 -11.79 46.61
C ALA B 522 10.59 -12.82 46.39
N ALA B 523 10.28 -13.56 47.45
CA ALA B 523 9.33 -14.64 47.37
C ALA B 523 8.59 -14.79 48.69
N LEU B 524 7.35 -15.27 48.60
CA LEU B 524 6.52 -15.59 49.77
C LEU B 524 6.03 -17.01 49.62
N VAL B 525 6.31 -17.84 50.62
CA VAL B 525 5.91 -19.25 50.63
C VAL B 525 5.28 -19.53 51.99
N THR B 526 3.96 -19.43 52.07
CA THR B 526 3.20 -19.78 53.26
C THR B 526 1.95 -20.51 52.83
N ASP B 527 1.42 -21.35 53.72
CA ASP B 527 0.31 -22.25 53.44
C ASP B 527 -0.94 -21.87 54.23
N ASP B 528 -1.23 -20.57 54.33
CA ASP B 528 -2.42 -20.13 55.05
C ASP B 528 -2.69 -18.68 54.69
N HIS B 529 -3.92 -18.40 54.26
CA HIS B 529 -4.33 -17.02 54.02
C HIS B 529 -4.32 -16.25 55.33
N GLY B 530 -3.98 -14.97 55.23
CA GLY B 530 -3.81 -14.10 56.37
C GLY B 530 -2.37 -13.89 56.79
N THR B 531 -1.46 -14.78 56.37
CA THR B 531 -0.03 -14.57 56.54
C THR B 531 0.59 -13.88 55.33
N ARG B 532 -0.01 -14.04 54.15
CA ARG B 532 0.56 -13.44 52.94
C ARG B 532 0.45 -11.92 52.99
N GLY B 533 -0.64 -11.38 53.55
CA GLY B 533 -0.82 -9.95 53.63
C GLY B 533 0.22 -9.27 54.49
N PRO B 534 0.39 -9.74 55.73
CA PRO B 534 1.48 -9.21 56.57
C PRO B 534 2.86 -9.42 55.94
N ALA B 535 3.08 -10.53 55.25
CA ALA B 535 4.38 -10.74 54.61
C ALA B 535 4.62 -9.72 53.51
N LEU B 536 3.59 -9.43 52.70
CA LEU B 536 3.72 -8.40 51.68
C LEU B 536 3.96 -7.03 52.31
N ALA B 537 3.27 -6.75 53.41
CA ALA B 537 3.50 -5.47 54.10
C ALA B 537 4.93 -5.37 54.59
N ALA B 538 5.46 -6.46 55.15
CA ALA B 538 6.84 -6.45 55.62
C ALA B 538 7.81 -6.26 54.47
N LEU B 539 7.57 -6.93 53.34
CA LEU B 539 8.44 -6.77 52.19
C LEU B 539 8.39 -5.34 51.65
N ALA B 540 7.20 -4.74 51.63
CA ALA B 540 7.08 -3.35 51.20
C ALA B 540 7.83 -2.42 52.14
N GLU B 541 7.71 -2.64 53.45
CA GLU B 541 8.42 -1.82 54.43
C GLU B 541 9.88 -2.25 54.61
N GLY B 542 10.29 -3.38 54.05
CA GLY B 542 11.66 -3.84 54.14
C GLY B 542 11.96 -4.68 55.37
N ALA B 543 11.04 -4.80 56.31
CA ALA B 543 11.27 -5.62 57.47
C ALA B 543 11.26 -7.11 57.09
N PRO B 544 11.93 -7.96 57.87
CA PRO B 544 11.96 -9.38 57.53
C PRO B 544 10.70 -10.09 58.03
N ASP B 545 10.54 -11.33 57.56
CA ASP B 545 9.43 -12.17 57.97
C ASP B 545 9.83 -13.62 57.81
N ALA B 546 9.10 -14.49 58.51
CA ALA B 546 9.44 -15.92 58.50
C ALA B 546 9.27 -16.52 57.12
N CYS B 547 8.18 -16.18 56.43
CA CYS B 547 7.87 -16.76 55.13
C CYS B 547 8.38 -15.92 53.97
N LEU B 548 9.05 -14.80 54.23
CA LEU B 548 9.55 -13.90 53.18
C LEU B 548 11.00 -14.21 52.91
N ILE B 549 11.33 -14.43 51.64
CA ILE B 549 12.69 -14.64 51.17
C ILE B 549 13.04 -13.46 50.27
N SER B 550 14.29 -13.01 50.33
CA SER B 550 14.75 -11.92 49.50
C SER B 550 16.19 -12.18 49.08
N GLY B 551 16.58 -11.60 47.95
CA GLY B 551 17.95 -11.77 47.51
C GLY B 551 18.18 -11.08 46.18
N THR B 552 19.40 -11.24 45.68
CA THR B 552 19.83 -10.68 44.41
C THR B 552 20.33 -11.81 43.53
N ALA B 553 19.78 -11.91 42.32
CA ALA B 553 20.12 -12.99 41.42
C ALA B 553 21.52 -12.82 40.85
N LEU B 554 22.12 -13.94 40.47
CA LEU B 554 23.40 -13.96 39.75
C LEU B 554 23.12 -14.05 38.26
N SER B 555 23.71 -13.12 37.50
CA SER B 555 23.47 -13.08 36.07
C SER B 555 23.95 -14.36 35.38
N LYS B 556 25.11 -14.86 35.78
CA LYS B 556 25.68 -16.08 35.21
C LYS B 556 26.25 -16.93 36.33
N GLY B 557 26.19 -18.24 36.13
CA GLY B 557 26.73 -19.18 37.10
C GLY B 557 26.17 -20.58 36.90
N ARG B 558 27.04 -21.58 37.01
CA ARG B 558 26.65 -22.97 36.81
C ARG B 558 26.28 -23.60 38.15
N THR B 559 25.40 -24.61 38.08
CA THR B 559 24.77 -25.20 39.25
C THR B 559 25.44 -26.51 39.63
N VAL B 560 25.54 -26.75 40.94
CA VAL B 560 26.16 -27.95 41.48
C VAL B 560 25.20 -28.59 42.46
N PHE B 561 25.08 -29.91 42.38
CA PHE B 561 24.30 -30.70 43.34
C PHE B 561 25.26 -31.32 44.35
N VAL B 562 25.04 -31.03 45.62
CA VAL B 562 25.91 -31.45 46.71
C VAL B 562 25.21 -32.55 47.48
N PHE B 563 25.93 -33.64 47.78
CA PHE B 563 25.38 -34.84 48.41
C PHE B 563 26.12 -35.10 49.72
N PRO B 564 25.64 -34.57 50.84
CA PRO B 564 26.25 -34.92 52.13
C PRO B 564 26.16 -36.41 52.40
N GLY B 565 27.19 -36.94 53.06
CA GLY B 565 27.26 -38.36 53.34
C GLY B 565 26.40 -38.81 54.49
N GLN B 566 26.46 -38.09 55.61
CA GLN B 566 25.69 -38.46 56.80
C GLN B 566 25.33 -37.19 57.57
N GLY B 567 24.66 -37.37 58.69
CA GLY B 567 24.27 -36.27 59.54
C GLY B 567 23.01 -35.53 59.11
N SER B 568 22.35 -35.98 58.05
CA SER B 568 21.14 -35.36 57.52
C SER B 568 19.96 -36.32 57.61
N GLN B 569 19.86 -37.03 58.73
CA GLN B 569 18.80 -38.01 58.96
C GLN B 569 17.95 -37.57 60.14
N TRP B 570 16.64 -37.75 60.03
CA TRP B 570 15.73 -37.51 61.13
C TRP B 570 14.43 -38.24 60.87
N THR B 571 13.91 -38.89 61.92
CA THR B 571 12.65 -39.62 61.80
C THR B 571 11.52 -38.67 61.47
N GLY B 572 10.96 -38.81 60.27
CA GLY B 572 9.93 -37.91 59.78
C GLY B 572 10.17 -37.48 58.35
N MET B 573 11.42 -37.55 57.90
CA MET B 573 11.77 -37.09 56.57
C MET B 573 11.08 -37.94 55.51
N GLY B 574 10.59 -37.28 54.47
CA GLY B 574 9.98 -37.99 53.36
C GLY B 574 8.70 -38.72 53.68
N ARG B 575 8.01 -38.33 54.76
CA ARG B 575 6.75 -38.95 55.13
C ARG B 575 5.57 -38.17 54.57
N GLU B 576 5.44 -36.90 54.98
CA GLU B 576 4.36 -36.06 54.46
C GLU B 576 4.62 -35.62 53.02
N LEU B 577 5.84 -35.79 52.51
CA LEU B 577 6.09 -35.55 51.09
C LEU B 577 5.57 -36.69 50.22
N LEU B 578 5.56 -37.92 50.74
CA LEU B 578 5.07 -39.05 49.97
C LEU B 578 3.59 -38.90 49.63
N HIS B 579 2.82 -38.26 50.51
CA HIS B 579 1.39 -38.11 50.31
C HIS B 579 1.00 -36.81 49.63
N THR B 580 1.97 -35.99 49.19
CA THR B 580 1.68 -34.73 48.52
C THR B 580 2.63 -34.48 47.35
N SER B 581 3.18 -35.54 46.77
CA SER B 581 4.09 -35.41 45.64
C SER B 581 4.15 -36.71 44.86
N PRO B 582 3.28 -36.92 43.86
CA PRO B 582 3.33 -38.19 43.11
C PRO B 582 4.65 -38.46 42.45
N GLU B 583 5.36 -37.43 41.98
CA GLU B 583 6.69 -37.65 41.40
C GLU B 583 7.64 -38.20 42.45
N PHE B 584 7.64 -37.60 43.65
CA PHE B 584 8.49 -38.10 44.72
C PHE B 584 8.10 -39.51 45.11
N ALA B 585 6.80 -39.81 45.12
CA ALA B 585 6.35 -41.16 45.43
C ALA B 585 6.87 -42.16 44.40
N ALA B 586 6.82 -41.80 43.12
CA ALA B 586 7.31 -42.71 42.09
C ALA B 586 8.81 -42.92 42.21
N TYR B 587 9.56 -41.84 42.50
CA TYR B 587 11.01 -41.98 42.67
C TYR B 587 11.32 -42.88 43.86
N ILE B 588 10.60 -42.70 44.96
CA ILE B 588 10.80 -43.55 46.14
C ILE B 588 10.44 -44.99 45.81
N ALA B 589 9.38 -45.18 45.01
CA ALA B 589 8.95 -46.53 44.68
C ALA B 589 10.00 -47.27 43.86
N GLU B 590 10.56 -46.60 42.85
CA GLU B 590 11.61 -47.25 42.07
C GLU B 590 12.88 -47.45 42.89
N CYS B 591 13.19 -46.52 43.80
CA CYS B 591 14.33 -46.71 44.69
C CYS B 591 14.13 -47.94 45.57
N GLU B 592 12.92 -48.13 46.10
CA GLU B 592 12.62 -49.32 46.88
C GLU B 592 12.72 -50.57 46.02
N THR B 593 12.25 -50.48 44.77
CA THR B 593 12.31 -51.63 43.87
C THR B 593 13.74 -52.07 43.64
N ALA B 594 14.65 -51.12 43.45
CA ALA B 594 16.06 -51.48 43.34
C ALA B 594 16.58 -52.08 44.65
N LEU B 595 16.19 -51.50 45.77
CA LEU B 595 16.63 -51.97 47.08
C LEU B 595 15.69 -53.06 47.62
N ASN B 596 15.63 -54.15 46.86
CA ASN B 596 14.87 -55.34 47.23
C ASN B 596 15.69 -56.62 47.13
N ASP B 597 16.56 -56.73 46.14
CA ASP B 597 17.37 -57.93 45.94
C ASP B 597 18.70 -57.86 46.68
N PHE B 598 18.97 -56.78 47.44
CA PHE B 598 20.16 -56.66 48.27
C PHE B 598 19.85 -56.45 49.74
N VAL B 599 18.63 -56.03 50.09
CA VAL B 599 18.26 -55.67 51.45
C VAL B 599 16.95 -56.36 51.80
N ASP B 600 16.71 -56.50 53.11
CA ASP B 600 15.63 -57.32 53.65
C ASP B 600 14.64 -56.49 54.47
N TRP B 601 14.24 -55.33 53.95
CA TRP B 601 13.15 -54.58 54.57
C TRP B 601 12.57 -53.62 53.54
N SER B 602 11.37 -53.13 53.84
CA SER B 602 10.65 -52.25 52.95
C SER B 602 11.07 -50.81 53.21
N LEU B 603 11.54 -50.13 52.16
CA LEU B 603 11.97 -48.75 52.30
C LEU B 603 10.82 -47.82 52.66
N THR B 604 9.65 -48.05 52.05
CA THR B 604 8.50 -47.21 52.35
C THR B 604 8.08 -47.35 53.80
N ASP B 605 8.15 -48.57 54.34
CA ASP B 605 7.83 -48.78 55.75
C ASP B 605 8.83 -48.07 56.65
N VAL B 606 10.12 -48.13 56.30
CA VAL B 606 11.14 -47.47 57.11
C VAL B 606 10.93 -45.97 57.11
N LEU B 607 10.66 -45.39 55.94
CA LEU B 607 10.40 -43.96 55.87
C LEU B 607 9.15 -43.58 56.64
N ARG B 608 8.08 -44.37 56.50
CA ARG B 608 6.81 -44.07 57.13
C ARG B 608 6.76 -44.42 58.60
N GLY B 609 7.79 -45.06 59.14
CA GLY B 609 7.84 -45.35 60.56
C GLY B 609 6.77 -46.31 61.03
N THR B 610 6.42 -47.29 60.20
CA THR B 610 5.44 -48.29 60.61
C THR B 610 6.05 -49.24 61.63
N GLU B 611 5.19 -50.03 62.27
CA GLU B 611 5.65 -50.99 63.26
C GLU B 611 6.55 -52.04 62.62
N GLY B 612 7.61 -52.40 63.31
CA GLY B 612 8.55 -53.39 62.86
C GLY B 612 9.65 -52.87 61.96
N ALA B 613 9.40 -51.80 61.23
CA ALA B 613 10.43 -51.25 60.35
C ALA B 613 11.52 -50.59 61.18
N PRO B 614 12.81 -50.92 60.94
CA PRO B 614 13.86 -50.30 61.76
C PRO B 614 13.98 -48.81 61.53
N GLY B 615 14.41 -48.10 62.59
CA GLY B 615 14.60 -46.66 62.51
C GLY B 615 16.00 -46.29 62.09
N TYR B 616 16.25 -44.98 62.07
CA TYR B 616 17.54 -44.44 61.65
C TYR B 616 18.54 -44.51 62.81
N ASP B 617 18.88 -45.74 63.17
CA ASP B 617 19.92 -46.04 64.15
C ASP B 617 20.96 -47.01 63.63
N ARG B 618 20.55 -47.98 62.83
CA ARG B 618 21.50 -48.90 62.21
C ARG B 618 22.14 -48.26 60.99
N VAL B 619 23.36 -48.70 60.69
CA VAL B 619 24.06 -48.17 59.52
C VAL B 619 23.40 -48.67 58.23
N ASP B 620 23.06 -49.96 58.18
CA ASP B 620 22.53 -50.54 56.96
C ASP B 620 21.15 -50.04 56.59
N VAL B 621 20.46 -49.34 57.48
CA VAL B 621 19.17 -48.74 57.17
C VAL B 621 19.26 -47.23 57.03
N VAL B 622 20.15 -46.56 57.76
CA VAL B 622 20.29 -45.12 57.61
C VAL B 622 21.00 -44.78 56.30
N GLN B 623 21.93 -45.64 55.85
CA GLN B 623 22.68 -45.30 54.64
C GLN B 623 21.83 -45.44 53.39
N PRO B 624 21.27 -46.61 53.06
CA PRO B 624 20.48 -46.70 51.81
C PRO B 624 19.25 -45.83 51.81
N ALA B 625 18.61 -45.63 52.96
CA ALA B 625 17.47 -44.73 53.02
C ALA B 625 17.88 -43.32 52.66
N LEU B 626 19.00 -42.85 53.19
CA LEU B 626 19.51 -41.53 52.82
C LEU B 626 19.84 -41.48 51.34
N PHE B 627 20.46 -42.54 50.81
CA PHE B 627 20.78 -42.58 49.39
C PHE B 627 19.53 -42.40 48.55
N ALA B 628 18.49 -43.16 48.86
CA ALA B 628 17.25 -43.09 48.09
C ALA B 628 16.59 -41.74 48.22
N VAL B 629 16.56 -41.17 49.43
CA VAL B 629 15.92 -39.87 49.62
C VAL B 629 16.68 -38.79 48.86
N MET B 630 18.01 -38.82 48.92
CA MET B 630 18.80 -37.85 48.17
C MET B 630 18.59 -38.00 46.67
N VAL B 631 18.56 -39.24 46.17
CA VAL B 631 18.36 -39.44 44.74
C VAL B 631 16.98 -38.93 44.32
N SER B 632 15.95 -39.24 45.11
CA SER B 632 14.61 -38.80 44.78
C SER B 632 14.51 -37.28 44.82
N LEU B 633 15.14 -36.65 45.80
CA LEU B 633 15.11 -35.20 45.88
C LEU B 633 15.83 -34.58 44.68
N ALA B 634 16.97 -35.15 44.29
CA ALA B 634 17.68 -34.65 43.12
C ALA B 634 16.84 -34.81 41.85
N ARG B 635 16.17 -35.95 41.72
CA ARG B 635 15.29 -36.16 40.57
C ARG B 635 14.15 -35.15 40.58
N LEU B 636 13.63 -34.82 41.76
CA LEU B 636 12.57 -33.83 41.85
C LEU B 636 13.08 -32.44 41.45
N TRP B 637 14.29 -32.09 41.89
CA TRP B 637 14.91 -30.83 41.47
C TRP B 637 15.04 -30.79 39.96
N GLN B 638 15.49 -31.89 39.35
CA GLN B 638 15.58 -31.95 37.90
C GLN B 638 14.20 -31.82 37.26
N HIS B 639 13.20 -32.48 37.84
CA HIS B 639 11.84 -32.43 37.32
C HIS B 639 11.29 -31.01 37.34
N HIS B 640 11.77 -30.17 38.26
CA HIS B 640 11.41 -28.76 38.28
C HIS B 640 12.31 -27.91 37.39
N GLY B 641 13.00 -28.52 36.43
CA GLY B 641 13.80 -27.77 35.46
C GLY B 641 15.00 -27.07 36.06
N ILE B 642 15.70 -27.72 36.98
CA ILE B 642 16.83 -27.16 37.70
C ILE B 642 18.01 -28.11 37.47
N HIS B 643 18.12 -28.60 36.23
CA HIS B 643 19.09 -29.65 35.91
C HIS B 643 20.51 -29.21 36.30
N PRO B 644 21.34 -30.12 36.81
CA PRO B 644 22.63 -29.69 37.37
C PRO B 644 23.75 -29.65 36.35
N ASP B 645 24.57 -28.61 36.47
CA ASP B 645 25.79 -28.52 35.67
C ASP B 645 26.94 -29.30 36.28
N ALA B 646 26.82 -29.76 37.52
CA ALA B 646 27.84 -30.62 38.10
C ALA B 646 27.27 -31.28 39.35
N VAL B 647 27.96 -32.32 39.81
CA VAL B 647 27.59 -33.03 41.03
C VAL B 647 28.86 -33.29 41.83
N ILE B 648 28.78 -33.09 43.14
CA ILE B 648 29.89 -33.34 44.06
C ILE B 648 29.36 -34.17 45.21
N GLY B 649 30.05 -35.27 45.52
CA GLY B 649 29.64 -36.17 46.57
C GLY B 649 30.37 -35.91 47.88
N HIS B 650 30.07 -36.78 48.86
CA HIS B 650 30.74 -36.71 50.16
C HIS B 650 30.55 -38.06 50.85
N SER B 651 31.66 -38.77 51.07
CA SER B 651 31.64 -40.08 51.72
C SER B 651 30.72 -41.03 50.93
N GLN B 652 29.52 -41.33 51.45
CA GLN B 652 28.57 -42.17 50.73
C GLN B 652 27.66 -41.38 49.81
N GLY B 653 27.67 -40.05 49.88
CA GLY B 653 26.94 -39.25 48.93
C GLY B 653 27.50 -39.33 47.52
N GLU B 654 28.74 -39.79 47.38
CA GLU B 654 29.31 -39.98 46.06
C GLU B 654 28.55 -41.03 45.25
N ILE B 655 27.91 -41.98 45.92
CA ILE B 655 27.10 -42.96 45.19
C ILE B 655 25.91 -42.28 44.54
N ALA B 656 25.18 -41.46 45.30
CA ALA B 656 24.05 -40.74 44.73
C ALA B 656 24.51 -39.75 43.66
N ALA B 657 25.65 -39.11 43.88
CA ALA B 657 26.18 -38.19 42.87
C ALA B 657 26.52 -38.93 41.59
N ALA B 658 27.12 -40.11 41.69
CA ALA B 658 27.44 -40.89 40.50
C ALA B 658 26.18 -41.34 39.78
N HIS B 659 25.15 -41.72 40.53
CA HIS B 659 23.89 -42.08 39.89
C HIS B 659 23.28 -40.90 39.15
N ILE B 660 23.25 -39.72 39.78
CA ILE B 660 22.64 -38.57 39.12
C ILE B 660 23.48 -38.14 37.92
N ALA B 661 24.79 -38.38 37.95
CA ALA B 661 25.63 -38.09 36.80
C ALA B 661 25.43 -39.06 35.65
N GLY B 662 24.69 -40.15 35.86
CA GLY B 662 24.56 -41.18 34.85
C GLY B 662 25.72 -42.15 34.79
N ALA B 663 26.70 -42.02 35.68
CA ALA B 663 27.81 -42.97 35.70
C ALA B 663 27.32 -44.37 36.01
N LEU B 664 26.40 -44.50 36.96
CA LEU B 664 25.85 -45.77 37.40
C LEU B 664 24.34 -45.74 37.27
N SER B 665 23.76 -46.87 36.87
CA SER B 665 22.32 -47.00 36.88
C SER B 665 21.81 -46.96 38.31
N LEU B 666 20.48 -46.78 38.45
CA LEU B 666 19.89 -46.72 39.78
C LEU B 666 20.10 -48.04 40.51
N GLN B 667 19.93 -49.15 39.80
CA GLN B 667 20.17 -50.46 40.39
C GLN B 667 21.61 -50.61 40.85
N ASP B 668 22.56 -50.14 40.05
CA ASP B 668 23.97 -50.24 40.44
C ASP B 668 24.26 -49.43 41.69
N ALA B 669 23.75 -48.21 41.76
CA ALA B 669 23.99 -47.37 42.93
C ALA B 669 23.36 -48.00 44.18
N ALA B 670 22.16 -48.56 44.03
CA ALA B 670 21.54 -49.29 45.13
C ALA B 670 22.42 -50.44 45.58
N ARG B 671 22.98 -51.18 44.62
CA ARG B 671 23.86 -52.29 44.96
C ARG B 671 25.05 -51.82 45.77
N ILE B 672 25.73 -50.77 45.30
CA ILE B 672 26.91 -50.27 45.99
C ILE B 672 26.56 -49.84 47.41
N VAL B 673 25.55 -48.99 47.56
CA VAL B 673 25.26 -48.45 48.89
C VAL B 673 24.82 -49.55 49.84
N ALA B 674 23.94 -50.45 49.37
CA ALA B 674 23.44 -51.50 50.25
C ALA B 674 24.55 -52.44 50.68
N LEU B 675 25.36 -52.90 49.73
CA LEU B 675 26.39 -53.88 50.08
C LEU B 675 27.49 -53.26 50.91
N ARG B 676 27.85 -52.00 50.63
CA ARG B 676 28.86 -51.33 51.45
C ARG B 676 28.36 -51.13 52.87
N SER B 677 27.10 -50.71 53.03
CA SER B 677 26.55 -50.57 54.36
C SER B 677 26.50 -51.91 55.09
N GLN B 678 26.16 -52.98 54.38
CA GLN B 678 26.15 -54.31 54.99
C GLN B 678 27.55 -54.73 55.42
N ALA B 679 28.55 -54.42 54.61
CA ALA B 679 29.93 -54.75 54.95
C ALA B 679 30.49 -53.87 56.05
N LEU B 680 29.88 -52.73 56.33
CA LEU B 680 30.36 -51.82 57.36
C LEU B 680 30.03 -52.27 58.79
N LEU B 681 29.10 -53.22 58.96
CA LEU B 681 28.67 -53.61 60.31
C LEU B 681 29.78 -54.09 61.24
N PRO B 682 30.71 -54.97 60.84
CA PRO B 682 31.68 -55.46 61.83
C PRO B 682 32.56 -54.39 62.45
N LEU B 683 32.66 -53.21 61.85
CA LEU B 683 33.33 -52.08 62.48
C LEU B 683 32.43 -51.33 63.47
N ALA B 684 31.17 -51.73 63.60
CA ALA B 684 30.26 -51.00 64.49
C ALA B 684 30.71 -51.11 65.94
N GLY B 685 30.75 -49.98 66.62
CA GLY B 685 31.13 -49.94 68.03
C GLY B 685 32.62 -49.81 68.27
N LEU B 686 33.43 -50.14 67.26
CA LEU B 686 34.87 -50.10 67.41
C LEU B 686 35.46 -48.70 67.26
N GLY B 687 34.67 -47.72 66.84
CA GLY B 687 35.21 -46.40 66.64
C GLY B 687 34.12 -45.35 66.58
N GLY B 688 34.54 -44.14 66.21
CA GLY B 688 33.64 -43.01 66.15
C GLY B 688 34.28 -41.86 65.43
N MET B 689 33.55 -40.74 65.39
CA MET B 689 33.96 -39.55 64.66
C MET B 689 33.71 -38.31 65.51
N THR B 690 34.59 -37.32 65.35
CA THR B 690 34.43 -36.04 66.01
C THR B 690 34.81 -34.93 65.03
N SER B 691 34.01 -33.86 65.03
CA SER B 691 34.25 -32.70 64.19
C SER B 691 34.95 -31.62 65.00
N LEU B 692 36.10 -31.17 64.51
CA LEU B 692 36.90 -30.13 65.15
C LEU B 692 36.92 -28.91 64.25
N ALA B 693 36.61 -27.75 64.83
CA ALA B 693 36.62 -26.49 64.10
C ALA B 693 38.04 -25.93 64.10
N LEU B 694 38.90 -26.60 63.34
CA LEU B 694 40.32 -26.29 63.25
C LEU B 694 40.76 -26.42 61.80
N PRO B 695 41.78 -25.67 61.36
CA PRO B 695 42.29 -25.90 60.00
C PRO B 695 42.92 -27.27 59.86
N HIS B 696 43.04 -27.71 58.60
CA HIS B 696 43.60 -29.03 58.33
C HIS B 696 45.05 -29.11 58.79
N ASP B 697 45.84 -28.08 58.54
CA ASP B 697 47.24 -28.11 58.96
C ASP B 697 47.37 -28.12 60.48
N GLN B 698 46.58 -27.30 61.18
CA GLN B 698 46.65 -27.29 62.64
C GLN B 698 46.18 -28.62 63.21
N ALA B 699 45.12 -29.20 62.64
CA ALA B 699 44.64 -30.50 63.11
C ALA B 699 45.69 -31.58 62.88
N LEU B 700 46.30 -31.59 61.70
CA LEU B 700 47.33 -32.58 61.41
C LEU B 700 48.55 -32.37 62.29
N GLN B 701 48.79 -31.14 62.74
CA GLN B 701 49.84 -30.89 63.72
C GLN B 701 49.44 -31.34 65.12
N LEU B 702 48.14 -31.35 65.43
CA LEU B 702 47.64 -31.75 66.74
C LEU B 702 47.51 -33.26 66.89
N ILE B 703 47.54 -34.03 65.80
CA ILE B 703 47.09 -35.42 65.82
C ILE B 703 48.26 -36.40 65.92
N GLN B 704 49.50 -35.91 66.02
CA GLN B 704 50.66 -36.81 66.03
C GLN B 704 50.64 -37.83 67.17
N PRO B 705 50.43 -37.44 68.45
CA PRO B 705 50.68 -38.41 69.53
C PRO B 705 49.59 -39.45 69.72
N TRP B 706 49.07 -39.99 68.62
CA TRP B 706 48.28 -41.22 68.61
C TRP B 706 48.60 -42.10 67.43
N GLY B 707 49.58 -41.73 66.59
CA GLY B 707 50.03 -42.62 65.53
C GLY B 707 48.92 -42.95 64.55
N GLN B 708 48.76 -44.24 64.29
CA GLN B 708 47.72 -44.73 63.39
C GLN B 708 46.36 -44.86 64.07
N ASP B 709 46.27 -44.60 65.37
CA ASP B 709 44.99 -44.74 66.06
C ASP B 709 43.95 -43.74 65.57
N LEU B 710 44.38 -42.60 65.02
CA LEU B 710 43.48 -41.57 64.53
C LEU B 710 43.95 -41.11 63.15
N SER B 711 43.02 -40.55 62.38
CA SER B 711 43.34 -40.00 61.08
C SER B 711 42.27 -38.98 60.71
N ILE B 712 42.64 -38.08 59.80
CA ILE B 712 41.72 -37.04 59.35
C ILE B 712 40.68 -37.70 58.45
N ALA B 713 39.42 -37.73 58.89
CA ALA B 713 38.37 -38.35 58.10
C ALA B 713 37.98 -37.48 56.91
N SER B 714 37.89 -36.17 57.11
CA SER B 714 37.50 -35.28 56.02
C SER B 714 37.94 -33.87 56.31
N VAL B 715 38.27 -33.14 55.23
CA VAL B 715 38.59 -31.72 55.29
C VAL B 715 37.46 -30.94 54.66
N ASN B 716 36.49 -30.52 55.48
CA ASN B 716 35.29 -29.91 54.94
C ASN B 716 35.48 -28.44 54.58
N GLY B 717 36.31 -27.72 55.32
CA GLY B 717 36.48 -26.30 55.08
C GLY B 717 37.73 -25.72 55.69
N PRO B 718 37.94 -24.42 55.52
CA PRO B 718 39.14 -23.79 56.08
C PRO B 718 39.25 -23.91 57.58
N HIS B 719 38.13 -23.92 58.31
CA HIS B 719 38.10 -24.03 59.76
C HIS B 719 37.15 -25.13 60.18
N SER B 720 37.12 -26.23 59.43
CA SER B 720 36.25 -27.35 59.72
C SER B 720 36.93 -28.62 59.26
N THR B 721 37.11 -29.56 60.18
CA THR B 721 37.72 -30.85 59.90
C THR B 721 36.98 -31.91 60.68
N VAL B 722 37.02 -33.15 60.18
CA VAL B 722 36.40 -34.28 60.84
C VAL B 722 37.46 -35.36 61.00
N VAL B 723 37.66 -35.80 62.24
CA VAL B 723 38.60 -36.85 62.60
C VAL B 723 37.80 -38.09 62.98
N SER B 724 38.37 -39.26 62.73
CA SER B 724 37.72 -40.52 63.06
C SER B 724 38.75 -41.49 63.59
N GLY B 725 38.31 -42.38 64.48
CA GLY B 725 39.21 -43.37 65.04
C GLY B 725 38.59 -44.09 66.21
N THR B 726 39.43 -44.84 66.91
CA THR B 726 38.97 -45.69 68.00
C THR B 726 38.35 -44.84 69.12
N THR B 727 37.37 -45.44 69.80
CA THR B 727 36.51 -44.68 70.69
C THR B 727 37.28 -44.07 71.85
N HIS B 728 38.21 -44.84 72.44
CA HIS B 728 38.99 -44.32 73.56
C HIS B 728 39.83 -43.13 73.14
N ALA B 729 40.39 -43.18 71.93
CA ALA B 729 41.21 -42.07 71.44
C ALA B 729 40.38 -40.81 71.32
N LEU B 730 39.17 -40.90 70.75
CA LEU B 730 38.31 -39.72 70.67
C LEU B 730 37.91 -39.25 72.05
N ASP B 731 37.63 -40.18 72.97
CA ASP B 731 37.20 -39.79 74.31
C ASP B 731 38.28 -38.97 75.02
N GLU B 732 39.53 -39.42 74.96
CA GLU B 732 40.60 -38.67 75.59
C GLU B 732 40.94 -37.40 74.79
N LEU B 733 40.83 -37.45 73.46
CA LEU B 733 41.13 -36.27 72.66
C LEU B 733 40.10 -35.18 72.92
N HIS B 734 38.88 -35.54 73.28
CA HIS B 734 37.88 -34.53 73.59
C HIS B 734 38.32 -33.67 74.77
N THR B 735 38.74 -34.30 75.87
CA THR B 735 39.23 -33.52 77.00
C THR B 735 40.56 -32.85 76.67
N THR B 736 41.40 -33.49 75.84
CA THR B 736 42.67 -32.88 75.47
C THR B 736 42.46 -31.56 74.73
N CYS B 737 41.52 -31.53 73.80
CA CYS B 737 41.20 -30.30 73.08
C CYS B 737 40.35 -29.35 73.92
N ASP B 738 39.62 -29.87 74.90
CA ASP B 738 38.93 -28.98 75.84
C ASP B 738 39.92 -28.25 76.75
N THR B 739 41.12 -28.81 76.96
CA THR B 739 42.15 -28.06 77.66
C THR B 739 42.48 -26.76 76.91
N GLN B 740 42.53 -26.84 75.58
CA GLN B 740 42.72 -25.67 74.74
C GLN B 740 41.36 -25.09 74.37
N GLY B 741 41.38 -23.96 73.67
CA GLY B 741 40.15 -23.32 73.21
C GLY B 741 39.72 -23.84 71.85
N VAL B 742 39.52 -25.15 71.74
CA VAL B 742 39.21 -25.83 70.49
C VAL B 742 37.82 -26.45 70.60
N ARG B 743 36.92 -26.04 69.71
CA ARG B 743 35.61 -26.67 69.63
C ARG B 743 35.73 -28.09 69.12
N ALA B 744 34.95 -29.00 69.69
CA ALA B 744 34.96 -30.39 69.28
C ALA B 744 33.60 -31.00 69.58
N ARG B 745 32.91 -31.46 68.55
CA ARG B 745 31.62 -32.12 68.67
C ARG B 745 31.75 -33.60 68.35
N ARG B 746 30.96 -34.42 69.04
CA ARG B 746 30.98 -35.87 68.87
C ARG B 746 29.90 -36.24 67.86
N ILE B 747 30.31 -36.64 66.67
CA ILE B 747 29.32 -36.98 65.63
C ILE B 747 28.64 -38.30 66.02
N PRO B 748 27.30 -38.37 66.06
CA PRO B 748 26.68 -39.62 66.54
C PRO B 748 26.75 -40.75 65.53
N VAL B 749 27.92 -41.40 65.48
CA VAL B 749 28.14 -42.57 64.64
C VAL B 749 29.04 -43.52 65.40
N ASP B 750 28.62 -44.78 65.52
CA ASP B 750 29.38 -45.80 66.25
C ASP B 750 30.30 -46.59 65.32
N TYR B 751 31.11 -45.88 64.53
CA TYR B 751 32.06 -46.52 63.64
C TYR B 751 33.01 -45.46 63.10
N ALA B 752 34.23 -45.88 62.81
CA ALA B 752 35.29 -45.00 62.30
C ALA B 752 35.60 -45.37 60.87
N SER B 753 35.04 -44.61 59.93
CA SER B 753 35.35 -44.73 58.51
C SER B 753 36.32 -43.64 58.12
N HIS B 754 36.87 -43.75 56.91
CA HIS B 754 37.93 -42.87 56.46
C HIS B 754 39.12 -42.91 57.41
N SER B 755 39.43 -44.11 57.90
CA SER B 755 40.49 -44.32 58.88
C SER B 755 41.20 -45.62 58.55
N ALA B 756 42.10 -46.04 59.44
CA ALA B 756 42.83 -47.29 59.26
C ALA B 756 42.02 -48.51 59.64
N GLN B 757 40.89 -48.35 60.31
CA GLN B 757 40.09 -49.51 60.70
C GLN B 757 39.46 -50.19 59.50
N VAL B 758 39.16 -49.43 58.44
CA VAL B 758 38.50 -50.01 57.27
C VAL B 758 39.41 -50.91 56.45
N GLU B 759 40.71 -50.95 56.75
CA GLU B 759 41.60 -51.90 56.08
C GLU B 759 41.17 -53.34 56.36
N SER B 760 40.56 -53.59 57.52
CA SER B 760 40.07 -54.93 57.83
C SER B 760 39.00 -55.36 56.84
N ILE B 761 38.08 -54.46 56.51
CA ILE B 761 37.01 -54.76 55.56
C ILE B 761 37.45 -54.22 54.20
N ARG B 762 38.19 -55.05 53.47
CA ARG B 762 38.47 -54.82 52.06
C ARG B 762 38.11 -56.06 51.25
N ASP B 763 38.21 -57.24 51.86
CA ASP B 763 37.79 -58.48 51.24
C ASP B 763 36.27 -58.61 51.15
N THR B 764 35.51 -57.63 51.64
CA THR B 764 34.06 -57.57 51.49
C THR B 764 33.60 -56.35 50.71
N VAL B 765 34.22 -55.19 50.93
CA VAL B 765 33.82 -53.98 50.22
C VAL B 765 34.13 -54.10 48.73
N LEU B 766 35.20 -54.81 48.37
CA LEU B 766 35.48 -55.05 46.96
C LEU B 766 34.37 -55.89 46.33
N GLN B 767 33.85 -56.87 47.07
CA GLN B 767 32.72 -57.65 46.59
C GLN B 767 31.42 -56.86 46.56
N ALA B 768 31.38 -55.69 47.20
CA ALA B 768 30.19 -54.86 47.18
C ALA B 768 29.94 -54.20 45.82
N ALA B 769 30.90 -54.28 44.88
CA ALA B 769 30.80 -53.59 43.60
C ALA B 769 31.09 -54.50 42.41
N THR B 770 31.18 -55.81 42.60
CA THR B 770 31.48 -56.71 41.49
C THR B 770 30.30 -56.77 40.53
N GLY B 771 30.61 -57.03 39.26
CA GLY B 771 29.60 -57.17 38.24
C GLY B 771 28.81 -55.91 37.99
N ILE B 772 29.50 -54.77 37.89
CA ILE B 772 28.88 -53.48 37.64
C ILE B 772 29.64 -52.80 36.51
N ASN B 773 28.90 -52.15 35.60
CA ASN B 773 29.46 -51.51 34.41
C ASN B 773 29.15 -50.02 34.48
N PRO B 774 30.03 -49.20 35.05
CA PRO B 774 29.76 -47.75 35.10
C PRO B 774 29.93 -47.12 33.72
N GLN B 775 28.88 -46.46 33.25
CA GLN B 775 28.90 -45.83 31.93
C GLN B 775 29.57 -44.46 32.02
N PRO B 776 29.93 -43.88 30.88
CA PRO B 776 30.47 -42.51 30.91
C PRO B 776 29.45 -41.52 31.44
N THR B 777 29.94 -40.51 32.16
CA THR B 777 29.06 -39.52 32.75
C THR B 777 28.42 -38.64 31.69
N THR B 778 27.18 -38.24 31.95
CA THR B 778 26.51 -37.22 31.15
C THR B 778 26.65 -35.82 31.74
N ILE B 779 27.02 -35.72 33.01
CA ILE B 779 27.22 -34.44 33.70
C ILE B 779 28.58 -34.54 34.39
N PRO B 780 29.36 -33.45 34.53
CA PRO B 780 30.65 -33.57 35.21
C PRO B 780 30.49 -34.02 36.66
N LEU B 781 31.42 -34.86 37.10
CA LEU B 781 31.43 -35.44 38.45
C LEU B 781 32.75 -35.06 39.10
N TYR B 782 32.71 -34.09 40.00
CA TYR B 782 33.91 -33.66 40.72
C TYR B 782 34.11 -34.58 41.92
N SER B 783 34.87 -35.65 41.70
CA SER B 783 35.12 -36.62 42.76
C SER B 783 35.97 -36.00 43.85
N THR B 784 35.57 -36.23 45.11
CA THR B 784 36.36 -35.76 46.24
C THR B 784 37.55 -36.66 46.55
N VAL B 785 37.58 -37.88 46.00
CA VAL B 785 38.73 -38.75 46.21
C VAL B 785 39.95 -38.19 45.49
N THR B 786 39.75 -37.63 44.29
CA THR B 786 40.82 -37.06 43.49
C THR B 786 40.86 -35.54 43.56
N GLY B 787 39.71 -34.88 43.58
CA GLY B 787 39.63 -33.44 43.59
C GLY B 787 39.47 -32.79 42.23
N GLN B 788 39.30 -33.57 41.17
CA GLN B 788 39.09 -33.08 39.82
C GLN B 788 37.96 -33.87 39.18
N PRO B 789 37.42 -33.40 38.05
CA PRO B 789 36.39 -34.17 37.34
C PRO B 789 36.91 -35.56 36.97
N ILE B 790 36.26 -36.58 37.52
CA ILE B 790 36.69 -37.96 37.34
C ILE B 790 36.01 -38.54 36.11
N ASP B 791 36.73 -39.41 35.40
CA ASP B 791 36.15 -40.12 34.28
C ASP B 791 35.06 -41.07 34.77
N GLY B 792 33.99 -41.19 33.98
CA GLY B 792 32.88 -42.03 34.39
C GLY B 792 33.24 -43.50 34.53
N THR B 793 34.03 -44.01 33.58
CA THR B 793 34.37 -45.43 33.58
C THR B 793 35.34 -45.81 34.70
N GLN B 794 35.91 -44.84 35.40
CA GLN B 794 36.88 -45.13 36.46
C GLN B 794 36.22 -45.43 37.80
N LEU B 795 34.90 -45.34 37.91
CA LEU B 795 34.21 -45.59 39.17
C LEU B 795 34.03 -47.10 39.35
N ASP B 796 35.16 -47.77 39.59
CA ASP B 796 35.19 -49.21 39.75
C ASP B 796 35.16 -49.57 41.24
N ALA B 797 35.33 -50.85 41.56
CA ALA B 797 35.23 -51.30 42.94
C ALA B 797 36.32 -50.66 43.80
N ASP B 798 37.57 -50.69 43.34
CA ASP B 798 38.66 -50.13 44.10
C ASP B 798 38.48 -48.63 44.32
N TYR B 799 37.82 -47.94 43.38
CA TYR B 799 37.54 -46.53 43.58
C TYR B 799 36.62 -46.32 44.77
N TRP B 800 35.57 -47.13 44.90
CA TRP B 800 34.67 -46.99 46.03
C TRP B 800 35.36 -47.38 47.33
N TYR B 801 36.21 -48.40 47.29
CA TYR B 801 36.99 -48.74 48.47
C TYR B 801 37.89 -47.59 48.89
N THR B 802 38.52 -46.92 47.91
CA THR B 802 39.35 -45.77 48.22
C THR B 802 38.52 -44.62 48.78
N ASN B 803 37.31 -44.42 48.24
CA ASN B 803 36.42 -43.40 48.78
C ASN B 803 36.09 -43.68 50.24
N LEU B 804 35.89 -44.96 50.58
CA LEU B 804 35.69 -45.32 51.98
C LEU B 804 36.97 -45.15 52.79
N ARG B 805 38.14 -45.31 52.17
CA ARG B 805 39.41 -45.37 52.89
C ARG B 805 40.03 -43.99 53.08
N HIS B 806 40.34 -43.30 51.99
CA HIS B 806 41.14 -42.09 52.08
C HIS B 806 40.29 -40.91 52.54
N THR B 807 40.98 -39.83 52.91
CA THR B 807 40.32 -38.65 53.41
C THR B 807 39.44 -38.01 52.34
N VAL B 808 38.27 -37.53 52.75
CA VAL B 808 37.35 -36.85 51.85
C VAL B 808 37.73 -35.38 51.89
N ARG B 809 38.66 -34.99 51.02
CA ARG B 809 39.11 -33.60 50.95
C ARG B 809 38.08 -32.78 50.17
N PHE B 810 36.96 -32.54 50.84
CA PHE B 810 35.86 -31.78 50.26
C PHE B 810 36.25 -30.34 49.98
N GLU B 811 37.15 -29.78 50.79
CA GLU B 811 37.51 -28.37 50.63
C GLU B 811 38.21 -28.12 49.30
N GLU B 812 39.18 -28.99 48.96
CA GLU B 812 39.88 -28.83 47.68
C GLU B 812 38.93 -28.98 46.51
N THR B 813 37.99 -29.92 46.59
CA THR B 813 37.01 -30.09 45.53
C THR B 813 36.12 -28.86 45.39
N THR B 814 35.69 -28.28 46.51
CA THR B 814 34.90 -27.07 46.44
C THR B 814 35.70 -25.93 45.82
N ARG B 815 36.98 -25.84 46.15
CA ARG B 815 37.84 -24.85 45.50
C ARG B 815 37.89 -25.08 43.99
N ALA B 816 37.96 -26.35 43.59
CA ALA B 816 37.97 -26.66 42.16
C ALA B 816 36.66 -26.24 41.49
N LEU B 817 35.53 -26.50 42.14
CA LEU B 817 34.25 -26.05 41.59
C LEU B 817 34.21 -24.54 41.47
N LEU B 818 34.66 -23.83 42.50
CA LEU B 818 34.62 -22.37 42.46
C LEU B 818 35.53 -21.83 41.35
N GLY B 819 36.68 -22.48 41.14
CA GLY B 819 37.58 -22.04 40.09
C GLY B 819 37.08 -22.33 38.69
N SER B 820 36.18 -23.29 38.54
CA SER B 820 35.64 -23.66 37.24
C SER B 820 34.39 -22.89 36.86
N GLY B 821 34.02 -21.87 37.63
CA GLY B 821 32.91 -20.99 37.30
C GLY B 821 31.59 -21.33 37.96
N HIS B 822 31.48 -22.49 38.61
CA HIS B 822 30.24 -22.84 39.28
C HIS B 822 29.97 -21.89 40.44
N ARG B 823 28.70 -21.50 40.59
CA ARG B 823 28.29 -20.54 41.61
C ARG B 823 27.16 -21.03 42.48
N HIS B 824 26.20 -21.76 41.94
CA HIS B 824 25.03 -22.21 42.68
C HIS B 824 25.26 -23.63 43.18
N PHE B 825 25.16 -23.81 44.49
CA PHE B 825 25.30 -25.11 45.14
C PHE B 825 23.96 -25.49 45.75
N ILE B 826 23.44 -26.65 45.35
CA ILE B 826 22.18 -27.18 45.84
C ILE B 826 22.50 -28.40 46.70
N GLU B 827 22.04 -28.37 47.95
CA GLU B 827 22.20 -29.49 48.87
C GLU B 827 20.89 -30.27 48.91
N THR B 828 20.89 -31.45 48.29
CA THR B 828 19.69 -32.28 48.17
C THR B 828 19.71 -33.32 49.28
N THR B 829 19.27 -32.90 50.47
CA THR B 829 19.20 -33.77 51.63
C THR B 829 18.01 -33.40 52.48
N ALA B 830 17.66 -34.31 53.40
CA ALA B 830 16.58 -34.03 54.34
C ALA B 830 16.93 -32.86 55.25
N HIS B 831 18.22 -32.64 55.52
CA HIS B 831 18.69 -31.54 56.34
C HIS B 831 19.98 -31.00 55.72
N PRO B 832 20.27 -29.71 55.87
CA PRO B 832 21.59 -29.22 55.43
C PRO B 832 22.68 -29.62 56.41
N VAL B 833 23.80 -30.09 55.87
CA VAL B 833 24.94 -30.54 56.66
C VAL B 833 26.17 -29.75 56.23
N LEU B 834 26.52 -29.84 54.95
CA LEU B 834 27.70 -29.20 54.42
C LEU B 834 27.49 -27.74 54.06
N ALA B 835 26.36 -27.14 54.45
CA ALA B 835 26.11 -25.74 54.13
C ALA B 835 27.14 -24.84 54.80
N LEU B 836 27.45 -25.10 56.08
CA LEU B 836 28.39 -24.25 56.80
C LEU B 836 29.78 -24.35 56.20
N ALA B 837 30.24 -25.56 55.89
CA ALA B 837 31.57 -25.73 55.32
C ALA B 837 31.66 -25.05 53.95
N LEU B 838 30.63 -25.21 53.12
CA LEU B 838 30.63 -24.59 51.81
C LEU B 838 30.63 -23.07 51.93
N GLU B 839 29.82 -22.53 52.84
CA GLU B 839 29.78 -21.08 53.01
C GLU B 839 31.14 -20.56 53.49
N GLU B 840 31.78 -21.27 54.41
CA GLU B 840 33.11 -20.87 54.87
C GLU B 840 34.12 -20.90 53.73
N THR B 841 34.08 -21.95 52.91
CA THR B 841 35.01 -22.03 51.79
C THR B 841 34.78 -20.91 50.78
N ILE B 842 33.52 -20.60 50.49
CA ILE B 842 33.20 -19.49 49.59
C ILE B 842 33.69 -18.17 50.15
N GLU B 843 33.48 -17.95 51.45
CA GLU B 843 33.95 -16.72 52.07
C GLU B 843 35.47 -16.61 52.01
N ALA B 844 36.16 -17.72 52.27
CA ALA B 844 37.62 -17.72 52.20
C ALA B 844 38.10 -17.43 50.79
N THR B 845 37.49 -18.06 49.79
CA THR B 845 37.89 -17.82 48.40
C THR B 845 37.42 -16.46 47.88
N GLY B 846 36.48 -15.81 48.57
CA GLY B 846 36.05 -14.49 48.16
C GLY B 846 35.17 -14.47 46.92
N SER B 847 34.58 -15.60 46.56
CA SER B 847 33.71 -15.68 45.40
C SER B 847 32.29 -15.25 45.79
N ASP B 848 31.39 -15.26 44.80
CA ASP B 848 30.00 -14.87 44.98
C ASP B 848 29.05 -16.06 44.93
N ALA B 849 29.55 -17.27 45.16
CA ALA B 849 28.71 -18.46 45.12
C ALA B 849 27.73 -18.46 46.28
N ARG B 850 26.65 -19.23 46.12
CA ARG B 850 25.59 -19.33 47.11
C ARG B 850 25.22 -20.79 47.31
N VAL B 851 24.67 -21.09 48.48
CA VAL B 851 24.33 -22.45 48.90
C VAL B 851 22.89 -22.46 49.37
N THR B 852 22.14 -23.48 48.97
CA THR B 852 20.77 -23.67 49.40
C THR B 852 20.52 -25.15 49.68
N GLY B 853 19.59 -25.42 50.59
CA GLY B 853 19.22 -26.77 50.96
C GLY B 853 17.78 -27.07 50.61
N THR B 854 17.44 -28.35 50.47
CA THR B 854 16.09 -28.73 50.05
C THR B 854 15.12 -28.75 51.23
N LEU B 855 15.38 -29.62 52.20
CA LEU B 855 14.50 -29.81 53.35
C LEU B 855 15.23 -29.47 54.64
N ARG B 856 14.47 -29.46 55.74
CA ARG B 856 14.98 -29.14 57.05
C ARG B 856 14.45 -30.15 58.05
N ARG B 857 15.02 -30.14 59.24
CA ARG B 857 14.56 -31.02 60.31
C ARG B 857 13.12 -30.66 60.70
N ASP B 858 12.25 -31.67 60.75
CA ASP B 858 10.85 -31.49 61.12
C ASP B 858 10.11 -30.58 60.15
N HIS B 859 10.58 -30.50 58.91
CA HIS B 859 9.97 -29.66 57.88
C HIS B 859 9.97 -30.39 56.53
N GLY B 860 9.55 -31.66 56.54
CA GLY B 860 9.52 -32.42 55.32
C GLY B 860 8.33 -32.16 54.41
N ASP B 861 7.44 -31.25 54.78
CA ASP B 861 6.22 -31.04 54.02
C ASP B 861 6.51 -30.32 52.70
N LEU B 862 5.49 -30.28 51.85
CA LEU B 862 5.63 -29.66 50.55
C LEU B 862 5.89 -28.16 50.65
N THR B 863 5.45 -27.54 51.75
CA THR B 863 5.72 -26.12 51.94
C THR B 863 7.21 -25.85 52.00
N GLN B 864 7.97 -26.73 52.67
CA GLN B 864 9.42 -26.55 52.72
C GLN B 864 10.04 -26.73 51.34
N LEU B 865 9.54 -27.67 50.55
CA LEU B 865 10.09 -27.84 49.21
C LEU B 865 9.81 -26.62 48.33
N HIS B 866 8.61 -26.06 48.45
CA HIS B 866 8.31 -24.83 47.72
C HIS B 866 9.18 -23.69 48.21
N THR B 867 9.46 -23.66 49.51
CA THR B 867 10.38 -22.65 50.05
C THR B 867 11.77 -22.82 49.46
N ALA B 868 12.24 -24.06 49.32
CA ALA B 868 13.55 -24.30 48.74
C ALA B 868 13.58 -23.87 47.27
N LEU B 869 12.52 -24.18 46.53
CA LEU B 869 12.46 -23.76 45.13
C LEU B 869 12.46 -22.24 45.01
N ALA B 870 11.69 -21.57 45.88
CA ALA B 870 11.66 -20.11 45.86
C ALA B 870 13.02 -19.52 46.21
N THR B 871 13.71 -20.12 47.18
CA THR B 871 15.04 -19.65 47.53
C THR B 871 16.02 -19.83 46.38
N ALA B 872 15.95 -20.97 45.71
CA ALA B 872 16.81 -21.21 44.56
C ALA B 872 16.53 -20.20 43.45
N TRP B 873 15.25 -19.91 43.21
CA TRP B 873 14.90 -18.92 42.20
C TRP B 873 15.40 -17.54 42.59
N THR B 874 15.37 -17.23 43.89
CA THR B 874 15.87 -15.94 44.36
C THR B 874 17.37 -15.80 44.07
N HIS B 875 18.09 -16.91 44.01
CA HIS B 875 19.51 -16.91 43.70
C HIS B 875 19.79 -17.04 42.21
N GLY B 876 18.85 -16.62 41.36
CA GLY B 876 19.08 -16.58 39.93
C GLY B 876 18.92 -17.88 39.19
N ILE B 877 18.53 -18.96 39.87
CA ILE B 877 18.35 -20.25 39.20
C ILE B 877 17.02 -20.25 38.48
N ASP B 878 17.02 -20.72 37.24
CA ASP B 878 15.76 -20.89 36.51
C ASP B 878 14.93 -22.02 37.12
N VAL B 879 13.61 -21.86 37.04
CA VAL B 879 12.67 -22.81 37.63
C VAL B 879 11.53 -23.03 36.63
N ASP B 880 11.17 -24.29 36.40
CA ASP B 880 10.04 -24.63 35.55
C ASP B 880 8.77 -24.49 36.38
N TRP B 881 8.32 -23.24 36.55
CA TRP B 881 7.20 -22.95 37.41
C TRP B 881 5.89 -23.55 36.90
N THR B 882 5.82 -23.91 35.61
CA THR B 882 4.64 -24.60 35.11
C THR B 882 4.48 -25.95 35.78
N ALA B 883 5.60 -26.65 36.04
CA ALA B 883 5.55 -27.93 36.72
C ALA B 883 5.03 -27.77 38.15
N VAL B 884 5.26 -26.61 38.77
CA VAL B 884 4.82 -26.39 40.14
C VAL B 884 3.35 -25.98 40.17
N LEU B 885 2.99 -24.94 39.41
CA LEU B 885 1.68 -24.31 39.49
C LEU B 885 0.74 -24.72 38.36
N GLY B 886 1.10 -25.73 37.58
CA GLY B 886 0.26 -26.17 36.49
C GLY B 886 0.52 -25.39 35.21
N ASP B 887 0.09 -25.97 34.08
CA ASP B 887 0.39 -25.40 32.78
C ASP B 887 -0.35 -24.08 32.58
N ARG B 888 -1.62 -24.01 32.96
CA ARG B 888 -2.41 -22.80 32.77
C ARG B 888 -3.47 -22.76 33.86
N ARG B 889 -3.82 -21.55 34.29
CA ARG B 889 -4.92 -21.31 35.21
C ARG B 889 -5.70 -20.11 34.69
N THR B 890 -6.76 -19.76 35.40
CA THR B 890 -7.57 -18.61 35.00
C THR B 890 -6.71 -17.35 35.12
N PRO B 891 -6.75 -16.43 34.14
CA PRO B 891 -5.87 -15.27 34.21
C PRO B 891 -6.23 -14.34 35.35
N PHE B 892 -5.21 -13.71 35.92
CA PHE B 892 -5.37 -12.73 36.98
C PHE B 892 -4.69 -11.44 36.56
N GLU B 893 -5.36 -10.32 36.76
CA GLU B 893 -4.87 -9.01 36.31
C GLU B 893 -4.02 -8.42 37.42
N LEU B 894 -2.71 -8.60 37.31
CA LEU B 894 -1.76 -8.05 38.28
C LEU B 894 -1.43 -6.61 37.93
N PRO B 895 -0.87 -5.85 38.87
CA PRO B 895 -0.42 -4.49 38.53
C PRO B 895 0.79 -4.53 37.62
N THR B 896 0.97 -3.44 36.86
CA THR B 896 2.12 -3.32 35.99
C THR B 896 3.37 -3.02 36.81
N TYR B 897 4.51 -2.97 36.12
CA TYR B 897 5.79 -2.72 36.80
C TYR B 897 5.77 -1.33 37.43
N ALA B 898 6.42 -1.22 38.59
CA ALA B 898 6.53 0.04 39.31
C ALA B 898 7.80 0.75 38.82
N PHE B 899 7.62 1.64 37.86
CA PHE B 899 8.75 2.34 37.27
C PHE B 899 9.29 3.39 38.24
N GLN B 900 10.60 3.38 38.44
CA GLN B 900 11.28 4.38 39.26
C GLN B 900 11.70 5.52 38.34
N ARG B 901 10.86 6.54 38.25
CA ARG B 901 11.05 7.59 37.26
C ARG B 901 12.03 8.64 37.75
N GLN B 902 12.77 9.21 36.80
CA GLN B 902 13.62 10.37 36.98
C GLN B 902 13.05 11.48 36.08
N ARG B 903 13.74 12.62 36.02
CA ARG B 903 13.32 13.74 35.17
C ARG B 903 14.38 13.96 34.09
N TYR B 904 13.92 14.04 32.84
CA TYR B 904 14.80 14.27 31.69
C TYR B 904 14.09 15.23 30.74
N TRP B 905 14.54 16.49 30.74
CA TRP B 905 13.91 17.50 29.90
C TRP B 905 14.91 18.64 29.72
N LEU B 906 15.42 18.81 28.51
CA LEU B 906 16.37 19.89 28.25
C LEU B 906 15.63 21.21 28.04
N GLU B 907 16.37 22.29 28.19
CA GLU B 907 15.85 23.64 28.08
C GLU B 907 16.83 24.47 27.24
N PRO B 908 16.35 25.57 26.63
CA PRO B 908 17.28 26.36 25.81
C PRO B 908 18.17 27.27 26.64
N TRP C 960 39.76 52.26 20.18
CA TRP C 960 38.87 51.11 20.10
C TRP C 960 37.66 51.41 19.24
N ARG C 961 36.90 52.44 19.62
CA ARG C 961 35.70 52.79 18.88
C ARG C 961 36.04 53.17 17.45
N ARG C 962 37.15 53.89 17.26
CA ARG C 962 37.59 54.24 15.91
C ARG C 962 37.86 52.99 15.09
N ARG C 963 38.55 52.00 15.69
CA ARG C 963 38.86 50.78 14.96
C ARG C 963 37.60 50.00 14.60
N GLN C 964 36.64 49.93 15.53
CA GLN C 964 35.41 49.20 15.26
C GLN C 964 34.59 49.88 14.16
N ARG C 965 34.46 51.20 14.23
CA ARG C 965 33.72 51.92 13.19
C ARG C 965 34.41 51.78 11.84
N GLU C 966 35.74 51.86 11.83
CA GLU C 966 36.48 51.70 10.59
C GLU C 966 36.28 50.31 10.00
N GLN C 967 36.32 49.28 10.85
CA GLN C 967 36.13 47.91 10.37
C GLN C 967 34.72 47.74 9.82
N SER C 968 33.72 48.32 10.48
CA SER C 968 32.35 48.21 9.97
C SER C 968 32.22 48.89 8.62
N ALA C 969 32.72 50.13 8.51
CA ALA C 969 32.62 50.85 7.25
C ALA C 969 33.42 50.19 6.15
N LEU C 970 34.48 49.45 6.51
CA LEU C 970 35.33 48.82 5.51
C LEU C 970 34.73 47.50 5.04
N ASP C 971 34.12 46.73 5.94
CA ASP C 971 33.41 45.53 5.53
C ASP C 971 32.08 45.83 4.87
N ASP C 972 31.57 47.06 4.99
CA ASP C 972 30.36 47.45 4.28
C ASP C 972 30.59 47.66 2.78
N LEU C 973 31.83 47.52 2.28
CA LEU C 973 32.17 47.75 0.89
C LEU C 973 33.05 46.62 0.35
N ARG C 974 32.80 45.40 0.81
CA ARG C 974 33.51 44.21 0.38
C ARG C 974 32.58 43.34 -0.47
N TYR C 975 33.11 42.78 -1.55
CA TYR C 975 32.32 41.98 -2.48
C TYR C 975 33.20 40.91 -3.09
N LYS C 976 32.55 39.98 -3.81
CA LYS C 976 33.25 39.02 -4.65
C LYS C 976 32.24 38.43 -5.63
N VAL C 977 32.77 37.65 -6.57
CA VAL C 977 31.96 37.01 -7.62
C VAL C 977 31.95 35.52 -7.35
N THR C 978 30.78 34.90 -7.51
CA THR C 978 30.60 33.47 -7.33
C THR C 978 29.74 32.94 -8.45
N TRP C 979 29.62 31.60 -8.50
CA TRP C 979 28.90 30.89 -9.56
C TRP C 979 27.78 30.09 -8.92
N LYS C 980 26.60 30.67 -8.91
CA LYS C 980 25.44 30.03 -8.30
C LYS C 980 24.98 28.87 -9.16
N PRO C 981 24.87 27.64 -8.65
CA PRO C 981 24.22 26.59 -9.43
C PRO C 981 22.75 26.91 -9.64
N THR C 982 22.20 26.45 -10.76
CA THR C 982 20.80 26.65 -11.07
C THR C 982 20.25 25.42 -11.78
N ALA C 983 18.94 25.28 -11.72
CA ALA C 983 18.28 24.12 -12.33
C ALA C 983 18.39 24.17 -13.84
N VAL C 984 18.57 23.00 -14.45
CA VAL C 984 18.64 22.89 -15.90
C VAL C 984 17.28 23.29 -16.47
N ALA C 985 17.25 24.41 -17.19
CA ALA C 985 16.00 24.92 -17.73
C ALA C 985 15.45 23.97 -18.79
N ASP C 986 14.12 23.96 -18.93
CA ASP C 986 13.48 23.13 -19.94
C ASP C 986 13.89 23.55 -21.35
N GLY C 987 14.13 24.83 -21.56
CA GLY C 987 14.55 25.32 -22.85
C GLY C 987 13.41 25.42 -23.84
N ALA C 988 13.77 25.51 -25.12
CA ALA C 988 12.81 25.64 -26.21
C ALA C 988 13.42 25.01 -27.45
N SER C 989 12.77 25.22 -28.59
CA SER C 989 13.22 24.69 -29.87
C SER C 989 13.88 25.78 -30.69
N ALA C 990 14.97 25.40 -31.36
CA ALA C 990 15.64 26.33 -32.26
C ALA C 990 14.75 26.64 -33.46
N THR C 991 14.64 27.92 -33.80
CA THR C 991 13.76 28.39 -34.86
C THR C 991 14.58 28.97 -36.01
N GLY C 992 14.12 28.70 -37.23
CA GLY C 992 14.77 29.26 -38.40
C GLY C 992 16.18 28.76 -38.57
N THR C 993 17.07 29.68 -38.94
CA THR C 993 18.47 29.39 -39.22
C THR C 993 19.38 30.11 -38.23
N TRP C 994 20.39 29.40 -37.74
CA TRP C 994 21.37 29.92 -36.82
C TRP C 994 22.73 29.89 -37.51
N LEU C 995 23.47 30.99 -37.39
CA LEU C 995 24.74 31.16 -38.08
C LEU C 995 25.88 30.82 -37.14
N VAL C 996 26.52 29.67 -37.37
CA VAL C 996 27.64 29.22 -36.55
C VAL C 996 28.93 29.61 -37.26
N VAL C 997 29.83 30.28 -36.54
CA VAL C 997 31.13 30.69 -37.06
C VAL C 997 32.21 30.01 -36.23
N VAL C 998 33.16 29.38 -36.91
CA VAL C 998 34.14 28.49 -36.28
C VAL C 998 35.53 28.84 -36.79
N PRO C 999 36.60 28.62 -36.03
CA PRO C 999 37.95 28.70 -36.61
C PRO C 999 38.25 27.50 -37.48
N GLU C 1000 38.90 27.76 -38.61
CA GLU C 1000 39.29 26.67 -39.50
C GLU C 1000 40.43 25.83 -38.96
N SER C 1001 41.17 26.35 -37.97
CA SER C 1001 42.23 25.55 -37.36
C SER C 1001 41.65 24.31 -36.67
N LEU C 1002 40.50 24.46 -36.03
CA LEU C 1002 39.85 23.31 -35.42
C LEU C 1002 39.42 22.29 -36.48
N ALA C 1003 38.93 22.78 -37.62
CA ALA C 1003 38.38 21.93 -38.67
C ALA C 1003 37.20 21.15 -38.06
N GLY C 1004 36.91 19.96 -38.58
CA GLY C 1004 35.91 19.11 -37.96
C GLY C 1004 36.53 18.25 -36.87
N GLY C 1005 36.50 18.77 -35.64
CA GLY C 1005 37.06 18.09 -34.49
C GLY C 1005 36.02 17.73 -33.45
N GLY C 1006 35.97 18.55 -32.40
CA GLY C 1006 35.08 18.33 -31.28
C GLY C 1006 33.85 19.22 -31.31
N TRP C 1007 33.92 20.33 -30.58
CA TRP C 1007 32.75 21.18 -30.37
C TRP C 1007 32.01 21.62 -31.62
N PRO C 1008 32.66 22.02 -32.73
CA PRO C 1008 31.89 22.53 -33.87
C PRO C 1008 30.89 21.54 -34.46
N VAL C 1009 31.35 20.33 -34.76
CA VAL C 1009 30.46 19.33 -35.35
C VAL C 1009 29.33 19.01 -34.39
N VAL C 1010 29.64 18.87 -33.11
CA VAL C 1010 28.64 18.45 -32.13
C VAL C 1010 27.58 19.53 -31.94
N VAL C 1011 27.98 20.80 -31.83
CA VAL C 1011 26.99 21.85 -31.66
C VAL C 1011 26.20 22.05 -32.96
N ALA C 1012 26.84 21.84 -34.11
CA ALA C 1012 26.10 21.90 -35.37
C ALA C 1012 25.00 20.85 -35.39
N ARG C 1013 25.32 19.62 -34.98
CA ARG C 1013 24.29 18.59 -34.87
C ARG C 1013 23.23 18.99 -33.86
N ALA C 1014 23.65 19.57 -32.73
CA ALA C 1014 22.70 19.93 -31.68
C ALA C 1014 21.68 20.94 -32.18
N VAL C 1015 22.13 21.96 -32.91
CA VAL C 1015 21.18 22.91 -33.49
C VAL C 1015 20.38 22.25 -34.60
N ASP C 1016 20.95 21.23 -35.26
CA ASP C 1016 20.20 20.52 -36.29
C ASP C 1016 18.99 19.82 -35.71
N GLN C 1017 19.19 18.99 -34.67
CA GLN C 1017 18.05 18.32 -34.05
C GLN C 1017 17.21 19.23 -33.17
N ALA C 1018 17.66 20.46 -32.90
CA ALA C 1018 16.87 21.41 -32.11
C ALA C 1018 15.85 22.17 -32.94
N GLY C 1019 15.72 21.87 -34.24
CA GLY C 1019 14.80 22.55 -35.11
C GLY C 1019 15.39 23.69 -35.91
N GLY C 1020 16.61 24.12 -35.59
CA GLY C 1020 17.25 25.18 -36.32
C GLY C 1020 17.98 24.67 -37.55
N ARG C 1021 18.37 25.62 -38.41
CA ARG C 1021 19.11 25.31 -39.62
C ARG C 1021 20.56 25.72 -39.42
N PRO C 1022 21.52 24.79 -39.29
CA PRO C 1022 22.91 25.21 -39.10
C PRO C 1022 23.49 25.83 -40.35
N VAL C 1023 24.44 26.74 -40.14
CA VAL C 1023 25.24 27.34 -41.21
C VAL C 1023 26.69 27.29 -40.74
N VAL C 1024 27.41 26.24 -41.12
CA VAL C 1024 28.80 26.08 -40.72
C VAL C 1024 29.64 27.05 -41.54
N LEU C 1025 30.39 27.92 -40.86
CA LEU C 1025 31.17 28.98 -41.48
C LEU C 1025 32.60 28.89 -40.98
N SER C 1026 33.40 28.06 -41.63
CA SER C 1026 34.82 27.94 -41.29
C SER C 1026 35.54 29.23 -41.65
N VAL C 1027 36.44 29.66 -40.76
CA VAL C 1027 37.16 30.92 -40.90
C VAL C 1027 38.65 30.66 -40.72
N ASP C 1028 39.45 31.20 -41.62
CA ASP C 1028 40.90 31.09 -41.50
C ASP C 1028 41.40 31.91 -40.31
N ALA C 1029 42.56 31.52 -39.81
CA ALA C 1029 43.12 32.17 -38.63
C ALA C 1029 43.40 33.65 -38.89
N ALA C 1030 44.00 33.96 -40.04
CA ALA C 1030 44.29 35.36 -40.35
C ALA C 1030 43.03 36.13 -40.68
N ASP C 1031 42.03 35.48 -41.27
CA ASP C 1031 40.82 36.18 -41.68
C ASP C 1031 40.03 36.71 -40.49
N GLY C 1032 40.08 36.01 -39.35
CA GLY C 1032 39.28 36.41 -38.22
C GLY C 1032 39.66 37.76 -37.63
N ALA C 1033 40.92 38.16 -37.80
CA ALA C 1033 41.38 39.41 -37.20
C ALA C 1033 40.69 40.61 -37.82
N ASP C 1034 40.68 40.70 -39.14
CA ASP C 1034 40.14 41.87 -39.82
C ASP C 1034 38.63 41.89 -39.73
N ARG C 1035 38.07 43.05 -39.40
CA ARG C 1035 36.61 43.19 -39.34
C ARG C 1035 36.01 43.27 -40.74
N SER C 1036 36.67 43.98 -41.66
CA SER C 1036 36.11 44.12 -43.00
C SER C 1036 36.18 42.82 -43.77
N ARG C 1037 37.31 42.11 -43.69
CA ARG C 1037 37.41 40.82 -44.36
C ARG C 1037 36.40 39.84 -43.78
N LEU C 1038 36.24 39.84 -42.46
CA LEU C 1038 35.22 38.99 -41.85
C LEU C 1038 33.82 39.40 -42.30
N GLY C 1039 33.61 40.69 -42.54
CA GLY C 1039 32.33 41.12 -43.09
C GLY C 1039 32.07 40.57 -44.48
N LEU C 1040 33.09 40.61 -45.33
CA LEU C 1040 32.94 40.00 -46.66
C LEU C 1040 32.66 38.51 -46.53
N ARG C 1041 33.38 37.82 -45.64
CA ARG C 1041 33.21 36.38 -45.50
C ARG C 1041 31.80 36.05 -44.99
N ILE C 1042 31.33 36.77 -43.97
CA ILE C 1042 30.01 36.46 -43.43
C ILE C 1042 28.92 36.83 -44.43
N HIS C 1043 29.11 37.91 -45.20
CA HIS C 1043 28.10 38.27 -46.20
C HIS C 1043 28.02 37.22 -47.30
N GLU C 1044 29.16 36.77 -47.82
CA GLU C 1044 29.12 35.79 -48.90
C GLU C 1044 28.65 34.42 -48.41
N ALA C 1045 29.00 34.04 -47.17
CA ALA C 1045 28.49 32.80 -46.63
C ALA C 1045 26.98 32.86 -46.40
N LEU C 1046 26.50 34.00 -45.89
CA LEU C 1046 25.08 34.17 -45.62
C LEU C 1046 24.29 34.51 -46.89
N GLY C 1047 24.95 34.77 -48.01
CA GLY C 1047 24.25 35.18 -49.20
C GLY C 1047 23.36 34.10 -49.76
N GLU C 1048 22.33 34.54 -50.49
CA GLU C 1048 21.33 33.66 -51.09
C GLU C 1048 20.65 32.82 -50.01
N GLY C 1049 20.02 33.51 -49.07
CA GLY C 1049 19.29 32.86 -48.01
C GLY C 1049 18.68 33.86 -47.06
N PRO C 1050 17.90 33.38 -46.09
CA PRO C 1050 17.28 34.28 -45.11
C PRO C 1050 18.28 34.77 -44.08
N VAL C 1051 17.95 35.88 -43.45
CA VAL C 1051 18.79 36.47 -42.41
C VAL C 1051 18.80 35.52 -41.22
N PRO C 1052 19.86 35.48 -40.42
CA PRO C 1052 19.90 34.52 -39.31
C PRO C 1052 19.13 35.04 -38.10
N ASP C 1053 18.50 34.11 -37.39
CA ASP C 1053 17.84 34.47 -36.14
C ASP C 1053 18.85 34.74 -35.04
N ALA C 1054 19.93 33.97 -35.00
CA ALA C 1054 20.95 34.13 -33.98
C ALA C 1054 22.29 33.70 -34.55
N VAL C 1055 23.36 34.19 -33.92
CA VAL C 1055 24.74 33.91 -34.31
C VAL C 1055 25.42 33.24 -33.13
N VAL C 1056 26.14 32.16 -33.41
CA VAL C 1056 26.91 31.41 -32.42
C VAL C 1056 28.38 31.50 -32.81
N SER C 1057 29.22 31.89 -31.86
CA SER C 1057 30.64 32.14 -32.10
C SER C 1057 31.47 31.15 -31.33
N LEU C 1058 32.07 30.20 -32.05
CA LEU C 1058 33.11 29.34 -31.53
C LEU C 1058 34.51 29.92 -31.75
N LEU C 1059 34.60 31.21 -32.11
CA LEU C 1059 35.89 31.81 -32.42
C LEU C 1059 36.82 31.79 -31.21
N ALA C 1060 36.27 31.88 -30.00
CA ALA C 1060 37.09 31.92 -28.81
C ALA C 1060 37.76 30.60 -28.48
N LEU C 1061 37.40 29.51 -29.16
CA LEU C 1061 37.98 28.21 -28.84
C LEU C 1061 39.41 28.05 -29.29
N ASP C 1062 39.96 28.99 -30.07
CA ASP C 1062 41.30 28.82 -30.62
C ASP C 1062 42.35 29.26 -29.60
N PRO C 1063 43.22 28.34 -29.08
CA PRO C 1063 44.26 28.78 -28.13
C PRO C 1063 45.57 29.20 -28.83
N SER C 1064 45.57 30.43 -29.35
CA SER C 1064 46.73 30.92 -30.07
C SER C 1064 46.78 32.45 -29.98
N ALA C 1065 47.95 32.99 -30.27
CA ALA C 1065 48.19 34.43 -30.27
C ALA C 1065 48.07 34.97 -31.69
N LEU C 1066 48.02 36.30 -31.78
CA LEU C 1066 47.85 36.98 -33.06
C LEU C 1066 49.21 37.25 -33.68
N PRO C 1067 49.54 36.69 -34.85
CA PRO C 1067 50.82 37.05 -35.48
C PRO C 1067 50.86 38.53 -35.85
N GLY C 1068 52.03 39.13 -35.70
CA GLY C 1068 52.24 40.55 -35.92
C GLY C 1068 51.99 41.40 -34.69
N LEU C 1069 51.02 41.00 -33.87
CA LEU C 1069 50.69 41.65 -32.61
C LEU C 1069 50.76 40.56 -31.55
N PRO C 1070 51.97 40.14 -31.14
CA PRO C 1070 52.10 38.86 -30.42
C PRO C 1070 51.40 38.80 -29.08
N ASP C 1071 51.09 39.95 -28.46
CA ASP C 1071 50.50 39.97 -27.13
C ASP C 1071 49.00 40.28 -27.20
N VAL C 1072 48.33 39.73 -28.21
CA VAL C 1072 46.87 39.75 -28.30
C VAL C 1072 46.42 38.34 -28.64
N PRO C 1073 45.42 37.77 -27.97
CA PRO C 1073 44.97 36.43 -28.34
C PRO C 1073 44.06 36.48 -29.56
N GLN C 1074 44.11 35.41 -30.36
CA GLN C 1074 43.22 35.32 -31.51
C GLN C 1074 41.76 35.32 -31.08
N ALA C 1075 41.47 34.81 -29.88
CA ALA C 1075 40.10 34.76 -29.40
C ALA C 1075 39.50 36.16 -29.26
N LEU C 1076 40.19 37.04 -28.54
CA LEU C 1076 39.65 38.38 -28.29
C LEU C 1076 39.56 39.18 -29.59
N ALA C 1077 40.60 39.10 -30.43
CA ALA C 1077 40.57 39.83 -31.69
C ALA C 1077 39.45 39.32 -32.59
N SER C 1078 39.26 38.00 -32.64
CA SER C 1078 38.19 37.44 -33.44
C SER C 1078 36.83 37.87 -32.93
N THR C 1079 36.65 37.88 -31.61
CA THR C 1079 35.37 38.30 -31.04
C THR C 1079 35.09 39.76 -31.37
N ALA C 1080 36.09 40.63 -31.22
CA ALA C 1080 35.93 42.04 -31.56
C ALA C 1080 35.58 42.21 -33.03
N ALA C 1081 36.29 41.49 -33.90
CA ALA C 1081 36.02 41.56 -35.32
C ALA C 1081 34.60 41.12 -35.63
N LEU C 1082 34.14 40.04 -35.00
CA LEU C 1082 32.80 39.54 -35.27
C LEU C 1082 31.74 40.55 -34.83
N VAL C 1083 31.88 41.11 -33.62
CA VAL C 1083 30.85 42.02 -33.14
C VAL C 1083 30.79 43.27 -34.01
N GLN C 1084 31.95 43.86 -34.33
CA GLN C 1084 31.88 45.09 -35.12
C GLN C 1084 31.53 44.80 -36.58
N ALA C 1085 31.83 43.61 -37.08
CA ALA C 1085 31.35 43.23 -38.41
C ALA C 1085 29.83 43.12 -38.43
N LEU C 1086 29.24 42.54 -37.39
CA LEU C 1086 27.79 42.48 -37.33
C LEU C 1086 27.18 43.86 -37.15
N LEU C 1087 27.88 44.77 -36.47
CA LEU C 1087 27.44 46.17 -36.47
C LEU C 1087 27.45 46.73 -37.89
N ASP C 1088 28.52 46.44 -38.65
CA ASP C 1088 28.63 46.97 -40.01
C ASP C 1088 27.51 46.44 -40.90
N LEU C 1089 27.21 45.14 -40.81
CA LEU C 1089 26.21 44.56 -41.69
C LEU C 1089 24.79 44.95 -41.31
N GLY C 1090 24.57 45.48 -40.11
CA GLY C 1090 23.25 45.87 -39.70
C GLY C 1090 22.32 44.74 -39.33
N LEU C 1091 22.83 43.52 -39.19
CA LEU C 1091 22.00 42.39 -38.83
C LEU C 1091 21.44 42.56 -37.42
N GLU C 1092 20.22 42.05 -37.23
CA GLU C 1092 19.53 42.10 -35.94
C GLU C 1092 19.67 40.81 -35.15
N ALA C 1093 20.48 39.86 -35.62
CA ALA C 1093 20.59 38.57 -34.96
C ALA C 1093 21.28 38.71 -33.61
N ARG C 1094 20.69 38.08 -32.59
CA ARG C 1094 21.33 38.05 -31.28
C ARG C 1094 22.59 37.21 -31.32
N LEU C 1095 23.63 37.69 -30.65
CA LEU C 1095 24.95 37.09 -30.70
C LEU C 1095 25.25 36.35 -29.40
N TRP C 1096 25.76 35.13 -29.52
CA TRP C 1096 26.23 34.34 -28.40
C TRP C 1096 27.66 33.90 -28.71
N CYS C 1097 28.51 33.90 -27.69
CA CYS C 1097 29.90 33.48 -27.81
C CYS C 1097 30.17 32.38 -26.80
N VAL C 1098 30.68 31.24 -27.28
CA VAL C 1098 30.92 30.07 -26.45
C VAL C 1098 32.42 29.93 -26.23
N THR C 1099 32.81 29.61 -24.99
CA THR C 1099 34.20 29.49 -24.60
C THR C 1099 34.39 28.17 -23.85
N SER C 1100 35.61 27.66 -23.89
CA SER C 1100 35.98 26.42 -23.21
C SER C 1100 37.02 26.74 -22.15
N GLY C 1101 36.72 26.41 -20.89
CA GLY C 1101 37.65 26.65 -19.81
C GLY C 1101 37.96 28.11 -19.60
N ALA C 1102 36.96 28.98 -19.65
CA ALA C 1102 37.16 30.42 -19.48
C ALA C 1102 37.04 30.86 -18.04
N VAL C 1103 36.30 30.13 -17.20
CA VAL C 1103 36.09 30.48 -15.81
C VAL C 1103 36.10 29.20 -14.98
N SER C 1104 36.33 29.38 -13.68
CA SER C 1104 36.31 28.28 -12.71
C SER C 1104 35.10 28.50 -11.79
N VAL C 1105 34.14 27.58 -11.86
CA VAL C 1105 32.95 27.70 -11.04
C VAL C 1105 33.17 27.14 -9.64
N SER C 1106 34.11 26.20 -9.50
CA SER C 1106 34.39 25.59 -8.20
C SER C 1106 35.83 25.09 -8.20
N GLY C 1107 36.27 24.60 -7.04
CA GLY C 1107 37.61 24.05 -6.94
C GLY C 1107 37.84 22.81 -7.78
N ALA C 1108 36.78 22.11 -8.15
CA ALA C 1108 36.92 20.94 -9.01
C ALA C 1108 37.45 21.32 -10.38
N ASP C 1109 37.20 22.55 -10.83
CA ASP C 1109 37.67 22.97 -12.15
C ASP C 1109 39.17 23.18 -12.14
N GLY C 1110 39.76 23.11 -13.33
CA GLY C 1110 41.14 23.52 -13.52
C GLY C 1110 41.25 25.02 -13.60
N PRO C 1111 42.50 25.49 -13.73
CA PRO C 1111 42.71 26.94 -13.85
C PRO C 1111 42.10 27.49 -15.12
N SER C 1112 41.59 28.72 -15.02
CA SER C 1112 40.99 29.38 -16.16
C SER C 1112 42.07 30.05 -17.00
N ALA C 1113 41.97 29.90 -18.32
CA ALA C 1113 42.96 30.46 -19.22
C ALA C 1113 42.79 31.97 -19.34
N PRO C 1114 43.85 32.70 -19.76
CA PRO C 1114 43.73 34.17 -19.80
C PRO C 1114 42.96 34.69 -21.00
N GLU C 1115 43.11 34.01 -22.14
CA GLU C 1115 42.53 34.51 -23.39
C GLU C 1115 41.01 34.54 -23.32
N GLN C 1116 40.40 33.42 -22.95
CA GLN C 1116 38.95 33.39 -22.88
C GLN C 1116 38.43 34.25 -21.74
N ALA C 1117 39.23 34.45 -20.68
CA ALA C 1117 38.85 35.42 -19.65
C ALA C 1117 38.80 36.83 -20.22
N ALA C 1118 39.76 37.18 -21.06
CA ALA C 1118 39.72 38.48 -21.73
C ALA C 1118 38.49 38.57 -22.62
N VAL C 1119 38.15 37.48 -23.30
CA VAL C 1119 36.93 37.45 -24.11
C VAL C 1119 35.71 37.71 -23.23
N TRP C 1120 35.67 37.08 -22.06
CA TRP C 1120 34.53 37.27 -21.15
C TRP C 1120 34.43 38.72 -20.69
N GLY C 1121 35.57 39.33 -20.35
CA GLY C 1121 35.54 40.74 -19.98
C GLY C 1121 35.06 41.63 -21.11
N PHE C 1122 35.56 41.37 -22.32
CA PHE C 1122 35.14 42.14 -23.48
C PHE C 1122 33.65 41.99 -23.73
N GLY C 1123 33.14 40.77 -23.62
CA GLY C 1123 31.71 40.56 -23.81
C GLY C 1123 30.88 41.23 -22.75
N ARG C 1124 31.34 41.19 -21.50
CA ARG C 1124 30.59 41.83 -20.42
C ARG C 1124 30.49 43.33 -20.63
N VAL C 1125 31.60 43.97 -21.03
CA VAL C 1125 31.53 45.40 -21.28
C VAL C 1125 30.70 45.71 -22.52
N ALA C 1126 30.82 44.87 -23.55
CA ALA C 1126 30.08 45.12 -24.79
C ALA C 1126 28.59 45.00 -24.60
N GLY C 1127 28.14 44.04 -23.78
CA GLY C 1127 26.72 43.81 -23.62
C GLY C 1127 25.97 44.98 -23.03
N LEU C 1128 26.63 45.76 -22.16
CA LEU C 1128 25.97 46.87 -21.50
C LEU C 1128 25.70 48.05 -22.42
N GLU C 1129 26.27 48.06 -23.63
CA GLU C 1129 26.10 49.14 -24.59
C GLU C 1129 25.55 48.69 -25.94
N HIS C 1130 25.42 47.39 -26.18
CA HIS C 1130 24.70 46.84 -27.33
C HIS C 1130 23.80 45.72 -26.84
N PRO C 1131 22.74 46.05 -26.09
CA PRO C 1131 21.89 44.98 -25.52
C PRO C 1131 21.25 44.08 -26.55
N HIS C 1132 20.84 44.63 -27.70
CA HIS C 1132 20.10 43.83 -28.66
C HIS C 1132 21.00 42.82 -29.36
N LEU C 1133 22.18 43.26 -29.80
CA LEU C 1133 23.07 42.35 -30.52
C LEU C 1133 23.67 41.31 -29.58
N TRP C 1134 24.19 41.75 -28.45
CA TRP C 1134 24.94 40.87 -27.55
C TRP C 1134 23.96 40.23 -26.58
N ALA C 1135 23.82 38.91 -26.66
CA ALA C 1135 22.94 38.17 -25.77
C ALA C 1135 23.67 37.72 -24.52
N GLY C 1136 24.81 37.07 -24.67
CA GLY C 1136 25.58 36.64 -23.52
C GLY C 1136 26.69 35.69 -23.93
N LEU C 1137 27.29 35.07 -22.92
CA LEU C 1137 28.34 34.08 -23.10
C LEU C 1137 27.92 32.78 -22.44
N VAL C 1138 28.47 31.67 -22.94
CA VAL C 1138 28.18 30.34 -22.39
C VAL C 1138 29.47 29.54 -22.34
N ASP C 1139 30.05 29.39 -21.16
CA ASP C 1139 31.21 28.54 -21.00
C ASP C 1139 30.80 27.07 -21.18
N LEU C 1140 31.77 26.27 -21.59
CA LEU C 1140 31.59 24.84 -21.84
C LEU C 1140 32.71 24.07 -21.17
N PRO C 1141 32.52 22.78 -20.90
CA PRO C 1141 33.61 21.98 -20.33
C PRO C 1141 34.70 21.76 -21.35
N PRO C 1142 35.81 21.10 -20.96
CA PRO C 1142 36.88 20.85 -21.94
C PRO C 1142 36.44 19.97 -23.10
N GLU C 1143 35.88 18.80 -22.83
CA GLU C 1143 35.47 17.86 -23.87
C GLU C 1143 34.05 18.18 -24.34
N ALA C 1144 33.78 17.79 -25.59
CA ALA C 1144 32.47 18.00 -26.21
C ALA C 1144 31.65 16.72 -26.08
N ASP C 1145 30.40 16.87 -25.65
CA ASP C 1145 29.50 15.74 -25.48
C ASP C 1145 28.11 16.14 -25.98
N GLU C 1146 27.36 15.13 -26.42
CA GLU C 1146 26.05 15.38 -27.01
C GLU C 1146 25.07 15.97 -25.99
N ARG C 1147 25.08 15.46 -24.77
CA ARG C 1147 24.18 15.97 -23.74
C ARG C 1147 24.50 17.42 -23.40
N THR C 1148 25.80 17.74 -23.27
CA THR C 1148 26.20 19.11 -22.99
C THR C 1148 25.80 20.04 -24.12
N ALA C 1149 25.95 19.58 -25.36
CA ALA C 1149 25.55 20.41 -26.50
C ALA C 1149 24.04 20.58 -26.57
N ALA C 1150 23.28 19.55 -26.19
CA ALA C 1150 21.84 19.69 -26.13
C ALA C 1150 21.44 20.75 -25.12
N ARG C 1151 22.07 20.73 -23.94
CA ARG C 1151 21.81 21.77 -22.95
C ARG C 1151 22.25 23.13 -23.48
N LEU C 1152 23.35 23.17 -24.25
CA LEU C 1152 23.85 24.42 -24.80
C LEU C 1152 22.83 25.04 -25.74
N VAL C 1153 22.33 24.25 -26.70
CA VAL C 1153 21.33 24.78 -27.63
C VAL C 1153 20.04 25.12 -26.89
N GLY C 1154 19.73 24.40 -25.81
CA GLY C 1154 18.56 24.75 -25.03
C GLY C 1154 18.68 26.12 -24.40
N VAL C 1155 19.83 26.40 -23.77
CA VAL C 1155 20.00 27.70 -23.14
C VAL C 1155 20.14 28.80 -24.19
N LEU C 1156 20.76 28.49 -25.34
CA LEU C 1156 20.92 29.48 -26.39
C LEU C 1156 19.58 29.95 -26.92
N ALA C 1157 18.62 29.03 -27.07
CA ALA C 1157 17.29 29.36 -27.56
C ALA C 1157 16.41 30.02 -26.50
N GLY C 1158 16.88 30.12 -25.26
CA GLY C 1158 16.05 30.69 -24.21
C GLY C 1158 15.76 32.16 -24.44
N ALA C 1159 14.83 32.68 -23.64
CA ALA C 1159 14.40 34.06 -23.79
C ALA C 1159 15.55 35.03 -23.50
N GLY C 1160 16.20 34.88 -22.36
CA GLY C 1160 17.28 35.76 -21.97
C GLY C 1160 17.34 35.89 -20.46
N GLY C 1161 18.20 36.81 -20.01
CA GLY C 1161 18.40 37.06 -18.60
C GLY C 1161 19.60 36.32 -18.05
N GLU C 1162 19.81 35.10 -18.54
CA GLU C 1162 20.96 34.27 -18.13
C GLU C 1162 22.13 34.48 -19.08
N ASP C 1163 22.63 35.72 -19.10
CA ASP C 1163 23.67 36.09 -20.05
C ASP C 1163 25.00 35.40 -19.74
N GLN C 1164 25.36 35.30 -18.46
CA GLN C 1164 26.67 34.79 -18.04
C GLN C 1164 26.48 33.46 -17.32
N VAL C 1165 26.64 32.37 -18.06
CA VAL C 1165 26.42 31.02 -17.56
C VAL C 1165 27.60 30.14 -17.95
N ALA C 1166 27.71 29.01 -17.25
CA ALA C 1166 28.72 28.01 -17.51
C ALA C 1166 28.09 26.63 -17.39
N LEU C 1167 28.57 25.71 -18.21
CA LEU C 1167 28.10 24.33 -18.24
C LEU C 1167 29.22 23.41 -17.80
N ARG C 1168 28.88 22.43 -16.96
CA ARG C 1168 29.83 21.43 -16.50
C ARG C 1168 29.11 20.10 -16.37
N SER C 1169 29.89 19.06 -16.06
CA SER C 1169 29.31 17.73 -15.89
C SER C 1169 28.32 17.72 -14.73
N SER C 1170 28.65 18.40 -13.63
CA SER C 1170 27.76 18.41 -12.47
C SER C 1170 26.44 19.09 -12.79
N GLY C 1171 26.47 20.21 -13.51
CA GLY C 1171 25.25 20.91 -13.84
C GLY C 1171 25.48 22.21 -14.60
N VAL C 1172 24.68 23.22 -14.26
CA VAL C 1172 24.74 24.53 -14.92
C VAL C 1172 24.80 25.61 -13.85
N PHE C 1173 25.68 26.59 -14.06
CA PHE C 1173 25.94 27.65 -13.10
C PHE C 1173 25.79 29.00 -13.78
N VAL C 1174 25.52 30.02 -12.98
CA VAL C 1174 25.31 31.38 -13.45
C VAL C 1174 26.13 32.34 -12.58
N ARG C 1175 26.77 33.32 -13.21
CA ARG C 1175 27.67 34.22 -12.49
C ARG C 1175 26.86 35.28 -11.73
N ARG C 1176 27.13 35.40 -10.43
CA ARG C 1176 26.48 36.39 -9.58
C ARG C 1176 27.50 37.04 -8.67
N LEU C 1177 27.10 38.14 -8.05
CA LEU C 1177 27.92 38.93 -7.13
C LEU C 1177 27.36 38.81 -5.72
N VAL C 1178 28.24 38.60 -4.74
CA VAL C 1178 27.85 38.42 -3.35
C VAL C 1178 28.74 39.29 -2.47
N ARG C 1179 28.22 39.60 -1.28
CA ARG C 1179 29.01 40.24 -0.25
C ARG C 1179 29.85 39.19 0.48
N ALA C 1180 31.12 39.52 0.72
CA ALA C 1180 32.05 38.65 1.43
C ALA C 1180 32.77 39.46 2.49
N PRO C 1181 32.07 39.88 3.54
CA PRO C 1181 32.73 40.67 4.59
C PRO C 1181 33.81 39.86 5.30
N ALA C 1182 34.86 40.56 5.72
CA ALA C 1182 36.04 39.95 6.32
C ALA C 1182 36.03 40.03 7.84
N SER C 1183 34.92 40.44 8.46
CA SER C 1183 34.88 40.57 9.91
C SER C 1183 35.04 39.22 10.60
N GLU C 1184 34.34 38.20 10.11
CA GLU C 1184 34.34 36.89 10.75
C GLU C 1184 35.45 35.97 10.26
N VAL C 1185 36.16 36.33 9.20
CA VAL C 1185 37.20 35.45 8.65
C VAL C 1185 38.44 35.55 9.53
N PRO C 1186 38.98 34.45 10.07
CA PRO C 1186 40.23 34.57 10.83
C PRO C 1186 41.39 34.93 9.93
N ALA C 1187 42.38 35.60 10.53
CA ALA C 1187 43.59 36.01 9.82
C ALA C 1187 44.66 34.94 9.93
N VAL C 1188 45.56 34.93 8.96
CA VAL C 1188 46.67 33.97 8.93
C VAL C 1188 47.73 34.50 7.98
N ARG C 1189 49.00 34.29 8.34
CA ARG C 1189 50.14 34.74 7.55
C ARG C 1189 50.07 36.25 7.32
N SER C 1190 50.23 36.97 8.44
CA SER C 1190 50.09 38.42 8.46
C SER C 1190 51.08 39.08 7.49
N TRP C 1191 50.79 40.35 7.18
CA TRP C 1191 51.50 41.05 6.13
C TRP C 1191 52.77 41.68 6.68
N LYS C 1192 53.89 41.43 6.00
CA LYS C 1192 55.21 41.90 6.44
C LYS C 1192 56.03 42.22 5.21
N PRO C 1193 56.03 43.49 4.74
CA PRO C 1193 56.80 43.81 3.53
C PRO C 1193 58.30 43.78 3.74
N GLY C 1194 58.85 42.59 3.99
CA GLY C 1194 60.28 42.44 4.16
C GLY C 1194 61.01 42.38 2.82
N GLY C 1195 62.28 42.74 2.86
CA GLY C 1195 63.08 42.69 1.64
C GLY C 1195 62.63 43.74 0.63
N THR C 1196 63.09 43.56 -0.59
CA THR C 1196 62.70 44.45 -1.68
C THR C 1196 61.28 44.14 -2.14
N VAL C 1197 60.55 45.20 -2.47
CA VAL C 1197 59.18 45.13 -2.96
C VAL C 1197 59.10 45.95 -4.23
N LEU C 1198 58.74 45.30 -5.34
CA LEU C 1198 58.65 45.97 -6.63
C LEU C 1198 57.25 46.54 -6.83
N VAL C 1199 57.20 47.79 -7.30
CA VAL C 1199 55.94 48.48 -7.56
C VAL C 1199 56.03 49.08 -8.95
N THR C 1200 55.27 48.53 -9.89
CA THR C 1200 55.22 49.08 -11.25
C THR C 1200 54.31 50.30 -11.28
N GLY C 1201 54.72 51.29 -12.08
CA GLY C 1201 53.94 52.52 -12.17
C GLY C 1201 53.88 53.28 -10.87
N GLY C 1202 54.98 53.29 -10.11
CA GLY C 1202 54.98 53.95 -8.82
C GLY C 1202 54.70 55.44 -8.91
N THR C 1203 55.16 56.09 -9.97
CA THR C 1203 55.01 57.53 -10.09
C THR C 1203 53.55 57.95 -10.24
N GLY C 1204 52.67 57.06 -10.70
CA GLY C 1204 51.28 57.41 -10.91
C GLY C 1204 50.52 57.61 -9.62
N GLY C 1205 49.19 57.56 -9.70
CA GLY C 1205 48.36 57.75 -8.53
C GLY C 1205 48.25 56.49 -7.69
N LEU C 1206 47.77 55.40 -8.30
CA LEU C 1206 47.64 54.14 -7.57
C LEU C 1206 49.00 53.65 -7.09
N GLY C 1207 50.03 53.78 -7.93
CA GLY C 1207 51.37 53.44 -7.51
C GLY C 1207 51.84 54.28 -6.33
N ARG C 1208 51.50 55.57 -6.35
CA ARG C 1208 51.88 56.44 -5.23
C ARG C 1208 51.20 55.98 -3.94
N GLN C 1209 49.89 55.69 -4.01
CA GLN C 1209 49.17 55.28 -2.82
C GLN C 1209 49.71 53.96 -2.28
N VAL C 1210 49.92 52.97 -3.14
CA VAL C 1210 50.39 51.68 -2.67
C VAL C 1210 51.83 51.79 -2.15
N ALA C 1211 52.65 52.64 -2.78
CA ALA C 1211 54.01 52.81 -2.30
C ALA C 1211 54.04 53.42 -0.90
N ARG C 1212 53.26 54.48 -0.68
CA ARG C 1212 53.25 55.08 0.64
C ARG C 1212 52.62 54.16 1.68
N TRP C 1213 51.64 53.35 1.27
CA TRP C 1213 51.09 52.35 2.18
C TRP C 1213 52.16 51.32 2.56
N LEU C 1214 52.94 50.86 1.59
CA LEU C 1214 54.02 49.92 1.88
C LEU C 1214 55.04 50.53 2.83
N ALA C 1215 55.45 51.77 2.57
CA ALA C 1215 56.46 52.41 3.40
C ALA C 1215 55.98 52.58 4.84
N ARG C 1216 54.72 52.95 5.02
CA ARG C 1216 54.17 53.19 6.35
C ARG C 1216 53.98 51.85 7.05
N GLY C 1217 55.10 51.27 7.50
CA GLY C 1217 55.10 50.04 8.26
C GLY C 1217 55.83 48.90 7.59
N GLY C 1218 57.01 48.57 8.12
CA GLY C 1218 57.71 47.36 7.75
C GLY C 1218 58.14 47.26 6.30
N ALA C 1219 58.75 48.33 5.76
CA ALA C 1219 59.29 48.34 4.40
C ALA C 1219 60.81 48.40 4.47
N ASP C 1220 61.46 47.40 3.88
CA ASP C 1220 62.92 47.37 3.81
C ASP C 1220 63.44 48.12 2.59
N HIS C 1221 62.79 47.96 1.45
CA HIS C 1221 63.26 48.59 0.21
C HIS C 1221 62.12 48.56 -0.80
N LEU C 1222 61.87 49.70 -1.44
CA LEU C 1222 60.78 49.87 -2.40
C LEU C 1222 61.39 50.20 -3.76
N LEU C 1223 61.27 49.27 -4.71
CA LEU C 1223 61.79 49.43 -6.05
C LEU C 1223 60.63 49.87 -6.95
N LEU C 1224 60.54 51.17 -7.19
CA LEU C 1224 59.53 51.70 -8.08
C LEU C 1224 60.00 51.64 -9.52
N VAL C 1225 59.12 51.21 -10.42
CA VAL C 1225 59.43 51.05 -11.83
C VAL C 1225 58.40 51.80 -12.64
N SER C 1226 58.86 52.58 -13.61
CA SER C 1226 57.99 53.32 -14.52
C SER C 1226 58.76 53.59 -15.79
N ARG C 1227 58.02 53.98 -16.84
CA ARG C 1227 58.68 54.32 -18.10
C ARG C 1227 59.58 55.55 -17.93
N ARG C 1228 59.08 56.56 -17.24
CA ARG C 1228 59.83 57.79 -17.00
C ARG C 1228 60.63 57.74 -15.70
N GLY C 1229 59.96 57.41 -14.61
CA GLY C 1229 60.64 57.31 -13.32
C GLY C 1229 60.95 58.65 -12.70
N VAL C 1230 62.23 59.03 -12.69
CA VAL C 1230 62.64 60.30 -12.10
C VAL C 1230 62.01 61.46 -12.87
N ASP C 1231 61.86 61.32 -14.18
CA ASP C 1231 61.31 62.38 -15.01
C ASP C 1231 59.81 62.58 -14.79
N ALA C 1232 59.14 61.70 -14.06
CA ALA C 1232 57.70 61.80 -13.90
C ALA C 1232 57.35 63.06 -13.10
N PRO C 1233 56.15 63.63 -13.31
CA PRO C 1233 55.83 64.92 -12.65
C PRO C 1233 55.49 64.77 -11.17
N GLY C 1234 56.54 64.74 -10.36
CA GLY C 1234 56.42 64.61 -8.91
C GLY C 1234 57.24 63.47 -8.34
N ALA C 1235 58.22 62.98 -9.11
CA ALA C 1235 59.04 61.87 -8.63
C ALA C 1235 59.87 62.29 -7.42
N ASP C 1236 60.49 63.47 -7.50
CA ASP C 1236 61.31 63.94 -6.37
C ASP C 1236 60.46 64.20 -5.13
N GLU C 1237 59.31 64.87 -5.32
CA GLU C 1237 58.44 65.14 -4.18
C GLU C 1237 57.90 63.86 -3.58
N LEU C 1238 57.58 62.88 -4.42
CA LEU C 1238 57.08 61.60 -3.92
C LEU C 1238 58.17 60.86 -3.14
N VAL C 1239 59.37 60.75 -3.73
CA VAL C 1239 60.41 59.95 -3.08
C VAL C 1239 60.89 60.60 -1.80
N ASP C 1240 60.81 61.93 -1.69
CA ASP C 1240 61.18 62.58 -0.44
C ASP C 1240 60.31 62.10 0.71
N GLU C 1241 58.99 62.20 0.54
CA GLU C 1241 58.07 61.74 1.58
C GLU C 1241 58.15 60.23 1.75
N LEU C 1242 58.47 59.49 0.68
CA LEU C 1242 58.49 58.04 0.77
C LEU C 1242 59.71 57.57 1.56
N THR C 1243 60.87 58.20 1.35
CA THR C 1243 62.06 57.91 2.15
C THR C 1243 61.98 58.52 3.54
N ASP C 1244 61.08 59.49 3.75
CA ASP C 1244 60.88 60.03 5.10
C ASP C 1244 60.49 58.94 6.09
N LEU C 1245 59.80 57.89 5.64
CA LEU C 1245 59.38 56.79 6.50
C LEU C 1245 60.43 55.68 6.59
N GLY C 1246 61.70 55.99 6.35
CA GLY C 1246 62.73 54.99 6.47
C GLY C 1246 62.76 53.95 5.39
N ALA C 1247 62.20 54.27 4.21
CA ALA C 1247 62.15 53.33 3.09
C ALA C 1247 63.31 53.60 2.14
N ARG C 1248 63.99 52.54 1.73
CA ARG C 1248 65.07 52.64 0.74
C ARG C 1248 64.45 52.64 -0.65
N VAL C 1249 64.39 53.82 -1.27
CA VAL C 1249 63.70 54.02 -2.54
C VAL C 1249 64.75 54.17 -3.64
N THR C 1250 64.56 53.43 -4.73
CA THR C 1250 65.34 53.60 -5.96
C THR C 1250 64.35 53.54 -7.11
N VAL C 1251 63.80 54.70 -7.49
CA VAL C 1251 62.86 54.75 -8.60
C VAL C 1251 63.60 54.46 -9.90
N ALA C 1252 63.06 53.53 -10.68
CA ALA C 1252 63.64 53.12 -11.95
C ALA C 1252 62.91 53.81 -13.10
N ALA C 1253 63.57 53.81 -14.26
CA ALA C 1253 63.03 54.42 -15.48
C ALA C 1253 63.14 53.38 -16.59
N CYS C 1254 62.13 52.51 -16.71
CA CYS C 1254 62.15 51.51 -17.76
C CYS C 1254 60.73 50.98 -17.96
N ASP C 1255 60.48 50.45 -19.15
CA ASP C 1255 59.23 49.78 -19.44
C ASP C 1255 59.31 48.33 -18.95
N VAL C 1256 58.22 47.87 -18.33
CA VAL C 1256 58.15 46.48 -17.85
C VAL C 1256 57.69 45.52 -18.93
N ALA C 1257 57.21 46.02 -20.07
CA ALA C 1257 56.70 45.14 -21.11
C ALA C 1257 57.80 44.25 -21.68
N ASP C 1258 58.90 44.84 -22.11
CA ASP C 1258 59.98 44.08 -22.73
C ASP C 1258 60.64 43.17 -21.69
N ARG C 1259 60.87 41.92 -22.08
CA ARG C 1259 61.39 40.92 -21.15
C ARG C 1259 62.80 41.27 -20.70
N ASP C 1260 63.64 41.76 -21.61
CA ASP C 1260 65.04 41.99 -21.28
C ASP C 1260 65.21 43.07 -20.23
N ALA C 1261 64.40 44.13 -20.29
CA ALA C 1261 64.52 45.22 -19.33
C ALA C 1261 64.25 44.73 -17.91
N VAL C 1262 63.16 43.97 -17.73
CA VAL C 1262 62.85 43.45 -16.40
C VAL C 1262 63.88 42.42 -15.99
N GLN C 1263 64.38 41.64 -16.95
CA GLN C 1263 65.39 40.64 -16.64
C GLN C 1263 66.65 41.29 -16.08
N ARG C 1264 67.10 42.39 -16.69
CA ARG C 1264 68.29 43.06 -16.19
C ARG C 1264 67.98 43.89 -14.94
N LEU C 1265 66.73 44.32 -14.75
CA LEU C 1265 66.40 45.09 -13.56
C LEU C 1265 66.35 44.21 -12.33
N LEU C 1266 65.87 42.97 -12.49
CA LEU C 1266 65.86 42.02 -11.38
C LEU C 1266 67.25 41.54 -11.00
N SER C 1267 68.28 41.85 -11.79
CA SER C 1267 69.66 41.45 -11.52
C SER C 1267 70.52 42.60 -11.03
N GLU C 1268 70.45 43.77 -11.69
CA GLU C 1268 71.39 44.85 -11.41
C GLU C 1268 70.85 45.85 -10.38
N GLN C 1269 69.56 46.18 -10.43
CA GLN C 1269 68.99 47.20 -9.56
C GLN C 1269 68.48 46.64 -8.23
N VAL C 1270 68.46 45.32 -8.07
CA VAL C 1270 68.02 44.73 -6.79
C VAL C 1270 69.17 44.80 -5.80
N PRO C 1271 68.99 45.36 -4.60
CA PRO C 1271 70.02 45.20 -3.57
C PRO C 1271 70.26 43.74 -3.23
N SER C 1272 71.52 43.42 -2.94
CA SER C 1272 71.86 42.09 -2.45
C SER C 1272 71.48 41.87 -0.99
N ASP C 1273 71.15 42.94 -0.27
CA ASP C 1273 70.80 42.87 1.14
C ASP C 1273 69.30 42.76 1.38
N ALA C 1274 68.51 42.56 0.33
CA ALA C 1274 67.05 42.54 0.47
C ALA C 1274 66.42 41.78 -0.70
N PRO C 1275 66.26 40.45 -0.60
CA PRO C 1275 65.65 39.71 -1.70
C PRO C 1275 64.21 40.14 -1.96
N LEU C 1276 63.79 39.96 -3.22
CA LEU C 1276 62.43 40.32 -3.61
C LEU C 1276 61.41 39.44 -2.91
N THR C 1277 60.38 40.08 -2.34
CA THR C 1277 59.29 39.39 -1.67
C THR C 1277 57.96 39.65 -2.35
N ALA C 1278 57.59 40.90 -2.55
CA ALA C 1278 56.31 41.30 -3.12
C ALA C 1278 56.51 41.99 -4.45
N VAL C 1279 55.55 41.78 -5.36
CA VAL C 1279 55.57 42.39 -6.68
C VAL C 1279 54.18 42.92 -7.00
N ILE C 1280 53.96 44.20 -6.76
CA ILE C 1280 52.69 44.84 -7.04
C ILE C 1280 52.72 45.37 -8.46
N HIS C 1281 51.67 45.06 -9.23
CA HIS C 1281 51.57 45.39 -10.66
C HIS C 1281 50.35 46.29 -10.84
N THR C 1282 50.58 47.60 -10.95
CA THR C 1282 49.52 48.59 -11.05
C THR C 1282 49.86 49.64 -12.09
N ALA C 1283 50.35 49.20 -13.25
CA ALA C 1283 50.79 50.08 -14.32
C ALA C 1283 50.17 49.65 -15.64
N ALA C 1284 49.60 50.61 -16.36
CA ALA C 1284 49.07 50.37 -17.70
C ALA C 1284 48.59 51.69 -18.29
N VAL C 1285 48.46 51.70 -19.61
CA VAL C 1285 48.03 52.89 -20.33
C VAL C 1285 46.51 52.95 -20.34
N LEU C 1286 45.97 54.16 -20.19
CA LEU C 1286 44.52 54.39 -20.18
C LEU C 1286 44.11 54.78 -21.60
N ASP C 1287 43.87 53.76 -22.44
CA ASP C 1287 43.47 53.96 -23.82
C ASP C 1287 41.97 53.74 -23.93
N ASP C 1288 41.22 54.80 -23.62
CA ASP C 1288 39.77 54.74 -23.74
C ASP C 1288 39.35 54.62 -25.19
N GLY C 1289 38.28 53.87 -25.43
CA GLY C 1289 37.78 53.68 -26.77
C GLY C 1289 36.43 53.01 -26.83
N VAL C 1290 35.52 53.57 -27.64
CA VAL C 1290 34.20 52.98 -27.82
C VAL C 1290 34.30 51.77 -28.73
N ILE C 1291 33.29 50.90 -28.67
CA ILE C 1291 33.31 49.62 -29.37
C ILE C 1291 33.53 49.79 -30.87
N ASP C 1292 33.01 50.89 -31.44
CA ASP C 1292 33.18 51.10 -32.87
C ASP C 1292 34.63 51.36 -33.25
N SER C 1293 35.37 52.08 -32.41
CA SER C 1293 36.71 52.52 -32.73
C SER C 1293 37.80 51.54 -32.29
N LEU C 1294 37.43 50.43 -31.65
CA LEU C 1294 38.43 49.47 -31.22
C LEU C 1294 39.10 48.81 -32.42
N SER C 1295 40.41 48.65 -32.33
CA SER C 1295 41.21 48.01 -33.36
C SER C 1295 42.24 47.12 -32.66
N PRO C 1296 42.80 46.13 -33.38
CA PRO C 1296 43.78 45.25 -32.73
C PRO C 1296 45.02 45.96 -32.22
N GLU C 1297 45.40 47.10 -32.81
CA GLU C 1297 46.61 47.78 -32.36
C GLU C 1297 46.42 48.41 -30.99
N ARG C 1298 45.24 48.98 -30.72
CA ARG C 1298 44.96 49.54 -29.41
C ARG C 1298 44.97 48.44 -28.35
N MET C 1299 44.36 47.30 -28.66
CA MET C 1299 44.39 46.17 -27.75
C MET C 1299 45.82 45.68 -27.54
N GLU C 1300 46.64 45.69 -28.60
CA GLU C 1300 48.02 45.26 -28.47
C GLU C 1300 48.79 46.17 -27.51
N GLN C 1301 48.65 47.48 -27.68
CA GLN C 1301 49.43 48.37 -26.82
C GLN C 1301 48.94 48.33 -25.38
N VAL C 1302 47.63 48.11 -25.16
CA VAL C 1302 47.14 48.01 -23.78
C VAL C 1302 47.62 46.70 -23.15
N LEU C 1303 47.47 45.58 -23.85
CA LEU C 1303 47.85 44.29 -23.31
C LEU C 1303 49.36 44.13 -23.21
N ARG C 1304 50.13 44.93 -23.96
CA ARG C 1304 51.58 44.87 -23.85
C ARG C 1304 52.05 45.21 -22.45
N VAL C 1305 51.31 46.07 -21.76
CA VAL C 1305 51.68 46.50 -20.41
C VAL C 1305 50.81 45.82 -19.36
N LYS C 1306 49.49 45.71 -19.59
CA LYS C 1306 48.62 45.18 -18.55
C LYS C 1306 48.87 43.70 -18.31
N VAL C 1307 49.12 42.95 -19.39
CA VAL C 1307 49.33 41.51 -19.31
C VAL C 1307 50.80 41.15 -19.52
N GLY C 1308 51.47 41.81 -20.47
CA GLY C 1308 52.86 41.46 -20.75
C GLY C 1308 53.78 41.71 -19.59
N GLY C 1309 53.61 42.85 -18.91
CA GLY C 1309 54.45 43.14 -17.76
C GLY C 1309 54.25 42.15 -16.64
N ALA C 1310 52.99 41.83 -16.34
CA ALA C 1310 52.70 40.90 -15.24
C ALA C 1310 53.25 39.51 -15.54
N VAL C 1311 53.01 39.01 -16.76
CA VAL C 1311 53.45 37.65 -17.08
C VAL C 1311 54.98 37.60 -17.13
N HIS C 1312 55.63 38.65 -17.65
CA HIS C 1312 57.08 38.66 -17.67
C HIS C 1312 57.66 38.69 -16.26
N LEU C 1313 57.06 39.51 -15.37
CA LEU C 1313 57.52 39.54 -13.99
C LEU C 1313 57.34 38.19 -13.32
N TYR C 1314 56.21 37.53 -13.56
CA TYR C 1314 55.98 36.22 -12.98
C TYR C 1314 57.00 35.20 -13.49
N GLU C 1315 57.24 35.20 -14.80
CA GLU C 1315 58.12 34.20 -15.38
C GLU C 1315 59.56 34.40 -14.95
N LEU C 1316 60.00 35.65 -14.80
CA LEU C 1316 61.35 35.90 -14.34
C LEU C 1316 61.56 35.45 -12.89
N THR C 1317 60.49 35.27 -12.13
CA THR C 1317 60.55 34.62 -10.83
C THR C 1317 60.59 33.10 -11.04
N ARG C 1318 60.31 32.31 -10.00
CA ARG C 1318 60.51 30.86 -9.89
C ARG C 1318 61.95 30.52 -9.51
N GLU C 1319 62.84 31.51 -9.39
CA GLU C 1319 64.14 31.34 -8.78
C GLU C 1319 64.25 32.01 -7.41
N SER C 1320 63.32 32.91 -7.08
CA SER C 1320 63.29 33.58 -5.79
C SER C 1320 61.87 33.51 -5.22
N ASP C 1321 61.78 33.11 -3.95
CA ASP C 1321 60.48 33.02 -3.30
C ASP C 1321 59.89 34.40 -3.12
N LEU C 1322 58.60 34.54 -3.39
CA LEU C 1322 57.87 35.79 -3.25
C LEU C 1322 56.79 35.63 -2.19
N SER C 1323 56.71 36.61 -1.29
CA SER C 1323 55.64 36.59 -0.29
C SER C 1323 54.28 36.74 -0.94
N ALA C 1324 54.17 37.60 -1.94
CA ALA C 1324 52.90 37.86 -2.61
C ALA C 1324 53.17 38.36 -4.02
N PHE C 1325 52.12 38.33 -4.84
CA PHE C 1325 52.16 38.83 -6.22
C PHE C 1325 50.80 39.44 -6.50
N VAL C 1326 50.68 40.73 -6.31
CA VAL C 1326 49.40 41.42 -6.41
C VAL C 1326 49.20 41.89 -7.85
N LEU C 1327 47.95 41.81 -8.30
CA LEU C 1327 47.52 42.35 -9.59
C LEU C 1327 46.31 43.24 -9.36
N PHE C 1328 46.29 44.38 -10.05
CA PHE C 1328 45.28 45.41 -9.83
C PHE C 1328 44.30 45.39 -11.01
N SER C 1329 43.29 44.54 -10.90
CA SER C 1329 42.20 44.56 -11.86
C SER C 1329 41.21 45.67 -11.49
N SER C 1330 40.40 46.07 -12.46
CA SER C 1330 39.40 47.10 -12.27
C SER C 1330 38.03 46.48 -12.09
N PHE C 1331 37.11 47.26 -11.50
CA PHE C 1331 35.74 46.82 -11.36
C PHE C 1331 35.03 46.69 -12.70
N GLY C 1332 35.56 47.32 -13.76
CA GLY C 1332 34.98 47.14 -15.08
C GLY C 1332 35.00 45.70 -15.52
N SER C 1333 36.04 44.95 -15.14
CA SER C 1333 36.09 43.53 -15.44
C SER C 1333 34.94 42.79 -14.77
N THR C 1334 34.65 43.13 -13.51
CA THR C 1334 33.58 42.44 -12.79
C THR C 1334 32.22 42.86 -13.32
N PHE C 1335 32.02 44.16 -13.54
CA PHE C 1335 30.73 44.70 -13.97
C PHE C 1335 30.71 45.00 -15.47
N GLY C 1336 31.64 45.84 -15.92
CA GLY C 1336 31.57 46.42 -17.25
C GLY C 1336 30.78 47.72 -17.21
N LEU C 1337 31.29 48.74 -17.88
CA LEU C 1337 30.69 50.07 -17.92
C LEU C 1337 30.70 50.56 -19.36
N PRO C 1338 29.78 51.47 -19.75
CA PRO C 1338 29.84 52.00 -21.11
C PRO C 1338 31.14 52.72 -21.39
N GLY C 1339 31.67 52.50 -22.60
CA GLY C 1339 32.88 53.14 -23.04
C GLY C 1339 34.17 52.44 -22.67
N LEU C 1340 34.12 51.44 -21.79
CA LEU C 1340 35.32 50.73 -21.34
C LEU C 1340 35.58 49.51 -22.21
N GLY C 1341 35.59 49.71 -23.53
CA GLY C 1341 35.77 48.59 -24.43
C GLY C 1341 37.16 48.00 -24.36
N ASN C 1342 38.18 48.86 -24.34
CA ASN C 1342 39.57 48.43 -24.30
C ASN C 1342 40.10 48.22 -22.88
N TYR C 1343 39.43 48.78 -21.88
CA TYR C 1343 39.86 48.71 -20.49
C TYR C 1343 39.64 47.33 -19.89
N ALA C 1344 38.50 46.72 -20.19
CA ALA C 1344 38.10 45.47 -19.52
C ALA C 1344 39.02 44.28 -19.80
N PRO C 1345 39.36 43.94 -21.05
CA PRO C 1345 39.95 42.61 -21.31
C PRO C 1345 41.24 42.31 -20.56
N GLY C 1346 42.14 43.29 -20.42
CA GLY C 1346 43.35 43.05 -19.64
C GLY C 1346 43.05 42.78 -18.19
N ASN C 1347 42.13 43.57 -17.61
CA ASN C 1347 41.72 43.34 -16.24
C ASN C 1347 41.14 41.94 -16.07
N ALA C 1348 40.28 41.53 -17.00
CA ALA C 1348 39.68 40.20 -16.93
C ALA C 1348 40.74 39.10 -17.03
N ALA C 1349 41.71 39.27 -17.92
CA ALA C 1349 42.76 38.27 -18.06
C ALA C 1349 43.65 38.20 -16.83
N LEU C 1350 43.74 39.29 -16.06
CA LEU C 1350 44.60 39.27 -14.88
C LEU C 1350 44.13 38.25 -13.85
N GLU C 1351 42.81 38.14 -13.62
CA GLU C 1351 42.34 37.12 -12.70
C GLU C 1351 42.73 35.73 -13.17
N ALA C 1352 42.40 35.40 -14.41
CA ALA C 1352 42.68 34.06 -14.93
C ALA C 1352 44.17 33.74 -14.84
N LEU C 1353 45.02 34.73 -15.06
CA LEU C 1353 46.44 34.55 -14.78
C LEU C 1353 46.65 34.23 -13.30
N ALA C 1354 45.89 34.88 -12.41
CA ALA C 1354 46.06 34.63 -10.98
C ALA C 1354 45.70 33.19 -10.62
N GLU C 1355 44.51 32.72 -11.03
CA GLU C 1355 44.17 31.31 -10.77
C GLU C 1355 45.14 30.36 -11.44
N GLN C 1356 45.68 30.71 -12.60
CA GLN C 1356 46.71 29.86 -13.20
C GLN C 1356 47.93 29.77 -12.28
N TRP C 1357 48.29 30.89 -11.64
CA TRP C 1357 49.46 30.89 -10.77
C TRP C 1357 49.20 30.13 -9.48
N ARG C 1358 48.00 30.25 -8.89
CA ARG C 1358 47.71 29.43 -7.72
C ARG C 1358 47.67 27.94 -8.09
N ALA C 1359 47.19 27.62 -9.28
CA ALA C 1359 47.26 26.24 -9.74
C ALA C 1359 48.70 25.78 -9.84
N GLU C 1360 49.59 26.64 -10.32
CA GLU C 1360 51.01 26.33 -10.29
C GLU C 1360 51.57 26.38 -8.88
N GLY C 1361 50.92 27.11 -7.98
CA GLY C 1361 51.27 27.07 -6.56
C GLY C 1361 52.14 28.22 -6.10
N ARG C 1362 51.76 29.44 -6.44
CA ARG C 1362 52.45 30.65 -6.05
C ARG C 1362 51.46 31.60 -5.39
N PRO C 1363 51.94 32.53 -4.53
CA PRO C 1363 51.01 33.42 -3.82
C PRO C 1363 50.61 34.65 -4.62
N ALA C 1364 49.64 34.45 -5.51
CA ALA C 1364 49.12 35.50 -6.37
C ALA C 1364 47.79 36.03 -5.86
N THR C 1365 47.46 37.25 -6.28
CA THR C 1365 46.20 37.86 -5.95
C THR C 1365 45.77 38.75 -7.11
N ALA C 1366 44.47 38.90 -7.28
CA ALA C 1366 43.86 39.59 -8.42
C ALA C 1366 42.87 40.63 -7.94
N VAL C 1367 43.33 41.51 -7.06
CA VAL C 1367 42.41 42.41 -6.37
C VAL C 1367 41.71 43.34 -7.36
N GLY C 1368 40.39 43.40 -7.25
CA GLY C 1368 39.58 44.26 -8.10
C GLY C 1368 39.25 45.55 -7.38
N TRP C 1369 39.51 46.67 -8.05
CA TRP C 1369 39.42 47.99 -7.45
C TRP C 1369 38.28 48.80 -8.08
N GLY C 1370 37.71 49.69 -7.29
CA GLY C 1370 36.73 50.63 -7.78
C GLY C 1370 37.39 51.88 -8.33
N THR C 1371 36.92 53.04 -7.92
CA THR C 1371 37.48 54.32 -8.32
C THR C 1371 38.17 54.95 -7.12
N TRP C 1372 39.49 55.03 -7.16
CA TRP C 1372 40.25 55.67 -6.10
C TRP C 1372 40.00 57.17 -6.13
N ALA C 1373 40.04 57.78 -4.94
CA ALA C 1373 39.83 59.22 -4.80
C ALA C 1373 41.11 59.96 -5.20
N GLY C 1374 41.35 60.01 -6.50
CA GLY C 1374 42.51 60.68 -7.04
C GLY C 1374 42.81 60.26 -8.48
N GLY C 1386 35.56 58.66 -14.76
CA GLY C 1386 34.37 59.11 -15.44
C GLY C 1386 33.15 58.28 -15.11
N ARG C 1387 33.05 57.86 -13.84
CA ARG C 1387 31.96 57.04 -13.33
C ARG C 1387 31.34 57.71 -12.10
N THR C 1388 31.04 59.01 -12.23
CA THR C 1388 30.50 59.76 -11.10
C THR C 1388 29.16 59.20 -10.64
N HIS C 1389 28.39 58.60 -11.55
CA HIS C 1389 27.15 57.95 -11.17
C HIS C 1389 27.44 56.56 -10.61
N GLY C 1390 26.75 56.20 -9.54
CA GLY C 1390 26.87 54.88 -8.97
C GLY C 1390 28.02 54.76 -7.99
N ILE C 1391 29.16 54.25 -8.47
CA ILE C 1391 30.30 53.99 -7.61
C ILE C 1391 30.84 55.30 -7.07
N HIS C 1392 31.06 55.35 -5.76
CA HIS C 1392 31.68 56.50 -5.11
C HIS C 1392 33.19 56.34 -5.07
N GLU C 1393 33.87 57.44 -4.77
CA GLU C 1393 35.33 57.45 -4.75
C GLU C 1393 35.82 56.85 -3.44
N LEU C 1394 36.63 55.80 -3.53
CA LEU C 1394 37.24 55.22 -2.34
C LEU C 1394 38.30 56.16 -1.79
N GLU C 1395 38.27 56.38 -0.48
CA GLU C 1395 39.35 57.12 0.14
C GLU C 1395 40.64 56.29 0.07
N PRO C 1396 41.81 56.93 0.05
CA PRO C 1396 43.05 56.14 -0.08
C PRO C 1396 43.30 55.24 1.11
N ALA C 1397 43.12 55.76 2.33
CA ALA C 1397 43.41 54.97 3.53
C ALA C 1397 42.48 53.77 3.63
N LEU C 1398 41.20 53.96 3.34
CA LEU C 1398 40.26 52.86 3.42
C LEU C 1398 40.60 51.77 2.41
N ALA C 1399 40.95 52.17 1.18
CA ALA C 1399 41.34 51.19 0.17
C ALA C 1399 42.59 50.43 0.58
N THR C 1400 43.57 51.15 1.13
CA THR C 1400 44.81 50.50 1.56
C THR C 1400 44.54 49.52 2.69
N ALA C 1401 43.69 49.90 3.65
CA ALA C 1401 43.34 49.00 4.74
C ALA C 1401 42.60 47.78 4.24
N ALA C 1402 41.71 47.96 3.26
CA ALA C 1402 40.98 46.84 2.69
C ALA C 1402 41.94 45.85 2.02
N LEU C 1403 42.89 46.37 1.23
CA LEU C 1403 43.90 45.52 0.63
C LEU C 1403 44.73 44.82 1.71
N GLU C 1404 45.05 45.54 2.78
CA GLU C 1404 45.84 44.97 3.86
C GLU C 1404 45.13 43.78 4.48
N GLN C 1405 43.84 43.94 4.81
CA GLN C 1405 43.12 42.85 5.46
C GLN C 1405 42.84 41.72 4.48
N ALA C 1406 42.71 42.02 3.19
CA ALA C 1406 42.50 40.97 2.21
C ALA C 1406 43.77 40.18 1.93
N LEU C 1407 44.94 40.78 2.11
CA LEU C 1407 46.19 40.12 1.74
C LEU C 1407 46.42 38.86 2.57
N GLU C 1408 46.36 38.96 3.90
CA GLU C 1408 46.65 37.82 4.74
C GLU C 1408 45.55 36.75 4.67
N ARG C 1409 44.32 37.14 4.37
CA ARG C 1409 43.22 36.19 4.29
C ARG C 1409 43.30 35.29 3.06
N ASP C 1410 44.25 35.51 2.16
CA ASP C 1410 44.46 34.65 1.00
C ASP C 1410 43.24 34.62 0.08
N GLU C 1411 42.52 35.73 0.00
CA GLU C 1411 41.38 35.82 -0.90
C GLU C 1411 41.89 35.98 -2.33
N SER C 1412 41.52 35.05 -3.20
CA SER C 1412 42.07 35.01 -4.55
C SER C 1412 41.48 36.06 -5.48
N SER C 1413 40.32 36.64 -5.13
CA SER C 1413 39.71 37.64 -5.99
C SER C 1413 38.75 38.53 -5.22
N PRO C 1414 39.24 39.32 -4.26
CA PRO C 1414 38.37 40.28 -3.59
C PRO C 1414 37.98 41.41 -4.54
N VAL C 1415 36.89 42.09 -4.19
CA VAL C 1415 36.36 43.19 -4.99
C VAL C 1415 36.02 44.31 -4.00
N ILE C 1416 36.93 45.27 -3.87
CA ILE C 1416 36.80 46.38 -2.93
C ILE C 1416 36.21 47.54 -3.73
N ILE C 1417 34.90 47.77 -3.58
CA ILE C 1417 34.20 48.83 -4.30
C ILE C 1417 33.11 49.39 -3.40
N ASP C 1418 32.88 50.70 -3.49
CA ASP C 1418 31.82 51.37 -2.76
C ASP C 1418 30.69 51.61 -3.73
N ILE C 1419 29.47 51.25 -3.33
CA ILE C 1419 28.29 51.38 -4.18
C ILE C 1419 27.16 51.95 -3.35
N ASP C 1420 26.40 52.86 -3.95
CA ASP C 1420 25.11 53.31 -3.42
C ASP C 1420 24.04 52.60 -4.25
N TRP C 1421 23.49 51.53 -3.72
CA TRP C 1421 22.55 50.70 -4.46
C TRP C 1421 21.22 51.39 -4.73
N GLU C 1422 20.96 52.54 -4.11
CA GLU C 1422 19.77 53.32 -4.46
C GLU C 1422 19.81 53.72 -5.93
N ARG C 1423 20.98 54.09 -6.44
CA ARG C 1423 21.15 54.56 -7.81
C ARG C 1423 21.82 53.55 -8.72
N PHE C 1424 22.82 52.80 -8.23
CA PHE C 1424 23.61 51.95 -9.11
C PHE C 1424 22.78 50.82 -9.69
N ALA C 1425 21.99 50.14 -8.85
CA ALA C 1425 21.26 48.97 -9.31
C ALA C 1425 20.21 49.34 -10.35
N VAL C 1426 19.43 50.38 -10.07
CA VAL C 1426 18.37 50.77 -11.01
C VAL C 1426 18.97 51.26 -12.32
N ALA C 1427 20.05 52.05 -12.25
CA ALA C 1427 20.68 52.53 -13.47
C ALA C 1427 21.27 51.38 -14.28
N PHE C 1428 21.92 50.43 -13.62
CA PHE C 1428 22.49 49.28 -14.32
C PHE C 1428 21.40 48.45 -14.98
N HIS C 1429 20.28 48.25 -14.28
CA HIS C 1429 19.17 47.52 -14.87
C HIS C 1429 18.57 48.26 -16.06
N ALA C 1430 18.47 49.59 -15.95
CA ALA C 1430 17.95 50.38 -17.06
C ALA C 1430 18.86 50.28 -18.28
N LYS C 1431 20.18 50.32 -18.07
CA LYS C 1431 21.11 50.16 -19.18
C LYS C 1431 20.98 48.77 -19.80
N ARG C 1432 20.83 47.74 -18.96
CA ARG C 1432 20.56 46.39 -19.43
C ARG C 1432 19.96 45.58 -18.29
N PRO C 1433 18.76 44.99 -18.45
CA PRO C 1433 18.27 44.10 -17.39
C PRO C 1433 19.18 42.91 -17.18
N THR C 1434 19.36 42.53 -15.92
CA THR C 1434 20.22 41.41 -15.58
C THR C 1434 19.84 40.89 -14.20
N ARG C 1435 20.27 39.66 -13.92
CA ARG C 1435 20.05 39.01 -12.63
C ARG C 1435 21.35 38.74 -11.89
N GLY C 1436 22.43 39.44 -12.25
CA GLY C 1436 23.69 39.25 -11.55
C GLY C 1436 23.62 39.72 -10.11
N PHE C 1437 22.94 40.84 -9.87
CA PHE C 1437 22.85 41.44 -8.54
C PHE C 1437 21.57 41.02 -7.84
N GLU C 1438 21.47 39.71 -7.55
CA GLU C 1438 20.33 39.14 -6.86
C GLU C 1438 20.67 38.66 -5.45
N LEU C 1439 21.87 38.12 -5.25
CA LEU C 1439 22.26 37.65 -3.92
C LEU C 1439 22.66 38.79 -2.98
N VAL C 1440 22.87 39.99 -3.50
CA VAL C 1440 23.10 41.16 -2.67
C VAL C 1440 21.74 41.64 -2.19
N PRO C 1441 21.42 41.65 -0.89
CA PRO C 1441 20.07 42.08 -0.47
C PRO C 1441 19.75 43.52 -0.85
N GLU C 1442 20.74 44.42 -0.83
CA GLU C 1442 20.47 45.80 -1.19
C GLU C 1442 20.07 45.91 -2.65
N ALA C 1443 20.68 45.10 -3.52
CA ALA C 1443 20.31 45.11 -4.93
C ALA C 1443 18.86 44.69 -5.13
N GLN C 1444 18.43 43.63 -4.45
CA GLN C 1444 17.04 43.18 -4.56
C GLN C 1444 16.09 44.24 -4.01
N ALA C 1445 16.47 44.87 -2.89
CA ALA C 1445 15.63 45.92 -2.34
C ALA C 1445 15.47 47.08 -3.33
N ALA C 1446 16.57 47.49 -3.96
CA ALA C 1446 16.50 48.56 -4.94
C ALA C 1446 15.66 48.17 -6.15
N LEU C 1447 15.84 46.95 -6.64
CA LEU C 1447 15.10 46.50 -7.82
C LEU C 1447 13.61 46.44 -7.55
N GLU C 1448 13.22 45.77 -6.46
CA GLU C 1448 11.80 45.65 -6.14
C GLU C 1448 11.19 46.95 -5.62
N ALA C 1449 12.01 47.93 -5.22
CA ALA C 1449 11.47 49.22 -4.83
C ALA C 1449 10.81 49.92 -6.01
N ALA C 1450 11.42 49.83 -7.18
CA ALA C 1450 10.87 50.46 -8.39
C ALA C 1450 9.76 49.60 -8.97
N GLU D 1477 -20.78 53.66 -11.34
CA GLU D 1477 -19.39 53.83 -10.98
C GLU D 1477 -19.08 53.22 -9.62
N ARG D 1478 -20.09 53.15 -8.75
CA ARG D 1478 -19.90 52.62 -7.41
C ARG D 1478 -19.50 51.14 -7.46
N ASP D 1479 -20.12 50.37 -8.35
CA ASP D 1479 -19.83 48.94 -8.42
C ASP D 1479 -18.39 48.69 -8.81
N ARG D 1480 -17.88 49.47 -9.77
CA ARG D 1480 -16.49 49.31 -10.19
C ARG D 1480 -15.52 49.62 -9.05
N ALA D 1481 -15.79 50.69 -8.30
CA ALA D 1481 -14.92 51.04 -7.18
C ALA D 1481 -14.96 49.96 -6.10
N LEU D 1482 -16.15 49.45 -5.79
CA LEU D 1482 -16.26 48.40 -4.78
C LEU D 1482 -15.54 47.13 -5.23
N LEU D 1483 -15.66 46.79 -6.51
CA LEU D 1483 -14.94 45.63 -7.04
C LEU D 1483 -13.44 45.84 -6.95
N GLU D 1484 -12.97 47.06 -7.23
CA GLU D 1484 -11.55 47.35 -7.11
C GLU D 1484 -11.07 47.20 -5.67
N VAL D 1485 -11.86 47.70 -4.72
CA VAL D 1485 -11.49 47.59 -3.31
C VAL D 1485 -11.43 46.12 -2.89
N VAL D 1486 -12.44 45.34 -3.29
CA VAL D 1486 -12.47 43.92 -2.93
C VAL D 1486 -11.28 43.19 -3.55
N ARG D 1487 -10.97 43.49 -4.82
CA ARG D 1487 -9.83 42.86 -5.46
C ARG D 1487 -8.53 43.21 -4.77
N GLY D 1488 -8.36 44.48 -4.40
CA GLY D 1488 -7.14 44.89 -3.73
C GLY D 1488 -6.97 44.20 -2.39
N ASN D 1489 -8.05 44.17 -1.59
CA ASN D 1489 -7.97 43.52 -0.29
C ASN D 1489 -7.71 42.03 -0.43
N ALA D 1490 -8.38 41.37 -1.39
CA ALA D 1490 -8.19 39.95 -1.59
C ALA D 1490 -6.77 39.64 -2.04
N ALA D 1491 -6.21 40.48 -2.92
CA ALA D 1491 -4.84 40.29 -3.35
C ALA D 1491 -3.86 40.50 -2.20
N SER D 1492 -4.09 41.52 -1.37
CA SER D 1492 -3.20 41.78 -0.25
C SER D 1492 -3.21 40.63 0.74
N VAL D 1493 -4.40 40.10 1.05
CA VAL D 1493 -4.49 38.96 1.95
C VAL D 1493 -3.88 37.73 1.32
N MET D 1494 -4.08 37.56 0.01
CA MET D 1494 -3.59 36.37 -0.69
C MET D 1494 -2.07 36.35 -0.81
N SER D 1495 -1.41 37.51 -0.71
CA SER D 1495 0.04 37.61 -0.85
C SER D 1495 0.71 37.72 0.51
N HIS D 1496 1.82 37.01 0.68
CA HIS D 1496 2.58 37.10 1.92
C HIS D 1496 3.21 38.47 2.08
N GLY D 1497 3.62 39.11 1.00
CA GLY D 1497 4.24 40.41 1.07
C GLY D 1497 4.27 41.08 -0.28
N ALA D 1498 4.61 42.36 -0.27
CA ALA D 1498 4.66 43.18 -1.48
C ALA D 1498 3.31 43.20 -2.19
N THR D 1501 1.97 41.97 -7.69
CA THR D 1501 1.26 42.59 -8.80
C THR D 1501 0.69 41.53 -9.74
N ALA D 1502 1.40 40.41 -9.85
CA ALA D 1502 0.93 39.32 -10.71
C ALA D 1502 -0.40 38.75 -10.20
N THR D 1503 -0.53 38.60 -8.89
CA THR D 1503 -1.75 38.06 -8.31
C THR D 1503 -2.84 39.11 -8.16
N LEU D 1504 -2.54 40.40 -8.32
CA LEU D 1504 -3.57 41.42 -8.27
C LEU D 1504 -4.57 41.24 -9.41
N GLU D 1505 -4.07 40.92 -10.61
CA GLU D 1505 -4.93 40.62 -11.74
C GLU D 1505 -5.46 39.20 -11.72
N ALA D 1506 -4.91 38.33 -10.87
CA ALA D 1506 -5.38 36.95 -10.78
C ALA D 1506 -6.75 36.84 -10.12
N VAL D 1507 -7.26 37.90 -9.50
CA VAL D 1507 -8.59 37.89 -8.89
C VAL D 1507 -9.54 38.52 -9.91
N GLU D 1508 -10.04 37.69 -10.83
CA GLU D 1508 -11.04 38.16 -11.76
C GLU D 1508 -12.42 38.08 -11.11
N PRO D 1509 -13.41 38.83 -11.62
CA PRO D 1509 -14.72 38.83 -10.96
C PRO D 1509 -15.43 37.48 -10.96
N THR D 1510 -15.06 36.57 -11.88
CA THR D 1510 -15.76 35.30 -12.01
C THR D 1510 -15.16 34.18 -11.17
N ARG D 1511 -13.85 34.22 -10.92
CA ARG D 1511 -13.20 33.12 -10.20
C ARG D 1511 -13.68 33.08 -8.76
N ALA D 1512 -14.07 31.89 -8.31
CA ALA D 1512 -14.54 31.74 -6.94
C ALA D 1512 -13.39 31.87 -5.95
N PHE D 1513 -13.69 32.43 -4.78
CA PHE D 1513 -12.65 32.62 -3.77
C PHE D 1513 -12.10 31.28 -3.29
N ARG D 1514 -12.97 30.28 -3.13
CA ARG D 1514 -12.49 28.96 -2.75
C ARG D 1514 -11.57 28.38 -3.82
N ASP D 1515 -11.85 28.67 -5.10
CA ASP D 1515 -10.93 28.27 -6.16
C ASP D 1515 -9.60 29.00 -6.06
N LEU D 1516 -9.57 30.18 -5.43
CA LEU D 1516 -8.33 30.86 -5.13
C LEU D 1516 -7.65 30.35 -3.86
N GLY D 1517 -8.25 29.37 -3.18
CA GLY D 1517 -7.63 28.75 -2.02
C GLY D 1517 -7.73 29.60 -0.77
N PHE D 1518 -8.96 29.94 -0.39
CA PHE D 1518 -9.21 30.73 0.81
C PHE D 1518 -9.73 29.82 1.92
N ASP D 1519 -9.26 30.08 3.14
CA ASP D 1519 -9.57 29.28 4.32
C ASP D 1519 -10.34 30.17 5.30
N SER D 1520 -10.66 29.62 6.48
CA SER D 1520 -11.36 30.41 7.49
C SER D 1520 -10.53 31.63 7.92
N LEU D 1521 -9.22 31.46 8.03
CA LEU D 1521 -8.37 32.55 8.49
C LEU D 1521 -8.39 33.72 7.51
N MET D 1522 -8.10 33.45 6.24
CA MET D 1522 -8.15 34.51 5.25
C MET D 1522 -9.57 35.01 5.05
N ALA D 1523 -10.57 34.14 5.26
CA ALA D 1523 -11.95 34.60 5.19
C ALA D 1523 -12.25 35.67 6.23
N VAL D 1524 -11.83 35.43 7.48
CA VAL D 1524 -12.09 36.42 8.52
C VAL D 1524 -11.23 37.67 8.29
N GLU D 1525 -10.03 37.50 7.74
CA GLU D 1525 -9.21 38.67 7.43
C GLU D 1525 -9.88 39.55 6.36
N LEU D 1526 -10.41 38.94 5.30
CA LEU D 1526 -11.16 39.71 4.33
C LEU D 1526 -12.39 40.35 4.95
N ARG D 1527 -13.07 39.63 5.85
CA ARG D 1527 -14.21 40.20 6.55
C ARG D 1527 -13.82 41.47 7.29
N ASN D 1528 -12.75 41.40 8.08
CA ASN D 1528 -12.31 42.56 8.86
C ASN D 1528 -11.89 43.71 7.95
N ARG D 1529 -11.14 43.40 6.89
CA ARG D 1529 -10.66 44.46 6.01
C ARG D 1529 -11.81 45.15 5.30
N ILE D 1530 -12.77 44.36 4.78
CA ILE D 1530 -13.89 44.93 4.05
C ILE D 1530 -14.79 45.71 5.00
N GLY D 1531 -14.98 45.20 6.23
CA GLY D 1531 -15.77 45.94 7.19
C GLY D 1531 -15.14 47.25 7.60
N ALA D 1532 -13.81 47.25 7.78
CA ALA D 1532 -13.11 48.50 8.09
C ALA D 1532 -13.20 49.48 6.94
N ALA D 1533 -13.05 48.99 5.70
CA ALA D 1533 -13.14 49.87 4.54
C ALA D 1533 -14.54 50.48 4.43
N THR D 1534 -15.57 49.65 4.58
CA THR D 1534 -16.96 50.09 4.42
C THR D 1534 -17.63 50.47 5.73
N GLY D 1535 -16.99 50.23 6.89
CA GLY D 1535 -17.59 50.55 8.16
C GLY D 1535 -18.88 49.79 8.41
N LEU D 1536 -18.86 48.48 8.14
CA LEU D 1536 -20.07 47.66 8.21
C LEU D 1536 -19.72 46.28 8.76
N ARG D 1537 -20.54 45.80 9.69
CA ARG D 1537 -20.30 44.52 10.37
C ARG D 1537 -20.91 43.43 9.50
N LEU D 1538 -20.04 42.56 8.97
CA LEU D 1538 -20.43 41.49 8.08
C LEU D 1538 -20.33 40.13 8.78
N ALA D 1539 -20.98 39.13 8.19
CA ALA D 1539 -20.92 37.80 8.74
C ALA D 1539 -19.52 37.23 8.57
N PRO D 1540 -19.11 36.28 9.42
CA PRO D 1540 -17.72 35.78 9.35
C PRO D 1540 -17.46 34.81 8.22
N THR D 1541 -18.42 34.58 7.33
CA THR D 1541 -18.26 33.70 6.17
C THR D 1541 -18.71 34.44 4.91
N LEU D 1542 -18.21 35.67 4.73
CA LEU D 1542 -18.43 36.43 3.50
C LEU D 1542 -17.28 36.19 2.52
N VAL D 1543 -16.95 34.91 2.33
CA VAL D 1543 -16.07 34.49 1.25
C VAL D 1543 -16.54 33.23 0.55
N PHE D 1544 -17.45 32.46 1.15
CA PHE D 1544 -18.04 31.26 0.56
C PHE D 1544 -19.55 31.34 0.41
N ASP D 1545 -20.22 32.17 1.20
CA ASP D 1545 -21.63 32.46 0.94
C ASP D 1545 -21.80 33.18 -0.40
N HIS D 1546 -20.81 33.98 -0.79
CA HIS D 1546 -20.78 34.71 -2.05
C HIS D 1546 -19.44 34.45 -2.71
N PRO D 1547 -19.24 33.26 -3.27
CA PRO D 1547 -17.87 32.83 -3.64
C PRO D 1547 -17.19 33.71 -4.68
N THR D 1548 -17.94 34.29 -5.62
CA THR D 1548 -17.32 35.16 -6.60
C THR D 1548 -17.10 36.55 -6.01
N PRO D 1549 -16.02 37.27 -6.41
CA PRO D 1549 -15.91 38.67 -5.97
C PRO D 1549 -17.07 39.53 -6.42
N GLU D 1550 -17.63 39.29 -7.60
CA GLU D 1550 -18.77 40.07 -8.06
C GLU D 1550 -19.98 39.85 -7.17
N ALA D 1551 -20.17 38.62 -6.68
CA ALA D 1551 -21.23 38.36 -5.72
C ALA D 1551 -21.00 39.13 -4.43
N VAL D 1552 -19.74 39.24 -4.00
CA VAL D 1552 -19.43 40.02 -2.81
C VAL D 1552 -19.75 41.49 -3.05
N VAL D 1553 -19.45 41.99 -4.24
CA VAL D 1553 -19.78 43.39 -4.56
C VAL D 1553 -21.29 43.59 -4.53
N ARG D 1554 -22.04 42.64 -5.09
CA ARG D 1554 -23.50 42.75 -5.04
C ARG D 1554 -24.01 42.75 -3.60
N HIS D 1555 -23.46 41.88 -2.76
CA HIS D 1555 -23.86 41.81 -1.36
C HIS D 1555 -23.56 43.12 -0.64
N LEU D 1556 -22.37 43.68 -0.88
CA LEU D 1556 -22.02 44.95 -0.25
C LEU D 1556 -22.94 46.07 -0.72
N ARG D 1557 -23.22 46.12 -2.03
CA ARG D 1557 -24.08 47.17 -2.56
C ARG D 1557 -25.51 47.02 -2.05
N ALA D 1558 -25.93 45.80 -1.71
CA ALA D 1558 -27.27 45.58 -1.18
C ALA D 1558 -27.46 46.35 0.13
N GLU D 1559 -26.67 46.01 1.14
CA GLU D 1559 -26.77 46.64 2.46
C GLU D 1559 -25.83 47.83 2.57
N LEU D 1560 -26.00 48.78 1.66
CA LEU D 1560 -25.21 50.01 1.69
C LEU D 1560 -25.85 51.07 0.80
N GLU E 3 -16.77 -16.33 -19.17
CA GLU E 3 -17.99 -15.97 -18.45
C GLU E 3 -19.21 -16.55 -19.16
N VAL E 4 -20.03 -17.28 -18.40
CA VAL E 4 -21.13 -18.04 -19.00
C VAL E 4 -22.18 -17.07 -19.53
N GLN E 5 -22.68 -17.36 -20.73
CA GLN E 5 -23.70 -16.56 -21.38
C GLN E 5 -24.65 -17.46 -22.16
N LEU E 6 -25.94 -17.20 -22.02
CA LEU E 6 -26.99 -17.84 -22.79
C LEU E 6 -27.84 -16.77 -23.43
N VAL E 7 -27.99 -16.82 -24.75
CA VAL E 7 -28.74 -15.82 -25.51
C VAL E 7 -29.79 -16.53 -26.34
N GLN E 8 -31.06 -16.20 -26.11
CA GLN E 8 -32.18 -16.81 -26.82
C GLN E 8 -32.59 -15.96 -28.01
N SER E 9 -33.35 -16.58 -28.92
CA SER E 9 -33.84 -15.91 -30.11
C SER E 9 -34.83 -16.84 -30.79
N GLY E 10 -35.61 -16.29 -31.72
CA GLY E 10 -36.56 -17.06 -32.50
C GLY E 10 -37.97 -17.01 -31.97
N GLY E 11 -38.37 -15.85 -31.42
CA GLY E 11 -39.71 -15.66 -30.92
C GLY E 11 -40.66 -15.16 -31.99
N GLY E 12 -41.37 -14.08 -31.70
CA GLY E 12 -42.24 -13.45 -32.66
C GLY E 12 -43.66 -13.98 -32.62
N LEU E 13 -44.58 -13.18 -33.18
CA LEU E 13 -45.98 -13.58 -33.23
C LEU E 13 -46.17 -14.74 -34.19
N VAL E 14 -47.04 -15.68 -33.81
CA VAL E 14 -47.35 -16.84 -34.64
C VAL E 14 -48.81 -17.19 -34.43
N GLN E 15 -49.54 -17.33 -35.53
CA GLN E 15 -50.91 -17.81 -35.45
C GLN E 15 -50.91 -19.29 -35.05
N PRO E 16 -51.98 -19.79 -34.45
CA PRO E 16 -51.93 -21.14 -33.87
C PRO E 16 -51.80 -22.21 -34.94
N GLY E 17 -51.22 -23.34 -34.53
CA GLY E 17 -51.20 -24.52 -35.36
C GLY E 17 -50.16 -24.54 -36.47
N ARG E 18 -49.01 -23.91 -36.26
CA ARG E 18 -47.87 -24.06 -37.17
C ARG E 18 -46.64 -24.34 -36.34
N SER E 19 -45.51 -24.56 -37.02
CA SER E 19 -44.24 -24.84 -36.38
C SER E 19 -43.49 -23.54 -36.06
N LEU E 20 -42.59 -23.64 -35.09
CA LEU E 20 -41.72 -22.52 -34.72
C LEU E 20 -40.44 -23.09 -34.16
N ARG E 21 -39.37 -22.30 -34.22
CA ARG E 21 -38.06 -22.68 -33.70
C ARG E 21 -37.57 -21.62 -32.74
N LEU E 22 -37.12 -22.05 -31.57
CA LEU E 22 -36.45 -21.19 -30.60
C LEU E 22 -35.00 -21.65 -30.48
N SER E 23 -34.07 -20.79 -30.89
CA SER E 23 -32.65 -21.05 -30.76
C SER E 23 -32.15 -20.39 -29.48
N CYS E 24 -31.17 -21.04 -28.85
CA CYS E 24 -30.54 -20.48 -27.65
C CYS E 24 -29.06 -20.86 -27.67
N THR E 25 -28.21 -19.86 -27.92
CA THR E 25 -26.78 -20.06 -28.06
C THR E 25 -26.09 -19.90 -26.71
N ALA E 26 -25.17 -20.82 -26.42
CA ALA E 26 -24.39 -20.84 -25.19
C ALA E 26 -22.94 -20.50 -25.50
N SER E 27 -22.33 -19.68 -24.65
CA SER E 27 -20.94 -19.27 -24.83
C SER E 27 -20.33 -18.98 -23.47
N GLY E 28 -19.33 -19.76 -23.09
CA GLY E 28 -18.60 -19.54 -21.85
C GLY E 28 -18.43 -20.79 -20.99
N PHE E 29 -18.71 -21.96 -21.54
CA PHE E 29 -18.54 -23.21 -20.81
C PHE E 29 -18.61 -24.37 -21.79
N THR E 30 -18.29 -25.56 -21.29
CA THR E 30 -18.35 -26.78 -22.09
C THR E 30 -19.81 -27.17 -22.25
N PHE E 31 -20.37 -26.86 -23.42
CA PHE E 31 -21.80 -27.11 -23.64
C PHE E 31 -22.11 -28.60 -23.69
N GLY E 32 -21.16 -29.43 -24.10
CA GLY E 32 -21.44 -30.84 -24.30
C GLY E 32 -21.81 -31.57 -23.02
N ASP E 33 -21.07 -31.30 -21.94
CA ASP E 33 -21.26 -32.07 -20.71
C ASP E 33 -22.59 -31.76 -20.03
N TYR E 34 -23.12 -30.54 -20.21
CA TYR E 34 -24.31 -30.13 -19.50
C TYR E 34 -25.58 -30.69 -20.12
N ALA E 35 -26.51 -31.08 -19.25
CA ALA E 35 -27.88 -31.37 -19.66
C ALA E 35 -28.66 -30.06 -19.69
N MET E 36 -29.47 -29.89 -20.73
CA MET E 36 -29.94 -28.57 -21.14
C MET E 36 -31.46 -28.55 -21.11
N SER E 37 -32.06 -27.51 -20.50
CA SER E 37 -33.49 -27.49 -20.22
C SER E 37 -34.16 -26.23 -20.75
N TRP E 38 -35.45 -26.40 -21.07
CA TRP E 38 -36.35 -25.31 -21.45
C TRP E 38 -37.50 -25.28 -20.45
N VAL E 39 -37.81 -24.09 -19.93
CA VAL E 39 -38.84 -23.90 -18.91
C VAL E 39 -39.65 -22.66 -19.27
N ARG E 40 -40.95 -22.82 -19.44
CA ARG E 40 -41.81 -21.72 -19.85
C ARG E 40 -42.56 -21.14 -18.65
N GLN E 41 -43.05 -19.91 -18.83
CA GLN E 41 -43.76 -19.19 -17.77
C GLN E 41 -44.84 -18.35 -18.43
N ALA E 42 -46.10 -18.75 -18.27
CA ALA E 42 -47.19 -18.03 -18.90
C ALA E 42 -47.36 -16.66 -18.23
N PRO E 43 -48.00 -15.71 -18.92
CA PRO E 43 -48.16 -14.37 -18.32
C PRO E 43 -49.02 -14.42 -17.07
N GLY E 44 -48.44 -14.00 -15.95
CA GLY E 44 -49.13 -13.95 -14.68
C GLY E 44 -49.06 -15.22 -13.87
N LYS E 45 -48.69 -16.35 -14.48
CA LYS E 45 -48.61 -17.63 -13.81
C LYS E 45 -47.17 -17.91 -13.37
N GLY E 46 -47.01 -18.99 -12.61
CA GLY E 46 -45.71 -19.40 -12.13
C GLY E 46 -44.92 -20.14 -13.19
N LEU E 47 -43.69 -20.49 -12.80
CA LEU E 47 -42.82 -21.24 -13.71
C LEU E 47 -43.41 -22.61 -13.98
N GLU E 48 -43.21 -23.09 -15.21
CA GLU E 48 -43.73 -24.40 -15.63
C GLU E 48 -42.68 -25.02 -16.54
N TRP E 49 -42.05 -26.08 -16.06
CA TRP E 49 -41.01 -26.75 -16.83
C TRP E 49 -41.58 -27.37 -18.09
N VAL E 50 -40.87 -27.20 -19.21
CA VAL E 50 -41.29 -27.73 -20.50
C VAL E 50 -40.57 -29.04 -20.76
N GLY E 51 -39.25 -29.01 -20.84
CA GLY E 51 -38.54 -30.22 -21.19
C GLY E 51 -37.04 -30.06 -21.02
N PHE E 52 -36.32 -31.14 -21.33
CA PHE E 52 -34.87 -31.11 -21.27
C PHE E 52 -34.29 -32.23 -22.12
N ILE E 53 -32.98 -32.13 -22.34
CA ILE E 53 -32.20 -33.10 -23.11
C ILE E 53 -30.93 -33.40 -22.32
N ARG E 54 -30.58 -34.68 -22.24
CA ARG E 54 -29.34 -35.07 -21.58
C ARG E 54 -28.13 -34.71 -22.44
N SER E 55 -26.96 -34.77 -21.84
CA SER E 55 -25.73 -34.54 -22.57
C SER E 55 -25.49 -35.67 -23.58
N LYS E 56 -24.71 -35.36 -24.61
CA LYS E 56 -24.42 -36.37 -25.63
C LYS E 56 -23.71 -37.58 -25.05
N ALA E 57 -22.88 -37.37 -24.02
CA ALA E 57 -22.21 -38.50 -23.37
C ALA E 57 -23.21 -39.45 -22.74
N TYR E 58 -24.22 -38.91 -22.06
CA TYR E 58 -25.25 -39.76 -21.46
C TYR E 58 -26.11 -40.46 -22.49
N GLY E 59 -26.21 -39.92 -23.71
CA GLY E 59 -27.01 -40.52 -24.76
C GLY E 59 -27.76 -39.49 -25.59
N GLY E 60 -27.98 -38.30 -25.02
CA GLY E 60 -28.67 -37.25 -25.74
C GLY E 60 -30.17 -37.38 -25.80
N THR E 61 -30.76 -38.30 -25.03
CA THR E 61 -32.20 -38.50 -25.06
C THR E 61 -32.91 -37.27 -24.48
N THR E 62 -34.21 -37.18 -24.77
CA THR E 62 -35.03 -36.02 -24.42
C THR E 62 -36.22 -36.47 -23.57
N GLU E 63 -36.65 -35.58 -22.68
CA GLU E 63 -37.89 -35.73 -21.95
C GLU E 63 -38.64 -34.42 -21.98
N TYR E 64 -39.97 -34.50 -21.88
CA TYR E 64 -40.84 -33.34 -22.02
C TYR E 64 -41.91 -33.39 -20.94
N ALA E 65 -42.49 -32.22 -20.67
CA ALA E 65 -43.57 -32.13 -19.70
C ALA E 65 -44.81 -32.84 -20.23
N ALA E 66 -45.73 -33.14 -19.31
CA ALA E 66 -46.88 -33.98 -19.64
C ALA E 66 -47.76 -33.35 -20.71
N SER E 67 -47.82 -32.03 -20.77
CA SER E 67 -48.72 -31.33 -21.69
C SER E 67 -48.15 -31.19 -23.10
N VAL E 68 -46.92 -31.62 -23.34
CA VAL E 68 -46.22 -31.36 -24.61
C VAL E 68 -45.67 -32.64 -25.21
N LYS E 69 -46.35 -33.77 -24.99
CA LYS E 69 -45.92 -35.02 -25.61
C LYS E 69 -46.01 -34.90 -27.13
N GLY E 70 -44.91 -35.21 -27.81
CA GLY E 70 -44.91 -35.23 -29.27
C GLY E 70 -44.88 -33.89 -29.99
N ARG E 71 -45.70 -32.94 -29.55
CA ARG E 71 -45.79 -31.65 -30.24
C ARG E 71 -44.47 -30.90 -30.16
N PHE E 72 -43.81 -30.93 -29.01
CA PHE E 72 -42.57 -30.19 -28.77
C PHE E 72 -41.40 -31.14 -28.95
N THR E 73 -40.26 -30.58 -29.38
CA THR E 73 -39.04 -31.35 -29.58
C THR E 73 -37.84 -30.53 -29.16
N ILE E 74 -36.82 -31.22 -28.66
CA ILE E 74 -35.57 -30.61 -28.24
C ILE E 74 -34.43 -31.23 -29.05
N SER E 75 -33.51 -30.38 -29.51
CA SER E 75 -32.29 -30.85 -30.15
C SER E 75 -31.16 -29.90 -29.78
N ARG E 76 -29.93 -30.30 -30.13
CA ARG E 76 -28.75 -29.52 -29.76
C ARG E 76 -27.69 -29.66 -30.83
N ASP E 77 -27.19 -28.51 -31.31
CA ASP E 77 -26.01 -28.45 -32.16
C ASP E 77 -24.80 -28.29 -31.24
N ASP E 78 -24.13 -29.40 -30.96
CA ASP E 78 -22.98 -29.36 -30.07
C ASP E 78 -21.76 -28.74 -30.75
N SER E 79 -21.67 -28.85 -32.07
CA SER E 79 -20.53 -28.28 -32.78
C SER E 79 -20.46 -26.77 -32.60
N LYS E 80 -21.60 -26.08 -32.74
CA LYS E 80 -21.69 -24.64 -32.53
C LYS E 80 -22.38 -24.30 -31.21
N SER E 81 -22.86 -25.29 -30.46
CA SER E 81 -23.37 -25.12 -29.10
C SER E 81 -24.60 -24.20 -29.07
N ILE E 82 -25.67 -24.69 -29.70
CA ILE E 82 -26.99 -24.08 -29.62
C ILE E 82 -27.99 -25.14 -29.21
N ALA E 83 -28.96 -24.76 -28.39
CA ALA E 83 -30.11 -25.60 -28.05
C ALA E 83 -31.31 -25.12 -28.86
N TYR E 84 -32.01 -26.06 -29.48
CA TYR E 84 -33.15 -25.77 -30.35
C TYR E 84 -34.41 -26.39 -29.75
N LEU E 85 -35.44 -25.56 -29.57
CA LEU E 85 -36.77 -25.98 -29.18
C LEU E 85 -37.69 -25.83 -30.38
N GLN E 86 -38.12 -26.95 -30.94
CA GLN E 86 -39.05 -26.97 -32.07
C GLN E 86 -40.46 -27.14 -31.53
N MET E 87 -41.29 -26.12 -31.73
CA MET E 87 -42.64 -26.06 -31.20
C MET E 87 -43.59 -26.28 -32.38
N ASN E 88 -44.07 -27.50 -32.55
CA ASN E 88 -44.95 -27.86 -33.65
C ASN E 88 -46.40 -27.86 -33.18
N SER E 89 -47.27 -27.28 -34.01
CA SER E 89 -48.72 -27.21 -33.73
C SER E 89 -48.98 -26.45 -32.43
N LEU E 90 -48.62 -25.17 -32.45
CA LEU E 90 -48.85 -24.32 -31.28
C LEU E 90 -50.34 -24.21 -30.98
N LYS E 91 -50.67 -24.25 -29.70
CA LYS E 91 -52.03 -24.04 -29.21
C LYS E 91 -52.15 -22.63 -28.65
N THR E 92 -53.40 -22.16 -28.54
CA THR E 92 -53.65 -20.77 -28.13
C THR E 92 -53.17 -20.49 -26.71
N GLU E 93 -52.99 -21.52 -25.88
CA GLU E 93 -52.58 -21.35 -24.49
C GLU E 93 -51.08 -21.48 -24.29
N ASP E 94 -50.30 -21.62 -25.36
CA ASP E 94 -48.85 -21.72 -25.27
C ASP E 94 -48.17 -20.36 -25.18
N THR E 95 -48.91 -19.26 -25.15
CA THR E 95 -48.31 -17.95 -24.96
C THR E 95 -47.59 -17.90 -23.63
N ALA E 96 -46.32 -17.54 -23.66
CA ALA E 96 -45.49 -17.55 -22.45
C ALA E 96 -44.17 -16.84 -22.76
N VAL E 97 -43.29 -16.83 -21.76
CA VAL E 97 -41.93 -16.35 -21.91
C VAL E 97 -41.01 -17.56 -21.71
N TYR E 98 -40.63 -18.20 -22.81
CA TYR E 98 -39.84 -19.42 -22.71
C TYR E 98 -38.41 -19.08 -22.27
N TYR E 99 -37.96 -19.74 -21.21
CA TYR E 99 -36.65 -19.52 -20.63
C TYR E 99 -35.72 -20.69 -20.96
N CYS E 100 -34.48 -20.34 -21.30
CA CYS E 100 -33.44 -21.28 -21.67
C CYS E 100 -32.49 -21.42 -20.48
N THR E 101 -32.30 -22.66 -19.99
CA THR E 101 -31.56 -22.89 -18.75
C THR E 101 -30.57 -24.04 -18.91
N ARG E 102 -29.47 -23.93 -18.16
CA ARG E 102 -28.45 -24.95 -18.09
C ARG E 102 -28.75 -25.90 -16.93
N GLY E 103 -28.47 -27.18 -17.13
CA GLY E 103 -28.67 -28.17 -16.09
C GLY E 103 -30.06 -28.77 -16.12
N GLY E 104 -30.13 -30.10 -16.21
CA GLY E 104 -31.42 -30.76 -16.26
C GLY E 104 -32.23 -30.58 -14.99
N THR E 105 -31.62 -30.87 -13.84
CA THR E 105 -32.30 -30.84 -12.56
C THR E 105 -32.04 -29.57 -11.76
N LEU E 106 -30.91 -28.91 -11.98
CA LEU E 106 -30.52 -27.70 -11.26
C LEU E 106 -30.32 -26.58 -12.28
N PHE E 107 -31.19 -25.58 -12.25
CA PHE E 107 -31.16 -24.49 -13.24
C PHE E 107 -30.27 -23.38 -12.68
N ASP E 108 -28.96 -23.61 -12.77
CA ASP E 108 -27.99 -22.68 -12.18
C ASP E 108 -28.01 -21.33 -12.87
N TYR E 109 -28.14 -21.30 -14.20
CA TYR E 109 -28.17 -20.07 -14.97
C TYR E 109 -29.31 -20.12 -15.97
N TRP E 110 -29.90 -18.94 -16.22
CA TRP E 110 -31.09 -18.79 -17.04
C TRP E 110 -30.84 -17.75 -18.12
N GLY E 111 -31.47 -17.95 -19.27
CA GLY E 111 -31.40 -16.99 -20.34
C GLY E 111 -32.30 -15.80 -20.10
N GLN E 112 -32.23 -14.83 -21.02
CA GLN E 112 -33.06 -13.65 -20.89
C GLN E 112 -34.55 -13.94 -21.10
N GLY E 113 -34.87 -15.02 -21.79
CA GLY E 113 -36.25 -15.41 -22.00
C GLY E 113 -36.87 -14.77 -23.23
N THR E 114 -37.47 -15.58 -24.08
CA THR E 114 -38.09 -15.14 -25.33
C THR E 114 -39.59 -15.15 -25.16
N LEU E 115 -40.24 -14.01 -25.39
CA LEU E 115 -41.69 -13.89 -25.25
C LEU E 115 -42.34 -14.40 -26.53
N VAL E 116 -42.88 -15.60 -26.48
CA VAL E 116 -43.61 -16.20 -27.59
C VAL E 116 -45.10 -16.05 -27.29
N THR E 117 -45.79 -15.28 -28.13
CA THR E 117 -47.23 -15.05 -28.01
C THR E 117 -47.92 -15.65 -29.22
N VAL E 118 -48.96 -16.43 -28.98
CA VAL E 118 -49.68 -17.16 -30.01
C VAL E 118 -51.16 -16.89 -29.85
N SER E 119 -51.83 -16.52 -30.95
CA SER E 119 -53.26 -16.29 -30.99
C SER E 119 -53.67 -16.12 -32.44
N SER E 120 -54.95 -16.35 -32.70
CA SER E 120 -55.49 -16.21 -34.04
C SER E 120 -55.82 -14.78 -34.43
N ALA E 121 -55.81 -13.84 -33.48
CA ALA E 121 -56.14 -12.46 -33.79
C ALA E 121 -55.08 -11.82 -34.67
N SER E 122 -55.54 -11.01 -35.63
CA SER E 122 -54.68 -10.23 -36.51
C SER E 122 -54.56 -8.81 -35.96
N THR E 123 -53.74 -8.01 -36.63
CA THR E 123 -53.44 -6.66 -36.15
C THR E 123 -54.67 -5.77 -36.25
N LYS E 124 -55.07 -5.17 -35.13
CA LYS E 124 -56.12 -4.17 -35.07
C LYS E 124 -55.59 -2.90 -34.42
N GLY E 125 -56.35 -1.81 -34.58
CA GLY E 125 -56.06 -0.56 -33.92
C GLY E 125 -56.93 -0.39 -32.68
N PRO E 126 -56.51 0.46 -31.75
CA PRO E 126 -57.24 0.57 -30.49
C PRO E 126 -58.59 1.26 -30.67
N SER E 127 -59.49 0.98 -29.72
CA SER E 127 -60.80 1.62 -29.64
C SER E 127 -60.93 2.18 -28.22
N VAL E 128 -60.72 3.47 -28.07
CA VAL E 128 -60.62 4.10 -26.76
C VAL E 128 -62.01 4.58 -26.34
N PHE E 129 -62.42 4.22 -25.13
CA PHE E 129 -63.69 4.62 -24.53
C PHE E 129 -63.42 5.50 -23.31
N PRO E 130 -64.33 6.39 -22.93
CA PRO E 130 -64.10 7.23 -21.75
C PRO E 130 -64.71 6.62 -20.49
N LEU E 131 -64.39 7.25 -19.36
CA LEU E 131 -65.00 6.92 -18.07
C LEU E 131 -65.25 8.22 -17.34
N ALA E 132 -66.52 8.60 -17.23
CA ALA E 132 -66.85 9.90 -16.67
C ALA E 132 -66.46 9.96 -15.18
N PRO E 133 -66.06 11.13 -14.67
CA PRO E 133 -65.76 11.22 -13.24
C PRO E 133 -67.00 10.98 -12.38
N SER E 134 -66.77 10.41 -11.20
CA SER E 134 -67.85 10.20 -10.25
C SER E 134 -68.32 11.54 -9.67
N SER E 135 -69.58 11.56 -9.25
CA SER E 135 -70.16 12.77 -8.68
C SER E 135 -71.32 12.43 -7.75
N THR E 142 -60.71 14.53 -4.36
CA THR E 142 -61.38 13.24 -4.44
C THR E 142 -62.15 13.12 -5.75
N ALA E 143 -61.43 12.77 -6.82
CA ALA E 143 -62.04 12.60 -8.13
C ALA E 143 -61.12 11.77 -9.00
N ALA E 144 -61.69 10.80 -9.71
CA ALA E 144 -60.93 9.90 -10.58
C ALA E 144 -61.57 9.87 -11.96
N LEU E 145 -60.73 9.75 -12.98
CA LEU E 145 -61.20 9.74 -14.36
C LEU E 145 -60.21 8.96 -15.21
N GLY E 146 -60.73 8.27 -16.23
CA GLY E 146 -59.89 7.40 -17.04
C GLY E 146 -60.44 7.18 -18.43
N CYS E 147 -59.60 6.58 -19.26
CA CYS E 147 -60.01 6.08 -20.57
C CYS E 147 -59.50 4.66 -20.74
N LEU E 148 -60.33 3.84 -21.36
CA LEU E 148 -60.10 2.40 -21.49
C LEU E 148 -59.80 2.08 -22.95
N VAL E 149 -58.64 1.48 -23.20
CA VAL E 149 -58.25 1.04 -24.53
C VAL E 149 -58.80 -0.36 -24.75
N LYS E 150 -59.36 -0.60 -25.92
CA LYS E 150 -60.05 -1.84 -26.22
C LYS E 150 -59.77 -2.25 -27.65
N ASP E 151 -59.75 -3.56 -27.89
CA ASP E 151 -59.68 -4.14 -29.23
C ASP E 151 -58.37 -3.74 -29.93
N TYR E 152 -57.25 -4.17 -29.33
CA TYR E 152 -55.95 -4.13 -29.97
C TYR E 152 -55.28 -5.48 -29.76
N PHE E 153 -54.87 -6.12 -30.85
CA PHE E 153 -54.22 -7.42 -30.75
C PHE E 153 -52.75 -7.30 -30.35
N PRO E 154 -51.90 -6.60 -31.11
CA PRO E 154 -50.47 -6.63 -30.81
C PRO E 154 -50.13 -5.71 -29.65
N GLU E 155 -48.90 -5.87 -29.15
CA GLU E 155 -48.35 -5.09 -28.05
C GLU E 155 -46.98 -4.59 -28.43
N PRO E 156 -46.48 -3.52 -27.78
CA PRO E 156 -47.10 -2.70 -26.72
C PRO E 156 -47.92 -1.53 -27.26
N VAL E 157 -48.79 -0.99 -26.43
CA VAL E 157 -49.55 0.22 -26.74
C VAL E 157 -49.39 1.17 -25.56
N THR E 158 -49.11 2.44 -25.86
CA THR E 158 -48.81 3.43 -24.83
C THR E 158 -49.98 4.40 -24.66
N VAL E 159 -50.15 4.87 -23.43
CA VAL E 159 -51.17 5.85 -23.08
C VAL E 159 -50.49 6.98 -22.33
N SER E 160 -50.73 8.22 -22.76
CA SER E 160 -50.13 9.40 -22.16
C SER E 160 -51.22 10.42 -21.90
N TRP E 161 -51.30 10.92 -20.67
CA TRP E 161 -52.32 11.87 -20.27
C TRP E 161 -51.83 13.28 -20.53
N ASN E 162 -52.61 14.04 -21.30
CA ASN E 162 -52.23 15.37 -21.75
C ASN E 162 -50.90 15.34 -22.49
N SER E 163 -50.72 14.31 -23.32
CA SER E 163 -49.50 14.12 -24.10
C SER E 163 -48.27 14.02 -23.21
N GLY E 164 -48.41 13.33 -22.08
CA GLY E 164 -47.33 13.14 -21.15
C GLY E 164 -47.16 14.24 -20.12
N ALA E 165 -47.94 15.32 -20.21
CA ALA E 165 -47.85 16.38 -19.22
C ALA E 165 -48.25 15.88 -17.84
N LEU E 166 -49.30 15.06 -17.77
CA LEU E 166 -49.76 14.48 -16.51
C LEU E 166 -48.98 13.20 -16.24
N THR E 167 -48.32 13.15 -15.09
CA THR E 167 -47.57 11.98 -14.64
C THR E 167 -47.96 11.52 -13.25
N SER E 168 -48.31 12.44 -12.36
CA SER E 168 -48.70 12.09 -11.01
C SER E 168 -50.11 11.51 -11.00
N GLY E 169 -50.28 10.37 -10.33
CA GLY E 169 -51.57 9.73 -10.21
C GLY E 169 -51.95 8.82 -11.36
N VAL E 170 -51.13 8.75 -12.41
CA VAL E 170 -51.44 7.89 -13.55
C VAL E 170 -51.12 6.45 -13.18
N HIS E 171 -52.06 5.55 -13.47
CA HIS E 171 -51.91 4.12 -13.18
C HIS E 171 -52.33 3.35 -14.43
N THR E 172 -51.37 3.11 -15.33
CA THR E 172 -51.63 2.35 -16.54
C THR E 172 -51.54 0.86 -16.21
N PHE E 173 -52.69 0.20 -16.13
CA PHE E 173 -52.73 -1.18 -15.71
C PHE E 173 -52.18 -2.09 -16.80
N PRO E 174 -51.73 -3.30 -16.45
CA PRO E 174 -51.28 -4.23 -17.49
C PRO E 174 -52.42 -4.66 -18.40
N ALA E 175 -52.08 -4.97 -19.65
CA ALA E 175 -53.05 -5.45 -20.60
C ALA E 175 -53.57 -6.84 -20.20
N VAL E 176 -54.84 -7.10 -20.51
CA VAL E 176 -55.49 -8.37 -20.22
C VAL E 176 -56.13 -8.90 -21.49
N LEU E 177 -55.94 -10.20 -21.74
CA LEU E 177 -56.46 -10.84 -22.94
C LEU E 177 -57.88 -11.32 -22.70
N GLN E 178 -58.82 -10.82 -23.50
CA GLN E 178 -60.21 -11.24 -23.41
C GLN E 178 -60.40 -12.59 -24.09
N SER E 179 -61.55 -13.22 -23.85
CA SER E 179 -61.83 -14.51 -24.46
C SER E 179 -61.88 -14.41 -25.98
N SER E 180 -62.21 -13.24 -26.52
CA SER E 180 -62.18 -13.03 -27.96
C SER E 180 -60.78 -12.99 -28.53
N GLY E 181 -59.74 -12.91 -27.69
CA GLY E 181 -58.37 -12.83 -28.15
C GLY E 181 -57.86 -11.43 -28.36
N LEU E 182 -58.53 -10.41 -27.83
CA LEU E 182 -58.14 -9.02 -27.96
C LEU E 182 -57.75 -8.45 -26.60
N TYR E 183 -56.68 -7.67 -26.58
CA TYR E 183 -56.20 -7.05 -25.35
C TYR E 183 -56.94 -5.75 -25.09
N SER E 184 -57.05 -5.40 -23.80
CA SER E 184 -57.74 -4.16 -23.41
C SER E 184 -57.20 -3.74 -22.04
N LEU E 185 -56.29 -2.76 -22.04
CA LEU E 185 -55.83 -2.16 -20.80
C LEU E 185 -56.73 -0.98 -20.47
N SER E 186 -56.32 -0.16 -19.50
CA SER E 186 -57.07 1.03 -19.13
C SER E 186 -56.17 1.96 -18.33
N SER E 187 -56.24 3.26 -18.64
CA SER E 187 -55.46 4.28 -17.96
C SER E 187 -56.40 5.14 -17.13
N VAL E 188 -55.99 5.45 -15.90
CA VAL E 188 -56.81 6.20 -14.95
C VAL E 188 -55.91 7.15 -14.17
N VAL E 189 -56.48 8.28 -13.78
CA VAL E 189 -55.78 9.31 -13.02
C VAL E 189 -56.72 9.83 -11.94
N THR E 190 -56.17 10.04 -10.74
CA THR E 190 -56.89 10.64 -9.62
C THR E 190 -56.52 12.12 -9.58
N VAL E 191 -57.41 12.96 -10.10
CA VAL E 191 -57.19 14.40 -10.13
C VAL E 191 -57.55 14.97 -8.77
N PRO E 192 -57.01 16.14 -8.38
CA PRO E 192 -57.36 16.68 -7.05
C PRO E 192 -58.76 17.27 -7.02
N SER E 193 -59.75 16.42 -6.84
CA SER E 193 -61.15 16.84 -6.78
C SER E 193 -61.58 17.52 -8.08
N GLN E 199 -59.02 21.84 -14.98
CA GLN E 199 -58.79 22.13 -16.40
C GLN E 199 -58.94 20.85 -17.24
N THR E 200 -58.79 20.98 -18.55
CA THR E 200 -59.10 19.89 -19.46
C THR E 200 -58.16 18.71 -19.25
N TYR E 201 -58.71 17.50 -19.38
CA TYR E 201 -57.97 16.25 -19.17
C TYR E 201 -58.12 15.40 -20.42
N ILE E 202 -57.10 15.42 -21.27
CA ILE E 202 -57.05 14.63 -22.50
C ILE E 202 -56.14 13.44 -22.27
N CYS E 203 -56.47 12.30 -22.88
CA CYS E 203 -55.60 11.15 -22.92
C CYS E 203 -55.37 10.73 -24.37
N ASN E 204 -54.12 10.39 -24.67
CA ASN E 204 -53.68 10.02 -26.01
C ASN E 204 -53.21 8.58 -25.98
N VAL E 205 -53.82 7.75 -26.81
CA VAL E 205 -53.45 6.34 -26.96
C VAL E 205 -52.67 6.23 -28.27
N ASN E 206 -51.39 5.89 -28.15
CA ASN E 206 -50.50 5.69 -29.29
C ASN E 206 -50.25 4.19 -29.46
N HIS E 207 -50.56 3.68 -30.65
CA HIS E 207 -50.47 2.26 -30.97
C HIS E 207 -49.59 2.14 -32.22
N LYS E 208 -48.32 1.81 -31.99
CA LYS E 208 -47.36 1.76 -33.09
C LYS E 208 -47.67 0.69 -34.14
N PRO E 209 -48.06 -0.55 -33.80
CA PRO E 209 -48.32 -1.53 -34.87
C PRO E 209 -49.38 -1.10 -35.86
N SER E 210 -50.37 -0.33 -35.41
CA SER E 210 -51.39 0.24 -36.29
C SER E 210 -51.13 1.70 -36.64
N ASN E 211 -50.09 2.31 -36.07
CA ASN E 211 -49.75 3.72 -36.30
C ASN E 211 -50.93 4.61 -35.95
N THR E 212 -51.62 4.29 -34.86
CA THR E 212 -52.78 5.04 -34.39
C THR E 212 -52.36 6.02 -33.31
N LYS E 213 -52.97 7.19 -33.31
CA LYS E 213 -52.67 8.27 -32.38
C LYS E 213 -53.95 8.87 -31.82
N VAL E 214 -54.81 8.00 -31.29
CA VAL E 214 -56.15 8.43 -30.88
C VAL E 214 -56.04 9.37 -29.69
N ASP E 215 -56.93 10.37 -29.64
CA ASP E 215 -57.00 11.33 -28.56
C ASP E 215 -58.44 11.38 -28.05
N LYS E 216 -58.62 11.66 -26.76
CA LYS E 216 -59.97 11.77 -26.24
C LYS E 216 -60.02 12.58 -24.96
N LYS E 217 -61.09 13.34 -24.81
CA LYS E 217 -61.41 14.08 -23.59
C LYS E 217 -62.29 13.21 -22.68
N VAL E 218 -62.11 13.39 -21.38
CA VAL E 218 -62.94 12.75 -20.35
C VAL E 218 -63.58 13.86 -19.53
N GLU E 219 -64.91 13.90 -19.52
CA GLU E 219 -65.66 14.96 -18.86
C GLU E 219 -66.94 14.35 -18.29
N PRO E 220 -67.49 14.90 -17.20
CA PRO E 220 -68.80 14.37 -16.78
C PRO E 220 -69.90 14.64 -17.79
N ASP F 17 -9.59 -55.55 -19.13
CA ASP F 17 -10.64 -54.55 -18.96
C ASP F 17 -10.34 -53.62 -17.78
N VAL F 18 -9.66 -54.18 -16.76
CA VAL F 18 -9.28 -53.37 -15.60
C VAL F 18 -8.32 -52.27 -16.04
N VAL F 19 -8.51 -51.07 -15.49
CA VAL F 19 -7.75 -49.90 -15.91
C VAL F 19 -6.45 -49.86 -15.12
N MET F 20 -5.32 -49.92 -15.84
CA MET F 20 -4.00 -49.78 -15.27
C MET F 20 -3.52 -48.34 -15.40
N THR F 21 -2.58 -47.98 -14.53
CA THR F 21 -1.96 -46.66 -14.53
C THR F 21 -0.47 -46.80 -14.30
N GLN F 22 0.31 -46.06 -15.07
CA GLN F 22 1.77 -46.08 -15.00
C GLN F 22 2.29 -44.67 -14.73
N SER F 23 3.26 -44.57 -13.83
CA SER F 23 3.87 -43.31 -13.45
C SER F 23 5.37 -43.55 -13.27
N PRO F 24 6.17 -42.48 -13.28
CA PRO F 24 7.61 -42.66 -13.01
C PRO F 24 7.83 -43.24 -11.62
N LEU F 25 8.83 -44.12 -11.51
CA LEU F 25 9.13 -44.76 -10.24
C LEU F 25 9.96 -43.90 -9.31
N SER F 26 10.53 -42.80 -9.81
CA SER F 26 11.27 -41.87 -8.96
C SER F 26 11.35 -40.53 -9.67
N LEU F 27 11.56 -39.49 -8.88
CA LEU F 27 11.68 -38.14 -9.42
C LEU F 27 12.41 -37.26 -8.39
N PRO F 28 13.74 -37.18 -8.44
CA PRO F 28 14.45 -36.29 -7.51
C PRO F 28 14.03 -34.85 -7.68
N VAL F 29 14.01 -34.13 -6.55
CA VAL F 29 13.58 -32.74 -6.49
C VAL F 29 14.61 -31.95 -5.71
N THR F 30 14.46 -30.63 -5.76
CA THR F 30 15.30 -29.68 -5.04
C THR F 30 14.40 -28.76 -4.22
N PRO F 31 14.88 -28.19 -3.09
CA PRO F 31 14.04 -27.24 -2.36
C PRO F 31 13.84 -25.93 -3.11
N GLY F 32 12.89 -25.91 -4.04
CA GLY F 32 12.53 -24.70 -4.75
C GLY F 32 12.18 -24.89 -6.22
N GLU F 33 12.77 -25.88 -6.88
CA GLU F 33 12.46 -26.10 -8.28
C GLU F 33 11.04 -26.66 -8.43
N PRO F 34 10.33 -26.34 -9.51
CA PRO F 34 9.05 -27.01 -9.75
C PRO F 34 9.26 -28.44 -10.20
N ALA F 35 8.69 -29.39 -9.46
CA ALA F 35 8.63 -30.79 -9.86
C ALA F 35 7.30 -31.09 -10.54
N SER F 36 7.24 -32.23 -11.22
CA SER F 36 6.04 -32.61 -11.95
C SER F 36 5.99 -34.13 -12.05
N ILE F 37 5.09 -34.75 -11.29
CA ILE F 37 4.81 -36.17 -11.42
C ILE F 37 3.82 -36.38 -12.55
N SER F 38 3.93 -37.51 -13.24
CA SER F 38 3.13 -37.81 -14.42
C SER F 38 2.48 -39.18 -14.27
N CYS F 39 1.34 -39.34 -14.95
CA CYS F 39 0.59 -40.59 -14.92
C CYS F 39 -0.11 -40.80 -16.26
N ARG F 40 -0.09 -42.03 -16.74
CA ARG F 40 -0.74 -42.44 -17.97
C ARG F 40 -1.63 -43.64 -17.68
N SER F 41 -2.90 -43.54 -18.07
CA SER F 41 -3.86 -44.60 -17.84
C SER F 41 -3.95 -45.51 -19.06
N SER F 42 -4.36 -46.76 -18.82
CA SER F 42 -4.59 -47.72 -19.89
C SER F 42 -5.96 -47.58 -20.53
N GLN F 43 -6.85 -46.77 -19.97
CA GLN F 43 -8.18 -46.59 -20.51
C GLN F 43 -8.65 -45.16 -20.24
N SER F 44 -9.60 -44.70 -21.03
CA SER F 44 -10.13 -43.35 -20.90
C SER F 44 -10.85 -43.22 -19.57
N LEU F 45 -10.27 -42.47 -18.64
CA LEU F 45 -10.87 -42.24 -17.33
C LEU F 45 -11.97 -41.19 -17.37
N LEU F 46 -12.13 -40.46 -18.46
CA LEU F 46 -13.16 -39.43 -18.54
C LEU F 46 -14.54 -40.08 -18.50
N HIS F 47 -15.25 -39.90 -17.40
CA HIS F 47 -16.59 -40.44 -17.27
C HIS F 47 -17.54 -39.69 -18.20
N SER F 48 -18.70 -40.33 -18.46
CA SER F 48 -19.72 -39.68 -19.28
C SER F 48 -20.20 -38.37 -18.67
N ASN F 49 -20.13 -38.26 -17.35
CA ASN F 49 -20.48 -37.00 -16.68
C ASN F 49 -19.52 -35.88 -17.04
N GLY F 50 -18.32 -36.19 -17.54
CA GLY F 50 -17.34 -35.18 -17.88
C GLY F 50 -16.38 -34.91 -16.74
N TYR F 51 -15.96 -35.98 -16.08
CA TYR F 51 -15.02 -35.91 -14.96
C TYR F 51 -13.93 -36.95 -15.14
N ASN F 52 -12.74 -36.61 -14.68
CA ASN F 52 -11.60 -37.51 -14.68
C ASN F 52 -11.51 -38.16 -13.31
N TYR F 53 -11.85 -39.46 -13.25
CA TYR F 53 -11.93 -40.17 -11.98
C TYR F 53 -10.53 -40.62 -11.56
N LEU F 54 -9.74 -39.63 -11.17
CA LEU F 54 -8.36 -39.83 -10.71
C LEU F 54 -8.19 -39.15 -9.36
N ASP F 55 -7.34 -39.74 -8.51
CA ASP F 55 -7.06 -39.19 -7.20
C ASP F 55 -5.57 -39.32 -6.91
N TRP F 56 -4.99 -38.25 -6.39
CA TRP F 56 -3.60 -38.21 -5.96
C TRP F 56 -3.56 -38.14 -4.44
N TYR F 57 -2.89 -39.12 -3.84
CA TYR F 57 -2.63 -39.19 -2.41
C TYR F 57 -1.13 -39.03 -2.16
N LEU F 58 -0.78 -38.55 -0.98
CA LEU F 58 0.61 -38.40 -0.56
C LEU F 58 0.81 -39.09 0.77
N GLN F 59 1.75 -40.02 0.83
CA GLN F 59 2.18 -40.68 2.06
C GLN F 59 3.58 -40.18 2.40
N LYS F 60 3.66 -39.33 3.42
CA LYS F 60 4.95 -38.89 3.91
C LYS F 60 5.66 -40.04 4.61
N PRO F 61 6.99 -40.00 4.74
CA PRO F 61 7.70 -41.11 5.37
C PRO F 61 7.31 -41.23 6.84
N GLY F 62 6.82 -42.41 7.22
CA GLY F 62 6.38 -42.64 8.58
C GLY F 62 5.19 -41.80 8.99
N GLN F 63 4.20 -41.67 8.10
CA GLN F 63 2.99 -40.91 8.41
C GLN F 63 1.84 -41.47 7.60
N SER F 64 0.62 -41.13 8.02
CA SER F 64 -0.55 -41.61 7.33
C SER F 64 -0.69 -40.92 5.97
N PRO F 65 -1.22 -41.60 4.95
CA PRO F 65 -1.49 -40.90 3.69
C PRO F 65 -2.55 -39.83 3.86
N GLN F 66 -2.51 -38.84 2.96
CA GLN F 66 -3.49 -37.78 2.93
C GLN F 66 -3.88 -37.49 1.49
N LEU F 67 -5.06 -36.87 1.33
CA LEU F 67 -5.57 -36.54 0.01
C LEU F 67 -4.92 -35.26 -0.50
N LEU F 68 -4.36 -35.32 -1.71
CA LEU F 68 -3.87 -34.14 -2.41
C LEU F 68 -4.88 -33.64 -3.44
N ILE F 69 -5.24 -34.49 -4.39
CA ILE F 69 -6.09 -34.10 -5.52
C ILE F 69 -7.18 -35.13 -5.71
N TYR F 70 -8.38 -34.67 -6.03
CA TYR F 70 -9.51 -35.53 -6.36
C TYR F 70 -10.20 -35.01 -7.61
N LEU F 71 -10.73 -35.94 -8.40
CA LEU F 71 -11.36 -35.62 -9.68
C LEU F 71 -10.37 -34.92 -10.61
N GLY F 72 -9.11 -35.31 -10.56
CA GLY F 72 -8.12 -34.82 -11.50
C GLY F 72 -7.56 -33.44 -11.18
N SER F 73 -8.44 -32.44 -11.03
CA SER F 73 -8.03 -31.04 -10.92
C SER F 73 -8.34 -30.41 -9.58
N ASN F 74 -9.39 -30.85 -8.89
CA ASN F 74 -9.79 -30.18 -7.65
C ASN F 74 -8.81 -30.49 -6.53
N ARG F 75 -8.35 -29.44 -5.85
CA ARG F 75 -7.40 -29.57 -4.76
C ARG F 75 -8.13 -29.69 -3.43
N ALA F 76 -7.78 -30.70 -2.66
CA ALA F 76 -8.41 -30.92 -1.36
C ALA F 76 -8.09 -29.78 -0.41
N SER F 77 -9.06 -29.44 0.43
CA SER F 77 -8.87 -28.36 1.39
C SER F 77 -7.82 -28.74 2.43
N GLY F 78 -7.05 -27.74 2.86
CA GLY F 78 -5.98 -27.94 3.81
C GLY F 78 -4.66 -28.35 3.20
N VAL F 79 -4.66 -28.77 1.94
CA VAL F 79 -3.43 -29.11 1.24
C VAL F 79 -2.75 -27.79 0.88
N PRO F 80 -1.42 -27.71 0.80
CA PRO F 80 -0.79 -26.46 0.37
C PRO F 80 -1.19 -26.09 -1.05
N ASP F 81 -1.26 -24.77 -1.30
CA ASP F 81 -1.66 -24.27 -2.60
C ASP F 81 -0.66 -24.61 -3.71
N ARG F 82 0.56 -25.03 -3.36
CA ARG F 82 1.56 -25.34 -4.38
C ARG F 82 1.14 -26.52 -5.23
N PHE F 83 0.52 -27.53 -4.62
CA PHE F 83 0.09 -28.70 -5.37
C PHE F 83 -1.03 -28.33 -6.33
N SER F 84 -1.00 -28.92 -7.52
CA SER F 84 -2.07 -28.71 -8.49
C SER F 84 -2.05 -29.83 -9.52
N GLY F 85 -3.19 -30.47 -9.71
CA GLY F 85 -3.32 -31.54 -10.68
C GLY F 85 -3.95 -31.03 -11.97
N SER F 86 -3.66 -31.72 -13.07
CA SER F 86 -4.21 -31.35 -14.36
C SER F 86 -4.11 -32.56 -15.29
N GLY F 87 -4.79 -32.44 -16.44
CA GLY F 87 -4.79 -33.44 -17.48
C GLY F 87 -6.18 -33.85 -17.86
N SER F 88 -6.28 -34.94 -18.60
CA SER F 88 -7.59 -35.42 -19.06
C SER F 88 -7.44 -36.80 -19.69
N GLY F 89 -8.55 -37.52 -19.70
CA GLY F 89 -8.74 -38.69 -20.53
C GLY F 89 -7.90 -39.88 -20.10
N THR F 90 -6.59 -39.78 -20.36
CA THR F 90 -5.63 -40.78 -19.91
C THR F 90 -4.35 -40.18 -19.35
N ASP F 91 -3.99 -38.95 -19.71
CA ASP F 91 -2.72 -38.35 -19.33
C ASP F 91 -2.96 -37.30 -18.25
N PHE F 92 -2.26 -37.41 -17.13
CA PHE F 92 -2.43 -36.51 -16.01
C PHE F 92 -1.08 -36.19 -15.39
N THR F 93 -1.03 -35.08 -14.69
CA THR F 93 0.21 -34.63 -14.07
C THR F 93 -0.10 -33.79 -12.83
N LEU F 94 0.73 -33.98 -11.80
CA LEU F 94 0.66 -33.20 -10.57
C LEU F 94 1.90 -32.33 -10.50
N LYS F 95 1.69 -31.02 -10.37
CA LYS F 95 2.76 -30.03 -10.36
C LYS F 95 2.84 -29.36 -9.00
N ILE F 96 4.06 -29.07 -8.57
CA ILE F 96 4.34 -28.37 -7.33
C ILE F 96 5.04 -27.06 -7.68
N SER F 97 4.51 -25.95 -7.17
CA SER F 97 5.09 -24.64 -7.50
C SER F 97 6.50 -24.52 -6.93
N ARG F 98 6.67 -24.82 -5.65
CA ARG F 98 7.97 -24.73 -4.98
C ARG F 98 8.10 -25.96 -4.09
N VAL F 99 8.86 -26.94 -4.55
CA VAL F 99 9.03 -28.18 -3.79
C VAL F 99 9.76 -27.88 -2.50
N GLU F 100 9.28 -28.46 -1.40
CA GLU F 100 9.85 -28.29 -0.08
C GLU F 100 10.48 -29.60 0.38
N ALA F 101 11.29 -29.51 1.43
CA ALA F 101 11.90 -30.70 2.00
C ALA F 101 10.84 -31.64 2.57
N GLU F 102 9.83 -31.08 3.23
CA GLU F 102 8.75 -31.90 3.80
C GLU F 102 7.84 -32.48 2.72
N ASP F 103 7.89 -32.00 1.49
CA ASP F 103 7.05 -32.55 0.42
C ASP F 103 7.55 -33.91 -0.05
N VAL F 104 8.74 -34.35 0.36
CA VAL F 104 9.21 -35.66 -0.05
C VAL F 104 8.35 -36.75 0.59
N GLY F 105 8.33 -37.90 -0.04
CA GLY F 105 7.57 -39.03 0.43
C GLY F 105 7.24 -39.96 -0.74
N VAL F 106 5.99 -40.39 -0.80
CA VAL F 106 5.48 -41.22 -1.88
C VAL F 106 4.19 -40.61 -2.39
N TYR F 107 4.04 -40.53 -3.71
CA TYR F 107 2.85 -39.97 -4.34
C TYR F 107 2.16 -41.09 -5.12
N TYR F 108 0.88 -41.31 -4.80
CA TYR F 108 0.07 -42.35 -5.44
C TYR F 108 -1.03 -41.69 -6.24
N CYS F 109 -0.90 -41.70 -7.56
CA CYS F 109 -2.02 -41.39 -8.45
C CYS F 109 -2.73 -42.69 -8.77
N MET F 110 -4.05 -42.67 -8.67
CA MET F 110 -4.82 -43.91 -8.77
C MET F 110 -6.25 -43.58 -9.15
N GLN F 111 -6.82 -44.39 -10.03
CA GLN F 111 -8.11 -44.09 -10.61
C GLN F 111 -9.24 -44.42 -9.64
N SER F 112 -10.44 -44.00 -10.01
CA SER F 112 -11.65 -44.37 -9.28
C SER F 112 -12.82 -44.71 -10.19
N LEU F 113 -12.63 -44.72 -11.52
CA LEU F 113 -13.72 -45.04 -12.43
C LEU F 113 -14.16 -46.48 -12.27
N GLN F 114 -13.21 -47.41 -12.31
CA GLN F 114 -13.48 -48.84 -12.20
C GLN F 114 -13.25 -49.30 -10.77
N THR F 115 -14.13 -50.17 -10.30
CA THR F 115 -14.07 -50.71 -8.95
C THR F 115 -14.39 -52.20 -9.01
N PRO F 116 -13.94 -52.99 -8.03
CA PRO F 116 -13.09 -52.66 -6.87
C PRO F 116 -11.63 -52.48 -7.24
N ARG F 117 -10.90 -51.72 -6.44
CA ARG F 117 -9.50 -51.39 -6.69
C ARG F 117 -8.64 -52.19 -5.71
N LEU F 118 -7.86 -53.13 -6.24
CA LEU F 118 -7.11 -54.04 -5.39
C LEU F 118 -6.01 -53.31 -4.61
N THR F 119 -5.20 -52.53 -5.31
CA THR F 119 -4.02 -51.89 -4.72
C THR F 119 -3.90 -50.47 -5.24
N PHE F 120 -3.04 -49.70 -4.58
CA PHE F 120 -2.77 -48.32 -4.96
C PHE F 120 -1.66 -48.19 -6.00
N GLY F 121 -0.96 -49.28 -6.31
CA GLY F 121 0.13 -49.25 -7.26
C GLY F 121 1.47 -48.96 -6.59
N PRO F 122 2.56 -49.07 -7.35
CA PRO F 122 3.89 -48.86 -6.76
C PRO F 122 4.12 -47.44 -6.28
N GLY F 123 3.34 -46.46 -6.74
CA GLY F 123 3.52 -45.10 -6.30
C GLY F 123 4.68 -44.40 -7.01
N THR F 124 5.17 -43.34 -6.37
CA THR F 124 6.24 -42.53 -6.95
C THR F 124 7.06 -41.95 -5.80
N LYS F 125 8.25 -42.50 -5.59
CA LYS F 125 9.14 -41.99 -4.56
C LYS F 125 9.64 -40.60 -4.92
N VAL F 126 9.85 -39.78 -3.89
CA VAL F 126 10.36 -38.43 -4.05
C VAL F 126 11.46 -38.21 -3.01
N ASP F 127 12.56 -37.61 -3.44
CA ASP F 127 13.71 -37.39 -2.58
C ASP F 127 14.49 -36.17 -3.05
N ILE F 128 15.31 -35.62 -2.15
CA ILE F 128 16.08 -34.43 -2.48
C ILE F 128 17.14 -34.78 -3.52
N LYS F 129 17.38 -33.86 -4.44
CA LYS F 129 18.33 -34.06 -5.52
C LYS F 129 19.69 -33.50 -5.13
N ARG F 130 20.74 -34.26 -5.43
CA ARG F 130 22.10 -33.86 -5.11
C ARG F 130 23.03 -34.46 -6.15
N THR F 131 24.32 -34.17 -6.01
CA THR F 131 25.31 -34.67 -6.97
C THR F 131 25.40 -36.19 -6.88
N VAL F 132 25.55 -36.83 -8.03
CA VAL F 132 25.67 -38.28 -8.08
C VAL F 132 26.96 -38.69 -7.39
N ALA F 133 26.86 -39.64 -6.45
CA ALA F 133 28.00 -40.12 -5.67
C ALA F 133 28.09 -41.63 -5.82
N ALA F 134 29.29 -42.12 -6.08
CA ALA F 134 29.51 -43.55 -6.17
C ALA F 134 29.51 -44.17 -4.78
N PRO F 135 29.22 -45.48 -4.67
CA PRO F 135 29.20 -46.10 -3.34
C PRO F 135 30.58 -46.53 -2.88
N SER F 136 30.86 -46.28 -1.61
CA SER F 136 32.07 -46.79 -0.96
C SER F 136 31.82 -48.25 -0.65
N VAL F 137 32.26 -49.13 -1.54
CA VAL F 137 31.95 -50.55 -1.42
C VAL F 137 32.77 -51.15 -0.27
N PHE F 138 32.16 -52.09 0.45
CA PHE F 138 32.82 -52.77 1.55
C PHE F 138 32.32 -54.20 1.61
N ILE F 139 33.12 -55.05 2.25
CA ILE F 139 32.76 -56.45 2.48
C ILE F 139 33.39 -56.88 3.80
N PHE F 140 32.67 -57.71 4.54
CA PHE F 140 33.11 -58.22 5.82
C PHE F 140 32.91 -59.72 5.89
N PRO F 141 33.73 -60.44 6.67
CA PRO F 141 33.63 -61.89 6.67
C PRO F 141 32.65 -62.38 7.72
N PRO F 142 32.34 -63.68 7.73
CA PRO F 142 31.55 -64.23 8.84
C PRO F 142 32.42 -64.46 10.07
N SER F 143 31.98 -63.90 11.20
CA SER F 143 32.79 -63.92 12.41
C SER F 143 32.90 -65.34 12.98
N ASP F 144 34.00 -65.59 13.68
CA ASP F 144 34.30 -66.94 14.16
C ASP F 144 33.24 -67.44 15.14
N GLU F 145 32.80 -66.59 16.07
CA GLU F 145 31.71 -67.01 16.94
C GLU F 145 30.43 -67.23 16.16
N GLN F 146 30.24 -66.47 15.07
CA GLN F 146 29.12 -66.74 14.17
C GLN F 146 29.31 -68.07 13.45
N LEU F 147 30.56 -68.43 13.11
CA LEU F 147 30.82 -69.73 12.50
C LEU F 147 30.44 -70.87 13.45
N LYS F 148 30.95 -70.84 14.68
CA LYS F 148 30.64 -71.91 15.62
C LYS F 148 29.18 -71.87 16.05
N SER F 149 28.49 -70.74 15.88
CA SER F 149 27.07 -70.67 16.16
C SER F 149 26.26 -71.60 15.26
N GLY F 150 26.80 -71.97 14.10
CA GLY F 150 26.15 -72.86 13.17
C GLY F 150 25.57 -72.19 11.93
N THR F 151 26.04 -71.00 11.56
CA THR F 151 25.54 -70.29 10.40
C THR F 151 26.66 -69.43 9.83
N ALA F 152 26.55 -69.13 8.54
CA ALA F 152 27.43 -68.21 7.85
C ALA F 152 26.63 -67.00 7.40
N SER F 153 27.21 -65.81 7.54
CA SER F 153 26.51 -64.57 7.18
C SER F 153 27.55 -63.56 6.71
N VAL F 154 27.77 -63.52 5.40
CA VAL F 154 28.59 -62.48 4.77
C VAL F 154 27.72 -61.26 4.53
N VAL F 155 28.23 -60.09 4.91
CA VAL F 155 27.44 -58.85 4.93
C VAL F 155 28.29 -57.76 4.27
N CYS F 156 28.01 -57.49 3.00
CA CYS F 156 28.55 -56.32 2.32
C CYS F 156 27.69 -55.10 2.64
N LEU F 157 28.16 -53.93 2.22
CA LEU F 157 27.36 -52.73 2.35
C LEU F 157 27.92 -51.62 1.46
N LEU F 158 27.00 -50.87 0.86
CA LEU F 158 27.33 -49.60 0.22
C LEU F 158 27.35 -48.50 1.26
N ASN F 159 27.78 -47.31 0.84
CA ASN F 159 27.79 -46.17 1.75
C ASN F 159 27.94 -44.88 0.96
N ASN F 160 27.09 -43.90 1.26
CA ASN F 160 27.19 -42.55 0.71
C ASN F 160 27.12 -42.58 -0.82
N PHE F 161 25.98 -43.04 -1.33
CA PHE F 161 25.73 -43.12 -2.76
C PHE F 161 24.37 -42.52 -3.08
N TYR F 162 24.30 -41.86 -4.23
CA TYR F 162 23.08 -41.24 -4.73
C TYR F 162 23.00 -41.50 -6.23
N PRO F 163 21.80 -41.80 -6.78
CA PRO F 163 20.48 -42.03 -6.19
C PRO F 163 20.34 -43.45 -5.64
N ARG F 164 19.14 -43.86 -5.28
CA ARG F 164 18.91 -45.21 -4.78
C ARG F 164 18.91 -46.20 -5.95
N GLY F 165 18.61 -47.45 -5.65
CA GLY F 165 18.45 -48.45 -6.68
C GLY F 165 19.73 -49.13 -7.14
N ALA F 166 20.85 -48.90 -6.47
CA ALA F 166 22.08 -49.57 -6.85
C ALA F 166 21.95 -51.07 -6.63
N LYS F 167 22.14 -51.84 -7.70
CA LYS F 167 21.92 -53.28 -7.65
C LYS F 167 23.18 -53.99 -7.18
N VAL F 168 22.99 -55.09 -6.47
CA VAL F 168 24.07 -55.86 -5.87
C VAL F 168 23.81 -57.35 -6.12
N GLN F 169 24.88 -58.09 -6.39
CA GLN F 169 24.81 -59.51 -6.66
C GLN F 169 25.95 -60.21 -5.93
N TRP F 170 25.69 -61.46 -5.51
CA TRP F 170 26.64 -62.26 -4.77
C TRP F 170 27.18 -63.36 -5.68
N LYS F 171 28.45 -63.24 -6.05
CA LYS F 171 29.13 -64.25 -6.86
C LYS F 171 29.69 -65.29 -5.89
N VAL F 172 28.90 -66.32 -5.61
CA VAL F 172 29.34 -67.36 -4.69
C VAL F 172 30.52 -68.12 -5.27
N ASP F 173 30.56 -68.31 -6.58
CA ASP F 173 31.63 -69.04 -7.25
C ASP F 173 31.84 -68.41 -8.62
N ASN F 174 32.63 -69.08 -9.46
CA ASN F 174 32.90 -68.60 -10.80
C ASN F 174 31.67 -68.75 -11.69
N LEU F 176 26.89 -66.66 -9.03
CA LEU F 176 25.60 -65.99 -8.93
C LEU F 176 24.79 -66.58 -7.78
N GLN F 177 23.94 -65.75 -7.18
CA GLN F 177 23.11 -66.17 -6.06
C GLN F 177 21.78 -65.45 -6.12
N SER F 178 20.76 -66.07 -5.51
CA SER F 178 19.43 -65.49 -5.45
C SER F 178 18.60 -66.31 -4.48
N GLY F 179 17.59 -65.67 -3.89
CA GLY F 179 16.68 -66.33 -2.99
C GLY F 179 17.17 -66.51 -1.57
N ASN F 180 18.38 -66.04 -1.25
CA ASN F 180 18.95 -66.15 0.09
C ASN F 180 19.64 -64.86 0.46
N SER F 181 19.04 -63.73 0.10
CA SER F 181 19.57 -62.40 0.41
C SER F 181 18.43 -61.51 0.86
N GLN F 182 18.78 -60.50 1.68
CA GLN F 182 17.79 -59.57 2.21
C GLN F 182 18.47 -58.21 2.33
N GLU F 183 18.02 -57.26 1.53
CA GLU F 183 18.62 -55.93 1.47
C GLU F 183 17.96 -55.00 2.49
N SER F 184 18.63 -53.86 2.71
CA SER F 184 18.11 -52.83 3.60
C SER F 184 18.72 -51.51 3.20
N VAL F 185 17.92 -50.45 3.20
CA VAL F 185 18.34 -49.12 2.78
C VAL F 185 17.80 -48.10 3.76
N THR F 186 18.64 -47.14 4.13
CA THR F 186 18.24 -46.07 5.02
C THR F 186 17.44 -45.01 4.26
N GLU F 187 16.78 -44.13 5.00
CA GLU F 187 16.12 -42.99 4.42
C GLU F 187 17.16 -41.96 3.98
N GLN F 188 16.70 -40.87 3.36
CA GLN F 188 17.60 -39.80 2.97
C GLN F 188 18.25 -39.20 4.20
N ASP F 189 19.58 -39.09 4.16
CA ASP F 189 20.31 -38.49 5.27
C ASP F 189 19.98 -37.01 5.38
N SER F 190 19.86 -36.53 6.61
CA SER F 190 19.47 -35.14 6.83
C SER F 190 20.50 -34.16 6.29
N LYS F 191 21.78 -34.57 6.26
CA LYS F 191 22.87 -33.70 5.82
C LYS F 191 23.43 -34.13 4.47
N ASP F 192 23.84 -35.40 4.34
CA ASP F 192 24.42 -35.87 3.09
C ASP F 192 23.36 -36.08 2.01
N SER F 193 22.13 -36.38 2.39
CA SER F 193 21.07 -36.73 1.45
C SER F 193 21.48 -37.92 0.60
N THR F 194 21.80 -39.01 1.28
CA THR F 194 22.35 -40.20 0.64
C THR F 194 21.80 -41.45 1.32
N TYR F 195 21.89 -42.56 0.61
CA TYR F 195 21.42 -43.86 1.08
C TYR F 195 22.59 -44.75 1.44
N SER F 196 22.28 -45.96 1.90
CA SER F 196 23.30 -46.94 2.26
C SER F 196 22.68 -48.33 2.17
N LEU F 197 23.05 -49.07 1.13
CA LEU F 197 22.53 -50.41 0.90
C LEU F 197 23.40 -51.44 1.62
N SER F 198 22.78 -52.57 1.96
CA SER F 198 23.50 -53.66 2.63
C SER F 198 22.73 -54.95 2.46
N SER F 199 23.34 -55.93 1.79
CA SER F 199 22.79 -57.27 1.67
C SER F 199 23.35 -58.16 2.78
N THR F 200 22.67 -59.28 3.01
CA THR F 200 23.06 -60.26 4.04
C THR F 200 22.80 -61.64 3.46
N LEU F 201 23.83 -62.25 2.88
CA LEU F 201 23.73 -63.58 2.30
C LEU F 201 24.11 -64.61 3.35
N THR F 202 23.21 -65.56 3.59
CA THR F 202 23.43 -66.64 4.56
C THR F 202 23.01 -67.95 3.93
N LEU F 203 23.92 -68.93 3.93
CA LEU F 203 23.63 -70.27 3.41
C LEU F 203 23.63 -71.33 4.50
N SER F 204 24.75 -71.51 5.18
CA SER F 204 24.91 -72.50 6.24
C SER F 204 26.34 -72.41 6.76
N LYS F 205 26.59 -73.12 7.85
CA LYS F 205 27.96 -73.28 8.33
C LYS F 205 28.77 -74.18 7.40
N ALA F 206 28.18 -75.33 7.03
CA ALA F 206 28.92 -76.31 6.24
C ALA F 206 29.21 -75.81 4.83
N ASP F 207 28.21 -75.22 4.17
CA ASP F 207 28.39 -74.80 2.79
C ASP F 207 29.40 -73.67 2.64
N TYR F 208 29.62 -72.88 3.70
CA TYR F 208 30.59 -71.79 3.61
C TYR F 208 31.99 -72.31 3.39
N GLU F 209 32.36 -73.40 4.07
CA GLU F 209 33.68 -74.00 3.93
C GLU F 209 33.67 -75.09 2.85
N LYS F 210 33.37 -74.66 1.63
CA LYS F 210 33.37 -75.53 0.46
C LYS F 210 34.21 -74.96 -0.66
N HIS F 211 34.27 -73.63 -0.76
CA HIS F 211 35.03 -72.97 -1.81
C HIS F 211 35.16 -71.49 -1.44
N LYS F 212 35.84 -70.73 -2.28
CA LYS F 212 36.04 -69.31 -2.05
C LYS F 212 34.72 -68.56 -2.08
N TYR F 214 33.24 -65.82 -2.77
CA TYR F 214 31.98 -65.19 -2.38
C TYR F 214 32.07 -63.68 -2.56
N ALA F 215 32.34 -63.26 -3.80
CA ALA F 215 32.53 -61.86 -4.09
C ALA F 215 31.18 -61.13 -4.14
N CYS F 216 31.26 -59.80 -4.07
CA CYS F 216 30.11 -58.91 -4.19
C CYS F 216 30.32 -58.00 -5.39
N GLU F 217 29.38 -58.01 -6.33
CA GLU F 217 29.42 -57.14 -7.50
C GLU F 217 28.27 -56.14 -7.41
N VAL F 218 28.60 -54.86 -7.45
CA VAL F 218 27.64 -53.78 -7.30
C VAL F 218 27.68 -52.92 -8.55
N THR F 219 26.51 -52.60 -9.08
CA THR F 219 26.37 -51.70 -10.22
C THR F 219 25.46 -50.54 -9.82
N HIS F 220 25.88 -49.34 -10.21
CA HIS F 220 25.24 -48.10 -9.83
C HIS F 220 25.45 -47.07 -10.94
N GLN F 221 24.54 -46.10 -11.02
CA GLN F 221 24.67 -45.05 -12.02
C GLN F 221 25.97 -44.27 -11.83
N GLY F 222 26.32 -43.97 -10.57
CA GLY F 222 27.58 -43.32 -10.30
C GLY F 222 28.79 -44.15 -10.66
N LEU F 223 28.65 -45.47 -10.70
CA LEU F 223 29.74 -46.38 -11.06
C LEU F 223 29.78 -46.54 -12.57
N SER F 224 30.96 -46.31 -13.16
CA SER F 224 31.12 -46.51 -14.59
C SER F 224 30.95 -47.97 -14.97
N SER F 225 31.50 -48.87 -14.16
CA SER F 225 31.45 -50.32 -14.40
C SER F 225 31.09 -51.00 -13.09
N PRO F 226 30.66 -52.26 -13.13
CA PRO F 226 30.33 -52.96 -11.88
C PRO F 226 31.57 -53.17 -11.04
N VAL F 227 31.56 -52.62 -9.83
CA VAL F 227 32.67 -52.77 -8.90
C VAL F 227 32.52 -54.12 -8.19
N THR F 228 33.59 -54.92 -8.22
CA THR F 228 33.61 -56.24 -7.63
C THR F 228 34.62 -56.28 -6.49
N LYS F 229 34.17 -56.75 -5.33
CA LYS F 229 35.03 -56.97 -4.17
C LYS F 229 35.09 -58.47 -3.89
N SER F 230 36.31 -59.00 -3.83
CA SER F 230 36.52 -60.43 -3.76
C SER F 230 36.53 -60.92 -2.32
N PHE F 231 36.14 -62.18 -2.15
CA PHE F 231 36.12 -62.89 -0.87
C PHE F 231 36.74 -64.27 -1.03
N ASN F 232 37.95 -64.32 -1.60
CA ASN F 232 38.58 -65.60 -1.93
C ASN F 232 38.78 -66.46 -0.69
N ARG F 233 39.21 -65.86 0.42
CA ARG F 233 39.39 -66.62 1.66
C ARG F 233 38.04 -67.13 2.16
N GLY F 234 38.01 -68.39 2.56
CA GLY F 234 36.80 -69.01 3.06
C GLY F 234 36.81 -70.52 2.91
N VAL G 18 -46.65 -38.77 -3.96
CA VAL G 18 -46.14 -37.56 -4.58
C VAL G 18 -45.80 -36.54 -3.50
N VAL G 19 -44.68 -35.84 -3.69
CA VAL G 19 -44.19 -34.85 -2.73
C VAL G 19 -44.81 -33.50 -3.06
N MET G 20 -45.19 -32.76 -2.02
CA MET G 20 -45.83 -31.46 -2.16
C MET G 20 -45.11 -30.50 -1.21
N THR G 21 -44.83 -29.30 -1.70
CA THR G 21 -44.13 -28.27 -0.95
C THR G 21 -45.00 -27.01 -0.90
N GLN G 22 -45.03 -26.37 0.27
CA GLN G 22 -45.87 -25.21 0.49
C GLN G 22 -45.13 -24.17 1.33
N SER G 23 -45.29 -22.91 0.96
CA SER G 23 -44.70 -21.76 1.63
C SER G 23 -45.77 -20.71 1.83
N PRO G 24 -45.49 -19.69 2.65
CA PRO G 24 -46.45 -18.57 2.76
C PRO G 24 -46.67 -17.90 1.42
N LEU G 25 -47.92 -17.51 1.17
CA LEU G 25 -48.27 -16.91 -0.12
C LEU G 25 -47.55 -15.60 -0.33
N SER G 26 -47.46 -14.77 0.70
CA SER G 26 -46.78 -13.49 0.62
C SER G 26 -46.16 -13.18 1.97
N LEU G 27 -45.10 -12.36 1.94
CA LEU G 27 -44.38 -11.97 3.15
C LEU G 27 -43.83 -10.57 2.95
N PRO G 28 -44.58 -9.54 3.36
CA PRO G 28 -44.04 -8.18 3.29
C PRO G 28 -42.77 -8.03 4.10
N VAL G 29 -41.84 -7.24 3.56
CA VAL G 29 -40.54 -7.01 4.18
C VAL G 29 -40.20 -5.53 4.04
N THR G 30 -39.20 -5.11 4.81
CA THR G 30 -38.73 -3.73 4.82
C THR G 30 -37.20 -3.74 4.84
N PRO G 31 -36.54 -2.76 4.19
CA PRO G 31 -35.09 -2.61 4.37
C PRO G 31 -34.80 -1.97 5.73
N GLY G 32 -34.21 -2.77 6.63
CA GLY G 32 -33.98 -2.34 7.99
C GLY G 32 -34.15 -3.43 9.03
N GLU G 33 -34.64 -4.61 8.61
CA GLU G 33 -34.88 -5.70 9.53
C GLU G 33 -34.87 -7.01 8.75
N PRO G 34 -34.29 -8.11 9.28
CA PRO G 34 -34.14 -9.32 8.43
C PRO G 34 -35.46 -9.98 8.09
N ALA G 35 -35.41 -11.12 7.40
CA ALA G 35 -36.61 -11.87 7.08
C ALA G 35 -36.25 -13.33 6.89
N SER G 36 -37.28 -14.18 6.88
CA SER G 36 -37.07 -15.62 6.74
C SER G 36 -38.26 -16.21 6.00
N ILE G 37 -38.04 -16.66 4.77
CA ILE G 37 -39.06 -17.31 3.97
C ILE G 37 -39.00 -18.81 4.28
N SER G 38 -40.01 -19.31 4.99
CA SER G 38 -40.07 -20.71 5.36
C SER G 38 -40.93 -21.48 4.37
N CYS G 39 -40.70 -22.79 4.31
CA CYS G 39 -41.56 -23.66 3.53
C CYS G 39 -41.35 -25.11 3.95
N ARG G 40 -42.42 -25.88 3.87
CA ARG G 40 -42.45 -27.26 4.34
C ARG G 40 -42.85 -28.19 3.20
N SER G 41 -42.20 -29.35 3.15
CA SER G 41 -42.54 -30.40 2.20
C SER G 41 -43.52 -31.37 2.83
N SER G 42 -44.17 -32.16 1.98
CA SER G 42 -45.06 -33.23 2.42
C SER G 42 -44.33 -34.55 2.65
N GLN G 43 -43.01 -34.57 2.50
CA GLN G 43 -42.23 -35.79 2.67
C GLN G 43 -40.83 -35.41 3.11
N SER G 44 -40.14 -36.36 3.73
CA SER G 44 -38.77 -36.15 4.17
C SER G 44 -37.86 -36.07 2.95
N LEU G 45 -37.44 -34.86 2.59
CA LEU G 45 -36.60 -34.66 1.42
C LEU G 45 -35.16 -35.09 1.65
N LEU G 46 -34.77 -35.42 2.89
CA LEU G 46 -33.40 -35.83 3.16
C LEU G 46 -33.13 -37.16 2.48
N HIS G 47 -32.36 -37.13 1.40
CA HIS G 47 -32.02 -38.33 0.67
C HIS G 47 -31.13 -39.24 1.53
N SER G 48 -31.01 -40.50 1.09
CA SER G 48 -30.21 -41.47 1.82
C SER G 48 -28.75 -41.03 1.95
N ASN G 49 -28.27 -40.22 1.00
CA ASN G 49 -26.89 -39.71 1.07
C ASN G 49 -26.77 -38.47 1.98
N GLY G 50 -27.74 -38.22 2.84
CA GLY G 50 -27.63 -37.12 3.79
C GLY G 50 -27.66 -35.75 3.15
N TYR G 51 -28.47 -35.56 2.11
CA TYR G 51 -28.65 -34.27 1.48
C TYR G 51 -30.13 -34.02 1.26
N ASN G 52 -30.59 -32.84 1.64
CA ASN G 52 -31.96 -32.43 1.38
C ASN G 52 -32.05 -31.94 -0.05
N TYR G 53 -32.66 -32.74 -0.92
CA TYR G 53 -32.69 -32.41 -2.34
C TYR G 53 -33.69 -31.28 -2.58
N LEU G 54 -33.32 -30.08 -2.16
CA LEU G 54 -34.14 -28.88 -2.29
C LEU G 54 -33.27 -27.75 -2.83
N ASP G 55 -33.90 -26.84 -3.56
CA ASP G 55 -33.22 -25.65 -4.07
C ASP G 55 -34.13 -24.45 -3.84
N TRP G 56 -33.51 -23.27 -3.83
CA TRP G 56 -34.21 -22.01 -3.69
C TRP G 56 -33.78 -21.10 -4.83
N TYR G 57 -34.77 -20.60 -5.57
CA TYR G 57 -34.57 -19.70 -6.70
C TYR G 57 -35.26 -18.37 -6.44
N LEU G 58 -34.71 -17.31 -7.04
CA LEU G 58 -35.29 -15.98 -7.00
C LEU G 58 -35.63 -15.55 -8.42
N GLN G 59 -36.79 -14.91 -8.59
CA GLN G 59 -37.19 -14.29 -9.84
C GLN G 59 -37.55 -12.84 -9.54
N LYS G 60 -36.73 -11.92 -10.01
CA LYS G 60 -36.99 -10.50 -9.82
C LYS G 60 -38.01 -10.02 -10.87
N PRO G 61 -38.69 -8.90 -10.61
CA PRO G 61 -39.64 -8.39 -11.61
C PRO G 61 -38.91 -7.88 -12.84
N GLY G 62 -39.17 -8.52 -13.98
CA GLY G 62 -38.58 -8.13 -15.24
C GLY G 62 -37.29 -8.86 -15.60
N GLN G 63 -36.73 -9.64 -14.68
CA GLN G 63 -35.51 -10.41 -14.92
C GLN G 63 -35.83 -11.90 -14.86
N SER G 64 -34.95 -12.69 -15.46
CA SER G 64 -35.15 -14.13 -15.47
C SER G 64 -34.91 -14.71 -14.07
N PRO G 65 -35.42 -15.91 -13.79
CA PRO G 65 -35.10 -16.54 -12.50
C PRO G 65 -33.62 -16.83 -12.38
N GLN G 66 -33.15 -16.83 -11.13
CA GLN G 66 -31.75 -17.14 -10.82
C GLN G 66 -31.69 -18.02 -9.58
N LEU G 67 -30.67 -18.85 -9.52
CA LEU G 67 -30.46 -19.74 -8.38
C LEU G 67 -29.97 -18.94 -7.18
N LEU G 68 -30.46 -19.32 -5.99
CA LEU G 68 -29.95 -18.80 -4.72
C LEU G 68 -29.26 -19.89 -3.92
N ILE G 69 -29.96 -20.98 -3.62
CA ILE G 69 -29.45 -22.04 -2.74
C ILE G 69 -29.71 -23.38 -3.41
N TYR G 70 -28.85 -24.35 -3.12
CA TYR G 70 -29.04 -25.71 -3.59
C TYR G 70 -28.64 -26.68 -2.49
N LEU G 71 -29.30 -27.83 -2.47
CA LEU G 71 -29.10 -28.84 -1.42
C LEU G 71 -29.33 -28.26 -0.04
N GLY G 72 -30.35 -27.41 0.08
CA GLY G 72 -30.76 -26.90 1.39
C GLY G 72 -30.02 -25.70 1.93
N SER G 73 -28.68 -25.75 1.95
CA SER G 73 -27.88 -24.71 2.59
C SER G 73 -26.71 -24.22 1.75
N ASN G 74 -26.22 -24.98 0.79
CA ASN G 74 -25.06 -24.55 0.00
C ASN G 74 -25.45 -23.38 -0.89
N ARG G 75 -24.84 -22.23 -0.66
CA ARG G 75 -25.13 -21.04 -1.44
C ARG G 75 -24.36 -21.06 -2.75
N ALA G 76 -24.98 -20.52 -3.80
CA ALA G 76 -24.35 -20.45 -5.10
C ALA G 76 -23.41 -19.25 -5.18
N SER G 77 -22.36 -19.39 -5.98
CA SER G 77 -21.39 -18.32 -6.13
C SER G 77 -22.03 -17.13 -6.84
N GLY G 78 -21.63 -15.93 -6.40
CA GLY G 78 -22.20 -14.71 -6.92
C GLY G 78 -23.45 -14.23 -6.21
N VAL G 79 -24.09 -15.10 -5.44
CA VAL G 79 -25.25 -14.71 -4.64
C VAL G 79 -24.74 -13.87 -3.49
N PRO G 80 -25.48 -12.86 -3.00
CA PRO G 80 -25.04 -12.16 -1.79
C PRO G 80 -24.99 -13.10 -0.60
N ASP G 81 -24.02 -12.85 0.28
CA ASP G 81 -23.81 -13.69 1.45
C ASP G 81 -24.99 -13.59 2.42
N ARG G 82 -25.75 -12.49 2.37
CA ARG G 82 -26.88 -12.30 3.28
C ARG G 82 -27.87 -13.46 3.19
N PHE G 83 -28.07 -14.01 2.00
CA PHE G 83 -28.94 -15.18 1.85
C PHE G 83 -28.31 -16.38 2.53
N SER G 84 -29.14 -17.20 3.17
CA SER G 84 -28.64 -18.42 3.81
C SER G 84 -29.77 -19.43 3.93
N GLY G 85 -29.59 -20.59 3.34
CA GLY G 85 -30.55 -21.66 3.48
C GLY G 85 -30.29 -22.50 4.72
N SER G 86 -31.37 -23.02 5.30
CA SER G 86 -31.26 -23.82 6.52
C SER G 86 -32.47 -24.75 6.60
N GLY G 87 -32.36 -25.72 7.49
CA GLY G 87 -33.42 -26.68 7.75
C GLY G 87 -33.07 -28.05 7.22
N SER G 88 -34.02 -28.98 7.41
CA SER G 88 -33.81 -30.38 7.07
C SER G 88 -35.16 -31.07 7.02
N GLY G 89 -35.12 -32.37 6.69
CA GLY G 89 -36.30 -33.20 6.68
C GLY G 89 -37.39 -32.67 5.77
N THR G 90 -38.46 -32.16 6.39
CA THR G 90 -39.55 -31.51 5.68
C THR G 90 -39.48 -29.99 5.75
N ASP G 91 -38.95 -29.44 6.84
CA ASP G 91 -39.02 -28.01 7.11
C ASP G 91 -37.73 -27.32 6.69
N PHE G 92 -37.84 -26.26 5.88
CA PHE G 92 -36.70 -25.52 5.39
C PHE G 92 -37.02 -24.03 5.43
N THR G 93 -35.95 -23.23 5.42
CA THR G 93 -36.09 -21.78 5.49
C THR G 93 -34.95 -21.13 4.73
N LEU G 94 -35.24 -19.95 4.20
CA LEU G 94 -34.25 -19.08 3.55
C LEU G 94 -34.23 -17.79 4.35
N LYS G 95 -33.16 -17.58 5.09
CA LYS G 95 -33.00 -16.40 5.94
C LYS G 95 -32.20 -15.35 5.20
N ILE G 96 -32.71 -14.13 5.19
CA ILE G 96 -32.03 -12.98 4.60
C ILE G 96 -31.73 -12.00 5.73
N SER G 97 -30.45 -11.72 5.95
CA SER G 97 -30.05 -10.83 7.02
C SER G 97 -30.42 -9.38 6.70
N ARG G 98 -30.10 -8.95 5.48
CA ARG G 98 -30.32 -7.58 5.04
C ARG G 98 -31.29 -7.59 3.87
N VAL G 99 -32.39 -6.87 3.99
CA VAL G 99 -33.41 -6.77 2.96
C VAL G 99 -33.15 -5.50 2.16
N GLU G 100 -33.16 -5.63 0.83
CA GLU G 100 -32.92 -4.52 -0.08
C GLU G 100 -34.00 -4.50 -1.15
N ALA G 101 -34.18 -3.32 -1.75
CA ALA G 101 -35.18 -3.18 -2.81
C ALA G 101 -34.84 -4.06 -4.01
N GLU G 102 -33.55 -4.31 -4.24
CA GLU G 102 -33.15 -5.18 -5.35
C GLU G 102 -33.59 -6.62 -5.14
N ASP G 103 -33.80 -7.03 -3.89
CA ASP G 103 -34.14 -8.42 -3.58
C ASP G 103 -35.64 -8.70 -3.61
N VAL G 104 -36.46 -7.72 -3.96
CA VAL G 104 -37.90 -7.96 -4.06
C VAL G 104 -38.19 -8.82 -5.28
N GLY G 105 -39.10 -9.78 -5.12
CA GLY G 105 -39.42 -10.67 -6.21
C GLY G 105 -40.23 -11.86 -5.72
N VAL G 106 -40.08 -12.98 -6.41
CA VAL G 106 -40.75 -14.22 -6.08
C VAL G 106 -39.69 -15.27 -5.76
N TYR G 107 -39.82 -15.88 -4.59
CA TYR G 107 -38.87 -16.88 -4.10
C TYR G 107 -39.54 -18.26 -4.17
N TYR G 108 -38.92 -19.17 -4.92
CA TYR G 108 -39.44 -20.52 -5.11
C TYR G 108 -38.53 -21.51 -4.41
N CYS G 109 -39.05 -22.18 -3.39
CA CYS G 109 -38.39 -23.36 -2.83
C CYS G 109 -38.94 -24.57 -3.58
N MET G 110 -38.05 -25.27 -4.27
CA MET G 110 -38.42 -26.28 -5.25
C MET G 110 -37.62 -27.55 -5.00
N GLN G 111 -38.31 -28.67 -4.85
CA GLN G 111 -37.65 -29.92 -4.51
C GLN G 111 -37.01 -30.55 -5.74
N SER G 112 -36.15 -31.54 -5.48
CA SER G 112 -35.56 -32.34 -6.55
C SER G 112 -35.45 -33.82 -6.20
N LEU G 113 -35.97 -34.25 -5.04
CA LEU G 113 -35.92 -35.66 -4.69
C LEU G 113 -36.72 -36.50 -5.68
N GLN G 114 -37.89 -36.01 -6.07
CA GLN G 114 -38.78 -36.70 -7.00
C GLN G 114 -38.74 -35.97 -8.34
N THR G 115 -38.54 -36.73 -9.42
CA THR G 115 -38.47 -36.21 -10.77
C THR G 115 -39.38 -37.00 -11.68
N PRO G 116 -39.86 -36.40 -12.80
CA PRO G 116 -39.69 -35.02 -13.25
C PRO G 116 -40.59 -34.05 -12.49
N ARG G 117 -40.17 -32.80 -12.38
CA ARG G 117 -40.89 -31.80 -11.62
C ARG G 117 -41.91 -31.11 -12.52
N LEU G 118 -43.19 -31.27 -12.20
CA LEU G 118 -44.23 -30.74 -13.07
C LEU G 118 -44.21 -29.22 -13.11
N THR G 119 -44.04 -28.58 -11.95
CA THR G 119 -44.04 -27.12 -11.89
C THR G 119 -43.29 -26.68 -10.65
N PHE G 120 -42.90 -25.41 -10.64
CA PHE G 120 -42.18 -24.86 -9.50
C PHE G 120 -43.10 -24.70 -8.30
N GLY G 121 -44.33 -24.21 -8.53
CA GLY G 121 -45.28 -23.96 -7.48
C GLY G 121 -45.68 -22.50 -7.43
N PRO G 122 -46.61 -22.16 -6.53
CA PRO G 122 -47.06 -20.76 -6.45
C PRO G 122 -45.97 -19.79 -6.02
N GLY G 123 -44.90 -20.27 -5.40
CA GLY G 123 -43.85 -19.37 -4.97
C GLY G 123 -44.27 -18.58 -3.74
N THR G 124 -43.50 -17.53 -3.46
CA THR G 124 -43.75 -16.67 -2.31
C THR G 124 -43.38 -15.25 -2.70
N LYS G 125 -44.39 -14.44 -3.02
CA LYS G 125 -44.15 -13.05 -3.38
C LYS G 125 -43.56 -12.30 -2.18
N VAL G 126 -42.58 -11.45 -2.46
CA VAL G 126 -41.94 -10.61 -1.46
C VAL G 126 -42.03 -9.18 -1.95
N ASP G 127 -42.47 -8.28 -1.08
CA ASP G 127 -42.77 -6.91 -1.45
C ASP G 127 -42.46 -5.98 -0.29
N ILE G 128 -42.30 -4.69 -0.60
CA ILE G 128 -41.99 -3.70 0.42
C ILE G 128 -43.20 -3.54 1.33
N LYS G 129 -42.95 -3.62 2.64
CA LYS G 129 -44.00 -3.47 3.63
C LYS G 129 -44.17 -2.00 3.99
N ARG G 130 -45.41 -1.62 4.32
CA ARG G 130 -45.74 -0.25 4.68
C ARG G 130 -46.97 -0.26 5.56
N THR G 131 -47.41 0.92 5.96
CA THR G 131 -48.61 1.06 6.77
C THR G 131 -49.85 0.67 5.97
N VAL G 132 -50.83 0.09 6.66
CA VAL G 132 -52.08 -0.31 6.02
C VAL G 132 -52.84 0.94 5.58
N ALA G 133 -53.42 0.87 4.38
CA ALA G 133 -54.24 1.95 3.85
C ALA G 133 -55.46 1.36 3.16
N ALA G 134 -56.63 1.91 3.46
CA ALA G 134 -57.86 1.42 2.85
C ALA G 134 -57.92 1.84 1.39
N PRO G 135 -58.63 1.09 0.55
CA PRO G 135 -58.71 1.45 -0.87
C PRO G 135 -59.72 2.56 -1.11
N SER G 136 -59.51 3.27 -2.22
CA SER G 136 -60.40 4.32 -2.68
C SER G 136 -61.27 3.74 -3.79
N VAL G 137 -62.50 3.35 -3.44
CA VAL G 137 -63.38 2.69 -4.39
C VAL G 137 -64.00 3.76 -5.30
N PHE G 138 -64.02 3.48 -6.60
CA PHE G 138 -64.58 4.43 -7.58
C PHE G 138 -65.20 3.62 -8.70
N ILE G 139 -66.52 3.42 -8.63
CA ILE G 139 -67.26 2.81 -9.73
C ILE G 139 -67.50 3.86 -10.80
N PHE G 140 -67.24 3.49 -12.06
CA PHE G 140 -67.37 4.39 -13.20
C PHE G 140 -68.55 3.98 -14.08
N PRO G 141 -69.13 4.91 -14.84
CA PRO G 141 -70.31 4.58 -15.64
C PRO G 141 -69.90 4.00 -16.99
N PRO G 142 -70.81 3.31 -17.69
CA PRO G 142 -70.52 2.93 -19.08
C PRO G 142 -70.91 4.06 -20.01
N SER G 143 -69.94 4.55 -20.78
CA SER G 143 -70.19 5.67 -21.68
C SER G 143 -71.20 5.30 -22.76
N ASP G 144 -72.02 6.27 -23.13
CA ASP G 144 -73.08 6.01 -24.11
C ASP G 144 -72.51 5.66 -25.48
N GLU G 145 -71.30 6.14 -25.78
CA GLU G 145 -70.69 5.84 -27.08
C GLU G 145 -70.45 4.35 -27.26
N GLN G 146 -69.97 3.67 -26.20
CA GLN G 146 -69.80 2.23 -26.31
C GLN G 146 -71.14 1.50 -26.23
N LEU G 147 -72.15 2.10 -25.58
CA LEU G 147 -73.47 1.51 -25.58
C LEU G 147 -74.05 1.47 -26.99
N LYS G 148 -73.88 2.55 -27.76
CA LYS G 148 -74.30 2.51 -29.15
C LYS G 148 -73.34 1.70 -30.01
N SER G 149 -72.09 1.54 -29.59
CA SER G 149 -71.16 0.67 -30.32
C SER G 149 -71.62 -0.79 -30.29
N GLY G 150 -72.33 -1.19 -29.23
CA GLY G 150 -72.88 -2.53 -29.12
C GLY G 150 -72.17 -3.40 -28.11
N THR G 151 -71.74 -2.81 -27.00
CA THR G 151 -71.08 -3.56 -25.94
C THR G 151 -71.13 -2.73 -24.66
N ALA G 152 -71.31 -3.41 -23.53
CA ALA G 152 -71.39 -2.78 -22.22
C ALA G 152 -70.20 -3.22 -21.38
N SER G 153 -69.54 -2.26 -20.72
CA SER G 153 -68.41 -2.53 -19.86
C SER G 153 -68.45 -1.59 -18.67
N VAL G 154 -68.22 -2.12 -17.47
CA VAL G 154 -68.21 -1.35 -16.23
C VAL G 154 -66.94 -1.69 -15.46
N VAL G 155 -66.25 -0.67 -14.97
CA VAL G 155 -64.94 -0.83 -14.35
C VAL G 155 -65.01 -0.32 -12.91
N CYS G 156 -64.48 -1.11 -11.99
CA CYS G 156 -64.31 -0.75 -10.59
C CYS G 156 -62.84 -0.54 -10.29
N LEU G 157 -62.53 0.54 -9.58
CA LEU G 157 -61.17 1.01 -9.35
C LEU G 157 -60.86 1.02 -7.87
N LEU G 158 -59.65 0.56 -7.52
CA LEU G 158 -59.09 0.70 -6.19
C LEU G 158 -57.69 1.25 -6.32
N ASN G 159 -57.38 2.28 -5.52
CA ASN G 159 -56.09 2.95 -5.59
C ASN G 159 -55.60 3.21 -4.17
N ASN G 160 -54.28 3.15 -4.01
CA ASN G 160 -53.62 3.46 -2.74
C ASN G 160 -54.11 2.54 -1.62
N PHE G 161 -53.86 1.25 -1.79
CA PHE G 161 -54.18 0.25 -0.78
C PHE G 161 -53.02 -0.73 -0.68
N TYR G 162 -52.91 -1.36 0.50
CA TYR G 162 -51.85 -2.31 0.77
C TYR G 162 -52.27 -3.16 1.96
N PRO G 163 -52.01 -4.48 1.96
CA PRO G 163 -51.38 -5.35 0.96
C PRO G 163 -52.34 -5.77 -0.15
N ARG G 164 -51.79 -6.36 -1.20
CA ARG G 164 -52.61 -6.85 -2.30
C ARG G 164 -53.48 -8.01 -1.83
N GLY G 165 -54.33 -8.49 -2.73
CA GLY G 165 -55.22 -9.60 -2.45
C GLY G 165 -56.64 -9.24 -2.12
N ALA G 166 -56.98 -7.94 -2.11
CA ALA G 166 -58.37 -7.54 -1.89
C ALA G 166 -59.25 -8.10 -3.00
N LYS G 167 -60.38 -8.69 -2.63
CA LYS G 167 -61.25 -9.39 -3.56
C LYS G 167 -62.46 -8.53 -3.89
N VAL G 168 -62.73 -8.38 -5.19
CA VAL G 168 -63.83 -7.58 -5.70
C VAL G 168 -64.81 -8.51 -6.41
N GLN G 169 -66.10 -8.32 -6.14
CA GLN G 169 -67.17 -9.11 -6.73
C GLN G 169 -68.26 -8.19 -7.25
N TRP G 170 -68.95 -8.65 -8.29
CA TRP G 170 -70.00 -7.89 -8.96
C TRP G 170 -71.35 -8.50 -8.63
N LYS G 171 -72.23 -7.71 -8.01
CA LYS G 171 -73.60 -8.11 -7.73
C LYS G 171 -74.51 -7.47 -8.77
N VAL G 172 -75.20 -8.30 -9.53
CA VAL G 172 -76.12 -7.84 -10.57
C VAL G 172 -77.37 -8.71 -10.58
N LEU G 176 -75.11 -11.65 -8.89
CA LEU G 176 -73.81 -12.13 -8.44
C LEU G 176 -73.06 -12.80 -9.59
N GLN G 177 -72.84 -12.05 -10.68
CA GLN G 177 -72.12 -12.60 -11.82
C GLN G 177 -70.68 -12.88 -11.44
N SER G 178 -70.19 -14.06 -11.85
CA SER G 178 -68.83 -14.49 -11.55
C SER G 178 -68.20 -15.20 -12.74
N GLY G 179 -68.55 -14.78 -13.96
CA GLY G 179 -68.01 -15.38 -15.16
C GLY G 179 -67.79 -14.38 -16.29
N ASN G 180 -67.74 -13.08 -15.94
CA ASN G 180 -67.52 -12.03 -16.93
C ASN G 180 -66.59 -10.94 -16.43
N SER G 181 -65.90 -11.15 -15.30
CA SER G 181 -65.03 -10.14 -14.69
C SER G 181 -63.58 -10.48 -14.95
N GLN G 182 -62.79 -9.47 -15.29
CA GLN G 182 -61.35 -9.60 -15.49
C GLN G 182 -60.66 -8.51 -14.69
N GLU G 183 -59.60 -8.89 -13.96
CA GLU G 183 -58.92 -8.01 -13.03
C GLU G 183 -57.50 -7.74 -13.49
N SER G 184 -57.02 -6.53 -13.21
CA SER G 184 -55.65 -6.12 -13.50
C SER G 184 -55.08 -5.44 -12.26
N VAL G 185 -53.87 -5.85 -11.87
CA VAL G 185 -53.20 -5.36 -10.67
C VAL G 185 -51.94 -4.61 -11.11
N THR G 186 -51.81 -3.38 -10.64
CA THR G 186 -50.57 -2.64 -10.87
C THR G 186 -49.46 -3.20 -9.98
N GLU G 187 -48.23 -3.11 -10.47
CA GLU G 187 -47.08 -3.51 -9.67
C GLU G 187 -46.89 -2.52 -8.53
N GLN G 188 -46.11 -2.95 -7.54
CA GLN G 188 -45.86 -2.12 -6.37
C GLN G 188 -45.16 -0.83 -6.78
N ASP G 189 -45.66 0.30 -6.27
CA ASP G 189 -45.13 1.60 -6.66
C ASP G 189 -43.70 1.77 -6.16
N SER G 190 -42.91 2.54 -6.91
CA SER G 190 -41.55 2.84 -6.49
C SER G 190 -41.50 3.89 -5.39
N LYS G 191 -42.43 4.84 -5.40
CA LYS G 191 -42.38 5.96 -4.45
C LYS G 191 -42.96 5.57 -3.09
N ASP G 192 -44.24 5.22 -3.05
CA ASP G 192 -44.96 4.94 -1.81
C ASP G 192 -45.35 3.47 -1.66
N SER G 193 -44.97 2.61 -2.59
CA SER G 193 -45.20 1.16 -2.48
C SER G 193 -46.68 0.83 -2.35
N THR G 194 -47.51 1.58 -3.06
CA THR G 194 -48.95 1.33 -3.08
C THR G 194 -49.28 0.26 -4.11
N TYR G 195 -50.54 -0.19 -4.08
CA TYR G 195 -51.10 -1.11 -5.06
C TYR G 195 -52.42 -0.55 -5.56
N SER G 196 -52.82 -1.00 -6.74
CA SER G 196 -54.08 -0.60 -7.34
C SER G 196 -54.68 -1.77 -8.09
N LEU G 197 -56.00 -1.80 -8.14
CA LEU G 197 -56.77 -2.88 -8.78
C LEU G 197 -57.79 -2.26 -9.72
N SER G 198 -58.01 -2.90 -10.86
CA SER G 198 -59.03 -2.48 -11.82
C SER G 198 -59.75 -3.73 -12.30
N SER G 199 -61.03 -3.84 -11.96
CA SER G 199 -61.85 -5.00 -12.33
C SER G 199 -62.92 -4.55 -13.31
N THR G 200 -62.90 -5.13 -14.51
CA THR G 200 -63.83 -4.77 -15.58
C THR G 200 -64.78 -5.94 -15.83
N LEU G 201 -66.07 -5.64 -15.86
CA LEU G 201 -67.13 -6.59 -16.16
C LEU G 201 -67.77 -6.21 -17.49
N THR G 202 -67.84 -7.17 -18.40
CA THR G 202 -68.34 -6.97 -19.75
C THR G 202 -69.64 -7.73 -19.94
N LEU G 203 -70.59 -7.11 -20.63
CA LEU G 203 -71.88 -7.72 -20.92
C LEU G 203 -72.38 -7.23 -22.27
N SER G 204 -73.26 -8.03 -22.88
CA SER G 204 -73.85 -7.69 -24.16
C SER G 204 -74.94 -6.65 -23.97
N LYS G 205 -75.44 -6.14 -25.11
CA LYS G 205 -76.47 -5.11 -25.06
C LYS G 205 -77.77 -5.65 -24.47
N ALA G 206 -78.23 -6.80 -24.95
CA ALA G 206 -79.41 -7.42 -24.37
C ALA G 206 -79.16 -7.80 -22.92
N ASP G 207 -77.98 -8.35 -22.64
CA ASP G 207 -77.64 -8.72 -21.26
C ASP G 207 -77.51 -7.48 -20.37
N TYR G 208 -77.00 -6.37 -20.92
CA TYR G 208 -76.84 -5.17 -20.12
C TYR G 208 -78.19 -4.62 -19.68
N GLU G 209 -79.17 -4.60 -20.57
CA GLU G 209 -80.48 -4.00 -20.30
C GLU G 209 -81.45 -5.05 -19.77
N LYS G 210 -81.07 -5.65 -18.64
CA LYS G 210 -81.92 -6.60 -17.92
C LYS G 210 -82.05 -6.24 -16.45
N HIS G 211 -81.00 -5.70 -15.83
CA HIS G 211 -81.00 -5.30 -14.43
C HIS G 211 -80.64 -3.83 -14.33
N LYS G 212 -81.34 -3.11 -13.45
CA LYS G 212 -81.23 -1.65 -13.35
C LYS G 212 -80.27 -1.21 -12.25
N VAL G 213 -79.51 -2.13 -11.66
CA VAL G 213 -78.54 -1.76 -10.63
C VAL G 213 -77.41 -2.79 -10.65
N TYR G 214 -76.18 -2.29 -10.57
CA TYR G 214 -74.98 -3.12 -10.49
C TYR G 214 -74.12 -2.59 -9.37
N ALA G 215 -73.66 -3.49 -8.49
CA ALA G 215 -72.86 -3.12 -7.32
C ALA G 215 -71.52 -3.83 -7.37
N CYS G 216 -70.49 -3.13 -6.92
CA CYS G 216 -69.16 -3.71 -6.72
C CYS G 216 -68.91 -3.77 -5.22
N GLU G 217 -68.73 -4.99 -4.72
CA GLU G 217 -68.43 -5.25 -3.32
C GLU G 217 -66.97 -5.63 -3.21
N VAL G 218 -66.21 -4.89 -2.41
CA VAL G 218 -64.77 -5.08 -2.27
C VAL G 218 -64.46 -5.40 -0.82
N THR G 219 -63.61 -6.41 -0.62
CA THR G 219 -63.15 -6.80 0.71
C THR G 219 -61.63 -6.72 0.75
N HIS G 220 -61.11 -6.14 1.83
CA HIS G 220 -59.69 -5.94 2.02
C HIS G 220 -59.40 -6.01 3.50
N GLN G 221 -58.23 -6.55 3.84
CA GLN G 221 -57.85 -6.67 5.25
C GLN G 221 -57.76 -5.30 5.93
N GLY G 222 -57.46 -4.25 5.17
CA GLY G 222 -57.45 -2.90 5.68
C GLY G 222 -58.79 -2.23 5.76
N LEU G 223 -59.86 -2.88 5.31
CA LEU G 223 -61.21 -2.32 5.34
C LEU G 223 -61.94 -2.84 6.57
N SER G 224 -62.52 -1.91 7.34
CA SER G 224 -63.32 -2.30 8.50
C SER G 224 -64.57 -3.07 8.07
N SER G 225 -65.20 -2.65 7.00
CA SER G 225 -66.43 -3.25 6.48
C SER G 225 -66.29 -3.39 4.97
N PRO G 226 -67.09 -4.29 4.34
CA PRO G 226 -67.06 -4.37 2.88
C PRO G 226 -67.74 -3.18 2.22
N VAL G 227 -66.98 -2.10 2.03
CA VAL G 227 -67.53 -0.86 1.48
C VAL G 227 -67.95 -1.14 0.04
N THR G 228 -69.26 -1.16 -0.20
CA THR G 228 -69.85 -1.40 -1.51
C THR G 228 -70.09 -0.08 -2.23
N LYS G 229 -69.97 -0.10 -3.55
CA LYS G 229 -70.37 1.04 -4.38
C LYS G 229 -71.31 0.57 -5.48
N SER G 230 -72.45 1.24 -5.60
CA SER G 230 -73.52 0.84 -6.51
C SER G 230 -73.63 1.83 -7.67
N PHE G 231 -74.34 1.40 -8.70
CA PHE G 231 -74.55 2.20 -9.90
C PHE G 231 -75.85 1.74 -10.54
N ASN G 232 -76.81 2.66 -10.68
CA ASN G 232 -78.18 2.33 -11.09
C ASN G 232 -78.56 3.16 -12.32
N ARG G 233 -78.25 2.62 -13.49
CA ARG G 233 -78.72 3.14 -14.77
C ARG G 233 -79.35 2.06 -15.64
N GLY G 234 -78.84 0.84 -15.59
CA GLY G 234 -79.38 -0.26 -16.36
C GLY G 234 -79.05 -0.18 -17.83
N GLU H 3 -13.32 -30.45 14.52
CA GLU H 3 -12.27 -30.86 13.59
C GLU H 3 -12.28 -32.37 13.40
N VAL H 4 -12.13 -32.80 12.15
CA VAL H 4 -12.20 -34.23 11.83
C VAL H 4 -11.03 -34.94 12.49
N GLN H 5 -11.32 -36.05 13.18
CA GLN H 5 -10.30 -36.79 13.90
C GLN H 5 -10.64 -38.27 13.89
N LEU H 6 -9.68 -39.10 13.50
CA LEU H 6 -9.78 -40.55 13.54
C LEU H 6 -8.62 -41.09 14.36
N VAL H 7 -8.92 -41.94 15.34
CA VAL H 7 -7.90 -42.56 16.18
C VAL H 7 -8.15 -44.06 16.22
N GLN H 8 -7.10 -44.84 15.98
CA GLN H 8 -7.17 -46.29 15.92
C GLN H 8 -6.63 -46.91 17.21
N SER H 9 -7.02 -48.16 17.44
CA SER H 9 -6.57 -48.89 18.62
C SER H 9 -6.75 -50.38 18.40
N GLY H 10 -6.04 -51.16 19.20
CA GLY H 10 -6.14 -52.61 19.19
C GLY H 10 -5.02 -53.34 18.50
N GLY H 11 -4.08 -52.63 17.86
CA GLY H 11 -3.00 -53.28 17.16
C GLY H 11 -1.95 -53.86 18.10
N GLY H 12 -1.09 -54.71 17.56
CA GLY H 12 -0.04 -55.33 18.32
C GLY H 12 0.35 -56.66 17.72
N LEU H 13 0.87 -57.53 18.58
CA LEU H 13 1.33 -58.85 18.17
C LEU H 13 0.23 -59.89 18.38
N VAL H 14 0.22 -60.90 17.53
CA VAL H 14 -0.72 -62.01 17.66
C VAL H 14 -0.10 -63.25 17.04
N GLN H 15 -0.51 -64.41 17.52
CA GLN H 15 -0.04 -65.67 16.98
C GLN H 15 -0.75 -65.98 15.67
N PRO H 16 -0.18 -66.86 14.83
CA PRO H 16 -0.88 -67.22 13.59
C PRO H 16 -2.18 -67.96 13.87
N GLY H 17 -3.16 -67.73 13.00
CA GLY H 17 -4.45 -68.38 13.11
C GLY H 17 -5.37 -67.79 14.15
N ARG H 18 -4.95 -66.76 14.88
CA ARG H 18 -5.76 -66.14 15.91
C ARG H 18 -6.52 -64.94 15.35
N SER H 19 -7.45 -64.43 16.15
CA SER H 19 -8.34 -63.36 15.77
C SER H 19 -7.93 -62.05 16.46
N LEU H 20 -8.37 -60.94 15.88
CA LEU H 20 -8.12 -59.63 16.45
C LEU H 20 -9.28 -58.70 16.13
N ARG H 21 -9.36 -57.61 16.90
CA ARG H 21 -10.39 -56.59 16.72
C ARG H 21 -9.71 -55.23 16.74
N LEU H 22 -9.76 -54.52 15.63
CA LEU H 22 -9.19 -53.18 15.51
C LEU H 22 -10.31 -52.16 15.58
N SER H 23 -10.22 -51.24 16.52
CA SER H 23 -11.23 -50.21 16.75
C SER H 23 -10.79 -48.90 16.14
N CYS H 24 -11.75 -48.15 15.60
CA CYS H 24 -11.51 -46.87 14.94
C CYS H 24 -12.56 -45.90 15.43
N THR H 25 -12.11 -44.90 16.20
CA THR H 25 -13.00 -43.90 16.79
C THR H 25 -12.93 -42.61 15.99
N ALA H 26 -14.10 -42.10 15.61
CA ALA H 26 -14.23 -40.91 14.80
C ALA H 26 -14.90 -39.80 15.59
N SER H 27 -14.43 -38.57 15.41
CA SER H 27 -15.00 -37.42 16.10
C SER H 27 -14.87 -36.19 15.22
N GLY H 28 -15.74 -35.22 15.46
CA GLY H 28 -15.75 -33.98 14.71
C GLY H 28 -16.63 -33.97 13.49
N PHE H 29 -17.40 -35.01 13.23
CA PHE H 29 -18.27 -35.06 12.07
C PHE H 29 -19.30 -36.16 12.26
N THR H 30 -20.28 -36.18 11.36
CA THR H 30 -21.32 -37.20 11.38
C THR H 30 -20.75 -38.52 10.88
N PHE H 31 -20.58 -39.47 11.80
CA PHE H 31 -19.96 -40.74 11.44
C PHE H 31 -20.84 -41.58 10.54
N GLY H 32 -22.17 -41.48 10.69
CA GLY H 32 -23.05 -42.36 9.95
C GLY H 32 -23.02 -42.16 8.45
N ASP H 33 -22.86 -40.90 8.01
CA ASP H 33 -22.97 -40.59 6.60
C ASP H 33 -21.83 -41.23 5.80
N TYR H 34 -20.60 -41.19 6.32
CA TYR H 34 -19.44 -41.57 5.54
C TYR H 34 -19.24 -43.08 5.58
N ALA H 35 -19.11 -43.68 4.40
CA ALA H 35 -18.69 -45.07 4.31
C ALA H 35 -17.25 -45.19 4.78
N MET H 36 -16.98 -46.24 5.57
CA MET H 36 -15.72 -46.39 6.28
C MET H 36 -14.91 -47.50 5.64
N SER H 37 -13.64 -47.22 5.35
CA SER H 37 -12.76 -48.16 4.66
C SER H 37 -11.54 -48.47 5.53
N TRP H 38 -10.97 -49.65 5.30
CA TRP H 38 -9.76 -50.12 5.96
C TRP H 38 -8.76 -50.51 4.88
N VAL H 39 -7.56 -49.96 4.99
CA VAL H 39 -6.49 -50.11 4.00
C VAL H 39 -5.23 -50.54 4.74
N ARG H 40 -4.62 -51.64 4.30
CA ARG H 40 -3.44 -52.19 4.93
C ARG H 40 -2.21 -51.93 4.07
N GLN H 41 -1.13 -51.49 4.71
CA GLN H 41 0.16 -51.27 4.07
C GLN H 41 1.14 -52.28 4.66
N ALA H 42 1.60 -53.21 3.84
CA ALA H 42 2.57 -54.20 4.30
C ALA H 42 3.92 -53.51 4.52
N PRO H 43 4.79 -54.10 5.36
CA PRO H 43 6.08 -53.45 5.61
C PRO H 43 7.04 -53.63 4.44
N GLY H 44 6.89 -52.77 3.42
CA GLY H 44 7.71 -52.81 2.24
C GLY H 44 6.92 -52.60 0.97
N LYS H 45 5.66 -53.02 0.96
CA LYS H 45 4.79 -52.86 -0.18
C LYS H 45 3.95 -51.59 -0.05
N GLY H 46 3.20 -51.27 -1.10
CA GLY H 46 2.37 -50.09 -1.10
C GLY H 46 1.06 -50.32 -0.37
N LEU H 47 0.22 -49.29 -0.39
CA LEU H 47 -1.07 -49.36 0.27
C LEU H 47 -1.95 -50.40 -0.40
N GLU H 48 -2.63 -51.22 0.40
CA GLU H 48 -3.54 -52.25 -0.08
C GLU H 48 -4.89 -52.06 0.58
N TRP H 49 -5.94 -52.05 -0.23
CA TRP H 49 -7.30 -51.81 0.25
C TRP H 49 -7.87 -53.11 0.80
N VAL H 50 -8.15 -53.13 2.11
CA VAL H 50 -8.71 -54.32 2.72
C VAL H 50 -10.20 -54.42 2.42
N GLY H 51 -10.97 -53.41 2.81
CA GLY H 51 -12.39 -53.47 2.55
C GLY H 51 -13.13 -52.33 3.22
N PHE H 52 -14.38 -52.15 2.81
CA PHE H 52 -15.16 -50.99 3.24
C PHE H 52 -16.59 -51.39 3.55
N ILE H 53 -17.27 -50.48 4.25
CA ILE H 53 -18.66 -50.63 4.67
C ILE H 53 -19.40 -49.34 4.35
N ARG H 54 -20.59 -49.48 3.78
CA ARG H 54 -21.41 -48.34 3.42
C ARG H 54 -22.05 -47.73 4.67
N SER H 55 -22.86 -46.69 4.46
CA SER H 55 -23.55 -46.03 5.55
C SER H 55 -24.83 -46.78 5.91
N LYS H 56 -25.43 -46.39 7.03
CA LYS H 56 -26.68 -47.01 7.46
C LYS H 56 -27.80 -46.73 6.46
N ALA H 57 -27.85 -45.51 5.93
CA ALA H 57 -28.91 -45.15 5.00
C ALA H 57 -28.81 -45.95 3.70
N TYR H 58 -27.61 -46.31 3.29
CA TYR H 58 -27.39 -47.12 2.09
C TYR H 58 -27.39 -48.62 2.39
N GLY H 59 -27.72 -49.03 3.62
CA GLY H 59 -27.84 -50.42 3.98
C GLY H 59 -26.69 -50.98 4.77
N GLY H 60 -25.58 -50.25 4.87
CA GLY H 60 -24.44 -50.74 5.64
C GLY H 60 -23.80 -51.99 5.08
N THR H 61 -23.97 -52.25 3.78
CA THR H 61 -23.37 -53.42 3.18
C THR H 61 -21.86 -53.29 3.19
N THR H 62 -21.17 -54.43 3.36
CA THR H 62 -19.73 -54.48 3.50
C THR H 62 -19.13 -55.30 2.36
N GLU H 63 -18.14 -54.72 1.69
CA GLU H 63 -17.38 -55.39 0.65
C GLU H 63 -15.93 -55.54 1.11
N TYR H 64 -15.29 -56.61 0.64
CA TYR H 64 -13.93 -56.97 1.05
C TYR H 64 -13.11 -57.32 -0.18
N ALA H 65 -11.79 -57.24 -0.02
CA ALA H 65 -10.87 -57.62 -1.08
C ALA H 65 -10.92 -59.12 -1.31
N ALA H 66 -10.32 -59.55 -2.42
CA ALA H 66 -10.34 -60.96 -2.79
C ALA H 66 -9.59 -61.82 -1.77
N SER H 67 -8.45 -61.33 -1.28
CA SER H 67 -7.60 -62.12 -0.41
C SER H 67 -8.04 -62.11 1.05
N VAL H 68 -9.07 -61.35 1.40
CA VAL H 68 -9.53 -61.26 2.79
C VAL H 68 -11.04 -61.51 2.86
N LYS H 69 -11.58 -62.23 1.88
CA LYS H 69 -13.01 -62.53 1.88
C LYS H 69 -13.31 -63.62 2.90
N GLY H 70 -14.38 -63.42 3.68
CA GLY H 70 -14.77 -64.40 4.69
C GLY H 70 -14.01 -64.33 5.99
N ARG H 71 -12.67 -64.34 5.92
CA ARG H 71 -11.86 -64.30 7.13
C ARG H 71 -12.08 -62.97 7.87
N PHE H 72 -12.10 -61.86 7.14
CA PHE H 72 -12.17 -60.53 7.72
C PHE H 72 -13.60 -60.02 7.64
N THR H 73 -13.98 -59.18 8.60
CA THR H 73 -15.31 -58.58 8.62
C THR H 73 -15.22 -57.15 9.14
N ILE H 74 -16.22 -56.35 8.77
CA ILE H 74 -16.31 -54.94 9.13
C ILE H 74 -17.66 -54.69 9.79
N SER H 75 -17.66 -53.86 10.82
CA SER H 75 -18.89 -53.48 11.50
C SER H 75 -18.77 -52.03 11.96
N ARG H 76 -19.89 -51.44 12.31
CA ARG H 76 -19.93 -50.05 12.74
C ARG H 76 -21.12 -49.83 13.66
N ASP H 77 -20.97 -48.89 14.58
CA ASP H 77 -22.06 -48.45 15.44
C ASP H 77 -22.03 -46.93 15.56
N ASP H 78 -23.10 -46.30 15.10
CA ASP H 78 -23.19 -44.85 15.06
C ASP H 78 -23.70 -44.24 16.36
N SER H 79 -24.23 -45.04 17.29
CA SER H 79 -24.63 -44.52 18.59
C SER H 79 -23.43 -43.96 19.33
N LYS H 80 -22.31 -44.69 19.32
CA LYS H 80 -21.04 -44.23 19.85
C LYS H 80 -20.04 -43.85 18.76
N SER H 81 -20.39 -44.03 17.50
CA SER H 81 -19.58 -43.56 16.37
C SER H 81 -18.20 -44.25 16.35
N ILE H 82 -18.24 -45.58 16.27
CA ILE H 82 -17.04 -46.40 16.22
C ILE H 82 -17.16 -47.37 15.05
N ALA H 83 -16.02 -47.73 14.48
CA ALA H 83 -15.93 -48.76 13.46
C ALA H 83 -15.00 -49.87 13.98
N TYR H 84 -15.27 -51.09 13.53
CA TYR H 84 -14.54 -52.27 14.00
C TYR H 84 -14.17 -53.14 12.80
N LEU H 85 -12.91 -53.54 12.74
CA LEU H 85 -12.41 -54.51 11.78
C LEU H 85 -12.04 -55.76 12.56
N GLN H 86 -12.78 -56.85 12.32
CA GLN H 86 -12.59 -58.12 13.02
C GLN H 86 -11.86 -59.07 12.08
N MET H 87 -10.63 -59.42 12.44
CA MET H 87 -9.83 -60.38 11.69
C MET H 87 -9.98 -61.74 12.35
N ASN H 88 -10.16 -62.77 11.53
CA ASN H 88 -10.28 -64.15 12.00
C ASN H 88 -9.35 -65.04 11.20
N SER H 89 -8.64 -65.93 11.91
CA SER H 89 -7.69 -66.84 11.30
C SER H 89 -6.59 -66.07 10.57
N LEU H 90 -5.92 -65.21 11.32
CA LEU H 90 -4.88 -64.36 10.75
C LEU H 90 -3.71 -65.21 10.23
N LYS H 91 -3.12 -64.76 9.14
CA LYS H 91 -1.97 -65.40 8.51
C LYS H 91 -0.73 -64.56 8.73
N THR H 92 0.43 -65.15 8.46
CA THR H 92 1.69 -64.44 8.64
C THR H 92 1.79 -63.25 7.69
N GLU H 93 1.21 -63.35 6.50
CA GLU H 93 1.26 -62.26 5.53
C GLU H 93 0.37 -61.08 5.93
N ASP H 94 -0.52 -61.25 6.90
CA ASP H 94 -1.39 -60.17 7.33
C ASP H 94 -0.67 -59.09 8.14
N THR H 95 0.60 -59.31 8.50
CA THR H 95 1.37 -58.30 9.22
C THR H 95 1.46 -57.03 8.38
N ALA H 96 1.00 -55.92 8.94
CA ALA H 96 0.92 -54.66 8.18
C ALA H 96 0.46 -53.55 9.12
N VAL H 97 0.48 -52.33 8.61
CA VAL H 97 -0.09 -51.17 9.27
C VAL H 97 -1.44 -50.90 8.65
N TYR H 98 -2.48 -50.93 9.47
CA TYR H 98 -3.85 -50.76 9.01
C TYR H 98 -4.32 -49.34 9.28
N TYR H 99 -4.96 -48.73 8.28
CA TYR H 99 -5.43 -47.37 8.33
C TYR H 99 -6.94 -47.35 8.15
N CYS H 100 -7.61 -46.59 9.02
CA CYS H 100 -9.05 -46.36 8.98
C CYS H 100 -9.31 -45.04 8.27
N THR H 101 -10.13 -45.07 7.23
CA THR H 101 -10.31 -43.91 6.35
C THR H 101 -11.80 -43.68 6.11
N ARG H 102 -12.28 -42.48 6.41
CA ARG H 102 -13.66 -42.14 6.07
C ARG H 102 -13.77 -41.98 4.55
N GLY H 103 -14.89 -42.44 4.00
CA GLY H 103 -15.11 -42.42 2.58
C GLY H 103 -14.81 -43.75 1.92
N GLY H 104 -15.83 -44.38 1.35
CA GLY H 104 -15.64 -45.68 0.73
C GLY H 104 -14.74 -45.62 -0.50
N THR H 105 -14.95 -44.63 -1.36
CA THR H 105 -14.20 -44.46 -2.59
C THR H 105 -13.12 -43.38 -2.46
N LEU H 106 -13.48 -42.20 -1.98
CA LEU H 106 -12.55 -41.09 -1.80
C LEU H 106 -12.07 -41.08 -0.36
N PHE H 107 -10.81 -41.43 -0.15
CA PHE H 107 -10.24 -41.53 1.19
C PHE H 107 -9.72 -40.15 1.62
N ASP H 108 -10.67 -39.23 1.82
CA ASP H 108 -10.32 -37.85 2.09
C ASP H 108 -9.63 -37.67 3.44
N TYR H 109 -9.85 -38.57 4.40
CA TYR H 109 -9.21 -38.50 5.70
C TYR H 109 -8.74 -39.89 6.08
N TRP H 110 -7.61 -39.93 6.80
CA TRP H 110 -6.96 -41.18 7.18
C TRP H 110 -6.70 -41.18 8.68
N GLY H 111 -6.75 -42.39 9.26
CA GLY H 111 -6.41 -42.55 10.66
C GLY H 111 -4.91 -42.52 10.87
N GLN H 112 -4.52 -42.52 12.15
CA GLN H 112 -3.11 -42.43 12.50
C GLN H 112 -2.35 -43.71 12.15
N GLY H 113 -3.04 -44.81 11.89
CA GLY H 113 -2.39 -46.04 11.47
C GLY H 113 -1.95 -46.90 12.64
N THR H 114 -2.40 -48.15 12.67
CA THR H 114 -2.13 -49.07 13.77
C THR H 114 -1.39 -50.29 13.24
N LEU H 115 -0.33 -50.67 13.94
CA LEU H 115 0.56 -51.74 13.48
C LEU H 115 0.11 -53.09 14.03
N VAL H 116 0.11 -54.11 13.17
CA VAL H 116 -0.29 -55.46 13.55
C VAL H 116 0.74 -56.43 13.00
N THR H 117 1.18 -57.37 13.83
CA THR H 117 2.16 -58.39 13.44
C THR H 117 1.62 -59.78 13.79
N VAL H 118 1.84 -60.71 12.86
CA VAL H 118 1.36 -62.09 12.99
C VAL H 118 2.55 -63.01 12.76
N SER H 119 2.93 -63.78 13.79
CA SER H 119 4.02 -64.74 13.68
C SER H 119 4.07 -65.55 14.98
N SER H 120 4.63 -66.75 14.88
CA SER H 120 4.64 -67.69 16.00
C SER H 120 5.86 -67.56 16.89
N ALA H 121 6.96 -67.01 16.39
CA ALA H 121 8.18 -66.92 17.19
C ALA H 121 7.98 -65.98 18.38
N SER H 122 8.52 -66.39 19.53
CA SER H 122 8.33 -65.67 20.78
C SER H 122 9.47 -64.67 20.99
N THR H 123 9.46 -64.04 22.16
CA THR H 123 10.50 -63.07 22.50
C THR H 123 11.85 -63.76 22.61
N LYS H 124 12.89 -63.07 22.15
CA LYS H 124 14.24 -63.63 22.17
C LYS H 124 15.24 -62.48 22.04
N GLY H 125 16.37 -62.62 22.72
CA GLY H 125 17.40 -61.61 22.69
C GLY H 125 18.23 -61.68 21.42
N PRO H 126 19.13 -60.72 21.26
CA PRO H 126 19.94 -60.64 20.04
C PRO H 126 21.13 -61.60 20.10
N SER H 127 21.85 -61.65 18.98
CA SER H 127 23.04 -62.48 18.78
C SER H 127 24.16 -61.66 18.17
N VAL H 128 24.45 -60.51 18.80
CA VAL H 128 25.33 -59.51 18.20
C VAL H 128 26.70 -60.10 17.88
N PHE H 129 27.21 -59.77 16.70
CA PHE H 129 28.50 -60.21 16.19
C PHE H 129 29.28 -59.00 15.69
N PRO H 130 30.60 -59.09 15.58
CA PRO H 130 31.38 -57.97 15.07
C PRO H 130 31.60 -58.04 13.57
N LEU H 131 32.19 -56.99 13.02
CA LEU H 131 32.63 -56.94 11.63
C LEU H 131 34.02 -56.34 11.60
N ALA H 132 35.02 -57.18 11.34
CA ALA H 132 36.40 -56.71 11.35
C ALA H 132 36.62 -55.73 10.20
N PRO H 133 37.41 -54.65 10.40
CA PRO H 133 37.59 -53.75 9.25
C PRO H 133 38.44 -54.37 8.15
N THR H 142 39.16 -44.05 6.30
CA THR H 142 38.34 -44.66 5.26
C THR H 142 38.06 -46.13 5.55
N ALA H 143 38.03 -46.48 6.84
CA ALA H 143 37.78 -47.85 7.27
C ALA H 143 36.37 -47.96 7.83
N ALA H 144 35.61 -48.92 7.31
CA ALA H 144 34.22 -49.16 7.72
C ALA H 144 34.19 -50.36 8.65
N LEU H 145 33.47 -50.22 9.77
CA LEU H 145 33.36 -51.31 10.73
C LEU H 145 32.01 -51.19 11.44
N GLY H 146 31.51 -52.33 11.90
CA GLY H 146 30.20 -52.35 12.51
C GLY H 146 29.94 -53.62 13.28
N CYS H 147 28.71 -53.75 13.76
CA CYS H 147 28.25 -54.95 14.45
C CYS H 147 26.88 -55.35 13.93
N LEU H 148 26.70 -56.66 13.80
CA LEU H 148 25.54 -57.29 13.19
C LEU H 148 24.67 -57.89 14.28
N VAL H 149 23.50 -57.30 14.50
CA VAL H 149 22.52 -57.83 15.45
C VAL H 149 21.65 -58.82 14.70
N LYS H 150 21.51 -60.03 15.27
CA LYS H 150 20.85 -61.13 14.58
C LYS H 150 19.98 -61.93 15.55
N ASP H 151 18.96 -62.57 14.98
CA ASP H 151 18.15 -63.57 15.67
C ASP H 151 17.46 -62.99 16.90
N TYR H 152 16.57 -62.02 16.66
CA TYR H 152 15.66 -61.52 17.69
C TYR H 152 14.33 -61.22 17.02
N PHE H 153 13.24 -61.64 17.65
CA PHE H 153 11.91 -61.44 17.08
C PHE H 153 11.38 -60.02 17.26
N PRO H 154 11.21 -59.52 18.48
CA PRO H 154 10.40 -58.33 18.68
C PRO H 154 11.18 -57.02 18.58
N GLU H 155 10.51 -56.01 18.03
CA GLU H 155 11.03 -54.65 18.09
C GLU H 155 10.84 -54.07 19.49
N PRO H 156 11.55 -52.98 19.82
CA PRO H 156 12.64 -52.30 19.13
C PRO H 156 13.99 -52.60 19.75
N VAL H 157 15.06 -52.41 18.96
CA VAL H 157 16.43 -52.53 19.45
C VAL H 157 17.14 -51.22 19.11
N THR H 158 17.81 -50.64 20.11
CA THR H 158 18.54 -49.39 19.95
C THR H 158 20.03 -49.69 20.07
N VAL H 159 20.79 -49.36 19.03
CA VAL H 159 22.22 -49.61 18.96
C VAL H 159 22.92 -48.27 19.08
N SER H 160 23.79 -48.15 20.09
CA SER H 160 24.60 -46.97 20.32
C SER H 160 26.07 -47.34 20.23
N TRP H 161 26.89 -46.36 19.89
CA TRP H 161 28.33 -46.56 19.71
C TRP H 161 29.08 -45.76 20.76
N ASN H 162 29.95 -46.45 21.51
CA ASN H 162 30.69 -45.85 22.61
C ASN H 162 29.75 -45.20 23.62
N SER H 163 28.63 -45.87 23.88
CA SER H 163 27.61 -45.37 24.81
C SER H 163 27.10 -43.99 24.38
N GLY H 164 26.94 -43.80 23.06
CA GLY H 164 26.44 -42.56 22.52
C GLY H 164 27.50 -41.51 22.25
N ALA H 165 28.76 -41.76 22.62
CA ALA H 165 29.81 -40.79 22.34
C ALA H 165 30.02 -40.63 20.84
N LEU H 166 30.02 -41.73 20.10
CA LEU H 166 30.18 -41.71 18.66
C LEU H 166 28.82 -41.60 17.99
N THR H 167 28.62 -40.54 17.22
CA THR H 167 27.39 -40.29 16.49
C THR H 167 27.62 -40.01 15.01
N SER H 168 28.70 -39.32 14.67
CA SER H 168 28.95 -38.99 13.27
C SER H 168 29.30 -40.24 12.47
N GLY H 169 28.72 -40.35 11.28
CA GLY H 169 28.99 -41.44 10.38
C GLY H 169 28.31 -42.75 10.73
N VAL H 170 27.46 -42.77 11.75
CA VAL H 170 26.78 -44.00 12.15
C VAL H 170 25.58 -44.24 11.25
N HIS H 171 25.36 -45.51 10.89
CA HIS H 171 24.22 -45.90 10.07
C HIS H 171 23.67 -47.21 10.61
N THR H 172 22.39 -47.20 10.98
CA THR H 172 21.69 -48.39 11.45
C THR H 172 20.51 -48.64 10.51
N PHE H 173 20.51 -49.81 9.88
CA PHE H 173 19.48 -50.13 8.91
C PHE H 173 18.23 -50.68 9.60
N PRO H 174 17.05 -50.55 8.98
CA PRO H 174 15.88 -51.24 9.52
C PRO H 174 16.03 -52.75 9.38
N ALA H 175 15.32 -53.47 10.27
CA ALA H 175 15.42 -54.92 10.30
C ALA H 175 14.78 -55.52 9.06
N VAL H 176 14.98 -56.84 8.90
CA VAL H 176 14.46 -57.61 7.77
C VAL H 176 13.83 -58.89 8.30
N LEU H 177 13.05 -59.52 7.44
CA LEU H 177 12.29 -60.73 7.79
C LEU H 177 13.14 -61.95 7.49
N GLN H 178 13.73 -62.53 8.52
CA GLN H 178 14.47 -63.78 8.35
C GLN H 178 13.49 -64.90 8.00
N SER H 179 14.00 -65.93 7.31
CA SER H 179 13.17 -67.06 6.94
C SER H 179 12.62 -67.80 8.16
N SER H 180 13.30 -67.74 9.30
CA SER H 180 12.85 -68.39 10.51
C SER H 180 11.85 -67.55 11.30
N GLY H 181 11.52 -66.34 10.85
CA GLY H 181 10.62 -65.46 11.55
C GLY H 181 11.29 -64.47 12.48
N LEU H 182 12.58 -64.64 12.77
CA LEU H 182 13.31 -63.68 13.58
C LEU H 182 13.73 -62.51 12.70
N TYR H 183 14.30 -61.48 13.32
CA TYR H 183 14.65 -60.24 12.66
C TYR H 183 16.11 -59.91 12.95
N SER H 184 16.73 -59.16 12.05
CA SER H 184 18.15 -58.85 12.15
C SER H 184 18.45 -57.54 11.43
N LEU H 185 19.45 -56.83 11.94
CA LEU H 185 19.93 -55.60 11.31
C LEU H 185 21.41 -55.47 11.63
N SER H 186 22.00 -54.34 11.24
CA SER H 186 23.40 -54.07 11.54
C SER H 186 23.58 -52.57 11.74
N SER H 187 24.58 -52.21 12.53
CA SER H 187 24.96 -50.82 12.77
C SER H 187 26.42 -50.67 12.43
N VAL H 188 26.73 -49.75 11.51
CA VAL H 188 28.07 -49.60 10.97
C VAL H 188 28.47 -48.13 11.03
N VAL H 189 29.77 -47.88 10.84
CA VAL H 189 30.31 -46.53 10.90
C VAL H 189 31.65 -46.54 10.18
N THR H 190 31.97 -45.42 9.53
CA THR H 190 33.24 -45.20 8.84
C THR H 190 34.08 -44.24 9.65
N VAL H 191 35.35 -44.61 9.86
CA VAL H 191 36.29 -43.81 10.64
C VAL H 191 37.64 -43.83 9.94
N PRO H 192 38.52 -42.86 10.24
CA PRO H 192 39.89 -42.93 9.72
C PRO H 192 40.60 -44.15 10.27
N SER H 193 41.55 -44.66 9.48
CA SER H 193 42.25 -45.89 9.83
C SER H 193 43.17 -45.64 11.02
N SER H 194 42.67 -45.93 12.23
CA SER H 194 43.44 -45.73 13.45
C SER H 194 42.98 -46.70 14.53
N THR H 200 39.86 -48.11 20.08
CA THR H 200 38.86 -49.18 20.13
C THR H 200 37.46 -48.62 19.98
N TYR H 201 36.55 -49.46 19.49
CA TYR H 201 35.15 -49.09 19.30
C TYR H 201 34.27 -50.21 19.83
N ILE H 202 33.21 -49.81 20.55
CA ILE H 202 32.29 -50.72 21.20
C ILE H 202 30.86 -50.28 20.89
N CYS H 203 30.03 -51.22 20.46
CA CYS H 203 28.61 -50.96 20.20
C CYS H 203 27.78 -51.70 21.23
N ASN H 204 26.81 -50.99 21.81
CA ASN H 204 25.90 -51.51 22.82
C ASN H 204 24.50 -51.56 22.25
N VAL H 205 23.87 -52.74 22.33
CA VAL H 205 22.54 -52.99 21.79
C VAL H 205 21.59 -53.18 22.97
N ASN H 206 20.64 -52.27 23.12
CA ASN H 206 19.60 -52.38 24.13
C ASN H 206 18.35 -52.94 23.47
N HIS H 207 17.86 -54.07 23.99
CA HIS H 207 16.70 -54.80 23.47
C HIS H 207 15.68 -54.87 24.60
N LYS H 208 14.77 -53.89 24.61
CA LYS H 208 13.83 -53.76 25.72
C LYS H 208 12.94 -54.97 25.97
N PRO H 209 12.40 -55.67 24.96
CA PRO H 209 11.47 -56.78 25.27
C PRO H 209 12.03 -57.85 26.18
N SER H 210 13.31 -58.22 26.01
CA SER H 210 13.97 -59.16 26.91
C SER H 210 14.84 -58.46 27.95
N ASN H 211 14.88 -57.12 27.96
CA ASN H 211 15.73 -56.37 28.89
C ASN H 211 17.19 -56.72 28.73
N THR H 212 17.61 -57.04 27.51
CA THR H 212 18.99 -57.40 27.21
C THR H 212 19.81 -56.16 26.90
N LYS H 213 21.06 -56.15 27.35
CA LYS H 213 21.98 -55.02 27.18
C LYS H 213 23.34 -55.53 26.72
N VAL H 214 23.34 -56.39 25.70
CA VAL H 214 24.57 -56.98 25.21
C VAL H 214 25.45 -55.90 24.59
N ASP H 215 26.73 -55.93 24.93
CA ASP H 215 27.74 -55.01 24.40
C ASP H 215 28.77 -55.82 23.64
N LYS H 216 29.40 -55.19 22.65
CA LYS H 216 30.37 -55.90 21.81
C LYS H 216 31.44 -54.93 21.33
N LYS H 217 32.71 -55.29 21.55
CA LYS H 217 33.84 -54.51 21.08
C LYS H 217 34.27 -55.03 19.72
N VAL H 218 34.28 -54.15 18.73
CA VAL H 218 34.66 -54.50 17.36
C VAL H 218 36.12 -54.15 17.14
N GLU H 219 36.88 -55.10 16.60
CA GLU H 219 38.31 -54.91 16.35
C GLU H 219 38.71 -55.83 15.21
N PRO H 220 39.89 -55.59 14.59
CA PRO H 220 40.33 -56.50 13.52
C PRO H 220 40.59 -57.92 14.03
#